data_4BAX
#
_entry.id   4BAX
#
_cell.length_a   97.120
_cell.length_b   113.000
_cell.length_c   194.440
_cell.angle_alpha   90.00
_cell.angle_beta   98.55
_cell.angle_gamma   90.00
#
_symmetry.space_group_name_H-M   'P 1 21 1'
#
loop_
_entity.id
_entity.type
_entity.pdbx_description
1 polymer 'GLUTAMINE SYNTHETASE'
2 non-polymer 'SODIUM ION'
3 water water
#
_entity_poly.entity_id   1
_entity_poly.type   'polypeptide(L)'
_entity_poly.pdbx_seq_one_letter_code
;HMTFKAEYIWIDGTEPTAKLRSKTKIITAAPAGLDALPVWGFDGSSTNQAEGSSSDCVLKPVFSCPDPIRGGEDILVLCE
VLDTDMTPHPSNTRAALAELSERFAAQEPVFGIEQEYTFFKGTRPLGFPEGGFPAAQGGYYCGVGSDEIFGRDVVEAHLE
NCLKAGLGISGINAEVMPGQWEFQVGPLAPLEVSDQLWVARWLLYRTAEDFEVSATLDPKPVKGDWNGAGAHTNFSTKAM
REGYDAIITAAESLGEGSKPMDHVKNYGAGIDDRLTGLHETAPWNEYSYGVSDRGASVRIPWQVEKDGKGYIEDRRPNAN
VDPYVVTRLLVDTCCTALEKAGQV
;
_entity_poly.pdbx_strand_id   A,B,C,D,E,F,G,H,I,J
#
# COMPACT_ATOMS: atom_id res chain seq x y z
N HIS A 1 5.15 48.40 -24.99
CA HIS A 1 6.16 48.52 -23.94
C HIS A 1 5.95 47.36 -22.94
N MET A 2 6.83 47.16 -21.97
CA MET A 2 6.81 45.84 -21.34
C MET A 2 6.33 45.68 -19.90
N THR A 3 5.93 44.44 -19.62
CA THR A 3 5.44 44.01 -18.33
C THR A 3 6.38 42.94 -17.83
N PHE A 4 6.76 43.03 -16.57
CA PHE A 4 7.59 42.02 -15.95
C PHE A 4 7.20 41.80 -14.49
N LYS A 5 7.60 40.65 -13.96
CA LYS A 5 7.28 40.28 -12.60
C LYS A 5 8.42 40.67 -11.65
N ALA A 6 8.05 41.24 -10.52
CA ALA A 6 8.99 41.59 -9.47
C ALA A 6 8.59 40.91 -8.16
N GLU A 7 9.50 40.10 -7.62
CA GLU A 7 9.22 39.42 -6.35
C GLU A 7 9.81 40.20 -5.19
N TYR A 8 8.91 40.79 -4.38
CA TYR A 8 9.32 41.60 -3.26
C TYR A 8 9.49 40.70 -2.06
N ILE A 9 10.70 40.70 -1.53
CA ILE A 9 11.10 39.82 -0.45
C ILE A 9 11.47 40.67 0.75
N TRP A 10 11.00 40.27 1.93
CA TRP A 10 11.39 41.00 3.12
C TRP A 10 11.53 40.05 4.31
N ILE A 11 12.05 40.58 5.42
CA ILE A 11 12.21 39.83 6.67
C ILE A 11 11.20 40.37 7.67
N ASP A 12 10.49 39.47 8.35
CA ASP A 12 9.46 39.88 9.29
C ASP A 12 9.97 40.18 10.72
N GLY A 13 9.03 40.29 11.65
CA GLY A 13 9.35 40.58 13.03
C GLY A 13 9.10 39.38 13.94
N THR A 14 9.09 38.18 13.37
CA THR A 14 8.88 36.95 14.16
C THR A 14 9.99 36.73 15.17
N GLU A 15 9.60 36.20 16.32
CA GLU A 15 10.53 35.94 17.42
C GLU A 15 10.48 34.44 17.79
N PRO A 16 11.64 33.85 18.18
CA PRO A 16 13.00 34.45 18.30
C PRO A 16 13.71 34.72 16.99
N THR A 17 13.36 33.96 15.94
CA THR A 17 14.02 34.08 14.65
C THR A 17 13.05 34.57 13.61
N ALA A 18 13.42 35.65 12.94
CA ALA A 18 12.59 36.27 11.90
C ALA A 18 12.58 35.45 10.63
N LYS A 19 11.50 35.62 9.87
CA LYS A 19 11.24 34.84 8.67
C LYS A 19 11.12 35.69 7.42
N LEU A 20 11.46 35.06 6.30
CA LEU A 20 11.29 35.66 4.99
C LEU A 20 9.82 35.71 4.57
N ARG A 21 9.42 36.79 3.93
CA ARG A 21 8.10 36.92 3.32
C ARG A 21 8.26 37.42 1.88
N SER A 22 7.31 37.04 1.04
CA SER A 22 7.34 37.48 -0.34
C SER A 22 5.98 37.54 -1.00
N LYS A 23 5.85 38.51 -1.90
CA LYS A 23 4.76 38.58 -2.87
C LYS A 23 5.19 39.17 -4.21
N THR A 24 4.35 38.94 -5.21
CA THR A 24 4.60 39.31 -6.59
C THR A 24 3.91 40.58 -7.00
N LYS A 25 4.67 41.45 -7.64
CA LYS A 25 4.14 42.67 -8.19
C LYS A 25 4.31 42.63 -9.71
N ILE A 26 3.25 43.00 -10.44
CA ILE A 26 3.33 43.04 -11.88
C ILE A 26 3.57 44.46 -12.31
N ILE A 27 4.69 44.69 -13.00
CA ILE A 27 5.06 46.05 -13.31
C ILE A 27 5.05 46.28 -14.81
N THR A 28 4.43 47.37 -15.25
CA THR A 28 4.39 47.68 -16.67
C THR A 28 5.06 49.03 -16.83
N ALA A 29 6.38 49.00 -16.95
CA ALA A 29 7.16 50.21 -17.02
C ALA A 29 8.51 49.88 -17.65
N ALA A 30 9.33 50.91 -17.87
CA ALA A 30 10.66 50.72 -18.43
C ALA A 30 11.66 50.42 -17.32
N PRO A 31 12.41 49.31 -17.47
CA PRO A 31 13.31 48.80 -16.42
C PRO A 31 14.47 49.75 -16.10
N ALA A 32 14.76 49.88 -14.81
CA ALA A 32 15.87 50.69 -14.32
C ALA A 32 16.20 50.15 -12.94
N GLY A 33 17.42 50.40 -12.47
CA GLY A 33 17.93 49.70 -11.30
C GLY A 33 17.54 50.33 -9.99
N LEU A 34 16.63 49.64 -9.29
CA LEU A 34 16.30 49.92 -7.89
C LEU A 34 15.52 51.23 -7.71
N ASP A 35 16.08 52.33 -8.25
CA ASP A 35 15.54 53.67 -8.08
C ASP A 35 14.20 53.84 -8.77
N ALA A 36 14.00 53.10 -9.86
CA ALA A 36 12.74 53.16 -10.58
C ALA A 36 11.72 52.19 -9.98
N LEU A 37 12.17 51.37 -9.03
CA LEU A 37 11.25 50.41 -8.45
C LEU A 37 10.40 51.02 -7.38
N PRO A 38 9.08 50.84 -7.51
CA PRO A 38 8.15 51.45 -6.56
C PRO A 38 8.33 50.87 -5.16
N VAL A 39 8.15 51.72 -4.14
CA VAL A 39 8.03 51.24 -2.77
C VAL A 39 6.65 50.65 -2.65
N TRP A 40 6.49 49.74 -1.70
CA TRP A 40 5.24 49.02 -1.57
C TRP A 40 4.86 48.86 -0.10
N GLY A 41 3.76 48.16 0.15
CA GLY A 41 3.32 48.02 1.52
C GLY A 41 2.70 46.67 1.72
N PHE A 42 2.43 46.33 2.97
CA PHE A 42 1.73 45.11 3.30
C PHE A 42 1.07 45.25 4.66
N ASP A 43 0.27 44.26 4.99
CA ASP A 43 -0.39 44.20 6.29
C ASP A 43 0.44 43.49 7.37
N GLY A 44 0.88 44.28 8.36
CA GLY A 44 1.77 43.79 9.40
C GLY A 44 1.27 42.76 10.39
N SER A 45 -0.03 42.75 10.65
CA SER A 45 -0.61 41.89 11.69
C SER A 45 -0.31 40.43 11.40
N SER A 46 -0.29 40.12 10.12
CA SER A 46 -0.07 38.77 9.62
C SER A 46 1.38 38.30 9.71
N THR A 47 2.30 39.24 9.92
CA THR A 47 3.73 38.93 9.87
C THR A 47 4.54 39.16 11.17
N ASN A 48 3.85 39.33 12.30
CA ASN A 48 4.51 39.53 13.61
C ASN A 48 5.25 40.89 13.64
N GLN A 49 4.83 41.75 12.72
CA GLN A 49 5.30 43.13 12.62
C GLN A 49 4.15 44.02 13.01
N ALA A 50 3.20 43.39 13.69
CA ALA A 50 2.16 44.05 14.43
C ALA A 50 1.64 43.01 15.43
N GLU A 51 0.87 42.04 14.90
CA GLU A 51 -0.01 41.18 15.71
C GLU A 51 -0.92 42.08 16.57
N GLY A 52 -1.30 43.22 15.96
CA GLY A 52 -2.01 44.31 16.60
C GLY A 52 -2.90 45.07 15.62
N SER A 53 -3.34 46.27 16.01
CA SER A 53 -4.31 47.05 15.23
C SER A 53 -3.76 48.35 14.61
N SER A 54 -2.46 48.61 14.70
CA SER A 54 -1.93 49.88 14.18
C SER A 54 -0.77 49.80 13.19
N SER A 55 -0.30 48.60 12.84
CA SER A 55 0.86 48.56 11.95
C SER A 55 0.54 48.17 10.50
N ASP A 56 0.82 49.13 9.63
CA ASP A 56 0.73 48.99 8.21
C ASP A 56 2.15 49.27 7.87
N CYS A 57 2.70 48.52 6.93
CA CYS A 57 4.13 48.58 6.74
C CYS A 57 4.47 48.98 5.31
N VAL A 58 5.69 49.51 5.15
CA VAL A 58 6.16 49.99 3.87
C VAL A 58 7.37 49.14 3.45
N LEU A 59 7.37 48.74 2.18
CA LEU A 59 8.47 48.00 1.58
C LEU A 59 9.33 48.93 0.77
N LYS A 60 10.61 49.00 1.12
CA LYS A 60 11.52 49.84 0.38
C LYS A 60 12.65 48.98 -0.19
N PRO A 61 12.74 48.90 -1.53
CA PRO A 61 13.76 48.11 -2.25
C PRO A 61 15.17 48.53 -1.83
N VAL A 62 16.05 47.57 -1.53
CA VAL A 62 17.44 47.92 -1.20
C VAL A 62 18.40 47.14 -2.10
N PHE A 63 17.90 46.06 -2.67
CA PHE A 63 18.70 45.20 -3.52
C PHE A 63 17.78 44.50 -4.51
N SER A 64 18.27 44.27 -5.73
CA SER A 64 17.49 43.57 -6.77
C SER A 64 18.40 42.73 -7.66
N CYS A 65 17.85 41.65 -8.21
CA CYS A 65 18.62 40.77 -9.06
C CYS A 65 17.63 40.03 -9.95
N PRO A 66 18.15 39.31 -10.97
CA PRO A 66 17.23 38.50 -11.79
C PRO A 66 16.58 37.38 -11.01
N ASP A 67 15.33 37.06 -11.38
CA ASP A 67 14.61 35.91 -10.85
C ASP A 67 14.99 34.71 -11.70
N PRO A 68 15.83 33.83 -11.14
CA PRO A 68 16.39 32.63 -11.80
C PRO A 68 15.36 31.52 -12.05
N ILE A 69 14.35 31.47 -11.20
CA ILE A 69 13.28 30.50 -11.35
C ILE A 69 12.27 30.88 -12.44
N ARG A 70 11.76 32.10 -12.34
CA ARG A 70 10.85 32.59 -13.35
C ARG A 70 11.54 32.83 -14.68
N GLY A 71 12.78 33.30 -14.63
CA GLY A 71 13.52 33.55 -15.84
C GLY A 71 13.12 34.83 -16.55
N GLY A 72 13.63 35.01 -17.78
CA GLY A 72 13.28 36.16 -18.59
C GLY A 72 13.64 37.49 -17.99
N GLU A 73 12.68 38.40 -17.95
CA GLU A 73 12.95 39.77 -17.51
C GLU A 73 12.52 39.97 -16.04
N ASP A 74 12.11 38.87 -15.43
CA ASP A 74 11.60 38.92 -14.06
C ASP A 74 12.70 39.07 -13.02
N ILE A 75 12.37 39.72 -11.89
CA ILE A 75 13.39 40.06 -10.91
C ILE A 75 12.96 39.81 -9.45
N LEU A 76 13.95 39.71 -8.58
CA LEU A 76 13.72 39.63 -7.14
C LEU A 76 14.06 40.98 -6.52
N VAL A 77 13.19 41.46 -5.65
CA VAL A 77 13.43 42.74 -5.00
C VAL A 77 13.45 42.57 -3.48
N LEU A 78 14.65 42.63 -2.90
CA LEU A 78 14.78 42.59 -1.46
C LEU A 78 14.51 43.98 -0.86
N CYS A 79 13.66 44.04 0.16
CA CYS A 79 13.23 45.34 0.74
C CYS A 79 13.56 45.43 2.21
N GLU A 80 13.58 46.65 2.72
CA GLU A 80 13.62 46.85 4.15
C GLU A 80 12.24 47.34 4.53
N VAL A 81 11.90 47.19 5.81
CA VAL A 81 10.55 47.48 6.25
C VAL A 81 10.55 48.81 7.00
N LEU A 82 9.61 49.67 6.61
CA LEU A 82 9.52 50.98 7.20
C LEU A 82 8.15 51.20 7.79
N ASP A 83 8.10 52.11 8.76
CA ASP A 83 6.85 52.60 9.31
C ASP A 83 6.25 53.51 8.25
N THR A 84 4.99 53.91 8.42
CA THR A 84 4.29 54.78 7.46
C THR A 84 4.95 56.16 7.30
N ASP A 85 5.72 56.57 8.31
CA ASP A 85 6.46 57.82 8.27
C ASP A 85 7.82 57.63 7.61
N MET A 86 8.03 56.46 7.00
CA MET A 86 9.23 56.17 6.22
C MET A 86 10.46 55.99 7.11
N THR A 87 10.24 55.91 8.42
CA THR A 87 11.33 55.57 9.33
C THR A 87 11.43 54.04 9.43
N PRO A 88 12.60 53.53 9.85
CA PRO A 88 12.73 52.06 9.95
C PRO A 88 11.77 51.48 10.99
N HIS A 89 11.18 50.33 10.62
CA HIS A 89 10.30 49.57 11.50
C HIS A 89 11.22 48.93 12.54
N PRO A 90 10.70 48.61 13.75
CA PRO A 90 11.54 47.98 14.78
C PRO A 90 12.17 46.66 14.35
N SER A 91 11.49 45.91 13.49
CA SER A 91 12.05 44.67 12.96
C SER A 91 13.24 44.91 12.05
N ASN A 92 13.36 46.12 11.49
CA ASN A 92 14.43 46.44 10.54
C ASN A 92 15.80 46.39 11.20
N THR A 93 16.68 45.48 10.76
CA THR A 93 18.02 45.31 11.34
C THR A 93 19.09 45.74 10.36
N ARG A 94 18.65 45.99 9.12
CA ARG A 94 19.54 46.50 8.09
C ARG A 94 20.00 47.92 8.39
N ALA A 95 19.09 48.73 8.91
CA ALA A 95 19.35 50.14 9.11
C ALA A 95 20.50 50.38 10.10
N ALA A 96 20.55 49.55 11.14
CA ALA A 96 21.65 49.62 12.11
C ALA A 96 22.98 49.28 11.45
N LEU A 97 23.00 48.25 10.63
CA LEU A 97 24.22 47.87 9.90
C LEU A 97 24.65 48.99 8.96
N ALA A 98 23.68 49.67 8.34
CA ALA A 98 23.98 50.75 7.41
C ALA A 98 24.71 51.90 8.12
N GLU A 99 24.32 52.21 9.36
CA GLU A 99 25.02 53.25 10.15
C GLU A 99 26.45 52.86 10.46
N LEU A 100 26.66 51.65 10.94
CA LEU A 100 28.01 51.21 11.27
C LEU A 100 28.91 51.01 10.04
N SER A 101 28.29 50.61 8.94
CA SER A 101 28.99 50.40 7.69
C SER A 101 29.58 51.72 7.20
N GLU A 102 28.77 52.78 7.25
CA GLU A 102 29.20 54.12 6.84
C GLU A 102 30.25 54.70 7.78
N ARG A 103 30.04 54.44 9.07
CA ARG A 103 30.90 54.95 10.10
C ARG A 103 32.32 54.39 9.97
N PHE A 104 32.41 53.16 9.47
CA PHE A 104 33.70 52.47 9.39
C PHE A 104 34.14 52.12 7.98
N ALA A 105 33.63 52.87 6.99
CA ALA A 105 33.91 52.54 5.60
C ALA A 105 35.39 52.61 5.27
N ALA A 106 36.13 53.45 6.02
CA ALA A 106 37.57 53.63 5.83
C ALA A 106 38.40 52.35 6.10
N GLN A 107 37.97 51.52 7.06
CA GLN A 107 38.66 50.26 7.36
C GLN A 107 38.39 49.18 6.31
N GLU A 108 37.37 49.44 5.51
CA GLU A 108 36.97 48.55 4.42
C GLU A 108 36.71 47.09 4.86
N PRO A 109 35.76 46.91 5.79
CA PRO A 109 35.47 45.56 6.25
C PRO A 109 34.88 44.70 5.13
N VAL A 110 35.28 43.43 5.09
CA VAL A 110 34.81 42.48 4.10
C VAL A 110 34.43 41.18 4.80
N PHE A 111 33.37 40.52 4.32
CA PHE A 111 32.89 39.32 4.98
C PHE A 111 32.73 38.15 4.03
N GLY A 112 32.99 36.96 4.57
CA GLY A 112 32.59 35.73 3.93
C GLY A 112 31.77 34.91 4.91
N ILE A 113 30.65 34.37 4.44
CA ILE A 113 29.81 33.53 5.30
C ILE A 113 29.62 32.11 4.74
N GLU A 114 29.91 31.11 5.59
CA GLU A 114 29.76 29.73 5.21
C GLU A 114 28.43 29.25 5.81
N GLN A 115 27.43 29.14 4.95
CA GLN A 115 26.07 28.97 5.41
C GLN A 115 25.63 27.53 5.35
N GLU A 116 25.36 26.98 6.52
CA GLU A 116 24.97 25.60 6.61
C GLU A 116 23.45 25.44 6.73
N TYR A 117 22.95 24.29 6.30
CA TYR A 117 21.54 23.98 6.40
C TYR A 117 21.36 22.48 6.33
N THR A 118 20.20 22.01 6.79
CA THR A 118 19.88 20.58 6.79
C THR A 118 18.56 20.33 6.09
N PHE A 119 18.53 19.35 5.19
CA PHE A 119 17.28 18.95 4.52
C PHE A 119 16.37 18.09 5.39
N PHE A 120 15.06 18.34 5.28
CA PHE A 120 14.08 17.54 5.99
C PHE A 120 12.97 17.14 5.04
N LYS A 121 12.42 15.96 5.25
CA LYS A 121 11.19 15.56 4.59
C LYS A 121 10.13 15.34 5.68
N GLY A 122 9.26 16.34 5.83
CA GLY A 122 8.38 16.42 6.98
C GLY A 122 9.16 16.63 8.27
N THR A 123 8.84 15.83 9.29
CA THR A 123 9.55 15.89 10.57
C THR A 123 10.83 15.07 10.54
N ARG A 124 11.02 14.34 9.44
CA ARG A 124 12.15 13.44 9.30
C ARG A 124 13.31 14.12 8.56
N PRO A 125 14.53 13.99 9.09
CA PRO A 125 15.73 14.42 8.37
C PRO A 125 15.85 13.64 7.05
N LEU A 126 16.18 14.33 5.96
CA LEU A 126 16.19 13.68 4.66
C LEU A 126 17.15 12.48 4.60
N GLY A 127 18.24 12.55 5.37
CA GLY A 127 19.22 11.47 5.37
C GLY A 127 18.98 10.40 6.42
N PHE A 128 17.88 10.50 7.14
CA PHE A 128 17.57 9.57 8.22
C PHE A 128 16.50 8.63 7.71
N PRO A 129 16.52 7.36 8.14
CA PRO A 129 15.45 6.39 7.84
C PRO A 129 14.27 6.68 8.78
N GLU A 130 13.06 6.29 8.36
CA GLU A 130 11.89 6.52 9.19
C GLU A 130 12.01 5.74 10.49
N GLY A 131 11.87 6.45 11.60
CA GLY A 131 11.85 5.81 12.90
C GLY A 131 13.19 5.41 13.47
N GLY A 132 14.26 5.87 12.83
CA GLY A 132 15.59 5.41 13.18
C GLY A 132 16.78 6.32 12.88
N PHE A 133 17.95 5.71 12.90
CA PHE A 133 19.15 6.47 12.67
C PHE A 133 19.95 5.85 11.55
N PRO A 134 20.67 6.70 10.80
CA PRO A 134 21.57 6.17 9.79
C PRO A 134 22.88 5.80 10.46
N ALA A 135 23.85 5.31 9.70
CA ALA A 135 25.15 4.98 10.26
C ALA A 135 25.76 6.27 10.81
N ALA A 136 26.70 6.12 11.74
CA ALA A 136 27.29 7.26 12.43
C ALA A 136 28.08 8.08 11.44
N GLN A 137 28.38 9.31 11.82
CA GLN A 137 29.02 10.26 10.93
C GLN A 137 30.43 9.81 10.57
N GLY A 138 30.90 10.25 9.38
CA GLY A 138 32.23 9.93 8.89
C GLY A 138 32.31 9.86 7.38
N GLY A 139 31.32 9.23 6.75
CA GLY A 139 31.29 9.10 5.31
C GLY A 139 30.42 10.11 4.55
N TYR A 140 29.65 10.92 5.26
CA TYR A 140 28.79 11.94 4.62
C TYR A 140 29.52 13.19 4.08
N TYR A 141 30.55 13.61 4.80
CA TYR A 141 31.16 14.90 4.56
C TYR A 141 31.98 14.90 3.25
N CYS A 142 31.59 15.78 2.32
CA CYS A 142 32.20 15.85 0.99
C CYS A 142 32.08 14.48 0.30
N GLY A 143 31.01 13.76 0.60
CA GLY A 143 30.82 12.40 0.13
C GLY A 143 30.32 12.23 -1.30
N VAL A 144 30.21 10.98 -1.71
CA VAL A 144 29.63 10.67 -3.01
C VAL A 144 28.89 9.31 -2.88
N GLY A 145 27.82 9.12 -3.66
CA GLY A 145 27.07 7.87 -3.62
C GLY A 145 25.76 8.01 -2.89
N SER A 146 24.77 7.21 -3.29
CA SER A 146 23.40 7.28 -2.77
C SER A 146 23.28 6.98 -1.28
N ASP A 147 24.18 6.15 -0.77
CA ASP A 147 24.26 5.76 0.65
C ASP A 147 24.58 6.92 1.61
N GLU A 148 25.39 7.85 1.13
CA GLU A 148 25.88 8.94 1.97
C GLU A 148 25.49 10.36 1.52
N ILE A 149 24.85 10.48 0.36
CA ILE A 149 24.51 11.79 -0.16
C ILE A 149 23.01 11.95 -0.36
N PHE A 150 22.43 12.98 0.24
CA PHE A 150 20.98 13.20 0.14
C PHE A 150 20.67 14.63 -0.23
N GLY A 151 19.92 14.80 -1.32
CA GLY A 151 19.48 16.13 -1.75
C GLY A 151 20.34 16.87 -2.75
N ARG A 152 21.27 16.19 -3.41
CA ARG A 152 22.17 16.86 -4.35
C ARG A 152 21.44 17.52 -5.48
N ASP A 153 20.34 16.93 -5.92
CA ASP A 153 19.57 17.55 -6.98
C ASP A 153 19.06 18.95 -6.53
N VAL A 154 18.61 19.08 -5.28
CA VAL A 154 18.18 20.36 -4.73
C VAL A 154 19.35 21.33 -4.65
N VAL A 155 20.48 20.83 -4.14
CA VAL A 155 21.65 21.64 -3.93
C VAL A 155 22.16 22.22 -5.25
N GLU A 156 22.18 21.40 -6.29
CA GLU A 156 22.61 21.85 -7.60
C GLU A 156 21.68 22.87 -8.20
N ALA A 157 20.37 22.66 -8.05
CA ALA A 157 19.41 23.62 -8.59
C ALA A 157 19.57 24.99 -7.92
N HIS A 158 19.79 24.98 -6.62
CA HIS A 158 19.99 26.19 -5.84
C HIS A 158 21.30 26.93 -6.21
N LEU A 159 22.39 26.18 -6.39
CA LEU A 159 23.65 26.82 -6.73
C LEU A 159 23.55 27.50 -8.11
N GLU A 160 22.99 26.79 -9.09
CA GLU A 160 22.80 27.35 -10.42
C GLU A 160 21.85 28.56 -10.35
N ASN A 161 20.84 28.46 -9.50
CA ASN A 161 19.91 29.56 -9.31
C ASN A 161 20.59 30.80 -8.70
N CYS A 162 21.46 30.60 -7.72
CA CYS A 162 22.19 31.70 -7.07
C CYS A 162 23.12 32.41 -8.09
N LEU A 163 23.81 31.63 -8.91
CA LEU A 163 24.72 32.18 -9.92
C LEU A 163 23.99 32.95 -11.05
N LYS A 164 22.85 32.42 -11.49
CA LYS A 164 22.03 33.08 -12.48
C LYS A 164 21.52 34.40 -11.91
N ALA A 165 21.25 34.41 -10.60
CA ALA A 165 20.88 35.63 -9.88
C ALA A 165 22.07 36.59 -9.68
N GLY A 166 23.29 36.10 -9.91
CA GLY A 166 24.47 36.93 -9.76
C GLY A 166 25.11 37.03 -8.39
N LEU A 167 24.70 36.16 -7.48
CA LEU A 167 25.23 36.21 -6.12
C LEU A 167 26.67 35.71 -6.00
N GLY A 168 27.41 36.27 -5.05
CA GLY A 168 28.81 35.91 -4.92
C GLY A 168 28.98 34.62 -4.11
N ILE A 169 28.78 33.51 -4.81
CA ILE A 169 28.94 32.22 -4.19
C ILE A 169 30.33 31.73 -4.53
N SER A 170 31.10 31.32 -3.52
CA SER A 170 32.47 30.88 -3.80
C SER A 170 32.58 29.38 -3.87
N GLY A 171 31.65 28.69 -3.19
CA GLY A 171 31.64 27.25 -3.17
C GLY A 171 30.43 26.66 -2.47
N ILE A 172 30.26 25.35 -2.67
CA ILE A 172 29.30 24.57 -1.91
C ILE A 172 29.95 23.23 -1.57
N ASN A 173 29.51 22.62 -0.48
CA ASN A 173 29.93 21.26 -0.14
C ASN A 173 28.91 20.51 0.72
N ALA A 174 29.02 19.18 0.72
CA ALA A 174 28.20 18.34 1.59
C ALA A 174 28.84 18.31 2.98
N GLU A 175 28.02 18.46 4.03
CA GLU A 175 28.54 18.54 5.39
C GLU A 175 28.56 17.21 6.16
N VAL A 176 28.99 17.27 7.41
CA VAL A 176 29.23 16.09 8.25
C VAL A 176 27.97 15.26 8.54
N MET A 177 26.86 15.92 8.82
CA MET A 177 25.57 15.25 9.00
C MET A 177 24.91 14.92 7.66
N PRO A 178 24.28 13.74 7.60
CA PRO A 178 23.57 13.39 6.36
C PRO A 178 22.45 14.36 6.01
N GLY A 179 22.42 14.80 4.75
CA GLY A 179 21.47 15.78 4.30
C GLY A 179 21.83 17.18 4.73
N GLN A 180 23.04 17.35 5.28
CA GLN A 180 23.53 18.67 5.68
C GLN A 180 24.50 19.18 4.64
N TRP A 181 24.33 20.46 4.32
CA TRP A 181 25.06 21.09 3.24
C TRP A 181 25.52 22.48 3.62
N GLU A 182 26.46 22.99 2.81
CA GLU A 182 26.98 24.34 2.99
C GLU A 182 27.19 25.05 1.66
N PHE A 183 26.94 26.36 1.65
CA PHE A 183 27.37 27.23 0.57
C PHE A 183 28.06 28.46 1.15
N GLN A 184 29.05 28.99 0.43
CA GLN A 184 29.85 30.09 0.95
C GLN A 184 29.56 31.37 0.17
N VAL A 185 29.21 32.44 0.87
CA VAL A 185 28.96 33.72 0.25
C VAL A 185 30.07 34.71 0.60
N GLY A 186 30.64 35.34 -0.42
CA GLY A 186 31.68 36.31 -0.22
C GLY A 186 32.87 36.04 -1.12
N PRO A 187 33.94 36.81 -0.97
CA PRO A 187 34.04 37.92 0.01
C PRO A 187 33.33 39.18 -0.48
N LEU A 188 32.62 39.85 0.43
CA LEU A 188 31.78 41.00 0.09
C LEU A 188 31.72 42.00 1.22
N ALA A 189 31.27 43.21 0.90
CA ALA A 189 31.04 44.28 1.88
C ALA A 189 29.80 43.91 2.73
N PRO A 190 29.71 44.46 3.97
CA PRO A 190 28.72 43.97 4.95
C PRO A 190 27.27 44.03 4.47
N LEU A 191 26.87 45.14 3.86
CA LEU A 191 25.51 45.24 3.34
C LEU A 191 25.30 44.32 2.15
N GLU A 192 26.29 44.25 1.26
CA GLU A 192 26.17 43.41 0.09
C GLU A 192 26.14 41.91 0.46
N VAL A 193 26.98 41.51 1.40
CA VAL A 193 26.99 40.11 1.82
C VAL A 193 25.71 39.67 2.51
N SER A 194 25.14 40.57 3.30
CA SER A 194 23.93 40.32 4.06
C SER A 194 22.72 40.23 3.17
N ASP A 195 22.66 41.13 2.21
CA ASP A 195 21.57 41.17 1.25
C ASP A 195 21.57 39.91 0.40
N GLN A 196 22.76 39.50 -0.08
CA GLN A 196 22.86 38.33 -0.97
C GLN A 196 22.50 37.02 -0.25
N LEU A 197 22.93 36.90 1.00
CA LEU A 197 22.66 35.73 1.84
C LEU A 197 21.15 35.53 2.09
N TRP A 198 20.45 36.64 2.35
CA TRP A 198 19.01 36.57 2.57
C TRP A 198 18.30 36.10 1.31
N VAL A 199 18.77 36.61 0.19
CA VAL A 199 18.21 36.24 -1.08
C VAL A 199 18.57 34.78 -1.39
N ALA A 200 19.81 34.42 -1.08
CA ALA A 200 20.25 33.06 -1.28
C ALA A 200 19.45 32.07 -0.38
N ARG A 201 19.13 32.48 0.85
CA ARG A 201 18.28 31.69 1.72
C ARG A 201 16.89 31.56 1.09
N TRP A 202 16.39 32.68 0.63
CA TRP A 202 15.06 32.67 0.05
C TRP A 202 15.07 31.72 -1.16
N LEU A 203 16.15 31.74 -1.93
CA LEU A 203 16.28 30.86 -3.09
C LEU A 203 16.36 29.38 -2.70
N LEU A 204 16.97 29.07 -1.55
CA LEU A 204 17.06 27.68 -1.12
C LEU A 204 15.70 27.08 -0.76
N TYR A 205 14.94 27.80 0.07
CA TYR A 205 13.63 27.37 0.50
C TYR A 205 12.75 27.22 -0.70
N ARG A 206 12.82 28.25 -1.54
CA ARG A 206 11.99 28.31 -2.73
C ARG A 206 12.34 27.24 -3.77
N THR A 207 13.63 27.02 -4.01
CA THR A 207 14.08 25.97 -4.93
C THR A 207 13.64 24.59 -4.41
N ALA A 208 13.75 24.38 -3.10
CA ALA A 208 13.43 23.10 -2.47
C ALA A 208 11.94 22.76 -2.55
N GLU A 209 11.10 23.78 -2.70
CA GLU A 209 9.66 23.57 -2.87
C GLU A 209 9.37 22.68 -4.07
N ASP A 210 10.12 22.85 -5.14
CA ASP A 210 9.92 22.08 -6.37
C ASP A 210 10.27 20.60 -6.21
N PHE A 211 11.19 20.32 -5.30
CA PHE A 211 11.61 18.96 -5.02
C PHE A 211 10.83 18.35 -3.86
N GLU A 212 9.88 19.10 -3.31
CA GLU A 212 9.06 18.62 -2.19
C GLU A 212 9.87 18.30 -0.96
N VAL A 213 10.93 19.07 -0.69
CA VAL A 213 11.69 18.89 0.55
C VAL A 213 11.80 20.21 1.26
N SER A 214 12.32 20.16 2.47
CA SER A 214 12.45 21.35 3.28
C SER A 214 13.90 21.56 3.67
N ALA A 215 14.25 22.82 3.92
CA ALA A 215 15.54 23.17 4.44
C ALA A 215 15.33 23.91 5.76
N THR A 216 16.22 23.67 6.71
CA THR A 216 16.17 24.34 8.00
C THR A 216 17.52 24.92 8.38
N LEU A 217 17.49 26.09 9.03
CA LEU A 217 18.70 26.72 9.52
C LEU A 217 18.76 26.52 11.04
N ASP A 218 17.99 25.54 11.54
CA ASP A 218 18.05 25.16 12.95
C ASP A 218 19.47 24.71 13.27
N PRO A 219 20.05 25.24 14.35
CA PRO A 219 21.45 25.02 14.76
C PRO A 219 21.75 23.59 15.18
N LYS A 220 20.78 22.92 15.77
CA LYS A 220 20.93 21.52 16.16
C LYS A 220 19.67 20.70 15.81
N PRO A 221 19.49 20.41 14.50
CA PRO A 221 18.29 19.74 13.99
C PRO A 221 18.05 18.34 14.59
N VAL A 222 19.13 17.60 14.87
CA VAL A 222 18.98 16.34 15.61
C VAL A 222 19.83 16.39 16.89
N LYS A 223 19.22 16.05 18.02
CA LYS A 223 19.96 16.09 19.28
C LYS A 223 20.99 14.96 19.36
N GLY A 224 22.06 15.20 20.10
CA GLY A 224 23.10 14.21 20.23
C GLY A 224 24.42 14.53 19.56
N ASP A 225 25.08 13.50 19.06
CA ASP A 225 26.41 13.67 18.49
C ASP A 225 26.33 14.08 17.04
N TRP A 226 25.11 14.17 16.52
CA TRP A 226 24.88 14.66 15.16
C TRP A 226 25.27 16.14 15.05
N ASN A 227 25.91 16.48 13.94
CA ASN A 227 26.49 17.81 13.78
C ASN A 227 25.49 18.96 13.75
N GLY A 228 25.87 20.04 14.40
CA GLY A 228 25.09 21.26 14.35
C GLY A 228 25.28 22.02 13.04
N ALA A 229 24.37 22.95 12.77
CA ALA A 229 24.47 23.78 11.58
C ALA A 229 24.92 25.19 11.96
N GLY A 230 26.08 25.62 11.44
CA GLY A 230 26.56 26.96 11.73
C GLY A 230 26.55 27.93 10.56
N ALA A 231 26.94 29.18 10.83
CA ALA A 231 27.24 30.19 9.80
C ALA A 231 28.58 30.87 10.12
N HIS A 232 29.68 30.17 9.87
CA HIS A 232 31.01 30.70 10.16
C HIS A 232 31.22 31.97 9.35
N THR A 233 31.75 33.00 10.01
CA THR A 233 31.92 34.29 9.37
C THR A 233 33.40 34.68 9.29
N ASN A 234 33.82 34.97 8.05
CA ASN A 234 35.17 35.37 7.75
C ASN A 234 35.22 36.88 7.63
N PHE A 235 36.17 37.48 8.33
CA PHE A 235 36.23 38.92 8.44
C PHE A 235 37.63 39.50 8.35
N SER A 236 37.76 40.62 7.64
CA SER A 236 39.02 41.35 7.56
C SER A 236 38.76 42.82 7.25
N THR A 237 39.77 43.63 7.55
CA THR A 237 39.80 45.03 7.21
C THR A 237 41.05 45.18 6.36
N LYS A 238 41.26 46.35 5.77
CA LYS A 238 42.42 46.58 4.91
C LYS A 238 43.71 46.32 5.71
N ALA A 239 43.72 46.81 6.95
CA ALA A 239 44.84 46.60 7.86
C ALA A 239 45.09 45.13 8.18
N MET A 240 44.03 44.37 8.38
CA MET A 240 44.14 42.95 8.65
C MET A 240 44.72 42.20 7.43
N ARG A 241 44.29 42.59 6.24
CA ARG A 241 44.83 42.02 5.01
C ARG A 241 46.29 42.42 4.79
N GLU A 242 46.67 43.57 5.36
CA GLU A 242 48.05 44.04 5.29
C GLU A 242 49.03 43.48 6.33
N GLY A 243 48.59 43.33 7.58
CA GLY A 243 49.50 42.94 8.64
C GLY A 243 48.91 42.14 9.80
N TYR A 244 49.77 41.41 10.49
CA TYR A 244 49.36 40.50 11.57
C TYR A 244 48.96 41.15 12.87
N ASP A 245 49.45 42.35 13.11
CA ASP A 245 49.17 43.03 14.37
C ASP A 245 47.68 43.37 14.48
N ALA A 246 47.12 43.79 13.35
CA ALA A 246 45.70 44.10 13.26
C ALA A 246 44.85 42.85 13.46
N ILE A 247 45.35 41.71 12.97
CA ILE A 247 44.67 40.42 13.14
C ILE A 247 44.55 40.04 14.61
N ILE A 248 45.65 40.19 15.35
CA ILE A 248 45.63 39.91 16.78
C ILE A 248 44.71 40.86 17.53
N THR A 249 44.72 42.13 17.16
CA THR A 249 43.85 43.12 17.82
C THR A 249 42.39 42.76 17.63
N ALA A 250 42.02 42.40 16.40
CA ALA A 250 40.65 42.02 16.12
C ALA A 250 40.26 40.79 16.94
N ALA A 251 41.12 39.76 16.99
CA ALA A 251 40.84 38.55 17.75
C ALA A 251 40.75 38.82 19.24
N GLU A 252 41.62 39.68 19.75
CA GLU A 252 41.55 40.04 21.17
C GLU A 252 40.31 40.88 21.52
N SER A 253 39.90 41.75 20.60
CA SER A 253 38.75 42.64 20.83
C SER A 253 37.49 41.85 21.12
N LEU A 254 37.37 40.67 20.51
CA LEU A 254 36.21 39.80 20.69
C LEU A 254 36.15 39.16 22.09
N GLY A 255 37.29 39.15 22.76
CA GLY A 255 37.34 38.56 24.09
C GLY A 255 37.17 39.53 25.24
N GLU A 256 37.09 40.82 24.93
CA GLU A 256 37.05 41.85 25.96
C GLU A 256 35.66 42.14 26.52
N GLY A 257 35.60 42.44 27.82
CA GLY A 257 34.40 42.94 28.45
C GLY A 257 33.19 42.06 28.31
N SER A 258 32.11 42.64 27.80
CA SER A 258 30.88 41.93 27.62
C SER A 258 30.69 41.47 26.17
N LYS A 259 31.71 41.68 25.34
CA LYS A 259 31.63 41.37 23.90
C LYS A 259 31.33 39.89 23.60
N PRO A 260 31.89 38.96 24.39
CA PRO A 260 31.54 37.56 24.09
C PRO A 260 30.04 37.26 24.27
N MET A 261 29.49 37.69 25.40
CA MET A 261 28.06 37.53 25.62
C MET A 261 27.21 38.39 24.70
N ASP A 262 27.70 39.59 24.39
CA ASP A 262 27.01 40.51 23.50
C ASP A 262 26.80 39.89 22.11
N HIS A 263 27.87 39.28 21.58
CA HIS A 263 27.78 38.58 20.30
C HIS A 263 26.94 37.31 20.41
N VAL A 264 27.27 36.47 21.38
CA VAL A 264 26.68 35.16 21.49
C VAL A 264 25.17 35.25 21.68
N LYS A 265 24.72 36.29 22.41
CA LYS A 265 23.24 36.40 22.59
C LYS A 265 22.51 36.92 21.38
N ASN A 266 23.25 37.30 20.34
CA ASN A 266 22.65 37.75 19.08
C ASN A 266 23.01 36.85 17.91
N TYR A 267 23.58 35.69 18.24
CA TYR A 267 24.15 34.81 17.22
C TYR A 267 23.21 33.68 16.82
N GLY A 268 21.95 33.80 17.22
CA GLY A 268 20.95 32.84 16.79
C GLY A 268 20.30 32.13 17.94
N ALA A 269 19.05 31.72 17.72
CA ALA A 269 18.27 31.08 18.75
C ALA A 269 18.72 29.63 18.95
N GLY A 270 18.86 29.22 20.20
CA GLY A 270 19.26 27.85 20.46
C GLY A 270 20.75 27.61 20.36
N ILE A 271 21.55 28.67 20.51
CA ILE A 271 23.01 28.57 20.40
C ILE A 271 23.64 27.63 21.43
N ASP A 272 23.02 27.59 22.61
CA ASP A 272 23.45 26.71 23.69
C ASP A 272 23.32 25.22 23.34
N ASP A 273 22.33 24.90 22.51
CA ASP A 273 22.10 23.54 21.99
C ASP A 273 23.18 23.05 20.98
N ARG A 274 23.72 23.99 20.21
CA ARG A 274 24.77 23.67 19.26
C ARG A 274 26.16 23.85 19.87
N LEU A 275 26.39 24.95 20.60
CA LEU A 275 27.72 25.21 21.17
C LEU A 275 27.83 24.61 22.55
N THR A 276 28.29 23.38 22.56
CA THR A 276 28.45 22.60 23.77
C THR A 276 29.97 22.49 23.87
N GLY A 277 30.48 22.09 25.03
CA GLY A 277 31.91 21.97 25.14
C GLY A 277 32.47 20.90 24.23
N LEU A 278 31.85 19.73 24.23
CA LEU A 278 32.44 18.49 23.72
C LEU A 278 32.86 18.49 22.25
N HIS A 279 31.95 18.86 21.35
CA HIS A 279 32.29 18.96 19.93
C HIS A 279 32.37 20.39 19.49
N GLU A 280 32.26 20.60 18.18
CA GLU A 280 32.25 21.96 17.65
C GLU A 280 31.12 22.83 18.20
N THR A 281 31.50 24.03 18.59
CA THR A 281 32.92 24.45 18.51
C THR A 281 33.45 24.50 19.95
N ALA A 282 33.25 25.65 20.59
CA ALA A 282 33.69 25.91 21.94
C ALA A 282 32.37 26.10 22.67
N PRO A 283 32.38 26.08 24.01
CA PRO A 283 31.08 26.28 24.67
C PRO A 283 30.62 27.70 24.40
N TRP A 284 29.32 27.90 24.34
CA TRP A 284 28.75 29.21 24.03
C TRP A 284 29.14 30.25 25.09
N ASN A 285 29.51 29.77 26.27
CA ASN A 285 29.80 30.64 27.42
C ASN A 285 31.28 30.96 27.65
N GLU A 286 32.15 30.50 26.75
CA GLU A 286 33.58 30.86 26.86
C GLU A 286 34.11 31.36 25.53
N TYR A 287 34.97 32.36 25.61
CA TYR A 287 35.62 32.88 24.42
C TYR A 287 37.08 32.42 24.35
N SER A 288 37.49 31.87 23.20
CA SER A 288 38.89 31.55 22.97
C SER A 288 39.24 31.84 21.53
N TYR A 289 40.52 32.12 21.25
CA TYR A 289 40.98 32.20 19.88
C TYR A 289 42.34 31.55 19.78
N GLY A 290 42.65 31.00 18.62
CA GLY A 290 43.92 30.33 18.44
C GLY A 290 44.21 30.09 16.98
N VAL A 291 45.47 29.83 16.68
CA VAL A 291 45.88 29.55 15.32
C VAL A 291 45.57 28.09 14.98
N SER A 292 44.76 27.90 13.93
CA SER A 292 44.42 26.58 13.41
C SER A 292 43.60 25.76 14.43
N ASP A 293 42.97 26.46 15.37
CA ASP A 293 42.22 25.80 16.43
C ASP A 293 40.74 25.73 16.10
N ARG A 294 40.28 24.54 15.73
CA ARG A 294 38.90 24.33 15.37
C ARG A 294 38.02 24.27 16.61
N GLY A 295 38.64 24.14 17.80
CA GLY A 295 37.91 24.13 19.06
C GLY A 295 37.72 25.52 19.68
N ALA A 296 38.42 26.51 19.12
CA ALA A 296 38.31 27.90 19.58
C ALA A 296 37.01 28.63 19.11
N SER A 297 36.66 29.70 19.82
CA SER A 297 35.53 30.54 19.40
C SER A 297 35.85 31.21 18.03
N VAL A 298 37.08 31.70 17.93
CA VAL A 298 37.56 32.31 16.71
C VAL A 298 38.84 31.62 16.26
N ARG A 299 38.91 31.28 14.99
CA ARG A 299 40.11 30.63 14.47
C ARG A 299 40.92 31.55 13.55
N ILE A 300 42.24 31.50 13.71
CA ILE A 300 43.18 32.10 12.77
C ILE A 300 43.77 31.00 11.90
N PRO A 301 43.42 31.03 10.61
CA PRO A 301 43.86 29.98 9.67
C PRO A 301 45.38 29.95 9.59
N TRP A 302 45.93 28.78 9.33
CA TRP A 302 47.37 28.60 9.32
C TRP A 302 48.04 29.47 8.23
N GLN A 303 47.35 29.69 7.10
CA GLN A 303 47.89 30.53 6.02
C GLN A 303 48.02 31.95 6.48
N VAL A 304 47.06 32.41 7.28
CA VAL A 304 47.09 33.77 7.76
C VAL A 304 48.29 33.96 8.69
N GLU A 305 48.51 32.98 9.57
CA GLU A 305 49.65 33.09 10.48
C GLU A 305 50.97 32.92 9.78
N LYS A 306 51.00 32.05 8.78
CA LYS A 306 52.19 31.87 7.96
C LYS A 306 52.53 33.11 7.16
N ASP A 307 51.50 33.71 6.58
CA ASP A 307 51.70 34.82 5.66
C ASP A 307 51.76 36.16 6.41
N GLY A 308 51.43 36.16 7.70
CA GLY A 308 51.43 37.36 8.53
C GLY A 308 50.38 38.40 8.18
N LYS A 309 49.35 37.97 7.45
CA LYS A 309 48.25 38.84 7.05
C LYS A 309 47.08 37.95 6.58
N GLY A 310 45.89 38.53 6.49
CA GLY A 310 44.71 37.72 6.18
C GLY A 310 43.42 38.17 6.82
N TYR A 311 42.69 37.21 7.38
CA TYR A 311 41.37 37.42 8.00
C TYR A 311 41.28 36.55 9.24
N ILE A 312 40.18 36.66 9.96
CA ILE A 312 39.92 35.75 11.05
C ILE A 312 38.57 35.09 10.82
N GLU A 313 38.37 33.92 11.42
CA GLU A 313 37.15 33.16 11.26
C GLU A 313 36.45 33.05 12.59
N ASP A 314 35.22 33.59 12.63
CA ASP A 314 34.39 33.47 13.81
C ASP A 314 33.51 32.24 13.66
N ARG A 315 33.75 31.23 14.50
CA ARG A 315 33.06 29.96 14.38
C ARG A 315 31.77 29.88 15.24
N ARG A 316 31.49 30.92 16.01
CA ARG A 316 30.31 30.97 16.88
C ARG A 316 28.90 31.14 16.24
N PRO A 317 28.75 31.91 15.15
CA PRO A 317 27.34 32.14 14.72
C PRO A 317 26.59 30.89 14.23
N ASN A 318 25.33 30.80 14.63
CA ASN A 318 24.45 29.71 14.22
C ASN A 318 24.06 29.85 12.77
N ALA A 319 23.59 28.76 12.17
CA ALA A 319 23.06 28.80 10.80
C ALA A 319 21.83 29.71 10.72
N ASN A 320 21.15 29.93 11.86
CA ASN A 320 19.97 30.79 11.87
C ASN A 320 20.25 32.23 12.29
N VAL A 321 21.51 32.63 12.29
CA VAL A 321 21.84 34.03 12.60
C VAL A 321 21.34 34.97 11.50
N ASP A 322 20.92 36.16 11.90
CA ASP A 322 20.63 37.24 10.96
C ASP A 322 21.98 37.83 10.53
N PRO A 323 22.27 37.80 9.21
CA PRO A 323 23.52 38.34 8.69
C PRO A 323 23.71 39.83 8.99
N TYR A 324 22.60 40.59 9.00
CA TYR A 324 22.65 42.01 9.31
C TYR A 324 23.21 42.25 10.70
N VAL A 325 22.84 41.37 11.62
CA VAL A 325 23.28 41.44 13.00
C VAL A 325 24.74 41.01 13.25
N VAL A 326 25.13 39.83 12.76
CA VAL A 326 26.49 39.34 12.99
C VAL A 326 27.51 40.27 12.33
N THR A 327 27.19 40.76 11.14
CA THR A 327 28.07 41.70 10.45
C THR A 327 28.18 43.02 11.24
N ARG A 328 27.05 43.53 11.75
CA ARG A 328 27.05 44.80 12.49
C ARG A 328 27.93 44.70 13.74
N LEU A 329 27.75 43.59 14.47
CA LEU A 329 28.43 43.34 15.73
C LEU A 329 29.94 43.20 15.56
N LEU A 330 30.35 42.47 14.52
CA LEU A 330 31.76 42.28 14.26
C LEU A 330 32.42 43.60 13.87
N VAL A 331 31.74 44.40 13.05
CA VAL A 331 32.27 45.71 12.69
C VAL A 331 32.34 46.63 13.90
N ASP A 332 31.30 46.64 14.73
CA ASP A 332 31.30 47.54 15.87
C ASP A 332 32.46 47.17 16.77
N THR A 333 32.53 45.90 17.14
CA THR A 333 33.55 45.49 18.08
C THR A 333 34.96 45.61 17.54
N CYS A 334 35.22 44.95 16.42
CA CYS A 334 36.57 44.88 15.88
C CYS A 334 37.12 46.21 15.35
N CYS A 335 36.33 46.88 14.51
CA CYS A 335 36.77 48.12 13.85
C CYS A 335 36.99 49.24 14.86
N THR A 336 36.18 49.23 15.91
CA THR A 336 36.34 50.20 16.99
C THR A 336 37.65 49.96 17.72
N ALA A 337 37.93 48.69 18.02
CA ALA A 337 39.16 48.37 18.71
C ALA A 337 40.36 48.68 17.82
N LEU A 338 40.25 48.46 16.52
CA LEU A 338 41.34 48.76 15.58
C LEU A 338 41.59 50.26 15.42
N GLU A 339 40.51 51.02 15.53
CA GLU A 339 40.60 52.46 15.48
C GLU A 339 41.40 52.95 16.69
N LYS A 340 41.09 52.41 17.87
CA LYS A 340 41.79 52.78 19.08
C LYS A 340 43.26 52.41 18.98
N ALA A 341 43.54 51.25 18.41
CA ALA A 341 44.92 50.78 18.27
C ALA A 341 45.70 51.50 17.16
N GLY A 342 45.00 52.27 16.33
CA GLY A 342 45.66 52.98 15.25
C GLY A 342 45.92 52.07 14.06
N GLN A 343 45.35 50.88 14.10
CA GLN A 343 45.59 49.91 13.06
C GLN A 343 44.49 49.96 12.00
N VAL A 344 44.40 51.11 11.34
CA VAL A 344 43.37 51.38 10.35
C VAL A 344 44.03 51.71 9.02
N HIS B 1 -7.28 32.18 -45.40
CA HIS B 1 -7.36 32.07 -43.94
C HIS B 1 -7.13 30.68 -43.26
N MET B 2 -7.10 30.79 -41.94
CA MET B 2 -6.59 29.84 -40.96
C MET B 2 -7.68 29.15 -40.12
N THR B 3 -7.33 28.02 -39.50
CA THR B 3 -8.29 27.32 -38.68
C THR B 3 -7.71 27.41 -37.29
N PHE B 4 -8.60 27.78 -36.38
CA PHE B 4 -8.30 27.92 -34.98
C PHE B 4 -9.42 27.49 -34.05
N LYS B 5 -9.02 27.25 -32.81
CA LYS B 5 -9.92 26.79 -31.77
C LYS B 5 -10.39 28.03 -30.99
N ALA B 6 -11.69 28.10 -30.72
CA ALA B 6 -12.27 29.18 -29.90
C ALA B 6 -13.03 28.55 -28.72
N GLU B 7 -12.63 28.91 -27.50
CA GLU B 7 -13.29 28.40 -26.31
C GLU B 7 -14.33 29.41 -25.83
N TYR B 8 -15.59 29.04 -25.98
CA TYR B 8 -16.71 29.89 -25.62
C TYR B 8 -17.05 29.69 -24.16
N ILE B 9 -16.95 30.77 -23.38
CA ILE B 9 -17.14 30.65 -21.95
C ILE B 9 -18.34 31.45 -21.50
N TRP B 10 -19.18 30.88 -20.63
CA TRP B 10 -20.30 31.64 -20.10
C TRP B 10 -20.64 31.28 -18.66
N ILE B 11 -21.54 32.06 -18.08
CA ILE B 11 -21.99 31.84 -16.73
C ILE B 11 -23.42 31.31 -16.75
N ASP B 12 -23.69 30.25 -15.97
CA ASP B 12 -25.03 29.64 -15.97
C ASP B 12 -26.02 30.31 -14.98
N GLY B 13 -27.15 29.64 -14.74
CA GLY B 13 -28.19 30.13 -13.85
C GLY B 13 -28.31 29.31 -12.57
N THR B 14 -27.23 28.64 -12.19
CA THR B 14 -27.21 27.83 -10.97
C THR B 14 -27.41 28.68 -9.69
N GLU B 15 -28.10 28.10 -8.72
CA GLU B 15 -28.40 28.82 -7.47
C GLU B 15 -27.84 28.05 -6.29
N PRO B 16 -27.35 28.78 -5.25
CA PRO B 16 -27.26 30.24 -5.10
C PRO B 16 -26.17 30.89 -5.93
N THR B 17 -25.14 30.13 -6.28
CA THR B 17 -23.99 30.66 -7.00
C THR B 17 -23.89 30.02 -8.39
N ALA B 18 -23.81 30.88 -9.41
CA ALA B 18 -23.71 30.47 -10.81
C ALA B 18 -22.31 29.90 -11.15
N LYS B 19 -22.26 29.05 -12.18
CA LYS B 19 -21.02 28.36 -12.54
C LYS B 19 -20.60 28.66 -13.98
N LEU B 20 -19.29 28.56 -14.19
CA LEU B 20 -18.75 28.72 -15.52
C LEU B 20 -19.05 27.54 -16.38
N ARG B 21 -19.38 27.82 -17.64
CA ARG B 21 -19.55 26.78 -18.64
C ARG B 21 -18.73 27.14 -19.85
N SER B 22 -18.28 26.10 -20.55
CA SER B 22 -17.50 26.30 -21.76
C SER B 22 -17.57 25.15 -22.77
N LYS B 23 -17.48 25.48 -24.04
CA LYS B 23 -17.22 24.45 -25.05
C LYS B 23 -16.36 24.97 -26.21
N THR B 24 -15.81 24.05 -27.00
CA THR B 24 -14.90 24.45 -28.07
C THR B 24 -15.55 24.45 -29.44
N LYS B 25 -15.31 25.55 -30.15
CA LYS B 25 -15.77 25.70 -31.52
C LYS B 25 -14.55 25.78 -32.41
N ILE B 26 -14.59 25.06 -33.52
CA ILE B 26 -13.51 25.10 -34.46
C ILE B 26 -13.88 26.05 -35.59
N ILE B 27 -13.06 27.08 -35.79
CA ILE B 27 -13.42 28.13 -36.73
C ILE B 27 -12.42 28.17 -37.90
N THR B 28 -12.95 28.22 -39.12
CA THR B 28 -12.11 28.30 -40.31
C THR B 28 -12.48 29.57 -41.06
N ALA B 29 -11.87 30.68 -40.68
CA ALA B 29 -12.20 31.96 -41.27
C ALA B 29 -11.00 32.86 -41.01
N ALA B 30 -11.02 34.07 -41.56
CA ALA B 30 -9.93 34.99 -41.33
C ALA B 30 -10.18 35.75 -40.05
N PRO B 31 -9.19 35.72 -39.13
CA PRO B 31 -9.39 36.30 -37.80
C PRO B 31 -9.59 37.81 -37.90
N ALA B 32 -10.52 38.29 -37.10
CA ALA B 32 -10.86 39.70 -36.99
C ALA B 32 -11.45 39.78 -35.60
N GLY B 33 -11.47 40.96 -35.02
CA GLY B 33 -11.72 41.06 -33.59
C GLY B 33 -13.13 41.09 -33.04
N LEU B 34 -13.50 39.98 -32.41
CA LEU B 34 -14.70 39.88 -31.56
C LEU B 34 -15.99 39.98 -32.42
N ASP B 35 -16.09 41.03 -33.22
CA ASP B 35 -17.28 41.32 -34.05
C ASP B 35 -17.48 40.29 -35.16
N ALA B 36 -16.39 39.71 -35.63
CA ALA B 36 -16.45 38.69 -36.66
C ALA B 36 -16.71 37.31 -36.03
N LEU B 37 -16.69 37.24 -34.69
CA LEU B 37 -16.91 35.95 -34.04
C LEU B 37 -18.42 35.69 -33.96
N PRO B 38 -18.83 34.49 -34.41
CA PRO B 38 -20.22 34.04 -34.51
C PRO B 38 -20.90 33.91 -33.17
N VAL B 39 -22.19 34.21 -33.14
CA VAL B 39 -23.01 33.88 -31.99
C VAL B 39 -23.24 32.38 -32.07
N TRP B 40 -23.50 31.76 -30.92
CA TRP B 40 -23.63 30.32 -30.81
C TRP B 40 -24.80 30.02 -29.86
N GLY B 41 -25.04 28.75 -29.57
CA GLY B 41 -26.16 28.40 -28.73
C GLY B 41 -25.87 27.21 -27.85
N PHE B 42 -26.74 26.90 -26.91
CA PHE B 42 -26.57 25.69 -26.12
C PHE B 42 -27.88 25.22 -25.51
N ASP B 43 -27.84 24.03 -24.92
CA ASP B 43 -29.02 23.51 -24.23
C ASP B 43 -29.09 23.90 -22.77
N GLY B 44 -30.07 24.74 -22.45
CA GLY B 44 -30.24 25.32 -21.13
C GLY B 44 -30.64 24.36 -20.02
N SER B 45 -31.32 23.28 -20.40
CA SER B 45 -31.88 22.34 -19.43
C SER B 45 -30.77 21.79 -18.57
N SER B 46 -29.60 21.61 -19.19
CA SER B 46 -28.43 21.06 -18.53
C SER B 46 -27.69 22.04 -17.59
N THR B 47 -27.99 23.35 -17.71
CA THR B 47 -27.25 24.38 -16.96
C THR B 47 -28.10 25.24 -16.00
N ASN B 48 -29.32 24.81 -15.69
CA ASN B 48 -30.23 25.53 -14.77
C ASN B 48 -30.68 26.85 -15.36
N GLN B 49 -30.57 26.97 -16.68
CA GLN B 49 -31.03 28.10 -17.46
C GLN B 49 -32.24 27.67 -18.31
N ALA B 50 -32.83 26.55 -17.92
CA ALA B 50 -34.14 26.13 -18.40
C ALA B 50 -34.68 25.18 -17.35
N GLU B 51 -34.14 23.95 -17.37
CA GLU B 51 -34.76 22.83 -16.67
C GLU B 51 -36.24 22.66 -17.05
N GLY B 52 -36.53 22.91 -18.33
CA GLY B 52 -37.89 22.97 -18.83
C GLY B 52 -37.93 22.50 -20.27
N SER B 53 -39.03 22.79 -20.96
CA SER B 53 -39.21 22.25 -22.30
C SER B 53 -39.18 23.31 -23.40
N SER B 54 -38.88 24.55 -23.03
CA SER B 54 -38.89 25.62 -24.03
C SER B 54 -37.64 26.49 -24.15
N SER B 55 -36.60 26.24 -23.34
CA SER B 55 -35.43 27.13 -23.39
C SER B 55 -34.14 26.60 -24.06
N ASP B 56 -33.80 27.29 -25.15
CA ASP B 56 -32.59 27.11 -25.93
C ASP B 56 -32.00 28.47 -25.79
N CYS B 57 -30.70 28.56 -25.63
CA CYS B 57 -30.10 29.81 -25.26
C CYS B 57 -29.08 30.20 -26.32
N VAL B 58 -28.77 31.48 -26.40
CA VAL B 58 -27.87 31.99 -27.41
C VAL B 58 -26.65 32.56 -26.72
N LEU B 59 -25.46 32.27 -27.24
CA LEU B 59 -24.22 32.81 -26.72
C LEU B 59 -23.78 33.98 -27.58
N LYS B 60 -23.64 35.17 -27.00
CA LYS B 60 -23.18 36.30 -27.78
C LYS B 60 -21.87 36.80 -27.17
N PRO B 61 -20.75 36.74 -27.92
CA PRO B 61 -19.40 37.14 -27.52
C PRO B 61 -19.34 38.59 -27.05
N VAL B 62 -18.69 38.81 -25.93
CA VAL B 62 -18.51 40.16 -25.42
C VAL B 62 -17.04 40.44 -25.18
N PHE B 63 -16.26 39.38 -25.05
CA PHE B 63 -14.85 39.53 -24.76
C PHE B 63 -14.04 38.36 -25.30
N SER B 64 -12.83 38.66 -25.75
CA SER B 64 -11.92 37.65 -26.28
C SER B 64 -10.47 37.96 -25.98
N CYS B 65 -9.66 36.91 -25.89
CA CYS B 65 -8.25 37.06 -25.57
C CYS B 65 -7.58 35.81 -26.11
N PRO B 66 -6.25 35.78 -26.16
CA PRO B 66 -5.57 34.54 -26.55
C PRO B 66 -5.79 33.41 -25.52
N ASP B 67 -5.86 32.16 -25.99
CA ASP B 67 -5.88 30.95 -25.13
C ASP B 67 -4.45 30.56 -24.80
N PRO B 68 -4.02 30.81 -23.54
CA PRO B 68 -2.66 30.58 -23.08
C PRO B 68 -2.29 29.10 -22.96
N ILE B 69 -3.27 28.26 -22.71
CA ILE B 69 -3.01 26.82 -22.61
C ILE B 69 -2.82 26.16 -23.96
N ARG B 70 -3.78 26.38 -24.86
CA ARG B 70 -3.71 25.85 -26.20
C ARG B 70 -2.63 26.52 -27.05
N GLY B 71 -2.44 27.82 -26.83
CA GLY B 71 -1.41 28.56 -27.56
C GLY B 71 -1.76 28.91 -29.00
N GLY B 72 -0.77 29.43 -29.74
CA GLY B 72 -0.93 29.76 -31.15
C GLY B 72 -2.00 30.80 -31.41
N GLU B 73 -2.89 30.47 -32.34
CA GLU B 73 -3.91 31.38 -32.80
C GLU B 73 -5.23 31.06 -32.11
N ASP B 74 -5.18 30.12 -31.16
CA ASP B 74 -6.41 29.73 -30.47
C ASP B 74 -6.78 30.83 -29.47
N ILE B 75 -8.08 30.98 -29.21
CA ILE B 75 -8.58 32.09 -28.39
C ILE B 75 -9.67 31.69 -27.40
N LEU B 76 -9.86 32.53 -26.38
CA LEU B 76 -10.98 32.39 -25.44
C LEU B 76 -12.04 33.45 -25.76
N VAL B 77 -13.30 33.03 -25.78
CA VAL B 77 -14.42 33.93 -26.06
C VAL B 77 -15.43 33.94 -24.90
N LEU B 78 -15.45 35.02 -24.13
CA LEU B 78 -16.46 35.18 -23.06
C LEU B 78 -17.77 35.72 -23.65
N CYS B 79 -18.87 35.09 -23.28
CA CYS B 79 -20.17 35.41 -23.86
C CYS B 79 -21.18 35.79 -22.79
N GLU B 80 -22.23 36.48 -23.21
CA GLU B 80 -23.39 36.67 -22.37
C GLU B 80 -24.50 35.80 -22.93
N VAL B 81 -25.48 35.51 -22.10
CA VAL B 81 -26.51 34.57 -22.49
C VAL B 81 -27.78 35.33 -22.85
N LEU B 82 -28.33 34.97 -24.01
CA LEU B 82 -29.54 35.63 -24.50
C LEU B 82 -30.62 34.59 -24.74
N ASP B 83 -31.86 35.04 -24.70
CA ASP B 83 -32.97 34.21 -25.13
C ASP B 83 -32.94 34.17 -26.66
N THR B 84 -33.76 33.30 -27.24
CA THR B 84 -33.78 33.14 -28.70
C THR B 84 -34.21 34.43 -29.42
N ASP B 85 -34.90 35.33 -28.71
CA ASP B 85 -35.30 36.62 -29.27
C ASP B 85 -34.22 37.69 -29.08
N MET B 86 -33.03 37.27 -28.64
CA MET B 86 -31.85 38.16 -28.49
C MET B 86 -31.94 39.15 -27.33
N THR B 87 -32.95 38.98 -26.49
CA THR B 87 -33.04 39.76 -25.26
C THR B 87 -32.21 39.02 -24.21
N PRO B 88 -31.80 39.72 -23.13
CA PRO B 88 -30.99 39.06 -22.11
C PRO B 88 -31.73 37.93 -21.44
N HIS B 89 -31.02 36.84 -21.20
CA HIS B 89 -31.58 35.72 -20.47
C HIS B 89 -31.68 36.17 -19.01
N PRO B 90 -32.61 35.59 -18.25
CA PRO B 90 -32.76 35.99 -16.84
C PRO B 90 -31.49 35.81 -15.99
N SER B 91 -30.66 34.82 -16.29
CA SER B 91 -29.37 34.61 -15.62
C SER B 91 -28.32 35.73 -15.91
N ASN B 92 -28.49 36.44 -17.02
CA ASN B 92 -27.53 37.45 -17.47
C ASN B 92 -27.43 38.65 -16.51
N THR B 93 -26.25 38.85 -15.92
CA THR B 93 -26.05 39.95 -14.94
C THR B 93 -25.14 41.06 -15.48
N ARG B 94 -24.54 40.79 -16.64
CA ARG B 94 -23.71 41.76 -17.32
C ARG B 94 -24.56 42.91 -17.85
N ALA B 95 -25.75 42.58 -18.36
CA ALA B 95 -26.58 43.57 -19.03
C ALA B 95 -27.02 44.72 -18.12
N ALA B 96 -27.32 44.41 -16.86
CA ALA B 96 -27.67 45.41 -15.85
C ALA B 96 -26.47 46.33 -15.56
N LEU B 97 -25.28 45.75 -15.46
CA LEU B 97 -24.06 46.51 -15.25
C LEU B 97 -23.79 47.42 -16.43
N ALA B 98 -24.07 46.93 -17.63
CA ALA B 98 -23.85 47.69 -18.87
C ALA B 98 -24.73 48.96 -18.88
N GLU B 99 -25.96 48.84 -18.38
CA GLU B 99 -26.87 49.99 -18.28
C GLU B 99 -26.33 51.07 -17.32
N LEU B 100 -25.92 50.62 -16.13
CA LEU B 100 -25.38 51.54 -15.12
C LEU B 100 -24.02 52.13 -15.45
N SER B 101 -23.22 51.34 -16.15
CA SER B 101 -21.89 51.77 -16.57
C SER B 101 -22.02 52.96 -17.52
N GLU B 102 -22.93 52.81 -18.48
CA GLU B 102 -23.23 53.84 -19.49
C GLU B 102 -23.92 55.04 -18.80
N ARG B 103 -24.82 54.75 -17.85
CA ARG B 103 -25.60 55.77 -17.12
C ARG B 103 -24.70 56.70 -16.30
N PHE B 104 -23.59 56.16 -15.77
CA PHE B 104 -22.68 56.93 -14.90
C PHE B 104 -21.28 57.07 -15.48
N ALA B 105 -21.17 56.96 -16.80
CA ALA B 105 -19.89 56.96 -17.46
C ALA B 105 -19.14 58.26 -17.24
N ALA B 106 -19.88 59.35 -17.01
CA ALA B 106 -19.27 60.65 -16.78
C ALA B 106 -18.40 60.67 -15.53
N GLN B 107 -18.78 59.90 -14.51
CA GLN B 107 -18.01 59.78 -13.28
C GLN B 107 -16.73 58.92 -13.38
N GLU B 108 -16.64 58.13 -14.46
CA GLU B 108 -15.47 57.29 -14.72
C GLU B 108 -15.12 56.36 -13.57
N PRO B 109 -16.06 55.47 -13.20
CA PRO B 109 -15.77 54.55 -12.09
C PRO B 109 -14.67 53.59 -12.49
N VAL B 110 -13.79 53.26 -11.55
CA VAL B 110 -12.68 52.35 -11.78
C VAL B 110 -12.66 51.35 -10.61
N PHE B 111 -12.32 50.09 -10.90
CA PHE B 111 -12.32 49.02 -9.88
C PHE B 111 -11.05 48.23 -9.82
N GLY B 112 -10.71 47.80 -8.61
CA GLY B 112 -9.70 46.79 -8.40
C GLY B 112 -10.33 45.69 -7.56
N ILE B 113 -10.13 44.42 -7.93
CA ILE B 113 -10.64 43.30 -7.12
C ILE B 113 -9.56 42.35 -6.62
N GLU B 114 -9.54 42.11 -5.31
CA GLU B 114 -8.57 41.21 -4.73
C GLU B 114 -9.25 39.87 -4.49
N GLN B 115 -8.96 38.92 -5.37
CA GLN B 115 -9.71 37.67 -5.44
C GLN B 115 -8.97 36.56 -4.74
N GLU B 116 -9.57 36.06 -3.66
CA GLU B 116 -8.97 35.00 -2.88
C GLU B 116 -9.56 33.66 -3.25
N TYR B 117 -8.79 32.60 -3.01
CA TYR B 117 -9.27 31.25 -3.27
C TYR B 117 -8.49 30.25 -2.45
N THR B 118 -9.05 29.06 -2.30
CA THR B 118 -8.39 28.02 -1.53
C THR B 118 -8.25 26.73 -2.35
N PHE B 119 -7.06 26.16 -2.32
CA PHE B 119 -6.83 24.88 -2.99
C PHE B 119 -7.36 23.72 -2.17
N PHE B 120 -7.92 22.75 -2.87
CA PHE B 120 -8.41 21.53 -2.27
C PHE B 120 -7.94 20.32 -3.05
N LYS B 121 -7.72 19.23 -2.35
CA LYS B 121 -7.51 17.96 -2.99
C LYS B 121 -8.64 17.03 -2.57
N GLY B 122 -9.60 16.87 -3.46
CA GLY B 122 -10.84 16.23 -3.07
C GLY B 122 -11.55 17.06 -2.02
N THR B 123 -11.98 16.40 -0.95
CA THR B 123 -12.62 17.08 0.19
C THR B 123 -11.61 17.64 1.19
N ARG B 124 -10.34 17.33 0.98
CA ARG B 124 -9.32 17.77 1.92
C ARG B 124 -8.68 19.08 1.45
N PRO B 125 -8.53 20.06 2.36
CA PRO B 125 -7.75 21.25 1.99
C PRO B 125 -6.30 20.86 1.65
N LEU B 126 -5.79 21.45 0.57
CA LEU B 126 -4.48 21.05 0.05
C LEU B 126 -3.36 21.25 1.05
N GLY B 127 -3.51 22.24 1.93
CA GLY B 127 -2.51 22.55 2.93
C GLY B 127 -2.75 21.81 4.25
N PHE B 128 -3.76 20.94 4.30
CA PHE B 128 -4.11 20.23 5.52
C PHE B 128 -3.62 18.81 5.43
N PRO B 129 -3.21 18.25 6.58
CA PRO B 129 -2.85 16.83 6.62
C PRO B 129 -4.12 15.98 6.65
N GLU B 130 -4.01 14.75 6.20
CA GLU B 130 -5.18 13.87 6.21
C GLU B 130 -5.66 13.61 7.64
N GLY B 131 -6.94 13.88 7.89
CA GLY B 131 -7.54 13.61 9.18
C GLY B 131 -7.24 14.62 10.27
N GLY B 132 -6.67 15.76 9.90
CA GLY B 132 -6.20 16.69 10.91
C GLY B 132 -6.08 18.15 10.50
N PHE B 133 -5.33 18.88 11.33
CA PHE B 133 -5.12 20.32 11.17
C PHE B 133 -3.62 20.58 11.12
N PRO B 134 -3.20 21.61 10.35
CA PRO B 134 -1.79 22.04 10.31
C PRO B 134 -1.50 22.96 11.47
N ALA B 135 -0.28 23.47 11.55
CA ALA B 135 0.08 24.41 12.62
C ALA B 135 -0.80 25.65 12.42
N ALA B 136 -1.01 26.42 13.48
CA ALA B 136 -1.92 27.57 13.48
C ALA B 136 -1.40 28.67 12.55
N GLN B 137 -2.27 29.61 12.17
CA GLN B 137 -1.88 30.61 11.17
C GLN B 137 -0.77 31.56 11.66
N GLY B 138 0.01 32.06 10.71
CA GLY B 138 1.09 32.98 11.02
C GLY B 138 2.24 32.86 10.05
N GLY B 139 2.65 31.64 9.68
CA GLY B 139 3.76 31.46 8.76
C GLY B 139 3.38 31.23 7.30
N TYR B 140 2.09 31.05 7.01
CA TYR B 140 1.62 30.83 5.64
C TYR B 140 1.56 32.07 4.74
N TYR B 141 1.23 33.19 5.35
CA TYR B 141 0.91 34.41 4.60
C TYR B 141 2.18 35.00 3.99
N CYS B 142 2.19 35.11 2.65
CA CYS B 142 3.38 35.60 1.94
C CYS B 142 4.60 34.74 2.25
N GLY B 143 4.36 33.46 2.48
CA GLY B 143 5.40 32.54 2.90
C GLY B 143 6.32 31.96 1.86
N VAL B 144 7.28 31.18 2.34
CA VAL B 144 8.16 30.44 1.46
C VAL B 144 8.55 29.12 2.13
N GLY B 145 8.77 28.09 1.31
CA GLY B 145 9.15 26.78 1.85
C GLY B 145 8.05 25.73 1.85
N SER B 146 8.43 24.46 1.71
CA SER B 146 7.48 23.33 1.58
C SER B 146 6.57 23.12 2.80
N ASP B 147 7.06 23.47 3.99
CA ASP B 147 6.26 23.35 5.22
C ASP B 147 5.02 24.26 5.25
N GLU B 148 5.14 25.45 4.65
CA GLU B 148 4.10 26.47 4.74
C GLU B 148 3.45 26.88 3.42
N ILE B 149 3.97 26.35 2.31
CA ILE B 149 3.49 26.74 1.00
C ILE B 149 2.92 25.57 0.20
N PHE B 150 1.67 25.71 -0.23
CA PHE B 150 0.98 24.66 -0.98
C PHE B 150 0.31 25.17 -2.24
N GLY B 151 0.66 24.57 -3.38
CA GLY B 151 0.03 24.90 -4.66
C GLY B 151 0.74 25.97 -5.48
N ARG B 152 2.00 26.28 -5.14
CA ARG B 152 2.67 27.34 -5.87
C ARG B 152 2.85 27.08 -7.36
N ASP B 153 3.06 25.82 -7.73
CA ASP B 153 3.23 25.47 -9.12
C ASP B 153 1.98 25.81 -9.94
N VAL B 154 0.83 25.53 -9.36
CA VAL B 154 -0.46 25.86 -9.96
C VAL B 154 -0.63 27.38 -10.07
N VAL B 155 -0.27 28.09 -8.99
CA VAL B 155 -0.41 29.53 -8.89
C VAL B 155 0.43 30.25 -9.95
N GLU B 156 1.66 29.77 -10.12
CA GLU B 156 2.58 30.30 -11.12
C GLU B 156 2.11 30.01 -12.56
N ALA B 157 1.59 28.81 -12.78
CA ALA B 157 1.09 28.45 -14.09
C ALA B 157 -0.11 29.33 -14.45
N HIS B 158 -0.97 29.57 -13.46
CA HIS B 158 -2.15 30.42 -13.64
C HIS B 158 -1.81 31.89 -13.92
N LEU B 159 -0.85 32.44 -13.19
CA LEU B 159 -0.42 33.83 -13.38
C LEU B 159 0.16 34.03 -14.76
N GLU B 160 1.03 33.10 -15.16
CA GLU B 160 1.64 33.15 -16.49
C GLU B 160 0.58 33.05 -17.59
N ASN B 161 -0.44 32.21 -17.36
CA ASN B 161 -1.55 32.05 -18.30
C ASN B 161 -2.40 33.34 -18.43
N CYS B 162 -2.65 33.97 -17.29
CA CYS B 162 -3.42 35.21 -17.25
C CYS B 162 -2.71 36.34 -18.01
N LEU B 163 -1.40 36.46 -17.83
CA LEU B 163 -0.60 37.48 -18.51
C LEU B 163 -0.52 37.26 -20.03
N LYS B 164 -0.36 36.00 -20.41
CA LYS B 164 -0.34 35.64 -21.82
C LYS B 164 -1.71 35.96 -22.48
N ALA B 165 -2.79 35.81 -21.72
CA ALA B 165 -4.14 36.20 -22.17
C ALA B 165 -4.32 37.73 -22.19
N GLY B 166 -3.41 38.47 -21.56
CA GLY B 166 -3.51 39.92 -21.56
C GLY B 166 -4.38 40.51 -20.45
N LEU B 167 -4.73 39.70 -19.46
CA LEU B 167 -5.60 40.19 -18.38
C LEU B 167 -4.84 41.13 -17.44
N GLY B 168 -5.55 42.10 -16.87
CA GLY B 168 -4.88 43.05 -16.03
C GLY B 168 -4.68 42.60 -14.60
N ILE B 169 -3.65 41.78 -14.38
CA ILE B 169 -3.31 41.30 -13.05
C ILE B 169 -2.21 42.19 -12.51
N SER B 170 -2.40 42.73 -11.30
CA SER B 170 -1.41 43.62 -10.72
C SER B 170 -0.49 42.89 -9.71
N GLY B 171 -0.97 41.79 -9.13
CA GLY B 171 -0.15 41.06 -8.18
C GLY B 171 -0.79 39.76 -7.73
N ILE B 172 0.02 38.93 -7.07
CA ILE B 172 -0.46 37.75 -6.37
C ILE B 172 0.29 37.62 -5.07
N ASN B 173 -0.35 36.97 -4.11
CA ASN B 173 0.30 36.60 -2.86
C ASN B 173 -0.33 35.35 -2.20
N ALA B 174 0.47 34.72 -1.34
CA ALA B 174 -0.01 33.60 -0.55
C ALA B 174 -0.77 34.18 0.64
N GLU B 175 -1.92 33.60 0.95
CA GLU B 175 -2.78 34.14 2.00
C GLU B 175 -2.58 33.50 3.38
N VAL B 176 -3.37 33.97 4.35
CA VAL B 176 -3.21 33.59 5.77
C VAL B 176 -3.46 32.11 6.03
N MET B 177 -4.48 31.56 5.37
CA MET B 177 -4.75 30.12 5.46
C MET B 177 -3.84 29.28 4.53
N PRO B 178 -3.40 28.10 5.01
CA PRO B 178 -2.57 27.24 4.15
C PRO B 178 -3.29 26.76 2.89
N GLY B 179 -2.60 26.88 1.74
CA GLY B 179 -3.22 26.53 0.47
C GLY B 179 -4.19 27.58 -0.03
N GLN B 180 -4.19 28.73 0.64
CA GLN B 180 -5.00 29.87 0.26
C GLN B 180 -4.15 30.95 -0.43
N TRP B 181 -4.67 31.50 -1.52
CA TRP B 181 -3.94 32.44 -2.37
C TRP B 181 -4.82 33.59 -2.84
N GLU B 182 -4.18 34.64 -3.35
CA GLU B 182 -4.91 35.80 -3.87
C GLU B 182 -4.28 36.32 -5.14
N PHE B 183 -5.12 36.77 -6.07
CA PHE B 183 -4.64 37.58 -7.20
C PHE B 183 -5.48 38.83 -7.38
N GLN B 184 -4.83 39.90 -7.85
CA GLN B 184 -5.47 41.20 -7.96
C GLN B 184 -5.69 41.58 -9.41
N VAL B 185 -6.94 41.90 -9.74
CA VAL B 185 -7.30 42.34 -11.08
C VAL B 185 -7.64 43.82 -11.08
N GLY B 186 -7.05 44.58 -12.00
CA GLY B 186 -7.33 46.02 -12.09
C GLY B 186 -6.04 46.85 -12.17
N PRO B 187 -6.18 48.18 -12.15
CA PRO B 187 -7.44 48.92 -12.07
C PRO B 187 -8.12 48.98 -13.44
N LEU B 188 -9.44 48.81 -13.47
CA LEU B 188 -10.17 48.71 -14.72
C LEU B 188 -11.58 49.27 -14.64
N ALA B 189 -12.16 49.49 -15.80
CA ALA B 189 -13.55 49.93 -15.94
C ALA B 189 -14.45 48.74 -15.53
N PRO B 190 -15.71 49.00 -15.09
CA PRO B 190 -16.57 47.99 -14.45
C PRO B 190 -16.79 46.71 -15.29
N LEU B 191 -17.10 46.87 -16.57
CA LEU B 191 -17.26 45.72 -17.46
C LEU B 191 -15.95 44.99 -17.71
N GLU B 192 -14.86 45.74 -17.88
CA GLU B 192 -13.57 45.14 -18.17
C GLU B 192 -13.05 44.32 -16.99
N VAL B 193 -13.19 44.85 -15.78
CA VAL B 193 -12.75 44.13 -14.57
C VAL B 193 -13.57 42.88 -14.33
N SER B 194 -14.85 43.00 -14.62
CA SER B 194 -15.80 41.91 -14.41
C SER B 194 -15.59 40.80 -15.44
N ASP B 195 -15.36 41.19 -16.68
CA ASP B 195 -15.13 40.24 -17.77
C ASP B 195 -13.81 39.47 -17.55
N GLN B 196 -12.76 40.21 -17.19
CA GLN B 196 -11.42 39.64 -17.01
C GLN B 196 -11.33 38.73 -15.80
N LEU B 197 -12.03 39.11 -14.72
CA LEU B 197 -12.08 38.33 -13.49
C LEU B 197 -12.74 36.98 -13.77
N TRP B 198 -13.82 36.99 -14.56
CA TRP B 198 -14.50 35.74 -14.91
C TRP B 198 -13.60 34.83 -15.73
N VAL B 199 -12.87 35.44 -16.65
CA VAL B 199 -11.92 34.72 -17.49
C VAL B 199 -10.75 34.24 -16.62
N ALA B 200 -10.28 35.09 -15.70
CA ALA B 200 -9.19 34.71 -14.80
C ALA B 200 -9.60 33.53 -13.90
N ARG B 201 -10.87 33.53 -13.48
CA ARG B 201 -11.41 32.42 -12.73
C ARG B 201 -11.44 31.13 -13.53
N TRP B 202 -11.91 31.25 -14.78
CA TRP B 202 -12.02 30.08 -15.62
C TRP B 202 -10.65 29.47 -15.80
N LEU B 203 -9.65 30.33 -15.94
CA LEU B 203 -8.27 29.89 -16.11
C LEU B 203 -7.73 29.19 -14.87
N LEU B 204 -8.18 29.61 -13.70
CA LEU B 204 -7.76 29.02 -12.43
C LEU B 204 -8.25 27.57 -12.29
N TYR B 205 -9.54 27.37 -12.50
CA TYR B 205 -10.10 26.05 -12.43
C TYR B 205 -9.43 25.16 -13.46
N ARG B 206 -9.32 25.71 -14.66
CA ARG B 206 -8.75 24.99 -15.79
C ARG B 206 -7.27 24.67 -15.68
N THR B 207 -6.48 25.63 -15.22
CA THR B 207 -5.05 25.40 -15.02
C THR B 207 -4.81 24.33 -13.98
N ALA B 208 -5.60 24.36 -12.91
CA ALA B 208 -5.46 23.43 -11.78
C ALA B 208 -5.82 21.98 -12.15
N GLU B 209 -6.64 21.80 -13.18
CA GLU B 209 -6.98 20.46 -13.66
C GLU B 209 -5.74 19.69 -14.07
N ASP B 210 -4.79 20.37 -14.69
CA ASP B 210 -3.58 19.71 -15.14
C ASP B 210 -2.72 19.25 -13.94
N PHE B 211 -2.88 19.95 -12.81
CA PHE B 211 -2.15 19.58 -11.61
C PHE B 211 -2.98 18.66 -10.72
N GLU B 212 -4.18 18.35 -11.19
CA GLU B 212 -5.09 17.46 -10.46
C GLU B 212 -5.47 17.96 -9.07
N VAL B 213 -5.66 19.26 -8.94
CA VAL B 213 -6.15 19.81 -7.70
C VAL B 213 -7.35 20.68 -8.01
N SER B 214 -8.03 21.13 -6.96
CA SER B 214 -9.23 21.94 -7.14
C SER B 214 -9.01 23.27 -6.45
N ALA B 215 -9.74 24.26 -6.94
CA ALA B 215 -9.76 25.55 -6.30
C ALA B 215 -11.20 25.85 -5.91
N THR B 216 -11.39 26.48 -4.78
CA THR B 216 -12.75 26.83 -4.43
C THR B 216 -12.84 28.31 -4.05
N LEU B 217 -13.95 28.93 -4.39
CA LEU B 217 -14.13 30.33 -4.03
C LEU B 217 -15.10 30.39 -2.84
N ASP B 218 -15.25 29.26 -2.17
CA ASP B 218 -16.05 29.22 -0.95
C ASP B 218 -15.49 30.17 0.12
N PRO B 219 -16.38 30.98 0.73
CA PRO B 219 -16.08 32.03 1.71
C PRO B 219 -15.55 31.49 3.02
N LYS B 220 -15.99 30.29 3.43
CA LYS B 220 -15.44 29.70 4.63
C LYS B 220 -15.14 28.20 4.44
N PRO B 221 -14.07 27.88 3.70
CA PRO B 221 -13.73 26.49 3.32
C PRO B 221 -13.47 25.58 4.54
N VAL B 222 -12.86 26.16 5.59
CA VAL B 222 -12.74 25.46 6.86
C VAL B 222 -13.38 26.30 8.00
N LYS B 223 -14.23 25.66 8.80
CA LYS B 223 -14.91 26.32 9.90
C LYS B 223 -13.95 26.62 11.05
N GLY B 224 -14.23 27.68 11.82
CA GLY B 224 -13.32 27.99 12.91
C GLY B 224 -12.50 29.25 12.74
N ASP B 225 -11.26 29.21 13.25
CA ASP B 225 -10.40 30.39 13.25
C ASP B 225 -9.62 30.52 11.95
N TRP B 226 -9.79 29.52 11.08
CA TRP B 226 -9.21 29.54 9.75
C TRP B 226 -9.78 30.62 8.84
N ASN B 227 -8.90 31.27 8.09
CA ASN B 227 -9.28 32.44 7.31
C ASN B 227 -10.30 32.20 6.21
N GLY B 228 -11.21 33.16 6.12
CA GLY B 228 -12.16 33.19 5.03
C GLY B 228 -11.55 33.70 3.74
N ALA B 229 -12.27 33.43 2.66
CA ALA B 229 -11.87 33.91 1.36
C ALA B 229 -12.78 35.06 0.93
N GLY B 230 -12.20 36.24 0.73
CA GLY B 230 -13.00 37.37 0.31
C GLY B 230 -12.72 37.81 -1.11
N ALA B 231 -13.49 38.81 -1.55
CA ALA B 231 -13.17 39.51 -2.79
C ALA B 231 -13.23 41.03 -2.56
N HIS B 232 -12.22 41.56 -1.86
CA HIS B 232 -12.19 42.97 -1.52
C HIS B 232 -12.20 43.77 -2.81
N THR B 233 -13.05 44.80 -2.83
CA THR B 233 -13.21 45.61 -4.02
C THR B 233 -12.83 47.06 -3.76
N ASN B 234 -11.89 47.55 -4.56
CA ASN B 234 -11.44 48.91 -4.47
C ASN B 234 -12.15 49.71 -5.53
N PHE B 235 -12.69 50.84 -5.13
CA PHE B 235 -13.54 51.62 -6.01
C PHE B 235 -13.27 53.11 -5.86
N SER B 236 -13.26 53.79 -7.00
CA SER B 236 -13.13 55.24 -7.04
C SER B 236 -13.74 55.79 -8.31
N THR B 237 -14.04 57.08 -8.28
CA THR B 237 -14.49 57.82 -9.46
C THR B 237 -13.49 58.96 -9.63
N LYS B 238 -13.61 59.72 -10.72
CA LYS B 238 -12.65 60.81 -10.92
C LYS B 238 -12.73 61.78 -9.73
N ALA B 239 -13.94 62.09 -9.27
CA ALA B 239 -14.10 62.97 -8.12
C ALA B 239 -13.45 62.37 -6.86
N MET B 240 -13.63 61.05 -6.65
CA MET B 240 -12.99 60.40 -5.51
C MET B 240 -11.47 60.39 -5.66
N ARG B 241 -10.98 60.17 -6.88
CA ARG B 241 -9.54 60.26 -7.12
C ARG B 241 -9.01 61.70 -6.99
N GLU B 242 -9.89 62.68 -7.21
CA GLU B 242 -9.51 64.09 -7.04
C GLU B 242 -9.53 64.71 -5.64
N GLY B 243 -10.54 64.37 -4.84
CA GLY B 243 -10.72 65.02 -3.55
C GLY B 243 -11.37 64.17 -2.48
N TYR B 244 -11.14 64.58 -1.23
CA TYR B 244 -11.58 63.81 -0.08
C TYR B 244 -13.07 63.86 0.23
N ASP B 245 -13.75 64.93 -0.18
CA ASP B 245 -15.17 65.06 0.14
C ASP B 245 -15.97 63.98 -0.57
N ALA B 246 -15.57 63.69 -1.81
CA ALA B 246 -16.20 62.65 -2.62
C ALA B 246 -16.00 61.27 -1.98
N ILE B 247 -14.83 61.09 -1.38
CA ILE B 247 -14.50 59.85 -0.69
C ILE B 247 -15.47 59.57 0.47
N ILE B 248 -15.72 60.59 1.28
CA ILE B 248 -16.65 60.51 2.41
C ILE B 248 -18.08 60.28 1.95
N THR B 249 -18.47 60.95 0.86
CA THR B 249 -19.81 60.78 0.33
C THR B 249 -20.05 59.34 -0.08
N ALA B 250 -19.06 58.77 -0.76
CA ALA B 250 -19.11 57.37 -1.21
C ALA B 250 -19.21 56.39 -0.03
N ALA B 251 -18.38 56.63 0.99
CA ALA B 251 -18.36 55.80 2.18
C ALA B 251 -19.68 55.87 2.97
N GLU B 252 -20.24 57.07 3.09
CA GLU B 252 -21.52 57.26 3.75
C GLU B 252 -22.71 56.69 2.99
N SER B 253 -22.67 56.76 1.66
CA SER B 253 -23.78 56.29 0.82
C SER B 253 -24.06 54.82 1.07
N LEU B 254 -23.01 54.07 1.37
CA LEU B 254 -23.15 52.64 1.61
C LEU B 254 -23.83 52.33 2.93
N GLY B 255 -23.84 53.30 3.84
CA GLY B 255 -24.45 53.13 5.13
C GLY B 255 -25.87 53.67 5.19
N GLU B 256 -26.33 54.29 4.11
CA GLU B 256 -27.63 54.95 4.12
C GLU B 256 -28.76 53.98 3.82
N GLY B 257 -29.91 54.21 4.45
CA GLY B 257 -31.15 53.50 4.16
C GLY B 257 -31.04 51.99 4.27
N SER B 258 -31.42 51.29 3.21
CA SER B 258 -31.39 49.82 3.17
C SER B 258 -30.17 49.29 2.39
N LYS B 259 -29.26 50.20 2.01
CA LYS B 259 -28.11 49.88 1.19
C LYS B 259 -27.14 48.82 1.79
N PRO B 260 -26.94 48.81 3.13
CA PRO B 260 -26.05 47.77 3.67
C PRO B 260 -26.56 46.36 3.42
N MET B 261 -27.84 46.10 3.72
CA MET B 261 -28.46 44.80 3.46
C MET B 261 -28.63 44.48 1.98
N ASP B 262 -28.93 45.51 1.18
CA ASP B 262 -29.09 45.37 -0.26
C ASP B 262 -27.79 44.84 -0.87
N HIS B 263 -26.66 45.40 -0.43
CA HIS B 263 -25.36 44.92 -0.88
C HIS B 263 -25.03 43.53 -0.31
N VAL B 264 -25.16 43.37 1.00
CA VAL B 264 -24.72 42.16 1.66
C VAL B 264 -25.44 40.89 1.17
N LYS B 265 -26.72 41.03 0.82
CA LYS B 265 -27.51 39.89 0.36
C LYS B 265 -27.20 39.56 -1.11
N ASN B 266 -26.37 40.37 -1.75
CA ASN B 266 -25.92 40.09 -3.11
C ASN B 266 -24.40 39.90 -3.16
N TYR B 267 -23.76 39.77 -2.00
CA TYR B 267 -22.31 39.76 -1.96
C TYR B 267 -21.76 38.35 -1.89
N GLY B 268 -22.62 37.38 -2.15
CA GLY B 268 -22.18 36.00 -2.24
C GLY B 268 -22.87 35.09 -1.24
N ALA B 269 -23.00 33.82 -1.62
CA ALA B 269 -23.69 32.85 -0.78
C ALA B 269 -22.80 32.45 0.39
N GLY B 270 -23.41 32.37 1.58
CA GLY B 270 -22.69 31.99 2.78
C GLY B 270 -21.91 33.12 3.43
N ILE B 271 -22.31 34.34 3.14
CA ILE B 271 -21.65 35.52 3.67
C ILE B 271 -21.70 35.59 5.20
N ASP B 272 -22.78 35.07 5.79
CA ASP B 272 -22.90 35.01 7.26
C ASP B 272 -21.83 34.17 7.94
N ASP B 273 -21.35 33.12 7.26
CA ASP B 273 -20.24 32.31 7.79
C ASP B 273 -18.89 33.00 7.81
N ARG B 274 -18.64 33.87 6.84
CA ARG B 274 -17.39 34.59 6.77
C ARG B 274 -17.41 35.91 7.51
N LEU B 275 -18.48 36.69 7.34
CA LEU B 275 -18.46 37.99 8.00
C LEU B 275 -19.03 37.88 9.40
N THR B 276 -18.15 37.58 10.34
CA THR B 276 -18.49 37.41 11.74
C THR B 276 -17.83 38.55 12.49
N GLY B 277 -18.26 38.81 13.73
CA GLY B 277 -17.66 39.87 14.51
C GLY B 277 -16.20 39.65 14.88
N LEU B 278 -15.89 38.45 15.37
CA LEU B 278 -14.65 38.20 16.11
C LEU B 278 -13.44 38.50 15.28
N HIS B 279 -13.36 37.98 14.06
CA HIS B 279 -12.25 38.33 13.20
C HIS B 279 -12.76 39.25 12.09
N GLU B 280 -11.95 39.34 11.05
CA GLU B 280 -12.27 40.09 9.84
C GLU B 280 -13.52 39.56 9.12
N THR B 281 -14.39 40.47 8.72
CA THR B 281 -14.16 41.89 8.98
C THR B 281 -15.15 42.39 10.05
N ALA B 282 -16.32 42.83 9.61
CA ALA B 282 -17.33 43.34 10.52
C ALA B 282 -18.49 42.37 10.39
N PRO B 283 -19.45 42.43 11.31
CA PRO B 283 -20.55 41.48 11.14
C PRO B 283 -21.34 41.84 9.89
N TRP B 284 -21.92 40.83 9.28
CA TRP B 284 -22.66 40.98 8.04
C TRP B 284 -23.89 41.88 8.21
N ASN B 285 -24.35 42.01 9.46
CA ASN B 285 -25.58 42.75 9.78
C ASN B 285 -25.42 44.19 10.25
N GLU B 286 -24.18 44.66 10.23
CA GLU B 286 -23.88 46.05 10.57
C GLU B 286 -22.94 46.71 9.57
N TYR B 287 -23.20 47.97 9.27
CA TYR B 287 -22.32 48.71 8.38
C TYR B 287 -21.44 49.67 9.15
N SER B 288 -20.14 49.64 8.87
CA SER B 288 -19.21 50.61 9.43
C SER B 288 -18.17 51.00 8.41
N TYR B 289 -17.61 52.19 8.54
CA TYR B 289 -16.45 52.58 7.75
C TYR B 289 -15.47 53.38 8.61
N GLY B 290 -14.19 53.29 8.29
CA GLY B 290 -13.17 53.99 9.05
C GLY B 290 -11.85 54.04 8.32
N VAL B 291 -10.98 54.95 8.74
CA VAL B 291 -9.66 55.08 8.13
C VAL B 291 -8.74 54.00 8.73
N SER B 292 -8.18 53.16 7.85
CA SER B 292 -7.22 52.13 8.24
C SER B 292 -7.86 51.06 9.13
N ASP B 293 -9.19 50.95 9.09
CA ASP B 293 -9.88 50.02 9.97
C ASP B 293 -10.13 48.72 9.21
N ARG B 294 -9.36 47.70 9.56
CA ARG B 294 -9.45 46.39 8.93
C ARG B 294 -10.65 45.59 9.45
N GLY B 295 -11.24 46.09 10.54
CA GLY B 295 -12.42 45.51 11.14
C GLY B 295 -13.70 46.12 10.60
N ALA B 296 -13.57 47.22 9.84
CA ALA B 296 -14.70 47.90 9.20
C ALA B 296 -15.28 47.22 7.97
N SER B 297 -16.52 47.55 7.64
CA SER B 297 -17.16 47.07 6.41
C SER B 297 -16.43 47.64 5.19
N VAL B 298 -16.14 48.95 5.28
CA VAL B 298 -15.41 49.67 4.24
C VAL B 298 -14.18 50.36 4.82
N ARG B 299 -13.03 50.21 4.18
CA ARG B 299 -11.83 50.86 4.68
C ARG B 299 -11.35 52.01 3.81
N ILE B 300 -10.94 53.09 4.49
CA ILE B 300 -10.23 54.16 3.83
C ILE B 300 -8.77 54.00 4.19
N PRO B 301 -7.95 53.67 3.18
CA PRO B 301 -6.52 53.40 3.34
C PRO B 301 -5.81 54.63 3.90
N TRP B 302 -4.73 54.41 4.65
CA TRP B 302 -4.04 55.51 5.32
C TRP B 302 -3.47 56.55 4.33
N GLN B 303 -3.03 56.07 3.16
CA GLN B 303 -2.48 56.92 2.10
C GLN B 303 -3.56 57.86 1.53
N VAL B 304 -4.78 57.33 1.40
CA VAL B 304 -5.89 58.06 0.83
C VAL B 304 -6.23 59.23 1.74
N GLU B 305 -6.23 58.97 3.03
CA GLU B 305 -6.51 60.02 4.03
C GLU B 305 -5.36 61.03 4.05
N LYS B 306 -4.13 60.54 3.87
CA LYS B 306 -2.97 61.43 3.80
C LYS B 306 -2.99 62.35 2.57
N ASP B 307 -3.33 61.78 1.41
CA ASP B 307 -3.26 62.51 0.15
C ASP B 307 -4.54 63.26 -0.10
N GLY B 308 -5.56 63.00 0.71
CA GLY B 308 -6.85 63.67 0.56
C GLY B 308 -7.57 63.29 -0.74
N LYS B 309 -7.15 62.17 -1.33
CA LYS B 309 -7.75 61.68 -2.56
C LYS B 309 -7.35 60.22 -2.74
N GLY B 310 -8.05 59.50 -3.61
CA GLY B 310 -7.79 58.08 -3.74
C GLY B 310 -9.02 57.25 -4.06
N TYR B 311 -9.15 56.15 -3.33
CA TYR B 311 -10.23 55.20 -3.55
C TYR B 311 -10.70 54.71 -2.19
N ILE B 312 -11.73 53.87 -2.20
CA ILE B 312 -12.15 53.17 -0.99
C ILE B 312 -12.17 51.68 -1.21
N GLU B 313 -12.09 50.94 -0.11
CA GLU B 313 -12.07 49.49 -0.18
C GLU B 313 -13.27 48.90 0.54
N ASP B 314 -14.11 48.18 -0.20
CA ASP B 314 -15.24 47.47 0.37
C ASP B 314 -14.78 46.08 0.68
N ARG B 315 -14.72 45.78 1.97
CA ARG B 315 -14.17 44.51 2.43
C ARG B 315 -15.21 43.40 2.61
N ARG B 316 -16.48 43.74 2.39
CA ARG B 316 -17.58 42.78 2.56
C ARG B 316 -17.74 41.64 1.53
N PRO B 317 -17.44 41.87 0.23
CA PRO B 317 -17.79 40.78 -0.70
C PRO B 317 -17.02 39.47 -0.50
N ASN B 318 -17.76 38.37 -0.64
CA ASN B 318 -17.21 37.02 -0.56
C ASN B 318 -16.39 36.74 -1.81
N ALA B 319 -15.52 35.75 -1.72
CA ALA B 319 -14.75 35.27 -2.87
C ALA B 319 -15.69 34.73 -3.98
N ASN B 320 -16.89 34.32 -3.60
CA ASN B 320 -17.86 33.78 -4.54
C ASN B 320 -18.86 34.84 -5.02
N VAL B 321 -18.57 36.12 -4.81
CA VAL B 321 -19.48 37.15 -5.34
C VAL B 321 -19.44 37.14 -6.86
N ASP B 322 -20.59 37.42 -7.48
CA ASP B 322 -20.61 37.67 -8.92
C ASP B 322 -20.07 39.09 -9.13
N PRO B 323 -18.96 39.21 -9.87
CA PRO B 323 -18.33 40.51 -10.15
C PRO B 323 -19.25 41.50 -10.90
N TYR B 324 -20.09 40.99 -11.79
CA TYR B 324 -21.04 41.84 -12.50
C TYR B 324 -21.99 42.52 -11.53
N VAL B 325 -22.37 41.77 -10.50
CA VAL B 325 -23.30 42.27 -9.50
C VAL B 325 -22.70 43.29 -8.53
N VAL B 326 -21.56 42.96 -7.94
CA VAL B 326 -20.92 43.84 -6.97
C VAL B 326 -20.50 45.18 -7.57
N THR B 327 -19.99 45.13 -8.80
CA THR B 327 -19.60 46.35 -9.49
C THR B 327 -20.84 47.16 -9.76
N ARG B 328 -21.92 46.51 -10.19
CA ARG B 328 -23.14 47.24 -10.49
C ARG B 328 -23.67 47.96 -9.24
N LEU B 329 -23.72 47.26 -8.11
CA LEU B 329 -24.26 47.83 -6.88
C LEU B 329 -23.43 49.00 -6.37
N LEU B 330 -22.10 48.85 -6.40
CA LEU B 330 -21.22 49.92 -5.95
C LEU B 330 -21.36 51.14 -6.83
N VAL B 331 -21.43 50.92 -8.15
CA VAL B 331 -21.62 52.01 -9.10
C VAL B 331 -23.00 52.62 -8.85
N ASP B 332 -24.00 51.78 -8.68
CA ASP B 332 -25.35 52.27 -8.47
C ASP B 332 -25.42 53.11 -7.20
N THR B 333 -24.98 52.53 -6.08
CA THR B 333 -25.12 53.22 -4.79
C THR B 333 -24.24 54.47 -4.70
N CYS B 334 -22.95 54.32 -4.91
CA CYS B 334 -22.02 55.43 -4.73
C CYS B 334 -22.16 56.54 -5.76
N CYS B 335 -22.21 56.17 -7.04
CA CYS B 335 -22.27 57.17 -8.09
C CYS B 335 -23.54 57.99 -8.03
N THR B 336 -24.62 57.36 -7.60
CA THR B 336 -25.91 58.02 -7.43
C THR B 336 -25.85 59.07 -6.32
N ALA B 337 -25.24 58.70 -5.19
CA ALA B 337 -25.09 59.60 -4.05
C ALA B 337 -24.19 60.78 -4.42
N LEU B 338 -23.17 60.49 -5.24
CA LEU B 338 -22.23 61.48 -5.75
C LEU B 338 -22.93 62.45 -6.73
N GLU B 339 -23.89 61.93 -7.49
CA GLU B 339 -24.66 62.81 -8.37
C GLU B 339 -25.45 63.80 -7.52
N LYS B 340 -26.12 63.31 -6.48
CA LYS B 340 -26.88 64.18 -5.57
C LYS B 340 -26.03 65.18 -4.84
N ALA B 341 -24.85 64.77 -4.40
CA ALA B 341 -24.00 65.67 -3.64
C ALA B 341 -23.36 66.69 -4.58
N GLY B 342 -23.49 66.45 -5.87
CA GLY B 342 -22.93 67.35 -6.85
C GLY B 342 -21.45 67.11 -7.03
N GLN B 343 -20.95 66.03 -6.43
CA GLN B 343 -19.53 65.74 -6.48
C GLN B 343 -19.27 64.76 -7.63
N VAL B 344 -19.55 65.21 -8.84
CA VAL B 344 -19.44 64.37 -10.02
C VAL B 344 -18.48 65.00 -11.02
N HIS C 1 14.58 6.97 -52.87
CA HIS C 1 13.22 7.27 -52.45
C HIS C 1 13.04 6.88 -50.99
N MET C 2 11.89 7.22 -50.42
CA MET C 2 11.78 7.23 -48.96
C MET C 2 10.91 6.11 -48.43
N THR C 3 11.09 5.84 -47.15
CA THR C 3 10.36 4.81 -46.49
C THR C 3 9.49 5.50 -45.44
N PHE C 4 8.24 5.06 -45.42
CA PHE C 4 7.26 5.56 -44.48
C PHE C 4 6.30 4.47 -44.00
N LYS C 5 5.66 4.76 -42.89
CA LYS C 5 4.74 3.84 -42.26
C LYS C 5 3.32 4.12 -42.72
N ALA C 6 2.59 3.07 -43.07
CA ALA C 6 1.20 3.22 -43.43
C ALA C 6 0.37 2.34 -42.50
N GLU C 7 -0.56 2.96 -41.78
CA GLU C 7 -1.41 2.19 -40.89
C GLU C 7 -2.72 1.88 -41.59
N TYR C 8 -2.92 0.61 -41.92
CA TYR C 8 -4.11 0.20 -42.63
C TYR C 8 -5.22 -0.10 -41.61
N ILE C 9 -6.32 0.63 -41.72
CA ILE C 9 -7.38 0.54 -40.75
C ILE C 9 -8.61 0.03 -41.45
N TRP C 10 -9.30 -0.94 -40.83
CA TRP C 10 -10.55 -1.43 -41.37
C TRP C 10 -11.57 -1.81 -40.30
N ILE C 11 -12.80 -2.08 -40.74
CA ILE C 11 -13.89 -2.50 -39.84
C ILE C 11 -14.20 -3.97 -40.09
N ASP C 12 -14.33 -4.75 -39.01
CA ASP C 12 -14.58 -6.21 -39.08
C ASP C 12 -16.03 -6.69 -39.22
N GLY C 13 -16.23 -7.99 -39.02
CA GLY C 13 -17.57 -8.58 -39.11
C GLY C 13 -18.16 -9.01 -37.76
N THR C 14 -17.66 -8.41 -36.69
CA THR C 14 -18.14 -8.71 -35.34
C THR C 14 -19.62 -8.37 -35.11
N GLU C 15 -20.31 -9.19 -34.33
CA GLU C 15 -21.72 -8.98 -34.06
C GLU C 15 -21.90 -8.88 -32.55
N PRO C 16 -22.83 -8.01 -32.10
CA PRO C 16 -23.75 -7.12 -32.83
C PRO C 16 -23.08 -5.88 -33.44
N THR C 17 -21.95 -5.48 -32.85
CA THR C 17 -21.27 -4.27 -33.27
C THR C 17 -19.90 -4.60 -33.85
N ALA C 18 -19.64 -4.13 -35.07
CA ALA C 18 -18.36 -4.37 -35.75
C ALA C 18 -17.25 -3.52 -35.10
N LYS C 19 -16.01 -3.99 -35.20
CA LYS C 19 -14.87 -3.34 -34.52
C LYS C 19 -13.77 -2.90 -35.47
N LEU C 20 -13.05 -1.85 -35.06
CA LEU C 20 -11.90 -1.40 -35.83
C LEU C 20 -10.70 -2.33 -35.73
N ARG C 21 -10.02 -2.52 -36.86
CA ARG C 21 -8.77 -3.26 -36.90
C ARG C 21 -7.72 -2.47 -37.63
N SER C 22 -6.45 -2.68 -37.29
CA SER C 22 -5.37 -1.97 -37.96
C SER C 22 -4.05 -2.74 -37.94
N LYS C 23 -3.25 -2.56 -39.00
CA LYS C 23 -1.85 -2.98 -38.96
C LYS C 23 -0.93 -2.05 -39.74
N THR C 24 0.37 -2.18 -39.48
CA THR C 24 1.36 -1.29 -40.10
C THR C 24 2.08 -1.95 -41.27
N LYS C 25 2.15 -1.21 -42.37
CA LYS C 25 2.87 -1.58 -43.57
C LYS C 25 4.01 -0.59 -43.80
N ILE C 26 5.18 -1.12 -44.11
CA ILE C 26 6.30 -0.26 -44.40
C ILE C 26 6.38 -0.13 -45.91
N ILE C 27 6.26 1.11 -46.38
CA ILE C 27 6.17 1.32 -47.81
C ILE C 27 7.41 2.08 -48.25
N THR C 28 8.02 1.60 -49.32
CA THR C 28 9.19 2.23 -49.88
C THR C 28 8.89 2.64 -51.32
N ALA C 29 8.32 3.83 -51.48
CA ALA C 29 7.92 4.30 -52.80
C ALA C 29 7.82 5.81 -52.74
N ALA C 30 7.56 6.44 -53.88
CA ALA C 30 7.42 7.90 -53.93
C ALA C 30 5.98 8.21 -53.57
N PRO C 31 5.78 9.08 -52.55
CA PRO C 31 4.41 9.27 -52.07
C PRO C 31 3.48 9.88 -53.12
N ALA C 32 2.27 9.34 -53.15
CA ALA C 32 1.21 9.77 -54.03
C ALA C 32 -0.09 9.32 -53.36
N GLY C 33 -1.19 9.96 -53.73
CA GLY C 33 -2.43 9.85 -52.97
C GLY C 33 -3.36 8.70 -53.28
N LEU C 34 -3.42 7.74 -52.36
CA LEU C 34 -4.44 6.69 -52.31
C LEU C 34 -4.37 5.63 -53.41
N ASP C 35 -4.37 6.11 -54.65
CA ASP C 35 -4.40 5.27 -55.83
C ASP C 35 -3.07 4.52 -55.97
N ALA C 36 -2.00 5.15 -55.47
CA ALA C 36 -0.67 4.56 -55.48
C ALA C 36 -0.47 3.66 -54.27
N LEU C 37 -1.45 3.68 -53.36
CA LEU C 37 -1.35 2.86 -52.15
C LEU C 37 -1.79 1.44 -52.52
N PRO C 38 -0.95 0.46 -52.16
CA PRO C 38 -1.16 -0.96 -52.50
C PRO C 38 -2.40 -1.52 -51.81
N VAL C 39 -3.10 -2.42 -52.48
CA VAL C 39 -4.12 -3.20 -51.78
C VAL C 39 -3.34 -4.22 -50.97
N TRP C 40 -3.96 -4.70 -49.90
CA TRP C 40 -3.31 -5.58 -48.96
C TRP C 40 -4.30 -6.68 -48.57
N GLY C 41 -3.91 -7.56 -47.67
CA GLY C 41 -4.81 -8.63 -47.32
C GLY C 41 -4.64 -8.95 -45.86
N PHE C 42 -5.52 -9.77 -45.34
CA PHE C 42 -5.38 -10.22 -43.98
C PHE C 42 -6.10 -11.52 -43.79
N ASP C 43 -5.90 -12.12 -42.61
CA ASP C 43 -6.59 -13.34 -42.22
C ASP C 43 -7.91 -13.08 -41.51
N GLY C 44 -8.99 -13.46 -42.20
CA GLY C 44 -10.34 -13.20 -41.73
C GLY C 44 -10.79 -13.97 -40.50
N SER C 45 -10.22 -15.16 -40.30
CA SER C 45 -10.67 -16.07 -39.23
C SER C 45 -10.59 -15.39 -37.87
N SER C 46 -9.55 -14.58 -37.73
CA SER C 46 -9.24 -13.85 -36.51
C SER C 46 -10.15 -12.63 -36.26
N THR C 47 -10.89 -12.21 -37.29
CA THR C 47 -11.66 -10.96 -37.21
C THR C 47 -13.20 -11.11 -37.37
N ASN C 48 -13.70 -12.34 -37.25
CA ASN C 48 -15.13 -12.62 -37.35
C ASN C 48 -15.61 -12.37 -38.79
N GLN C 49 -14.64 -12.37 -39.71
CA GLN C 49 -14.92 -12.23 -41.13
C GLN C 49 -14.63 -13.59 -41.75
N ALA C 50 -14.57 -14.56 -40.84
CA ALA C 50 -14.64 -15.97 -41.15
C ALA C 50 -15.04 -16.73 -39.87
N GLU C 51 -14.09 -16.91 -38.95
CA GLU C 51 -14.20 -17.90 -37.86
C GLU C 51 -14.58 -19.25 -38.47
N GLY C 52 -14.00 -19.48 -39.64
CA GLY C 52 -14.32 -20.60 -40.51
C GLY C 52 -13.03 -20.90 -41.24
N SER C 53 -13.12 -21.66 -42.32
CA SER C 53 -11.91 -22.12 -43.01
C SER C 53 -11.69 -21.55 -44.43
N SER C 54 -12.52 -20.60 -44.87
CA SER C 54 -12.36 -20.11 -46.26
C SER C 54 -12.21 -18.61 -46.52
N SER C 55 -12.21 -17.75 -45.50
CA SER C 55 -12.14 -16.33 -45.84
C SER C 55 -10.79 -15.61 -45.62
N ASP C 56 -10.27 -15.15 -46.75
CA ASP C 56 -9.09 -14.34 -46.82
C ASP C 56 -9.65 -13.11 -47.46
N CYS C 57 -9.22 -11.96 -47.00
CA CYS C 57 -9.86 -10.71 -47.35
C CYS C 57 -8.88 -9.76 -47.99
N VAL C 58 -9.42 -8.79 -48.74
CA VAL C 58 -8.56 -7.86 -49.44
C VAL C 58 -8.84 -6.50 -48.83
N LEU C 59 -7.76 -5.75 -48.56
CA LEU C 59 -7.85 -4.39 -48.05
C LEU C 59 -7.63 -3.44 -49.24
N LYS C 60 -8.61 -2.57 -49.50
CA LYS C 60 -8.54 -1.57 -50.56
C LYS C 60 -8.67 -0.18 -49.98
N PRO C 61 -7.61 0.64 -50.13
CA PRO C 61 -7.62 2.01 -49.60
C PRO C 61 -8.78 2.80 -50.16
N VAL C 62 -9.50 3.50 -49.29
CA VAL C 62 -10.60 4.36 -49.69
C VAL C 62 -10.42 5.79 -49.19
N PHE C 63 -9.57 5.92 -48.17
CA PHE C 63 -9.32 7.21 -47.55
C PHE C 63 -7.94 7.27 -46.95
N SER C 64 -7.33 8.44 -47.02
CA SER C 64 -6.02 8.52 -46.41
C SER C 64 -5.74 9.88 -45.81
N CYS C 65 -4.91 9.93 -44.78
CA CYS C 65 -4.60 11.20 -44.13
C CYS C 65 -3.28 11.02 -43.41
N PRO C 66 -2.68 12.13 -42.96
CA PRO C 66 -1.45 12.01 -42.15
C PRO C 66 -1.72 11.34 -40.79
N ASP C 67 -0.73 10.59 -40.32
CA ASP C 67 -0.74 10.02 -38.99
C ASP C 67 -0.20 11.05 -37.99
N PRO C 68 -1.11 11.64 -37.18
CA PRO C 68 -0.80 12.70 -36.22
C PRO C 68 0.02 12.18 -35.05
N ILE C 69 -0.13 10.90 -34.73
CA ILE C 69 0.67 10.30 -33.64
C ILE C 69 2.11 9.99 -34.04
N ARG C 70 2.28 9.27 -35.12
CA ARG C 70 3.61 8.96 -35.62
C ARG C 70 4.29 10.21 -36.18
N GLY C 71 3.52 11.08 -36.83
CA GLY C 71 4.08 12.32 -37.37
C GLY C 71 4.87 12.10 -38.66
N GLY C 72 5.58 13.14 -39.10
CA GLY C 72 6.42 13.06 -40.27
C GLY C 72 5.64 12.72 -41.53
N GLU C 73 6.13 11.72 -42.26
CA GLU C 73 5.54 11.38 -43.55
C GLU C 73 4.60 10.19 -43.39
N ASP C 74 4.39 9.76 -42.14
CA ASP C 74 3.55 8.59 -41.89
C ASP C 74 2.06 8.91 -42.04
N ILE C 75 1.30 7.90 -42.45
CA ILE C 75 -0.09 8.11 -42.82
C ILE C 75 -1.06 7.04 -42.30
N LEU C 76 -2.34 7.41 -42.25
CA LEU C 76 -3.38 6.47 -41.95
C LEU C 76 -4.15 6.12 -43.24
N VAL C 77 -4.40 4.84 -43.43
CA VAL C 77 -5.11 4.39 -44.62
C VAL C 77 -6.37 3.62 -44.24
N LEU C 78 -7.53 4.25 -44.38
CA LEU C 78 -8.79 3.53 -44.14
C LEU C 78 -9.17 2.71 -45.36
N CYS C 79 -9.51 1.45 -45.12
CA CYS C 79 -9.78 0.52 -46.21
C CYS C 79 -11.18 -0.05 -46.11
N GLU C 80 -11.64 -0.57 -47.24
CA GLU C 80 -12.84 -1.40 -47.27
C GLU C 80 -12.41 -2.83 -47.50
N VAL C 81 -13.29 -3.77 -47.17
CA VAL C 81 -12.93 -5.18 -47.21
C VAL C 81 -13.54 -5.86 -48.43
N LEU C 82 -12.70 -6.59 -49.17
CA LEU C 82 -13.15 -7.27 -50.37
C LEU C 82 -12.83 -8.74 -50.28
N ASP C 83 -13.60 -9.53 -51.02
CA ASP C 83 -13.30 -10.93 -51.23
C ASP C 83 -12.16 -11.00 -52.22
N THR C 84 -11.60 -12.20 -52.39
CA THR C 84 -10.48 -12.38 -53.30
C THR C 84 -10.86 -12.02 -54.74
N ASP C 85 -12.15 -12.06 -55.05
CA ASP C 85 -12.62 -11.68 -56.39
C ASP C 85 -12.88 -10.18 -56.49
N MET C 86 -12.46 -9.44 -55.47
CA MET C 86 -12.53 -7.97 -55.47
C MET C 86 -13.95 -7.41 -55.35
N THR C 87 -14.91 -8.28 -55.06
CA THR C 87 -16.28 -7.84 -54.76
C THR C 87 -16.35 -7.50 -53.28
N PRO C 88 -17.36 -6.70 -52.89
CA PRO C 88 -17.44 -6.36 -51.46
C PRO C 88 -17.69 -7.56 -50.57
N HIS C 89 -16.99 -7.59 -49.46
CA HIS C 89 -17.15 -8.61 -48.45
C HIS C 89 -18.49 -8.31 -47.77
N PRO C 90 -19.15 -9.35 -47.19
CA PRO C 90 -20.44 -9.15 -46.53
C PRO C 90 -20.41 -8.12 -45.38
N SER C 91 -19.28 -8.02 -44.68
CA SER C 91 -19.09 -7.03 -43.62
C SER C 91 -19.05 -5.60 -44.17
N ASN C 92 -18.72 -5.46 -45.45
CA ASN C 92 -18.56 -4.12 -46.05
C ASN C 92 -19.90 -3.38 -46.09
N THR C 93 -19.96 -2.26 -45.37
CA THR C 93 -21.20 -1.49 -45.30
C THR C 93 -21.02 -0.17 -46.04
N ARG C 94 -19.78 0.12 -46.42
CA ARG C 94 -19.47 1.30 -47.22
C ARG C 94 -19.99 1.27 -48.65
N ALA C 95 -19.91 0.10 -49.26
CA ALA C 95 -20.21 -0.05 -50.69
C ALA C 95 -21.66 0.28 -50.99
N ALA C 96 -22.56 -0.11 -50.10
CA ALA C 96 -23.97 0.21 -50.23
C ALA C 96 -24.17 1.73 -50.15
N LEU C 97 -23.46 2.39 -49.22
CA LEU C 97 -23.55 3.84 -49.11
C LEU C 97 -23.00 4.57 -50.35
N ALA C 98 -21.91 4.06 -50.93
CA ALA C 98 -21.30 4.67 -52.12
C ALA C 98 -22.25 4.65 -53.32
N GLU C 99 -23.00 3.55 -53.46
CA GLU C 99 -23.98 3.44 -54.53
C GLU C 99 -25.10 4.46 -54.37
N LEU C 100 -25.61 4.56 -53.15
CA LEU C 100 -26.68 5.49 -52.80
C LEU C 100 -26.25 6.96 -52.82
N SER C 101 -24.98 7.20 -52.51
CA SER C 101 -24.43 8.54 -52.53
C SER C 101 -24.49 9.06 -53.96
N GLU C 102 -24.09 8.21 -54.91
CA GLU C 102 -24.16 8.59 -56.32
C GLU C 102 -25.57 8.73 -56.84
N ARG C 103 -26.45 7.85 -56.40
CA ARG C 103 -27.83 7.84 -56.88
C ARG C 103 -28.51 9.15 -56.55
N PHE C 104 -28.12 9.75 -55.43
CA PHE C 104 -28.77 10.96 -54.95
C PHE C 104 -27.81 12.17 -54.90
N ALA C 105 -26.76 12.12 -55.72
CA ALA C 105 -25.72 13.15 -55.70
C ALA C 105 -26.29 14.54 -56.05
N ALA C 106 -27.38 14.57 -56.83
CA ALA C 106 -28.04 15.82 -57.25
C ALA C 106 -28.62 16.62 -56.09
N GLN C 107 -29.09 15.91 -55.06
CA GLN C 107 -29.63 16.55 -53.87
C GLN C 107 -28.56 17.11 -52.94
N GLU C 108 -27.31 16.69 -53.15
CA GLU C 108 -26.17 17.16 -52.36
C GLU C 108 -26.41 16.99 -50.86
N PRO C 109 -26.63 15.74 -50.41
CA PRO C 109 -26.86 15.53 -48.99
C PRO C 109 -25.62 15.87 -48.15
N VAL C 110 -25.83 16.46 -46.99
CA VAL C 110 -24.73 16.84 -46.10
C VAL C 110 -25.06 16.38 -44.68
N PHE C 111 -24.04 15.95 -43.94
CA PHE C 111 -24.22 15.41 -42.58
C PHE C 111 -23.34 16.06 -41.53
N GLY C 112 -23.88 16.14 -40.33
CA GLY C 112 -23.06 16.42 -39.17
C GLY C 112 -23.34 15.32 -38.16
N ILE C 113 -22.30 14.75 -37.58
CA ILE C 113 -22.51 13.72 -36.57
C ILE C 113 -21.91 14.13 -35.24
N GLU C 114 -22.75 14.09 -34.20
CA GLU C 114 -22.32 14.42 -32.85
C GLU C 114 -22.05 13.14 -32.09
N GLN C 115 -20.77 12.84 -31.96
CA GLN C 115 -20.38 11.55 -31.49
C GLN C 115 -20.03 11.60 -30.02
N GLU C 116 -20.83 10.90 -29.22
CA GLU C 116 -20.62 10.90 -27.77
C GLU C 116 -19.84 9.65 -27.39
N TYR C 117 -19.14 9.72 -26.25
CA TYR C 117 -18.40 8.57 -25.73
C TYR C 117 -18.15 8.77 -24.24
N THR C 118 -17.84 7.67 -23.55
CA THR C 118 -17.56 7.71 -22.11
C THR C 118 -16.22 7.09 -21.78
N PHE C 119 -15.44 7.79 -20.95
CA PHE C 119 -14.16 7.24 -20.48
C PHE C 119 -14.30 6.20 -19.37
N PHE C 120 -13.46 5.18 -19.44
CA PHE C 120 -13.42 4.17 -18.41
C PHE C 120 -11.99 3.88 -17.99
N LYS C 121 -11.84 3.54 -16.72
CA LYS C 121 -10.62 2.98 -16.22
C LYS C 121 -10.96 1.56 -15.72
N GLY C 122 -10.62 0.57 -16.55
CA GLY C 122 -11.10 -0.79 -16.34
C GLY C 122 -12.61 -0.86 -16.47
N THR C 123 -13.25 -1.49 -15.50
CA THR C 123 -14.71 -1.62 -15.45
C THR C 123 -15.36 -0.37 -14.81
N ARG C 124 -14.52 0.53 -14.27
CA ARG C 124 -15.02 1.73 -13.58
C ARG C 124 -15.09 2.92 -14.54
N PRO C 125 -16.22 3.65 -14.50
CA PRO C 125 -16.29 4.93 -15.25
C PRO C 125 -15.22 5.89 -14.72
N LEU C 126 -14.54 6.58 -15.63
CA LEU C 126 -13.42 7.42 -15.24
C LEU C 126 -13.81 8.53 -14.25
N GLY C 127 -15.06 9.00 -14.36
CA GLY C 127 -15.57 10.06 -13.51
C GLY C 127 -16.25 9.52 -12.24
N PHE C 128 -16.19 8.21 -12.02
CA PHE C 128 -16.86 7.61 -10.87
C PHE C 128 -15.81 7.27 -9.83
N PRO C 129 -16.17 7.38 -8.54
CA PRO C 129 -15.26 6.94 -7.48
C PRO C 129 -15.32 5.42 -7.40
N GLU C 130 -14.25 4.81 -6.90
CA GLU C 130 -14.21 3.36 -6.78
C GLU C 130 -15.27 2.85 -5.79
N GLY C 131 -16.09 1.93 -6.24
CA GLY C 131 -17.06 1.36 -5.32
C GLY C 131 -18.29 2.23 -5.07
N GLY C 132 -18.46 3.28 -5.87
CA GLY C 132 -19.51 4.25 -5.60
C GLY C 132 -20.01 5.05 -6.79
N PHE C 133 -20.71 6.14 -6.46
CA PHE C 133 -21.31 7.05 -7.41
C PHE C 133 -20.80 8.45 -7.07
N PRO C 134 -20.65 9.31 -8.09
CA PRO C 134 -20.29 10.72 -7.90
C PRO C 134 -21.54 11.52 -7.58
N ALA C 135 -21.41 12.83 -7.41
CA ALA C 135 -22.58 13.65 -7.15
C ALA C 135 -23.48 13.55 -8.38
N ALA C 136 -24.76 13.83 -8.22
CA ALA C 136 -25.73 13.67 -9.30
C ALA C 136 -25.43 14.66 -10.41
N GLN C 137 -25.98 14.42 -11.61
CA GLN C 137 -25.68 15.21 -12.81
C GLN C 137 -26.17 16.67 -12.69
N GLY C 138 -25.50 17.57 -13.40
CA GLY C 138 -25.84 18.99 -13.44
C GLY C 138 -24.62 19.90 -13.67
N GLY C 139 -23.52 19.60 -12.98
CA GLY C 139 -22.32 20.40 -13.10
C GLY C 139 -21.24 19.86 -14.05
N TYR C 140 -21.41 18.65 -14.58
CA TYR C 140 -20.43 18.05 -15.51
C TYR C 140 -20.46 18.63 -16.93
N TYR C 141 -21.64 19.00 -17.36
CA TYR C 141 -21.86 19.35 -18.74
C TYR C 141 -21.23 20.70 -19.06
N CYS C 142 -20.31 20.70 -20.02
CA CYS C 142 -19.57 21.92 -20.41
C CYS C 142 -18.84 22.50 -19.18
N GLY C 143 -18.42 21.60 -18.27
CA GLY C 143 -17.83 21.99 -17.00
C GLY C 143 -16.37 22.40 -16.97
N VAL C 144 -15.91 22.81 -15.80
CA VAL C 144 -14.52 23.12 -15.60
C VAL C 144 -14.15 22.75 -14.17
N GLY C 145 -12.90 22.35 -13.93
CA GLY C 145 -12.46 21.97 -12.60
C GLY C 145 -12.32 20.47 -12.38
N SER C 146 -11.38 20.09 -11.51
CA SER C 146 -11.05 18.67 -11.27
C SER C 146 -12.20 17.86 -10.70
N ASP C 147 -13.08 18.52 -9.92
CA ASP C 147 -14.27 17.89 -9.33
C ASP C 147 -15.27 17.41 -10.39
N GLU C 148 -15.36 18.14 -11.50
CA GLU C 148 -16.38 17.84 -12.50
C GLU C 148 -15.84 17.43 -13.89
N ILE C 149 -14.53 17.51 -14.09
CA ILE C 149 -13.99 17.22 -15.42
C ILE C 149 -13.00 16.07 -15.37
N PHE C 150 -13.24 15.06 -16.19
CA PHE C 150 -12.38 13.88 -16.20
C PHE C 150 -11.98 13.49 -17.60
N GLY C 151 -10.67 13.42 -17.82
CA GLY C 151 -10.16 12.97 -19.11
C GLY C 151 -9.89 14.07 -20.12
N ARG C 152 -9.85 15.33 -19.69
CA ARG C 152 -9.65 16.44 -20.64
C ARG C 152 -8.34 16.39 -21.39
N ASP C 153 -7.31 15.91 -20.69
CA ASP C 153 -5.97 15.81 -21.29
C ASP C 153 -6.08 14.89 -22.51
N VAL C 154 -6.86 13.81 -22.37
CA VAL C 154 -7.10 12.89 -23.49
C VAL C 154 -7.87 13.55 -24.63
N VAL C 155 -8.92 14.27 -24.25
CA VAL C 155 -9.81 14.92 -25.19
C VAL C 155 -9.05 15.94 -26.03
N GLU C 156 -8.18 16.70 -25.37
CA GLU C 156 -7.37 17.69 -26.05
C GLU C 156 -6.34 17.06 -26.99
N ALA C 157 -5.70 15.98 -26.57
CA ALA C 157 -4.75 15.28 -27.41
C ALA C 157 -5.45 14.70 -28.65
N HIS C 158 -6.64 14.15 -28.44
CA HIS C 158 -7.41 13.58 -29.54
C HIS C 158 -7.87 14.61 -30.58
N LEU C 159 -8.34 15.75 -30.08
CA LEU C 159 -8.78 16.80 -30.99
C LEU C 159 -7.64 17.37 -31.85
N GLU C 160 -6.51 17.65 -31.21
CA GLU C 160 -5.35 18.14 -31.94
C GLU C 160 -4.92 17.08 -32.95
N ASN C 161 -5.02 15.82 -32.57
CA ASN C 161 -4.67 14.76 -33.50
C ASN C 161 -5.59 14.70 -34.72
N CYS C 162 -6.88 14.90 -34.50
CA CYS C 162 -7.86 14.88 -35.58
C CYS C 162 -7.63 16.00 -36.57
N LEU C 163 -7.33 17.17 -36.02
CA LEU C 163 -7.08 18.36 -36.82
C LEU C 163 -5.79 18.24 -37.62
N LYS C 164 -4.77 17.65 -36.99
CA LYS C 164 -3.51 17.39 -37.67
C LYS C 164 -3.70 16.40 -38.83
N ALA C 165 -4.64 15.47 -38.64
CA ALA C 165 -5.06 14.52 -39.66
C ALA C 165 -5.89 15.17 -40.76
N GLY C 166 -6.37 16.39 -40.52
CA GLY C 166 -7.15 17.05 -41.52
C GLY C 166 -8.65 16.76 -41.49
N LEU C 167 -9.13 16.14 -40.40
CA LEU C 167 -10.56 15.80 -40.29
C LEU C 167 -11.48 17.00 -40.03
N GLY C 168 -12.71 16.94 -40.55
CA GLY C 168 -13.60 18.08 -40.38
C GLY C 168 -14.32 18.01 -39.04
N ILE C 169 -13.62 18.42 -37.98
CA ILE C 169 -14.19 18.46 -36.65
C ILE C 169 -14.66 19.88 -36.44
N SER C 170 -15.91 20.04 -36.02
CA SER C 170 -16.46 21.38 -35.83
C SER C 170 -16.43 21.89 -34.40
N GLY C 171 -16.45 20.97 -33.44
CA GLY C 171 -16.43 21.36 -32.04
C GLY C 171 -16.29 20.17 -31.13
N ILE C 172 -16.03 20.43 -29.86
CA ILE C 172 -16.06 19.40 -28.82
C ILE C 172 -16.72 19.99 -27.60
N ASN C 173 -17.32 19.14 -26.76
CA ASN C 173 -17.82 19.60 -25.47
C ASN C 173 -17.86 18.48 -24.43
N ALA C 174 -17.86 18.86 -23.16
CA ALA C 174 -18.03 17.90 -22.08
C ALA C 174 -19.55 17.61 -21.93
N GLU C 175 -19.91 16.32 -21.77
CA GLU C 175 -21.33 15.95 -21.72
C GLU C 175 -21.89 15.83 -20.29
N VAL C 176 -23.17 15.47 -20.22
CA VAL C 176 -23.95 15.47 -18.97
C VAL C 176 -23.43 14.48 -17.93
N MET C 177 -23.04 13.30 -18.38
CA MET C 177 -22.43 12.32 -17.48
C MET C 177 -20.95 12.64 -17.26
N PRO C 178 -20.46 12.48 -16.02
CA PRO C 178 -19.03 12.70 -15.72
C PRO C 178 -18.15 11.72 -16.50
N GLY C 179 -17.08 12.21 -17.13
CA GLY C 179 -16.21 11.39 -17.97
C GLY C 179 -16.81 11.06 -19.33
N GLN C 180 -17.93 11.71 -19.64
CA GLN C 180 -18.60 11.58 -20.93
C GLN C 180 -18.32 12.82 -21.77
N TRP C 181 -18.03 12.61 -23.05
CA TRP C 181 -17.61 13.68 -23.93
C TRP C 181 -18.25 13.59 -25.31
N GLU C 182 -18.14 14.67 -26.07
CA GLU C 182 -18.67 14.68 -27.42
C GLU C 182 -17.77 15.42 -28.40
N PHE C 183 -17.68 14.91 -29.63
CA PHE C 183 -17.10 15.70 -30.71
C PHE C 183 -18.01 15.66 -31.95
N GLN C 184 -18.00 16.74 -32.72
CA GLN C 184 -18.91 16.91 -33.85
C GLN C 184 -18.14 16.85 -35.16
N VAL C 185 -18.57 15.99 -36.07
CA VAL C 185 -17.95 15.86 -37.38
C VAL C 185 -18.88 16.42 -38.44
N GLY C 186 -18.33 17.29 -39.28
CA GLY C 186 -19.10 17.89 -40.36
C GLY C 186 -18.96 19.40 -40.47
N PRO C 187 -19.71 20.01 -41.38
CA PRO C 187 -20.64 19.34 -42.30
C PRO C 187 -19.93 18.71 -43.51
N LEU C 188 -20.36 17.49 -43.88
CA LEU C 188 -19.66 16.76 -44.93
C LEU C 188 -20.62 15.88 -45.73
N ALA C 189 -20.13 15.44 -46.89
CA ALA C 189 -20.82 14.50 -47.79
C ALA C 189 -20.80 13.11 -47.12
N PRO C 190 -21.75 12.22 -47.49
CA PRO C 190 -22.02 10.94 -46.78
C PRO C 190 -20.78 9.99 -46.63
N LEU C 191 -20.05 9.82 -47.72
CA LEU C 191 -18.85 9.00 -47.66
C LEU C 191 -17.78 9.67 -46.83
N GLU C 192 -17.62 10.97 -47.00
CA GLU C 192 -16.60 11.69 -46.27
C GLU C 192 -16.82 11.74 -44.76
N VAL C 193 -18.07 11.98 -44.35
CA VAL C 193 -18.40 12.03 -42.92
C VAL C 193 -18.22 10.67 -42.27
N SER C 194 -18.58 9.62 -42.99
CA SER C 194 -18.47 8.27 -42.44
C SER C 194 -17.02 7.84 -42.33
N ASP C 195 -16.23 8.12 -43.36
CA ASP C 195 -14.82 7.76 -43.32
C ASP C 195 -14.08 8.50 -42.21
N GLN C 196 -14.33 9.79 -42.10
CA GLN C 196 -13.62 10.61 -41.11
C GLN C 196 -14.03 10.24 -39.67
N LEU C 197 -15.31 9.95 -39.48
CA LEU C 197 -15.82 9.57 -38.16
C LEU C 197 -15.13 8.28 -37.70
N TRP C 198 -14.98 7.33 -38.63
CA TRP C 198 -14.30 6.09 -38.32
C TRP C 198 -12.81 6.30 -37.96
N VAL C 199 -12.13 7.19 -38.69
CA VAL C 199 -10.73 7.49 -38.44
C VAL C 199 -10.65 8.24 -37.12
N ALA C 200 -11.60 9.14 -36.93
CA ALA C 200 -11.68 9.88 -35.67
C ALA C 200 -11.98 8.94 -34.48
N ARG C 201 -12.82 7.91 -34.68
CA ARG C 201 -13.03 6.94 -33.62
C ARG C 201 -11.74 6.21 -33.30
N TRP C 202 -11.05 5.79 -34.35
CA TRP C 202 -9.82 5.04 -34.22
C TRP C 202 -8.76 5.85 -33.45
N LEU C 203 -8.70 7.15 -33.73
CA LEU C 203 -7.77 8.06 -33.07
C LEU C 203 -8.10 8.21 -31.60
N LEU C 204 -9.37 8.13 -31.27
CA LEU C 204 -9.76 8.23 -29.87
C LEU C 204 -9.25 7.04 -29.04
N TYR C 205 -9.51 5.83 -29.51
CA TYR C 205 -9.09 4.62 -28.80
C TYR C 205 -7.58 4.62 -28.68
N ARG C 206 -6.96 4.93 -29.81
CA ARG C 206 -5.51 4.92 -29.92
C ARG C 206 -4.84 6.02 -29.08
N THR C 207 -5.41 7.23 -29.09
CA THR C 207 -4.89 8.32 -28.26
C THR C 207 -5.01 7.95 -26.78
N ALA C 208 -6.14 7.33 -26.41
CA ALA C 208 -6.40 6.99 -24.99
C ALA C 208 -5.44 5.91 -24.42
N GLU C 209 -4.89 5.07 -25.30
CA GLU C 209 -3.92 4.07 -24.88
C GLU C 209 -2.71 4.68 -24.18
N ASP C 210 -2.26 5.83 -24.67
CA ASP C 210 -1.12 6.52 -24.11
C ASP C 210 -1.42 7.04 -22.70
N PHE C 211 -2.70 7.33 -22.44
CA PHE C 211 -3.11 7.79 -21.11
C PHE C 211 -3.58 6.64 -20.22
N GLU C 212 -3.51 5.41 -20.73
CA GLU C 212 -3.92 4.22 -19.96
C GLU C 212 -5.39 4.23 -19.53
N VAL C 213 -6.24 4.75 -20.40
CA VAL C 213 -7.69 4.75 -20.20
C VAL C 213 -8.42 4.16 -21.38
N SER C 214 -9.73 3.97 -21.23
CA SER C 214 -10.54 3.38 -22.29
C SER C 214 -11.67 4.33 -22.67
N ALA C 215 -12.13 4.21 -23.91
CA ALA C 215 -13.30 4.95 -24.33
C ALA C 215 -14.30 3.92 -24.79
N THR C 216 -15.58 4.17 -24.52
CA THR C 216 -16.60 3.25 -24.98
C THR C 216 -17.73 4.00 -25.68
N LEU C 217 -18.30 3.37 -26.69
CA LEU C 217 -19.43 3.94 -27.41
C LEU C 217 -20.71 3.24 -26.99
N ASP C 218 -20.66 2.55 -25.85
CA ASP C 218 -21.85 1.94 -25.30
C ASP C 218 -22.91 3.00 -25.05
N PRO C 219 -24.15 2.74 -25.52
CA PRO C 219 -25.27 3.68 -25.45
C PRO C 219 -25.74 3.94 -24.01
N LYS C 220 -25.63 2.96 -23.12
CA LYS C 220 -25.98 3.13 -21.71
C LYS C 220 -24.93 2.51 -20.78
N PRO C 221 -23.77 3.18 -20.66
CA PRO C 221 -22.63 2.65 -19.90
C PRO C 221 -22.91 2.42 -18.41
N VAL C 222 -23.69 3.30 -17.80
CA VAL C 222 -24.16 3.08 -16.44
C VAL C 222 -25.68 3.08 -16.43
N LYS C 223 -26.26 2.08 -15.78
CA LYS C 223 -27.71 1.97 -15.71
C LYS C 223 -28.35 3.02 -14.83
N GLY C 224 -29.59 3.41 -15.12
CA GLY C 224 -30.24 4.42 -14.29
C GLY C 224 -30.45 5.78 -14.92
N ASP C 225 -30.35 6.83 -14.10
CA ASP C 225 -30.61 8.20 -14.54
C ASP C 225 -29.37 8.83 -15.13
N TRP C 226 -28.24 8.11 -15.10
CA TRP C 226 -27.03 8.59 -15.74
C TRP C 226 -27.20 8.64 -17.25
N ASN C 227 -26.70 9.70 -17.87
CA ASN C 227 -26.95 9.90 -19.30
C ASN C 227 -26.38 8.87 -20.26
N GLY C 228 -27.18 8.54 -21.26
CA GLY C 228 -26.73 7.70 -22.35
C GLY C 228 -25.86 8.42 -23.38
N ALA C 229 -25.15 7.63 -24.19
CA ALA C 229 -24.32 8.19 -25.26
C ALA C 229 -24.94 7.98 -26.65
N GLY C 230 -25.21 9.09 -27.32
CA GLY C 230 -25.79 9.01 -28.66
C GLY C 230 -24.87 9.45 -29.79
N ALA C 231 -25.39 9.33 -31.00
CA ALA C 231 -24.74 9.92 -32.16
C ALA C 231 -25.77 10.68 -33.00
N HIS C 232 -26.16 11.84 -32.48
CA HIS C 232 -27.17 12.66 -33.12
C HIS C 232 -26.65 13.01 -34.48
N THR C 233 -27.50 12.86 -35.50
CA THR C 233 -27.13 13.08 -36.89
C THR C 233 -27.92 14.24 -37.52
N ASN C 234 -27.17 15.20 -38.05
CA ASN C 234 -27.75 16.35 -38.73
C ASN C 234 -27.72 16.11 -40.22
N PHE C 235 -28.85 16.34 -40.88
CA PHE C 235 -28.97 15.98 -42.29
C PHE C 235 -29.71 17.03 -43.12
N SER C 236 -29.19 17.29 -44.32
CA SER C 236 -29.90 18.19 -45.23
C SER C 236 -29.55 17.92 -46.69
N THR C 237 -30.42 18.39 -47.57
CA THR C 237 -30.19 18.36 -49.00
C THR C 237 -30.25 19.80 -49.46
N LYS C 238 -29.93 20.05 -50.73
CA LYS C 238 -29.93 21.43 -51.20
C LYS C 238 -31.33 22.03 -51.02
N ALA C 239 -32.38 21.27 -51.31
CA ALA C 239 -33.75 21.75 -51.12
C ALA C 239 -34.08 22.09 -49.68
N MET C 240 -33.63 21.25 -48.76
CA MET C 240 -33.85 21.50 -47.33
C MET C 240 -33.12 22.72 -46.84
N ARG C 241 -31.92 22.96 -47.33
CA ARG C 241 -31.22 24.18 -46.97
C ARG C 241 -31.91 25.39 -47.58
N GLU C 242 -32.61 25.14 -48.69
CA GLU C 242 -33.40 26.17 -49.36
C GLU C 242 -34.81 26.45 -48.82
N GLY C 243 -35.57 25.41 -48.44
CA GLY C 243 -36.96 25.65 -48.05
C GLY C 243 -37.55 24.69 -47.03
N TYR C 244 -38.59 25.16 -46.35
CA TYR C 244 -39.19 24.44 -45.23
C TYR C 244 -40.05 23.24 -45.66
N ASP C 245 -40.57 23.29 -46.88
CA ASP C 245 -41.44 22.23 -47.37
C ASP C 245 -40.66 20.91 -47.50
N ALA C 246 -39.41 21.03 -47.97
CA ALA C 246 -38.50 19.90 -48.10
C ALA C 246 -38.18 19.36 -46.71
N ILE C 247 -38.09 20.27 -45.74
CA ILE C 247 -37.83 19.90 -44.36
C ILE C 247 -38.93 18.99 -43.81
N ILE C 248 -40.20 19.37 -44.03
CA ILE C 248 -41.35 18.57 -43.61
C ILE C 248 -41.45 17.22 -44.32
N THR C 249 -41.15 17.21 -45.62
CA THR C 249 -41.19 15.98 -46.39
C THR C 249 -40.18 14.99 -45.81
N ALA C 250 -38.98 15.48 -45.49
CA ALA C 250 -37.95 14.61 -44.91
C ALA C 250 -38.35 14.01 -43.57
N ALA C 251 -38.90 14.86 -42.71
CA ALA C 251 -39.35 14.45 -41.39
C ALA C 251 -40.50 13.46 -41.46
N GLU C 252 -41.44 13.70 -42.37
CA GLU C 252 -42.53 12.74 -42.52
C GLU C 252 -42.10 11.43 -43.13
N SER C 253 -41.14 11.47 -44.06
CA SER C 253 -40.69 10.26 -44.72
C SER C 253 -40.18 9.25 -43.69
N LEU C 254 -39.59 9.75 -42.60
CA LEU C 254 -39.02 8.89 -41.55
C LEU C 254 -40.09 8.19 -40.72
N GLY C 255 -41.31 8.73 -40.77
CA GLY C 255 -42.43 8.17 -40.03
C GLY C 255 -43.32 7.24 -40.83
N GLU C 256 -43.05 7.09 -42.12
CA GLU C 256 -43.94 6.31 -43.00
C GLU C 256 -43.68 4.81 -42.99
N GLY C 257 -44.75 4.02 -43.10
CA GLY C 257 -44.60 2.58 -43.32
C GLY C 257 -43.77 1.89 -42.24
N SER C 258 -42.74 1.18 -42.67
CA SER C 258 -41.89 0.44 -41.75
C SER C 258 -40.58 1.22 -41.46
N LYS C 259 -40.49 2.45 -41.94
CA LYS C 259 -39.27 3.26 -41.79
C LYS C 259 -38.81 3.50 -40.35
N PRO C 260 -39.76 3.72 -39.42
CA PRO C 260 -39.28 3.91 -38.03
C PRO C 260 -38.52 2.69 -37.48
N MET C 261 -39.09 1.50 -37.66
CA MET C 261 -38.43 0.26 -37.27
C MET C 261 -37.20 -0.10 -38.09
N ASP C 262 -37.24 0.24 -39.39
CA ASP C 262 -36.11 -0.03 -40.29
C ASP C 262 -34.82 0.63 -39.85
N HIS C 263 -34.92 1.91 -39.46
CA HIS C 263 -33.80 2.67 -38.95
C HIS C 263 -33.35 2.22 -37.54
N VAL C 264 -34.31 2.13 -36.62
CA VAL C 264 -34.00 1.88 -35.23
C VAL C 264 -33.28 0.54 -35.00
N LYS C 265 -33.63 -0.45 -35.81
CA LYS C 265 -32.99 -1.76 -35.66
C LYS C 265 -31.60 -1.74 -36.30
N ASN C 266 -31.27 -0.63 -36.95
CA ASN C 266 -29.93 -0.48 -37.50
C ASN C 266 -29.19 0.70 -36.87
N TYR C 267 -29.76 1.22 -35.78
CA TYR C 267 -29.23 2.44 -35.19
C TYR C 267 -28.32 2.13 -34.01
N GLY C 268 -27.94 0.86 -33.89
CA GLY C 268 -26.98 0.46 -32.90
C GLY C 268 -27.48 -0.57 -31.89
N ALA C 269 -26.55 -1.37 -31.38
CA ALA C 269 -26.88 -2.44 -30.45
C ALA C 269 -27.18 -1.85 -29.07
N GLY C 270 -28.24 -2.34 -28.43
CA GLY C 270 -28.62 -1.88 -27.10
C GLY C 270 -29.40 -0.58 -27.14
N ILE C 271 -30.02 -0.27 -28.28
CA ILE C 271 -30.78 0.95 -28.44
C ILE C 271 -31.97 1.05 -27.48
N ASP C 272 -32.54 -0.11 -27.15
CA ASP C 272 -33.63 -0.20 -26.18
C ASP C 272 -33.20 0.26 -24.77
N ASP C 273 -31.93 0.04 -24.44
CA ASP C 273 -31.39 0.52 -23.18
C ASP C 273 -31.23 2.02 -23.06
N ARG C 274 -30.94 2.68 -24.18
CA ARG C 274 -30.80 4.13 -24.20
C ARG C 274 -32.08 4.91 -24.50
N LEU C 275 -32.84 4.46 -25.49
CA LEU C 275 -34.01 5.21 -25.87
C LEU C 275 -35.23 4.77 -25.08
N THR C 276 -35.42 5.38 -23.92
CA THR C 276 -36.52 5.00 -23.07
C THR C 276 -37.45 6.19 -23.07
N GLY C 277 -38.69 5.99 -22.63
CA GLY C 277 -39.63 7.09 -22.59
C GLY C 277 -39.29 8.19 -21.61
N LEU C 278 -38.97 7.80 -20.37
CA LEU C 278 -39.00 8.71 -19.23
C LEU C 278 -38.03 9.88 -19.44
N HIS C 279 -36.80 9.57 -19.79
CA HIS C 279 -35.85 10.62 -20.11
C HIS C 279 -35.61 10.65 -21.60
N GLU C 280 -34.50 11.26 -21.96
CA GLU C 280 -34.07 11.36 -23.35
C GLU C 280 -33.86 10.03 -24.09
N THR C 281 -34.40 9.92 -25.32
CA THR C 281 -35.19 10.98 -25.96
C THR C 281 -36.66 10.52 -25.99
N ALA C 282 -37.08 9.79 -26.99
CA ALA C 282 -38.43 9.30 -27.13
C ALA C 282 -38.21 7.84 -27.03
N PRO C 283 -39.29 7.07 -26.84
CA PRO C 283 -39.07 5.64 -26.76
C PRO C 283 -38.63 5.11 -28.12
N TRP C 284 -37.84 4.05 -28.11
CA TRP C 284 -37.31 3.48 -29.34
C TRP C 284 -38.43 2.96 -30.27
N ASN C 285 -39.61 2.70 -29.70
CA ASN C 285 -40.74 2.10 -30.41
C ASN C 285 -41.81 3.06 -30.96
N GLU C 286 -41.59 4.36 -30.81
CA GLU C 286 -42.51 5.34 -31.38
C GLU C 286 -41.72 6.40 -32.14
N TYR C 287 -42.27 6.83 -33.27
CA TYR C 287 -41.63 7.90 -34.03
C TYR C 287 -42.37 9.21 -33.85
N SER C 288 -41.61 10.25 -33.55
CA SER C 288 -42.18 11.59 -33.49
C SER C 288 -41.21 12.63 -34.01
N TYR C 289 -41.73 13.74 -34.49
CA TYR C 289 -40.89 14.88 -34.81
C TYR C 289 -41.56 16.18 -34.38
N GLY C 290 -40.76 17.17 -34.03
CA GLY C 290 -41.29 18.45 -33.59
C GLY C 290 -40.24 19.56 -33.57
N VAL C 291 -40.72 20.80 -33.54
CA VAL C 291 -39.82 21.93 -33.51
C VAL C 291 -39.30 22.15 -32.12
N SER C 292 -37.97 22.12 -31.98
CA SER C 292 -37.28 22.40 -30.72
C SER C 292 -37.63 21.35 -29.67
N ASP C 293 -38.10 20.18 -30.13
CA ASP C 293 -38.54 19.13 -29.21
C ASP C 293 -37.44 18.12 -28.95
N ARG C 294 -36.86 18.19 -27.75
CA ARG C 294 -35.79 17.27 -27.37
C ARG C 294 -36.30 15.89 -27.00
N GLY C 295 -37.60 15.76 -26.82
CA GLY C 295 -38.15 14.45 -26.51
C GLY C 295 -38.53 13.67 -27.75
N ALA C 296 -38.53 14.35 -28.90
CA ALA C 296 -38.86 13.73 -30.17
C ALA C 296 -37.76 12.85 -30.77
N SER C 297 -38.19 11.98 -31.68
CA SER C 297 -37.28 11.16 -32.43
C SER C 297 -36.41 12.03 -33.33
N VAL C 298 -37.06 12.97 -33.99
CA VAL C 298 -36.37 13.93 -34.85
C VAL C 298 -36.76 15.35 -34.42
N ARG C 299 -35.77 16.23 -34.28
CA ARG C 299 -36.04 17.61 -33.89
C ARG C 299 -35.81 18.58 -35.03
N ILE C 300 -36.70 19.55 -35.20
CA ILE C 300 -36.44 20.67 -36.08
C ILE C 300 -36.08 21.86 -35.19
N PRO C 301 -34.82 22.30 -35.29
CA PRO C 301 -34.27 23.38 -34.45
C PRO C 301 -35.02 24.68 -34.67
N TRP C 302 -35.07 25.54 -33.65
CA TRP C 302 -35.85 26.78 -33.77
C TRP C 302 -35.30 27.70 -34.89
N GLN C 303 -33.99 27.70 -35.13
CA GLN C 303 -33.42 28.52 -36.20
C GLN C 303 -33.92 28.05 -37.56
N VAL C 304 -34.04 26.74 -37.72
CA VAL C 304 -34.46 26.19 -39.00
C VAL C 304 -35.91 26.63 -39.26
N GLU C 305 -36.73 26.54 -38.22
CA GLU C 305 -38.10 26.96 -38.35
C GLU C 305 -38.32 28.44 -38.52
N LYS C 306 -37.51 29.25 -37.85
CA LYS C 306 -37.56 30.69 -37.98
C LYS C 306 -37.16 31.16 -39.37
N ASP C 307 -36.11 30.54 -39.89
CA ASP C 307 -35.50 30.95 -41.14
C ASP C 307 -36.21 30.27 -42.30
N GLY C 308 -37.08 29.32 -41.96
CA GLY C 308 -37.82 28.59 -42.96
C GLY C 308 -36.95 27.69 -43.81
N LYS C 309 -35.73 27.39 -43.32
CA LYS C 309 -34.80 26.50 -44.05
C LYS C 309 -33.70 26.04 -43.12
N GLY C 310 -32.97 24.99 -43.53
CA GLY C 310 -31.98 24.40 -42.64
C GLY C 310 -31.79 22.90 -42.78
N TYR C 311 -31.75 22.22 -41.65
CA TYR C 311 -31.51 20.79 -41.61
C TYR C 311 -32.42 20.15 -40.55
N ILE C 312 -32.37 18.83 -40.43
CA ILE C 312 -33.06 18.18 -39.33
C ILE C 312 -32.09 17.35 -38.55
N GLU C 313 -32.43 17.07 -37.32
CA GLU C 313 -31.58 16.31 -36.42
C GLU C 313 -32.29 15.02 -36.00
N ASP C 314 -31.69 13.88 -36.33
CA ASP C 314 -32.17 12.57 -35.90
C ASP C 314 -31.43 12.20 -34.62
N ARG C 315 -32.19 12.14 -33.53
CA ARG C 315 -31.65 11.92 -32.17
C ARG C 315 -31.63 10.43 -31.79
N ARG C 316 -32.13 9.59 -32.68
CA ARG C 316 -32.19 8.16 -32.44
C ARG C 316 -30.88 7.36 -32.46
N PRO C 317 -29.90 7.74 -33.32
CA PRO C 317 -28.75 6.82 -33.38
C PRO C 317 -27.92 6.74 -32.10
N ASN C 318 -27.52 5.51 -31.77
CA ASN C 318 -26.67 5.24 -30.63
C ASN C 318 -25.25 5.74 -30.94
N ALA C 319 -24.45 5.92 -29.89
CA ALA C 319 -23.06 6.29 -30.07
C ALA C 319 -22.26 5.20 -30.82
N ASN C 320 -22.75 3.96 -30.75
CA ASN C 320 -22.12 2.81 -31.40
C ASN C 320 -22.74 2.46 -32.75
N VAL C 321 -23.51 3.40 -33.31
CA VAL C 321 -24.04 3.18 -34.65
C VAL C 321 -22.89 3.20 -35.64
N ASP C 322 -23.00 2.37 -36.68
CA ASP C 322 -22.09 2.46 -37.82
C ASP C 322 -22.52 3.64 -38.68
N PRO C 323 -21.61 4.61 -38.86
CA PRO C 323 -21.87 5.80 -39.69
C PRO C 323 -22.22 5.45 -41.15
N TYR C 324 -21.63 4.40 -41.70
CA TYR C 324 -21.95 3.97 -43.08
C TYR C 324 -23.44 3.59 -43.20
N VAL C 325 -23.97 2.94 -42.16
CA VAL C 325 -25.38 2.52 -42.13
C VAL C 325 -26.36 3.67 -41.92
N VAL C 326 -26.10 4.48 -40.89
CA VAL C 326 -27.01 5.59 -40.61
C VAL C 326 -27.08 6.62 -41.74
N THR C 327 -25.95 6.94 -42.37
CA THR C 327 -25.95 7.90 -43.49
C THR C 327 -26.75 7.31 -44.66
N ARG C 328 -26.56 6.02 -44.91
CA ARG C 328 -27.26 5.35 -46.00
C ARG C 328 -28.76 5.41 -45.82
N LEU C 329 -29.21 5.11 -44.61
CA LEU C 329 -30.62 5.04 -44.29
C LEU C 329 -31.29 6.43 -44.42
N LEU C 330 -30.63 7.45 -43.92
CA LEU C 330 -31.16 8.81 -44.02
C LEU C 330 -31.23 9.28 -45.48
N VAL C 331 -30.18 8.98 -46.25
CA VAL C 331 -30.20 9.35 -47.65
C VAL C 331 -31.27 8.57 -48.40
N ASP C 332 -31.35 7.27 -48.17
CA ASP C 332 -32.31 6.43 -48.88
C ASP C 332 -33.72 6.86 -48.56
N THR C 333 -34.04 6.95 -47.28
CA THR C 333 -35.40 7.27 -46.89
C THR C 333 -35.80 8.70 -47.28
N CYS C 334 -35.03 9.69 -46.83
CA CYS C 334 -35.39 11.09 -47.04
C CYS C 334 -35.31 11.56 -48.51
N CYS C 335 -34.17 11.26 -49.13
CA CYS C 335 -33.93 11.70 -50.50
C CYS C 335 -34.89 11.08 -51.51
N THR C 336 -35.33 9.84 -51.26
CA THR C 336 -36.29 9.17 -52.13
C THR C 336 -37.64 9.89 -52.10
N ALA C 337 -38.09 10.24 -50.89
CA ALA C 337 -39.36 10.94 -50.75
C ALA C 337 -39.24 12.34 -51.40
N LEU C 338 -38.07 12.97 -51.28
CA LEU C 338 -37.88 14.29 -51.90
C LEU C 338 -37.89 14.26 -53.42
N GLU C 339 -37.34 13.18 -53.99
CA GLU C 339 -37.36 13.00 -55.44
C GLU C 339 -38.79 12.85 -55.92
N LYS C 340 -39.57 12.02 -55.23
CA LYS C 340 -40.97 11.83 -55.58
C LYS C 340 -41.78 13.12 -55.48
N ALA C 341 -41.49 13.91 -54.45
CA ALA C 341 -42.20 15.15 -54.21
C ALA C 341 -41.77 16.26 -55.17
N GLY C 342 -40.69 16.03 -55.90
CA GLY C 342 -40.19 17.03 -56.82
C GLY C 342 -39.36 18.08 -56.10
N GLN C 343 -39.09 17.83 -54.83
CA GLN C 343 -38.34 18.77 -54.00
C GLN C 343 -36.87 18.37 -53.99
N VAL C 344 -36.26 18.44 -55.17
CA VAL C 344 -34.88 18.01 -55.39
C VAL C 344 -34.06 19.18 -55.96
N HIS D 1 41.15 12.85 -33.86
CA HIS D 1 40.43 11.81 -34.61
C HIS D 1 39.29 11.34 -33.71
N MET D 2 38.39 10.48 -34.20
CA MET D 2 37.13 10.32 -33.48
C MET D 2 36.98 8.98 -32.77
N THR D 3 36.10 8.99 -31.78
CA THR D 3 35.78 7.85 -30.96
C THR D 3 34.32 7.49 -31.11
N PHE D 4 34.03 6.20 -31.27
CA PHE D 4 32.65 5.76 -31.35
C PHE D 4 32.47 4.40 -30.67
N LYS D 5 31.23 4.10 -30.33
CA LYS D 5 30.89 2.86 -29.63
C LYS D 5 30.45 1.78 -30.65
N ALA D 6 30.97 0.56 -30.45
CA ALA D 6 30.60 -0.59 -31.25
C ALA D 6 30.07 -1.67 -30.33
N GLU D 7 28.82 -2.10 -30.56
CA GLU D 7 28.24 -3.18 -29.76
C GLU D 7 28.39 -4.50 -30.49
N TYR D 8 29.25 -5.37 -29.93
CA TYR D 8 29.53 -6.66 -30.55
C TYR D 8 28.49 -7.64 -30.06
N ILE D 9 27.74 -8.18 -31.02
CA ILE D 9 26.62 -9.05 -30.69
C ILE D 9 26.86 -10.43 -31.26
N TRP D 10 26.61 -11.45 -30.46
CA TRP D 10 26.73 -12.82 -30.93
C TRP D 10 25.71 -13.77 -30.33
N ILE D 11 25.68 -14.98 -30.88
CA ILE D 11 24.80 -16.02 -30.41
C ILE D 11 25.64 -17.07 -29.68
N ASP D 12 25.18 -17.49 -28.51
CA ASP D 12 25.92 -18.44 -27.69
C ASP D 12 25.70 -19.91 -28.02
N GLY D 13 26.16 -20.80 -27.13
CA GLY D 13 26.03 -22.24 -27.29
C GLY D 13 25.05 -22.86 -26.30
N THR D 14 24.12 -22.05 -25.79
CA THR D 14 23.11 -22.51 -24.85
C THR D 14 22.19 -23.54 -25.48
N GLU D 15 21.79 -24.52 -24.67
CA GLU D 15 20.93 -25.60 -25.14
C GLU D 15 19.68 -25.64 -24.30
N PRO D 16 18.53 -25.97 -24.90
CA PRO D 16 18.26 -26.31 -26.30
C PRO D 16 18.26 -25.08 -27.24
N THR D 17 17.99 -23.90 -26.68
CA THR D 17 17.89 -22.69 -27.50
C THR D 17 19.03 -21.71 -27.16
N ALA D 18 19.76 -21.30 -28.18
CA ALA D 18 20.89 -20.37 -28.00
C ALA D 18 20.45 -18.92 -27.70
N LYS D 19 21.33 -18.16 -27.04
CA LYS D 19 20.97 -16.81 -26.60
C LYS D 19 21.88 -15.71 -27.13
N LEU D 20 21.31 -14.52 -27.28
CA LEU D 20 22.12 -13.37 -27.69
C LEU D 20 23.04 -12.87 -26.57
N ARG D 21 24.26 -12.50 -26.96
CA ARG D 21 25.24 -11.86 -26.09
C ARG D 21 25.81 -10.61 -26.73
N SER D 22 26.22 -9.65 -25.90
CA SER D 22 26.80 -8.40 -26.42
C SER D 22 27.75 -7.74 -25.45
N LYS D 23 28.76 -7.09 -26.01
CA LYS D 23 29.52 -6.17 -25.23
C LYS D 23 29.96 -5.00 -26.08
N THR D 24 30.38 -3.93 -25.41
CA THR D 24 30.74 -2.68 -26.05
C THR D 24 32.25 -2.48 -26.19
N LYS D 25 32.65 -2.09 -27.40
CA LYS D 25 34.03 -1.77 -27.68
C LYS D 25 34.09 -0.29 -28.04
N ILE D 26 35.07 0.42 -27.48
CA ILE D 26 35.24 1.82 -27.79
C ILE D 26 36.32 1.90 -28.86
N ILE D 27 35.96 2.46 -30.00
CA ILE D 27 36.87 2.45 -31.13
C ILE D 27 37.27 3.85 -31.46
N THR D 28 38.57 4.05 -31.64
CA THR D 28 39.07 5.37 -32.00
C THR D 28 39.77 5.19 -33.34
N ALA D 29 38.99 5.27 -34.41
CA ALA D 29 39.51 5.06 -35.76
C ALA D 29 38.56 5.70 -36.74
N ALA D 30 38.96 5.68 -38.01
CA ALA D 30 38.13 6.24 -39.06
C ALA D 30 37.16 5.17 -39.53
N PRO D 31 35.86 5.50 -39.52
CA PRO D 31 34.84 4.49 -39.83
C PRO D 31 34.93 3.98 -41.28
N ALA D 32 34.76 2.68 -41.45
CA ALA D 32 34.76 1.99 -42.73
C ALA D 32 33.98 0.71 -42.47
N GLY D 33 33.44 0.14 -43.53
CA GLY D 33 32.43 -0.90 -43.38
C GLY D 33 32.93 -2.29 -43.16
N LEU D 34 32.76 -2.76 -41.93
CA LEU D 34 32.91 -4.17 -41.61
C LEU D 34 34.37 -4.64 -41.67
N ASP D 35 35.00 -4.42 -42.82
CA ASP D 35 36.35 -4.91 -43.07
C ASP D 35 37.38 -4.21 -42.19
N ALA D 36 37.12 -2.95 -41.84
CA ALA D 36 38.02 -2.19 -40.98
C ALA D 36 37.73 -2.47 -39.51
N LEU D 37 36.65 -3.20 -39.24
CA LEU D 37 36.30 -3.49 -37.85
C LEU D 37 37.12 -4.68 -37.33
N PRO D 38 37.75 -4.49 -36.17
CA PRO D 38 38.65 -5.49 -35.58
C PRO D 38 37.89 -6.74 -35.16
N VAL D 39 38.53 -7.89 -35.30
CA VAL D 39 38.02 -9.11 -34.69
C VAL D 39 38.31 -9.01 -33.20
N TRP D 40 37.52 -9.73 -32.41
CA TRP D 40 37.59 -9.66 -30.96
C TRP D 40 37.44 -11.05 -30.39
N GLY D 41 37.39 -11.12 -29.07
CA GLY D 41 37.28 -12.39 -28.40
C GLY D 41 36.47 -12.27 -27.12
N PHE D 42 36.16 -13.41 -26.55
CA PHE D 42 35.47 -13.47 -25.25
C PHE D 42 35.76 -14.79 -24.56
N ASP D 43 35.34 -14.86 -23.30
CA ASP D 43 35.46 -16.09 -22.54
C ASP D 43 34.23 -16.98 -22.68
N GLY D 44 34.44 -18.12 -23.33
CA GLY D 44 33.38 -19.06 -23.65
C GLY D 44 32.82 -19.69 -22.40
N SER D 45 33.64 -19.80 -21.35
CA SER D 45 33.28 -20.49 -20.13
C SER D 45 32.01 -19.82 -19.56
N SER D 46 31.90 -18.51 -19.72
CA SER D 46 30.74 -17.79 -19.19
C SER D 46 29.45 -17.95 -20.05
N THR D 47 29.58 -18.44 -21.30
CA THR D 47 28.44 -18.53 -22.24
C THR D 47 28.05 -19.91 -22.75
N ASN D 48 28.54 -20.98 -22.10
CA ASN D 48 28.22 -22.37 -22.47
C ASN D 48 28.78 -22.81 -23.87
N GLN D 49 29.80 -22.08 -24.31
CA GLN D 49 30.63 -22.27 -25.54
C GLN D 49 31.99 -22.72 -25.09
N ALA D 50 31.94 -23.25 -23.87
CA ALA D 50 33.05 -24.01 -23.36
C ALA D 50 32.53 -24.92 -22.29
N GLU D 51 32.31 -24.30 -21.16
CA GLU D 51 32.11 -24.97 -19.89
C GLU D 51 33.24 -26.01 -19.64
N GLY D 52 34.47 -25.69 -20.02
CA GLY D 52 35.57 -26.64 -19.98
C GLY D 52 36.85 -25.88 -19.73
N SER D 53 38.01 -26.48 -19.97
CA SER D 53 39.26 -25.83 -19.60
C SER D 53 40.16 -25.40 -20.78
N SER D 54 39.67 -25.52 -22.01
CA SER D 54 40.51 -25.19 -23.18
C SER D 54 39.95 -24.18 -24.20
N SER D 55 38.73 -23.69 -24.01
CA SER D 55 38.12 -22.78 -24.98
C SER D 55 37.99 -21.28 -24.65
N ASP D 56 38.65 -20.51 -25.51
CA ASP D 56 38.66 -19.06 -25.59
C ASP D 56 38.12 -18.86 -26.99
N CYS D 57 37.27 -17.87 -27.20
CA CYS D 57 36.55 -17.77 -28.46
C CYS D 57 36.85 -16.47 -29.15
N VAL D 58 36.62 -16.47 -30.46
CA VAL D 58 36.93 -15.33 -31.30
C VAL D 58 35.66 -14.76 -31.88
N LEU D 59 35.56 -13.43 -31.85
CA LEU D 59 34.45 -12.68 -32.45
C LEU D 59 34.83 -12.08 -33.81
N LYS D 60 34.10 -12.48 -34.85
CA LYS D 60 34.31 -11.96 -36.18
C LYS D 60 33.11 -11.26 -36.76
N PRO D 61 33.24 -9.95 -37.02
CA PRO D 61 32.15 -9.16 -37.58
C PRO D 61 31.68 -9.75 -38.92
N VAL D 62 30.38 -9.88 -39.08
CA VAL D 62 29.81 -10.37 -40.33
C VAL D 62 28.76 -9.41 -40.89
N PHE D 63 28.24 -8.58 -39.98
CA PHE D 63 27.19 -7.61 -40.27
C PHE D 63 27.26 -6.41 -39.32
N SER D 64 26.93 -5.23 -39.83
CA SER D 64 26.92 -4.02 -39.00
C SER D 64 25.86 -3.03 -39.41
N CYS D 65 25.40 -2.23 -38.46
CA CYS D 65 24.37 -1.24 -38.72
C CYS D 65 24.54 -0.16 -37.66
N PRO D 66 23.86 0.97 -37.84
CA PRO D 66 23.86 2.01 -36.81
C PRO D 66 23.15 1.52 -35.54
N ASP D 67 23.61 1.98 -34.37
CA ASP D 67 22.93 1.76 -33.12
C ASP D 67 21.87 2.86 -32.94
N PRO D 68 20.58 2.50 -33.10
CA PRO D 68 19.44 3.41 -33.04
C PRO D 68 19.17 3.92 -31.64
N ILE D 69 19.54 3.13 -30.64
CA ILE D 69 19.37 3.52 -29.25
C ILE D 69 20.40 4.54 -28.78
N ARG D 70 21.66 4.21 -28.99
CA ARG D 70 22.74 5.12 -28.63
C ARG D 70 22.72 6.32 -29.57
N GLY D 71 22.42 6.05 -30.84
CA GLY D 71 22.35 7.10 -31.84
C GLY D 71 23.72 7.58 -32.31
N GLY D 72 23.71 8.65 -33.08
CA GLY D 72 24.95 9.22 -33.57
C GLY D 72 25.78 8.30 -34.43
N GLU D 73 27.05 8.18 -34.09
CA GLU D 73 28.01 7.44 -34.90
C GLU D 73 28.25 6.04 -34.35
N ASP D 74 27.48 5.69 -33.32
CA ASP D 74 27.61 4.39 -32.65
C ASP D 74 26.97 3.31 -33.53
N ILE D 75 27.49 2.09 -33.44
CA ILE D 75 27.07 1.03 -34.36
C ILE D 75 26.85 -0.31 -33.68
N LEU D 76 26.10 -1.19 -34.35
CA LEU D 76 25.95 -2.57 -33.88
C LEU D 76 26.79 -3.50 -34.76
N VAL D 77 27.54 -4.40 -34.15
CA VAL D 77 28.36 -5.34 -34.91
C VAL D 77 27.98 -6.77 -34.58
N LEU D 78 27.27 -7.39 -35.50
CA LEU D 78 26.92 -8.79 -35.37
C LEU D 78 28.08 -9.66 -35.81
N CYS D 79 28.43 -10.64 -34.97
CA CYS D 79 29.60 -11.47 -35.21
C CYS D 79 29.28 -12.94 -35.30
N GLU D 80 30.20 -13.69 -35.91
CA GLU D 80 30.13 -15.13 -35.81
C GLU D 80 31.27 -15.55 -34.88
N VAL D 81 31.16 -16.75 -34.33
CA VAL D 81 32.10 -17.23 -33.33
C VAL D 81 33.03 -18.25 -33.97
N LEU D 82 34.34 -18.05 -33.72
CA LEU D 82 35.38 -18.90 -34.27
C LEU D 82 36.24 -19.47 -33.14
N ASP D 83 36.89 -20.59 -33.43
CA ASP D 83 37.91 -21.10 -32.55
C ASP D 83 39.14 -20.22 -32.72
N THR D 84 40.14 -20.38 -31.86
CA THR D 84 41.36 -19.58 -31.91
C THR D 84 42.13 -19.81 -33.23
N ASP D 85 41.86 -20.94 -33.89
CA ASP D 85 42.48 -21.25 -35.18
C ASP D 85 41.67 -20.68 -36.35
N MET D 86 40.70 -19.83 -36.03
CA MET D 86 39.89 -19.09 -37.01
C MET D 86 38.90 -19.95 -37.78
N THR D 87 38.74 -21.20 -37.35
CA THR D 87 37.68 -22.03 -37.91
C THR D 87 36.38 -21.77 -37.14
N PRO D 88 35.23 -22.10 -37.76
CA PRO D 88 33.96 -21.88 -37.08
C PRO D 88 33.84 -22.70 -35.79
N HIS D 89 33.29 -22.07 -34.76
CA HIS D 89 33.05 -22.71 -33.48
C HIS D 89 31.86 -23.69 -33.69
N PRO D 90 31.79 -24.75 -32.88
CA PRO D 90 30.67 -25.70 -33.04
C PRO D 90 29.28 -25.07 -32.90
N SER D 91 29.16 -24.03 -32.06
CA SER D 91 27.90 -23.29 -31.91
C SER D 91 27.50 -22.49 -33.15
N ASN D 92 28.50 -22.19 -34.00
CA ASN D 92 28.29 -21.37 -35.19
C ASN D 92 27.41 -22.03 -36.27
N THR D 93 26.25 -21.41 -36.56
CA THR D 93 25.31 -21.97 -37.55
C THR D 93 25.24 -21.14 -38.82
N ARG D 94 25.87 -19.96 -38.81
CA ARG D 94 25.96 -19.13 -40.00
C ARG D 94 26.84 -19.72 -41.10
N ALA D 95 27.98 -20.32 -40.70
CA ALA D 95 28.98 -20.79 -41.66
C ALA D 95 28.42 -21.89 -42.56
N ALA D 96 27.61 -22.76 -41.96
CA ALA D 96 26.94 -23.80 -42.70
C ALA D 96 25.96 -23.16 -43.69
N LEU D 97 25.26 -22.13 -43.25
CA LEU D 97 24.37 -21.44 -44.16
C LEU D 97 25.11 -20.73 -45.30
N ALA D 98 26.26 -20.15 -45.00
CA ALA D 98 27.06 -19.44 -46.00
C ALA D 98 27.53 -20.36 -47.14
N GLU D 99 27.90 -21.59 -46.79
CA GLU D 99 28.32 -22.56 -47.78
C GLU D 99 27.11 -22.92 -48.71
N LEU D 100 25.94 -23.19 -48.11
CA LEU D 100 24.75 -23.54 -48.89
C LEU D 100 24.24 -22.35 -49.69
N SER D 101 24.42 -21.16 -49.13
CA SER D 101 24.02 -19.94 -49.81
C SER D 101 24.82 -19.77 -51.09
N GLU D 102 26.12 -19.99 -50.97
CA GLU D 102 27.01 -19.88 -52.11
C GLU D 102 26.75 -20.98 -53.15
N ARG D 103 26.47 -22.18 -52.66
CA ARG D 103 26.22 -23.33 -53.52
C ARG D 103 25.01 -23.13 -54.43
N PHE D 104 24.02 -22.40 -53.94
CA PHE D 104 22.77 -22.24 -54.69
C PHE D 104 22.45 -20.81 -55.12
N ALA D 105 23.48 -19.98 -55.24
CA ALA D 105 23.25 -18.57 -55.54
C ALA D 105 22.55 -18.33 -56.88
N ALA D 106 22.74 -19.29 -57.80
CA ALA D 106 22.17 -19.24 -59.15
C ALA D 106 20.64 -19.26 -59.12
N GLN D 107 20.08 -19.97 -58.14
CA GLN D 107 18.64 -20.04 -57.96
C GLN D 107 18.03 -18.77 -57.34
N GLU D 108 18.88 -17.91 -56.77
CA GLU D 108 18.47 -16.63 -56.18
C GLU D 108 17.38 -16.78 -55.11
N PRO D 109 17.66 -17.56 -54.05
CA PRO D 109 16.65 -17.75 -53.00
C PRO D 109 16.37 -16.44 -52.23
N VAL D 110 15.10 -16.21 -51.88
CA VAL D 110 14.71 -15.01 -51.14
C VAL D 110 13.76 -15.39 -49.97
N PHE D 111 13.88 -14.70 -48.84
CA PHE D 111 13.08 -15.03 -47.67
C PHE D 111 12.33 -13.89 -47.03
N GLY D 112 11.15 -14.21 -46.50
CA GLY D 112 10.46 -13.32 -45.59
C GLY D 112 10.16 -14.12 -44.33
N ILE D 113 10.42 -13.52 -43.17
CA ILE D 113 10.11 -14.17 -41.89
C ILE D 113 9.17 -13.34 -41.04
N GLU D 114 8.08 -13.97 -40.60
CA GLU D 114 7.09 -13.32 -39.74
C GLU D 114 7.36 -13.72 -38.32
N GLN D 115 7.97 -12.82 -37.56
CA GLN D 115 8.51 -13.19 -36.26
C GLN D 115 7.56 -12.76 -35.16
N GLU D 116 7.05 -13.76 -34.44
CA GLU D 116 6.10 -13.46 -33.39
C GLU D 116 6.77 -13.44 -32.03
N TYR D 117 6.16 -12.71 -31.11
CA TYR D 117 6.69 -12.67 -29.76
C TYR D 117 5.60 -12.24 -28.82
N THR D 118 5.83 -12.54 -27.54
CA THR D 118 4.89 -12.22 -26.47
C THR D 118 5.57 -11.45 -25.35
N PHE D 119 4.91 -10.37 -24.94
CA PHE D 119 5.38 -9.58 -23.80
C PHE D 119 5.06 -10.21 -22.45
N PHE D 120 6.00 -10.06 -21.54
CA PHE D 120 5.82 -10.53 -20.18
C PHE D 120 6.25 -9.47 -19.21
N LYS D 121 5.56 -9.45 -18.08
CA LYS D 121 5.99 -8.67 -16.96
C LYS D 121 6.27 -9.62 -15.77
N GLY D 122 7.56 -9.87 -15.54
CA GLY D 122 7.97 -10.92 -14.64
C GLY D 122 7.52 -12.21 -15.24
N THR D 123 6.87 -13.04 -14.42
CA THR D 123 6.30 -14.32 -14.84
C THR D 123 4.90 -14.16 -15.47
N ARG D 124 4.36 -12.95 -15.39
CA ARG D 124 3.00 -12.71 -15.87
C ARG D 124 2.98 -12.22 -17.32
N PRO D 125 2.10 -12.81 -18.15
CA PRO D 125 1.91 -12.23 -19.49
C PRO D 125 1.41 -10.80 -19.36
N LEU D 126 1.96 -9.89 -20.15
CA LEU D 126 1.66 -8.47 -20.05
C LEU D 126 0.18 -8.16 -20.27
N GLY D 127 -0.48 -8.98 -21.07
CA GLY D 127 -1.88 -8.76 -21.37
C GLY D 127 -2.75 -9.50 -20.38
N PHE D 128 -2.13 -10.12 -19.37
CA PHE D 128 -2.90 -10.91 -18.40
C PHE D 128 -3.04 -10.13 -17.09
N PRO D 129 -4.19 -10.29 -16.42
CA PRO D 129 -4.38 -9.71 -15.09
C PRO D 129 -3.67 -10.57 -14.05
N GLU D 130 -3.30 -9.98 -12.92
CA GLU D 130 -2.63 -10.76 -11.88
C GLU D 130 -3.58 -11.82 -11.32
N GLY D 131 -3.12 -13.07 -11.32
CA GLY D 131 -3.92 -14.14 -10.73
C GLY D 131 -5.06 -14.66 -11.59
N GLY D 132 -5.10 -14.27 -12.87
CA GLY D 132 -6.24 -14.60 -13.68
C GLY D 132 -6.07 -14.66 -15.18
N PHE D 133 -7.20 -14.63 -15.88
CA PHE D 133 -7.22 -14.73 -17.33
C PHE D 133 -7.99 -13.53 -17.87
N PRO D 134 -7.59 -13.06 -19.07
CA PRO D 134 -8.35 -12.00 -19.72
C PRO D 134 -9.53 -12.57 -20.47
N ALA D 135 -10.30 -11.71 -21.13
CA ALA D 135 -11.42 -12.19 -21.92
C ALA D 135 -10.84 -13.06 -23.02
N ALA D 136 -11.67 -13.96 -23.55
CA ALA D 136 -11.17 -14.92 -24.53
C ALA D 136 -10.75 -14.19 -25.79
N GLN D 137 -9.97 -14.87 -26.61
CA GLN D 137 -9.38 -14.27 -27.80
C GLN D 137 -10.44 -13.88 -28.82
N GLY D 138 -10.12 -12.86 -29.62
CA GLY D 138 -11.02 -12.37 -30.66
C GLY D 138 -10.84 -10.89 -30.94
N GLY D 139 -10.69 -10.09 -29.88
CA GLY D 139 -10.51 -8.65 -30.05
C GLY D 139 -9.08 -8.14 -29.99
N TYR D 140 -8.13 -9.00 -29.64
CA TYR D 140 -6.73 -8.60 -29.56
C TYR D 140 -6.04 -8.43 -30.90
N TYR D 141 -6.42 -9.24 -31.87
CA TYR D 141 -5.69 -9.32 -33.11
C TYR D 141 -5.90 -8.07 -33.99
N CYS D 142 -4.81 -7.37 -34.31
CA CYS D 142 -4.88 -6.12 -35.09
C CYS D 142 -5.79 -5.10 -34.40
N GLY D 143 -5.79 -5.16 -33.08
CA GLY D 143 -6.69 -4.35 -32.26
C GLY D 143 -6.33 -2.92 -31.96
N VAL D 144 -7.24 -2.25 -31.25
CA VAL D 144 -7.02 -0.90 -30.77
C VAL D 144 -7.70 -0.71 -29.42
N GLY D 145 -7.13 0.14 -28.56
CA GLY D 145 -7.72 0.40 -27.26
C GLY D 145 -7.05 -0.26 -26.05
N SER D 146 -7.13 0.38 -24.89
CA SER D 146 -6.45 -0.09 -23.67
C SER D 146 -6.94 -1.46 -23.16
N ASP D 147 -8.21 -1.78 -23.42
CA ASP D 147 -8.76 -3.07 -23.01
C ASP D 147 -8.09 -4.25 -23.71
N GLU D 148 -7.69 -4.03 -24.97
CA GLU D 148 -7.19 -5.13 -25.78
C GLU D 148 -5.74 -5.04 -26.27
N ILE D 149 -5.08 -3.90 -26.04
CA ILE D 149 -3.73 -3.70 -26.55
C ILE D 149 -2.73 -3.46 -25.43
N PHE D 150 -1.69 -4.29 -25.42
CA PHE D 150 -0.65 -4.24 -24.39
C PHE D 150 0.74 -4.24 -24.97
N GLY D 151 1.50 -3.22 -24.60
CA GLY D 151 2.87 -3.10 -25.00
C GLY D 151 3.05 -2.29 -26.27
N ARG D 152 2.04 -1.55 -26.72
CA ARG D 152 2.22 -0.82 -27.99
C ARG D 152 3.35 0.20 -27.97
N ASP D 153 3.58 0.82 -26.80
CA ASP D 153 4.65 1.80 -26.67
C ASP D 153 6.01 1.15 -27.00
N VAL D 154 6.21 -0.08 -26.51
CA VAL D 154 7.42 -0.82 -26.81
C VAL D 154 7.53 -1.18 -28.30
N VAL D 155 6.42 -1.64 -28.87
CA VAL D 155 6.42 -2.09 -30.24
C VAL D 155 6.81 -0.96 -31.18
N GLU D 156 6.28 0.24 -30.92
CA GLU D 156 6.58 1.42 -31.73
C GLU D 156 8.02 1.87 -31.60
N ALA D 157 8.55 1.82 -30.37
CA ALA D 157 9.93 2.19 -30.13
C ALA D 157 10.84 1.21 -30.86
N HIS D 158 10.46 -0.07 -30.80
CA HIS D 158 11.22 -1.15 -31.47
C HIS D 158 11.23 -1.05 -33.00
N LEU D 159 10.07 -0.75 -33.60
CA LEU D 159 9.98 -0.59 -35.04
C LEU D 159 10.83 0.61 -35.51
N GLU D 160 10.72 1.74 -34.80
CA GLU D 160 11.51 2.90 -35.17
C GLU D 160 13.02 2.61 -35.07
N ASN D 161 13.43 1.83 -34.07
CA ASN D 161 14.82 1.42 -33.91
C ASN D 161 15.32 0.52 -35.05
N CYS D 162 14.47 -0.41 -35.48
CA CYS D 162 14.82 -1.30 -36.57
C CYS D 162 15.03 -0.55 -37.87
N LEU D 163 14.14 0.40 -38.13
CA LEU D 163 14.22 1.20 -39.34
C LEU D 163 15.43 2.11 -39.33
N LYS D 164 15.72 2.67 -38.16
CA LYS D 164 16.89 3.48 -37.96
C LYS D 164 18.17 2.68 -38.16
N ALA D 165 18.14 1.40 -37.78
CA ALA D 165 19.26 0.46 -38.03
C ALA D 165 19.41 0.06 -39.51
N GLY D 166 18.37 0.34 -40.29
CA GLY D 166 18.34 0.05 -41.72
C GLY D 166 17.83 -1.34 -42.02
N LEU D 167 17.24 -2.03 -41.04
CA LEU D 167 16.77 -3.39 -41.28
C LEU D 167 15.51 -3.41 -42.15
N GLY D 168 15.36 -4.47 -42.95
CA GLY D 168 14.25 -4.57 -43.88
C GLY D 168 12.99 -5.10 -43.25
N ILE D 169 12.28 -4.20 -42.57
CA ILE D 169 11.02 -4.55 -41.94
C ILE D 169 9.94 -4.11 -42.92
N SER D 170 9.02 -5.02 -43.21
CA SER D 170 7.94 -4.74 -44.15
C SER D 170 6.65 -4.38 -43.41
N GLY D 171 6.52 -4.87 -42.17
CA GLY D 171 5.33 -4.60 -41.37
C GLY D 171 5.35 -5.09 -39.93
N ILE D 172 4.38 -4.62 -39.14
CA ILE D 172 4.14 -5.14 -37.81
C ILE D 172 2.64 -5.25 -37.59
N ASN D 173 2.20 -6.15 -36.71
CA ASN D 173 0.80 -6.22 -36.28
C ASN D 173 0.63 -6.81 -34.89
N ALA D 174 -0.51 -6.51 -34.27
CA ALA D 174 -0.84 -7.12 -32.98
C ALA D 174 -1.39 -8.51 -33.22
N GLU D 175 -0.95 -9.49 -32.42
CA GLU D 175 -1.38 -10.87 -32.68
C GLU D 175 -2.59 -11.30 -31.87
N VAL D 176 -2.99 -12.56 -32.08
CA VAL D 176 -4.25 -13.11 -31.53
C VAL D 176 -4.26 -13.15 -29.99
N MET D 177 -3.13 -13.51 -29.38
CA MET D 177 -3.01 -13.47 -27.93
C MET D 177 -2.73 -12.07 -27.43
N PRO D 178 -3.34 -11.68 -26.30
CA PRO D 178 -3.06 -10.36 -25.73
C PRO D 178 -1.59 -10.21 -25.33
N GLY D 179 -1.02 -9.07 -25.73
CA GLY D 179 0.38 -8.82 -25.51
C GLY D 179 1.25 -9.59 -26.48
N GLN D 180 0.63 -10.19 -27.49
CA GLN D 180 1.38 -10.90 -28.53
C GLN D 180 1.42 -10.03 -29.80
N TRP D 181 2.61 -9.99 -30.41
CA TRP D 181 2.84 -9.07 -31.53
C TRP D 181 3.65 -9.75 -32.62
N GLU D 182 3.68 -9.16 -33.80
CA GLU D 182 4.49 -9.73 -34.88
C GLU D 182 5.19 -8.65 -35.68
N PHE D 183 6.40 -8.95 -36.13
CA PHE D 183 7.03 -8.12 -37.16
C PHE D 183 7.60 -9.00 -38.31
N GLN D 184 7.59 -8.47 -39.52
CA GLN D 184 7.97 -9.23 -40.72
C GLN D 184 9.28 -8.72 -41.28
N VAL D 185 10.22 -9.63 -41.47
CA VAL D 185 11.51 -9.30 -42.03
C VAL D 185 11.65 -9.87 -43.43
N GLY D 186 12.03 -9.02 -44.36
CA GLY D 186 12.23 -9.46 -45.72
C GLY D 186 11.53 -8.54 -46.72
N PRO D 187 11.57 -8.91 -48.01
CA PRO D 187 12.23 -10.11 -48.53
C PRO D 187 13.75 -9.92 -48.67
N LEU D 188 14.53 -10.94 -48.31
CA LEU D 188 16.00 -10.80 -48.30
C LEU D 188 16.72 -12.11 -48.64
N ALA D 189 18.01 -11.99 -48.96
CA ALA D 189 18.86 -13.14 -49.21
C ALA D 189 19.10 -13.88 -47.89
N PRO D 190 19.40 -15.21 -47.96
CA PRO D 190 19.41 -16.10 -46.78
C PRO D 190 20.34 -15.64 -45.65
N LEU D 191 21.59 -15.26 -45.97
CA LEU D 191 22.46 -14.77 -44.92
C LEU D 191 21.96 -13.44 -44.38
N GLU D 192 21.52 -12.59 -45.31
CA GLU D 192 21.04 -11.27 -44.96
C GLU D 192 19.75 -11.26 -44.14
N VAL D 193 18.80 -12.13 -44.50
CA VAL D 193 17.56 -12.19 -43.73
C VAL D 193 17.82 -12.68 -42.31
N SER D 194 18.75 -13.61 -42.17
CA SER D 194 19.09 -14.19 -40.88
C SER D 194 19.85 -13.20 -39.98
N ASP D 195 20.81 -12.45 -40.55
CA ASP D 195 21.60 -11.46 -39.79
C ASP D 195 20.70 -10.37 -39.29
N GLN D 196 19.81 -9.90 -40.15
CA GLN D 196 18.93 -8.81 -39.78
C GLN D 196 17.92 -9.24 -38.72
N LEU D 197 17.40 -10.47 -38.84
CA LEU D 197 16.45 -10.99 -37.84
C LEU D 197 17.06 -11.11 -36.46
N TRP D 198 18.31 -11.57 -36.41
CA TRP D 198 19.03 -11.69 -35.15
C TRP D 198 19.23 -10.36 -34.50
N VAL D 199 19.56 -9.36 -35.32
CA VAL D 199 19.75 -8.00 -34.81
C VAL D 199 18.41 -7.40 -34.33
N ALA D 200 17.34 -7.65 -35.08
CA ALA D 200 16.01 -7.16 -34.69
C ALA D 200 15.55 -7.78 -33.38
N ARG D 201 15.89 -9.06 -33.17
CA ARG D 201 15.59 -9.72 -31.90
C ARG D 201 16.33 -9.03 -30.80
N TRP D 202 17.61 -8.78 -31.06
CA TRP D 202 18.45 -8.14 -30.06
C TRP D 202 17.91 -6.74 -29.71
N LEU D 203 17.44 -6.02 -30.73
CA LEU D 203 16.87 -4.68 -30.55
C LEU D 203 15.57 -4.73 -29.75
N LEU D 204 14.80 -5.81 -29.92
CA LEU D 204 13.54 -5.98 -29.18
C LEU D 204 13.76 -6.16 -27.69
N TYR D 205 14.63 -7.11 -27.34
CA TYR D 205 14.93 -7.37 -25.94
C TYR D 205 15.49 -6.12 -25.34
N ARG D 206 16.43 -5.51 -26.06
CA ARG D 206 17.12 -4.33 -25.57
C ARG D 206 16.22 -3.11 -25.42
N THR D 207 15.33 -2.87 -26.39
CA THR D 207 14.35 -1.77 -26.31
C THR D 207 13.39 -1.93 -25.13
N ALA D 208 12.95 -3.17 -24.91
CA ALA D 208 11.97 -3.46 -23.88
C ALA D 208 12.51 -3.25 -22.48
N GLU D 209 13.84 -3.32 -22.34
CA GLU D 209 14.49 -3.06 -21.04
C GLU D 209 14.14 -1.68 -20.50
N ASP D 210 14.07 -0.70 -21.40
CA ASP D 210 13.77 0.68 -21.04
C ASP D 210 12.32 0.84 -20.56
N PHE D 211 11.43 -0.03 -21.01
CA PHE D 211 10.05 -0.01 -20.58
C PHE D 211 9.83 -0.98 -19.43
N GLU D 212 10.91 -1.61 -18.96
CA GLU D 212 10.84 -2.56 -17.84
C GLU D 212 9.89 -3.74 -18.10
N VAL D 213 9.86 -4.23 -19.33
CA VAL D 213 9.10 -5.43 -19.66
C VAL D 213 10.03 -6.39 -20.35
N SER D 214 9.54 -7.61 -20.57
CA SER D 214 10.34 -8.66 -21.20
C SER D 214 9.62 -9.17 -22.45
N ALA D 215 10.40 -9.70 -23.38
CA ALA D 215 9.83 -10.36 -24.53
C ALA D 215 10.33 -11.79 -24.58
N THR D 216 9.47 -12.69 -25.01
CA THR D 216 9.83 -14.09 -25.13
C THR D 216 9.46 -14.63 -26.49
N LEU D 217 10.28 -15.53 -26.99
CA LEU D 217 10.02 -16.17 -28.27
C LEU D 217 9.51 -17.59 -27.95
N ASP D 218 9.04 -17.83 -26.73
CA ASP D 218 8.43 -19.14 -26.41
C ASP D 218 7.23 -19.43 -27.32
N PRO D 219 7.21 -20.64 -27.90
CA PRO D 219 6.22 -21.09 -28.89
C PRO D 219 4.82 -21.24 -28.33
N LYS D 220 4.70 -21.61 -27.06
CA LYS D 220 3.42 -21.70 -26.39
C LYS D 220 3.54 -21.09 -25.00
N PRO D 221 3.62 -19.74 -24.93
CA PRO D 221 3.86 -19.01 -23.68
C PRO D 221 2.80 -19.28 -22.62
N VAL D 222 1.54 -19.42 -23.03
CA VAL D 222 0.48 -19.86 -22.12
C VAL D 222 -0.19 -21.14 -22.65
N LYS D 223 -0.31 -22.15 -21.78
CA LYS D 223 -0.94 -23.41 -22.20
C LYS D 223 -2.47 -23.29 -22.39
N GLY D 224 -3.02 -24.12 -23.26
CA GLY D 224 -4.46 -24.09 -23.52
C GLY D 224 -4.82 -23.57 -24.89
N ASP D 225 -5.94 -22.88 -24.97
CA ASP D 225 -6.44 -22.41 -26.27
C ASP D 225 -5.82 -21.07 -26.62
N TRP D 226 -4.99 -20.53 -25.71
CA TRP D 226 -4.23 -19.31 -26.00
C TRP D 226 -3.22 -19.56 -27.11
N ASN D 227 -3.11 -18.59 -28.02
CA ASN D 227 -2.31 -18.75 -29.23
C ASN D 227 -0.81 -18.93 -29.06
N GLY D 228 -0.25 -19.83 -29.85
CA GLY D 228 1.18 -20.02 -29.93
C GLY D 228 1.92 -18.97 -30.75
N ALA D 229 3.23 -18.92 -30.53
CA ALA D 229 4.09 -18.01 -31.28
C ALA D 229 4.94 -18.72 -32.34
N GLY D 230 4.75 -18.34 -33.60
CA GLY D 230 5.52 -18.92 -34.68
C GLY D 230 6.52 -18.00 -35.36
N ALA D 231 7.28 -18.55 -36.32
CA ALA D 231 8.12 -17.79 -37.24
C ALA D 231 7.88 -18.25 -38.70
N HIS D 232 6.75 -17.86 -39.28
CA HIS D 232 6.40 -18.29 -40.63
C HIS D 232 7.46 -17.82 -41.58
N THR D 233 7.89 -18.73 -42.45
CA THR D 233 8.95 -18.42 -43.38
C THR D 233 8.49 -18.51 -44.83
N ASN D 234 8.66 -17.40 -45.53
CA ASN D 234 8.30 -17.32 -46.94
C ASN D 234 9.54 -17.52 -47.76
N PHE D 235 9.44 -18.40 -48.74
CA PHE D 235 10.60 -18.80 -49.50
C PHE D 235 10.29 -18.92 -50.98
N SER D 236 11.21 -18.46 -51.82
CA SER D 236 11.08 -18.63 -53.25
C SER D 236 12.43 -18.63 -53.94
N THR D 237 12.46 -19.16 -55.16
CA THR D 237 13.66 -19.08 -55.99
C THR D 237 13.21 -18.36 -57.26
N LYS D 238 14.15 -18.05 -58.13
CA LYS D 238 13.85 -17.32 -59.36
C LYS D 238 12.83 -18.08 -60.19
N ALA D 239 13.01 -19.40 -60.28
CA ALA D 239 12.11 -20.27 -61.00
C ALA D 239 10.72 -20.27 -60.37
N MET D 240 10.69 -20.28 -59.05
CA MET D 240 9.43 -20.24 -58.32
C MET D 240 8.69 -18.91 -58.52
N ARG D 241 9.44 -17.81 -58.56
CA ARG D 241 8.84 -16.51 -58.86
C ARG D 241 8.35 -16.41 -60.29
N GLU D 242 8.96 -17.19 -61.16
CA GLU D 242 8.56 -17.25 -62.57
C GLU D 242 7.40 -18.16 -62.96
N GLY D 243 7.30 -19.35 -62.36
CA GLY D 243 6.30 -20.32 -62.81
C GLY D 243 5.80 -21.23 -61.72
N TYR D 244 4.63 -21.79 -61.96
CA TYR D 244 3.94 -22.58 -60.96
C TYR D 244 4.49 -23.99 -60.72
N ASP D 245 5.17 -24.54 -61.71
CA ASP D 245 5.66 -25.90 -61.61
C ASP D 245 6.72 -26.06 -60.51
N ALA D 246 7.59 -25.06 -60.40
CA ALA D 246 8.65 -25.00 -59.38
C ALA D 246 8.05 -24.91 -57.98
N ILE D 247 6.93 -24.21 -57.87
CA ILE D 247 6.23 -24.07 -56.60
C ILE D 247 5.78 -25.43 -56.05
N ILE D 248 5.18 -26.25 -56.91
CA ILE D 248 4.74 -27.60 -56.53
C ILE D 248 5.92 -28.51 -56.20
N THR D 249 6.99 -28.39 -56.97
CA THR D 249 8.18 -29.19 -56.73
C THR D 249 8.78 -28.86 -55.35
N ALA D 250 8.85 -27.57 -55.03
CA ALA D 250 9.36 -27.10 -53.74
C ALA D 250 8.52 -27.59 -52.55
N ALA D 251 7.20 -27.49 -52.68
CA ALA D 251 6.30 -27.92 -51.61
C ALA D 251 6.37 -29.42 -51.35
N GLU D 252 6.46 -30.20 -52.43
CA GLU D 252 6.59 -31.64 -52.34
C GLU D 252 7.93 -32.10 -51.76
N SER D 253 9.00 -31.35 -52.07
CA SER D 253 10.37 -31.67 -51.63
C SER D 253 10.43 -31.74 -50.11
N LEU D 254 9.61 -30.92 -49.46
CA LEU D 254 9.54 -30.85 -48.00
C LEU D 254 8.86 -32.09 -47.36
N GLY D 255 8.11 -32.83 -48.17
CA GLY D 255 7.40 -34.03 -47.73
C GLY D 255 8.12 -35.35 -47.98
N GLU D 256 9.26 -35.32 -48.65
CA GLU D 256 9.98 -36.55 -49.05
C GLU D 256 10.89 -37.09 -47.97
N GLY D 257 11.00 -38.42 -47.89
CA GLY D 257 11.98 -39.06 -47.04
C GLY D 257 11.91 -38.65 -45.57
N SER D 258 13.03 -38.20 -45.03
CA SER D 258 13.11 -37.81 -43.61
C SER D 258 13.01 -36.31 -43.40
N LYS D 259 12.74 -35.60 -44.51
CA LYS D 259 12.71 -34.11 -44.49
C LYS D 259 11.70 -33.52 -43.50
N PRO D 260 10.50 -34.14 -43.32
CA PRO D 260 9.58 -33.52 -42.36
C PRO D 260 10.17 -33.48 -40.94
N MET D 261 10.68 -34.63 -40.49
CA MET D 261 11.36 -34.71 -39.20
C MET D 261 12.68 -33.94 -39.19
N ASP D 262 13.41 -33.94 -40.31
CA ASP D 262 14.70 -33.22 -40.40
C ASP D 262 14.49 -31.73 -40.12
N HIS D 263 13.45 -31.16 -40.73
CA HIS D 263 13.09 -29.77 -40.47
C HIS D 263 12.48 -29.56 -39.08
N VAL D 264 11.46 -30.37 -38.76
CA VAL D 264 10.68 -30.16 -37.54
C VAL D 264 11.53 -30.29 -36.27
N LYS D 265 12.53 -31.17 -36.28
CA LYS D 265 13.37 -31.34 -35.10
C LYS D 265 14.40 -30.22 -34.99
N ASN D 266 14.43 -29.34 -36.00
CA ASN D 266 15.30 -28.15 -35.97
C ASN D 266 14.55 -26.83 -36.04
N TYR D 267 13.23 -26.88 -35.88
CA TYR D 267 12.39 -25.72 -36.08
C TYR D 267 12.04 -25.05 -34.75
N GLY D 268 12.77 -25.44 -33.70
CA GLY D 268 12.64 -24.80 -32.41
C GLY D 268 12.23 -25.69 -31.25
N ALA D 269 12.67 -25.32 -30.05
CA ALA D 269 12.40 -26.11 -28.87
C ALA D 269 10.95 -25.97 -28.41
N GLY D 270 10.33 -27.08 -28.07
CA GLY D 270 8.96 -27.11 -27.59
C GLY D 270 7.96 -27.08 -28.72
N ILE D 271 8.40 -27.50 -29.91
CA ILE D 271 7.55 -27.50 -31.07
C ILE D 271 6.32 -28.40 -30.90
N ASP D 272 6.48 -29.48 -30.13
CA ASP D 272 5.36 -30.40 -29.83
C ASP D 272 4.25 -29.69 -29.04
N ASP D 273 4.65 -28.72 -28.23
CA ASP D 273 3.72 -27.87 -27.48
C ASP D 273 2.90 -26.88 -28.33
N ARG D 274 3.48 -26.38 -29.41
CA ARG D 274 2.77 -25.45 -30.30
C ARG D 274 2.00 -26.10 -31.45
N LEU D 275 2.64 -27.06 -32.12
CA LEU D 275 2.05 -27.70 -33.31
C LEU D 275 1.20 -28.89 -32.96
N THR D 276 -0.08 -28.61 -32.72
CA THR D 276 -1.03 -29.64 -32.36
C THR D 276 -2.04 -29.81 -33.49
N GLY D 277 -2.77 -30.92 -33.49
CA GLY D 277 -3.75 -31.11 -34.53
C GLY D 277 -4.87 -30.09 -34.42
N LEU D 278 -5.39 -29.94 -33.20
CA LEU D 278 -6.68 -29.32 -32.95
C LEU D 278 -6.72 -27.89 -33.45
N HIS D 279 -5.71 -27.12 -33.06
CA HIS D 279 -5.58 -25.75 -33.55
C HIS D 279 -4.39 -25.76 -34.53
N GLU D 280 -3.82 -24.58 -34.78
CA GLU D 280 -2.64 -24.38 -35.63
C GLU D 280 -1.39 -25.13 -35.18
N THR D 281 -0.74 -25.75 -36.17
CA THR D 281 -1.23 -25.70 -37.54
C THR D 281 -1.73 -27.10 -37.80
N ALA D 282 -0.81 -27.94 -38.23
CA ALA D 282 -1.07 -29.33 -38.54
C ALA D 282 -0.20 -29.94 -37.47
N PRO D 283 -0.36 -31.24 -37.21
CA PRO D 283 0.53 -31.79 -36.18
C PRO D 283 1.98 -31.81 -36.65
N TRP D 284 2.90 -31.69 -35.70
CA TRP D 284 4.33 -31.65 -35.97
C TRP D 284 4.84 -32.96 -36.61
N ASN D 285 4.09 -34.04 -36.42
CA ASN D 285 4.51 -35.36 -36.87
C ASN D 285 3.91 -35.80 -38.22
N GLU D 286 3.15 -34.90 -38.84
CA GLU D 286 2.59 -35.17 -40.15
C GLU D 286 2.85 -34.00 -41.07
N TYR D 287 3.16 -34.30 -42.32
CA TYR D 287 3.37 -33.25 -43.29
C TYR D 287 2.20 -33.11 -44.26
N SER D 288 1.75 -31.87 -44.44
CA SER D 288 0.75 -31.59 -45.45
C SER D 288 1.05 -30.25 -46.10
N TYR D 289 0.61 -30.09 -47.34
CA TYR D 289 0.65 -28.79 -47.99
C TYR D 289 -0.61 -28.62 -48.81
N GLY D 290 -1.04 -27.38 -48.99
CA GLY D 290 -2.25 -27.16 -49.76
C GLY D 290 -2.35 -25.70 -50.14
N VAL D 291 -3.20 -25.45 -51.15
CA VAL D 291 -3.41 -24.09 -51.61
C VAL D 291 -4.38 -23.44 -50.65
N SER D 292 -3.94 -22.35 -50.05
CA SER D 292 -4.76 -21.56 -49.15
C SER D 292 -5.10 -22.38 -47.92
N ASP D 293 -4.35 -23.45 -47.63
CA ASP D 293 -4.70 -24.30 -46.50
C ASP D 293 -3.86 -23.85 -45.32
N ARG D 294 -4.54 -23.16 -44.42
CA ARG D 294 -3.95 -22.61 -43.24
C ARG D 294 -3.74 -23.67 -42.15
N GLY D 295 -4.34 -24.84 -42.33
CA GLY D 295 -4.17 -25.97 -41.43
C GLY D 295 -3.00 -26.85 -41.85
N ALA D 296 -2.50 -26.60 -43.05
CA ALA D 296 -1.36 -27.33 -43.60
C ALA D 296 -0.02 -26.87 -43.00
N SER D 297 0.99 -27.72 -43.12
CA SER D 297 2.36 -27.40 -42.72
C SER D 297 2.90 -26.28 -43.62
N VAL D 298 2.62 -26.40 -44.92
CA VAL D 298 3.02 -25.39 -45.90
C VAL D 298 1.80 -24.93 -46.69
N ARG D 299 1.66 -23.61 -46.83
CA ARG D 299 0.54 -23.03 -47.55
C ARG D 299 0.98 -22.42 -48.87
N ILE D 300 0.19 -22.64 -49.91
CA ILE D 300 0.36 -21.89 -51.16
C ILE D 300 -0.72 -20.82 -51.19
N PRO D 301 -0.29 -19.55 -51.10
CA PRO D 301 -1.25 -18.43 -51.04
C PRO D 301 -2.09 -18.37 -52.31
N TRP D 302 -3.31 -17.89 -52.17
CA TRP D 302 -4.27 -17.89 -53.26
C TRP D 302 -3.79 -17.04 -54.44
N GLN D 303 -3.07 -15.97 -54.15
CA GLN D 303 -2.54 -15.11 -55.20
C GLN D 303 -1.53 -15.88 -56.04
N VAL D 304 -0.73 -16.69 -55.35
CA VAL D 304 0.30 -17.45 -56.02
C VAL D 304 -0.29 -18.50 -56.99
N GLU D 305 -1.32 -19.21 -56.53
CA GLU D 305 -2.01 -20.23 -57.32
C GLU D 305 -2.81 -19.55 -58.46
N LYS D 306 -3.36 -18.37 -58.19
CA LYS D 306 -4.04 -17.60 -59.23
C LYS D 306 -3.07 -17.12 -60.32
N ASP D 307 -1.90 -16.63 -59.90
CA ASP D 307 -0.95 -16.01 -60.83
C ASP D 307 -0.04 -17.04 -61.46
N GLY D 308 -0.08 -18.27 -60.94
CA GLY D 308 0.77 -19.34 -61.46
C GLY D 308 2.22 -19.05 -61.13
N LYS D 309 2.49 -18.20 -60.17
CA LYS D 309 3.86 -17.88 -59.75
C LYS D 309 3.81 -17.19 -58.41
N GLY D 310 4.96 -17.15 -57.72
CA GLY D 310 5.01 -16.63 -56.38
C GLY D 310 6.02 -17.30 -55.45
N TYR D 311 5.53 -17.59 -54.23
CA TYR D 311 6.36 -18.16 -53.19
C TYR D 311 5.55 -19.17 -52.41
N ILE D 312 6.19 -19.83 -51.45
CA ILE D 312 5.47 -20.68 -50.52
C ILE D 312 5.75 -20.23 -49.08
N GLU D 313 4.83 -20.59 -48.20
CA GLU D 313 4.90 -20.20 -46.80
C GLU D 313 5.02 -21.43 -45.89
N ASP D 314 6.11 -21.55 -45.15
CA ASP D 314 6.27 -22.64 -44.20
C ASP D 314 5.78 -22.20 -42.83
N ARG D 315 4.70 -22.83 -42.38
CA ARG D 315 4.06 -22.40 -41.14
C ARG D 315 4.59 -23.15 -39.90
N ARG D 316 5.49 -24.10 -40.12
CA ARG D 316 6.06 -24.89 -39.02
C ARG D 316 7.04 -24.24 -38.02
N PRO D 317 7.90 -23.30 -38.44
CA PRO D 317 8.91 -22.88 -37.45
C PRO D 317 8.37 -22.14 -36.21
N ASN D 318 8.93 -22.48 -35.05
CA ASN D 318 8.57 -21.83 -33.78
C ASN D 318 9.16 -20.42 -33.80
N ALA D 319 8.64 -19.55 -32.96
CA ALA D 319 9.20 -18.22 -32.81
C ALA D 319 10.64 -18.31 -32.29
N ASN D 320 10.99 -19.41 -31.63
CA ASN D 320 12.34 -19.55 -31.08
C ASN D 320 13.28 -20.33 -32.00
N VAL D 321 12.88 -20.48 -33.27
CA VAL D 321 13.75 -21.12 -34.25
C VAL D 321 14.95 -20.22 -34.50
N ASP D 322 16.11 -20.83 -34.74
CA ASP D 322 17.30 -20.14 -35.22
C ASP D 322 17.12 -19.90 -36.74
N PRO D 323 17.14 -18.63 -37.17
CA PRO D 323 17.01 -18.28 -38.59
C PRO D 323 18.10 -18.88 -39.47
N TYR D 324 19.32 -18.99 -38.96
CA TYR D 324 20.41 -19.58 -39.73
C TYR D 324 20.07 -21.02 -40.10
N VAL D 325 19.42 -21.71 -39.17
CA VAL D 325 19.03 -23.10 -39.39
C VAL D 325 17.84 -23.28 -40.37
N VAL D 326 16.75 -22.55 -40.15
CA VAL D 326 15.57 -22.71 -41.03
C VAL D 326 15.82 -22.33 -42.49
N THR D 327 16.57 -21.25 -42.69
CA THR D 327 16.93 -20.78 -44.02
C THR D 327 17.85 -21.81 -44.69
N ARG D 328 18.80 -22.35 -43.91
CA ARG D 328 19.73 -23.36 -44.42
C ARG D 328 18.96 -24.60 -44.87
N LEU D 329 18.03 -25.06 -44.02
CA LEU D 329 17.27 -26.28 -44.27
C LEU D 329 16.35 -26.17 -45.48
N LEU D 330 15.65 -25.05 -45.61
CA LEU D 330 14.76 -24.83 -46.74
C LEU D 330 15.50 -24.74 -48.06
N VAL D 331 16.62 -24.03 -48.07
CA VAL D 331 17.44 -23.93 -49.27
C VAL D 331 17.98 -25.30 -49.63
N ASP D 332 18.46 -26.03 -48.64
CA ASP D 332 19.05 -27.34 -48.88
C ASP D 332 18.00 -28.25 -49.50
N THR D 333 16.84 -28.35 -48.84
CA THR D 333 15.81 -29.28 -49.32
C THR D 333 15.23 -28.83 -50.65
N CYS D 334 14.72 -27.60 -50.72
CA CYS D 334 14.03 -27.13 -51.93
C CYS D 334 14.96 -26.91 -53.12
N CYS D 335 16.07 -26.21 -52.93
CA CYS D 335 16.95 -25.91 -54.06
C CYS D 335 17.56 -27.17 -54.67
N THR D 336 17.81 -28.19 -53.85
CA THR D 336 18.33 -29.44 -54.37
C THR D 336 17.32 -30.13 -55.29
N ALA D 337 16.07 -30.19 -54.85
CA ALA D 337 15.02 -30.80 -55.65
C ALA D 337 14.76 -30.01 -56.93
N LEU D 338 14.83 -28.67 -56.84
CA LEU D 338 14.62 -27.84 -58.02
C LEU D 338 15.76 -27.98 -59.07
N GLU D 339 16.99 -28.17 -58.58
CA GLU D 339 18.12 -28.39 -59.45
C GLU D 339 17.93 -29.71 -60.19
N LYS D 340 17.56 -30.73 -59.41
CA LYS D 340 17.31 -32.06 -59.95
C LYS D 340 16.17 -32.10 -60.93
N ALA D 341 15.11 -31.35 -60.65
CA ALA D 341 13.94 -31.29 -61.50
C ALA D 341 14.24 -30.47 -62.74
N GLY D 342 15.37 -29.77 -62.74
CA GLY D 342 15.77 -28.92 -63.84
C GLY D 342 15.08 -27.58 -63.77
N GLN D 343 14.39 -27.34 -62.66
CA GLN D 343 13.62 -26.13 -62.45
C GLN D 343 14.45 -25.10 -61.67
N VAL D 344 15.55 -24.68 -62.27
CA VAL D 344 16.52 -23.77 -61.63
C VAL D 344 16.73 -22.49 -62.45
N HIS E 1 33.75 38.78 -18.21
CA HIS E 1 34.67 37.66 -18.10
C HIS E 1 33.92 36.50 -17.37
N MET E 2 34.49 35.30 -17.30
CA MET E 2 33.61 34.18 -16.96
C MET E 2 33.81 33.50 -15.62
N THR E 3 32.75 32.82 -15.19
CA THR E 3 32.71 32.09 -13.94
C THR E 3 32.49 30.61 -14.25
N PHE E 4 33.24 29.71 -13.61
CA PHE E 4 32.98 28.29 -13.86
C PHE E 4 33.17 27.43 -12.61
N LYS E 5 32.58 26.25 -12.64
CA LYS E 5 32.66 25.34 -11.52
C LYS E 5 33.78 24.33 -11.67
N ALA E 6 34.53 24.15 -10.58
CA ALA E 6 35.59 23.15 -10.52
C ALA E 6 35.29 22.22 -9.36
N GLU E 7 35.16 20.92 -9.63
CA GLU E 7 34.91 19.92 -8.57
C GLU E 7 36.22 19.27 -8.13
N TYR E 8 36.65 19.60 -6.92
CA TYR E 8 37.92 19.08 -6.41
C TYR E 8 37.68 17.74 -5.76
N ILE E 9 38.35 16.72 -6.29
CA ILE E 9 38.13 15.35 -5.86
C ILE E 9 39.44 14.80 -5.28
N TRP E 10 39.34 14.11 -4.13
CA TRP E 10 40.52 13.49 -3.54
C TRP E 10 40.20 12.17 -2.86
N ILE E 11 41.25 11.47 -2.45
CA ILE E 11 41.09 10.20 -1.75
C ILE E 11 41.43 10.39 -0.28
N ASP E 12 40.60 9.86 0.62
CA ASP E 12 40.87 10.07 2.05
C ASP E 12 41.81 9.05 2.72
N GLY E 13 41.85 9.07 4.05
CA GLY E 13 42.70 8.17 4.82
C GLY E 13 41.89 7.11 5.54
N THR E 14 40.69 6.83 5.04
CA THR E 14 39.84 5.80 5.65
C THR E 14 40.48 4.42 5.54
N GLU E 15 40.24 3.63 6.57
CA GLU E 15 40.80 2.29 6.69
C GLU E 15 39.68 1.30 6.84
N PRO E 16 39.83 0.10 6.25
CA PRO E 16 40.92 -0.43 5.43
C PRO E 16 40.94 0.17 4.02
N THR E 17 39.79 0.66 3.58
CA THR E 17 39.68 1.18 2.22
C THR E 17 39.39 2.68 2.18
N ALA E 18 40.22 3.42 1.44
CA ALA E 18 40.04 4.87 1.33
C ALA E 18 38.86 5.26 0.45
N LYS E 19 38.32 6.45 0.71
CA LYS E 19 37.11 6.89 0.02
C LYS E 19 37.30 8.19 -0.76
N LEU E 20 36.50 8.34 -1.82
CA LEU E 20 36.48 9.57 -2.59
C LEU E 20 35.78 10.70 -1.81
N ARG E 21 36.35 11.89 -1.91
CA ARG E 21 35.72 13.06 -1.37
C ARG E 21 35.73 14.14 -2.43
N SER E 22 34.76 15.05 -2.39
CA SER E 22 34.70 16.14 -3.36
C SER E 22 34.00 17.38 -2.83
N LYS E 23 34.45 18.54 -3.29
CA LYS E 23 33.69 19.77 -3.11
C LYS E 23 33.82 20.72 -4.29
N THR E 24 32.91 21.68 -4.33
CA THR E 24 32.85 22.60 -5.45
C THR E 24 33.47 23.95 -5.12
N LYS E 25 34.30 24.41 -6.05
CA LYS E 25 34.90 25.73 -5.94
C LYS E 25 34.38 26.56 -7.10
N ILE E 26 33.96 27.79 -6.84
CA ILE E 26 33.52 28.63 -7.93
C ILE E 26 34.66 29.54 -8.30
N ILE E 27 35.08 29.44 -9.55
CA ILE E 27 36.27 30.15 -10.02
C ILE E 27 35.86 31.17 -11.06
N THR E 28 36.38 32.38 -10.89
CA THR E 28 36.13 33.48 -11.79
C THR E 28 37.47 33.89 -12.37
N ALA E 29 37.84 33.19 -13.42
CA ALA E 29 39.11 33.38 -14.06
C ALA E 29 38.99 32.81 -15.47
N ALA E 30 40.04 32.99 -16.27
CA ALA E 30 40.07 32.48 -17.63
C ALA E 30 40.57 31.04 -17.59
N PRO E 31 39.82 30.11 -18.20
CA PRO E 31 40.17 28.69 -18.06
C PRO E 31 41.52 28.35 -18.70
N ALA E 32 42.26 27.50 -18.00
CA ALA E 32 43.55 27.01 -18.44
C ALA E 32 43.77 25.70 -17.70
N GLY E 33 44.64 24.84 -18.24
CA GLY E 33 44.72 23.45 -17.80
C GLY E 33 45.64 23.23 -16.61
N LEU E 34 45.07 22.94 -15.45
CA LEU E 34 45.86 22.43 -14.31
C LEU E 34 46.84 23.39 -13.64
N ASP E 35 47.74 23.97 -14.44
CA ASP E 35 48.79 24.81 -13.92
C ASP E 35 48.25 26.13 -13.35
N ALA E 36 47.14 26.61 -13.93
CA ALA E 36 46.46 27.82 -13.50
C ALA E 36 45.44 27.57 -12.36
N LEU E 37 45.20 26.30 -12.04
CA LEU E 37 44.24 25.94 -11.01
C LEU E 37 44.83 26.08 -9.62
N PRO E 38 44.12 26.79 -8.73
CA PRO E 38 44.49 27.16 -7.36
C PRO E 38 44.65 25.95 -6.46
N VAL E 39 45.60 26.06 -5.55
CA VAL E 39 45.68 25.11 -4.49
C VAL E 39 44.58 25.39 -3.47
N TRP E 40 44.16 24.35 -2.76
CA TRP E 40 43.06 24.45 -1.83
C TRP E 40 43.34 23.64 -0.57
N GLY E 41 42.35 23.63 0.31
CA GLY E 41 42.47 22.94 1.58
C GLY E 41 41.16 22.35 2.03
N PHE E 42 41.22 21.55 3.09
CA PHE E 42 40.02 21.03 3.70
C PHE E 42 40.29 20.64 5.14
N ASP E 43 39.24 20.31 5.89
CA ASP E 43 39.40 19.85 7.26
C ASP E 43 39.55 18.32 7.32
N GLY E 44 40.74 17.87 7.73
CA GLY E 44 41.07 16.46 7.74
C GLY E 44 40.32 15.59 8.74
N SER E 45 39.88 16.19 9.86
CA SER E 45 39.26 15.44 10.97
C SER E 45 38.03 14.67 10.52
N SER E 46 37.32 15.29 9.59
CA SER E 46 36.09 14.75 9.03
C SER E 46 36.35 13.62 8.03
N THR E 47 37.61 13.48 7.60
CA THR E 47 37.99 12.54 6.53
C THR E 47 38.97 11.41 6.91
N ASN E 48 39.18 11.18 8.21
CA ASN E 48 40.11 10.14 8.72
C ASN E 48 41.52 10.53 8.35
N GLN E 49 41.73 11.79 8.05
CA GLN E 49 43.07 12.24 7.75
C GLN E 49 43.54 13.15 8.88
N ALA E 50 42.82 13.01 9.98
CA ALA E 50 43.24 13.49 11.27
C ALA E 50 42.42 12.70 12.27
N GLU E 51 41.13 13.09 12.39
CA GLU E 51 40.21 12.72 13.49
C GLU E 51 41.01 13.02 14.76
N GLY E 52 41.79 14.11 14.65
CA GLY E 52 42.78 14.55 15.61
C GLY E 52 42.92 16.06 15.62
N SER E 53 44.02 16.55 16.21
CA SER E 53 44.21 17.98 16.43
C SER E 53 45.31 18.70 15.65
N SER E 54 45.96 18.03 14.71
CA SER E 54 47.07 18.68 14.00
C SER E 54 46.97 18.70 12.48
N SER E 55 45.90 18.14 11.92
CA SER E 55 45.83 18.09 10.47
C SER E 55 44.88 19.08 9.76
N ASP E 56 45.51 19.91 8.96
CA ASP E 56 44.86 20.85 8.09
C ASP E 56 45.43 20.34 6.81
N CYS E 57 44.63 20.24 5.75
CA CYS E 57 45.17 19.52 4.61
C CYS E 57 45.17 20.40 3.39
N VAL E 58 46.04 20.08 2.44
CA VAL E 58 46.18 20.89 1.26
C VAL E 58 45.78 20.04 0.05
N LEU E 59 45.00 20.64 -0.83
CA LEU E 59 44.62 19.98 -2.07
C LEU E 59 45.48 20.52 -3.19
N LYS E 60 46.20 19.61 -3.84
CA LYS E 60 47.02 19.98 -4.98
C LYS E 60 46.55 19.25 -6.22
N PRO E 61 46.07 20.03 -7.21
CA PRO E 61 45.57 19.50 -8.48
C PRO E 61 46.67 18.69 -9.23
N VAL E 62 46.32 17.50 -9.71
CA VAL E 62 47.25 16.69 -10.49
C VAL E 62 46.66 16.31 -11.85
N PHE E 63 45.34 16.36 -11.94
CA PHE E 63 44.65 16.01 -13.18
C PHE E 63 43.33 16.75 -13.28
N SER E 64 42.95 17.12 -14.50
CA SER E 64 41.68 17.80 -14.73
C SER E 64 41.08 17.40 -16.08
N CYS E 65 39.75 17.47 -16.15
CA CYS E 65 39.00 17.10 -17.33
C CYS E 65 37.67 17.83 -17.25
N PRO E 66 36.90 17.80 -18.35
CA PRO E 66 35.54 18.38 -18.30
C PRO E 66 34.60 17.64 -17.34
N ASP E 67 33.69 18.39 -16.73
CA ASP E 67 32.62 17.81 -15.93
C ASP E 67 31.48 17.47 -16.87
N PRO E 68 31.28 16.18 -17.15
CA PRO E 68 30.25 15.68 -18.09
C PRO E 68 28.85 15.87 -17.55
N ILE E 69 28.71 15.88 -16.23
CA ILE E 69 27.40 16.11 -15.61
C ILE E 69 26.94 17.56 -15.62
N ARG E 70 27.79 18.45 -15.13
CA ARG E 70 27.46 19.87 -15.15
C ARG E 70 27.49 20.39 -16.57
N GLY E 71 28.44 19.87 -17.36
CA GLY E 71 28.56 20.29 -18.74
C GLY E 71 29.21 21.65 -18.85
N GLY E 72 29.20 22.20 -20.06
CA GLY E 72 29.74 23.51 -20.32
C GLY E 72 31.23 23.68 -20.05
N GLU E 73 31.59 24.72 -19.30
CA GLU E 73 32.99 25.02 -19.09
C GLU E 73 33.46 24.49 -17.73
N ASP E 74 32.56 23.77 -17.07
CA ASP E 74 32.82 23.22 -15.74
C ASP E 74 33.73 22.02 -15.86
N ILE E 75 34.53 21.80 -14.82
CA ILE E 75 35.58 20.79 -14.86
C ILE E 75 35.69 19.96 -13.57
N LEU E 76 36.32 18.78 -13.68
CA LEU E 76 36.65 17.95 -12.51
C LEU E 76 38.15 18.10 -12.24
N VAL E 77 38.52 18.31 -10.99
CA VAL E 77 39.94 18.45 -10.64
C VAL E 77 40.33 17.39 -9.62
N LEU E 78 41.05 16.39 -10.08
CA LEU E 78 41.55 15.39 -9.18
C LEU E 78 42.80 15.91 -8.51
N CYS E 79 42.87 15.78 -7.20
CA CYS E 79 43.95 16.37 -6.42
C CYS E 79 44.71 15.33 -5.62
N GLU E 80 45.93 15.67 -5.22
CA GLU E 80 46.62 14.84 -4.22
C GLU E 80 46.64 15.60 -2.92
N VAL E 81 46.85 14.88 -1.81
CA VAL E 81 46.75 15.53 -0.51
C VAL E 81 48.13 15.75 0.08
N LEU E 82 48.36 16.98 0.53
CA LEU E 82 49.63 17.35 1.10
C LEU E 82 49.41 17.90 2.50
N ASP E 83 50.46 17.81 3.32
CA ASP E 83 50.49 18.49 4.60
C ASP E 83 50.76 19.95 4.28
N THR E 84 50.64 20.80 5.29
CA THR E 84 50.84 22.23 5.10
C THR E 84 52.27 22.61 4.66
N ASP E 85 53.24 21.74 4.91
CA ASP E 85 54.61 22.01 4.47
C ASP E 85 54.82 21.50 3.05
N MET E 86 53.71 21.14 2.39
CA MET E 86 53.70 20.73 0.98
C MET E 86 54.33 19.34 0.76
N THR E 87 54.58 18.61 1.84
CA THR E 87 55.03 17.24 1.72
C THR E 87 53.79 16.32 1.57
N PRO E 88 54.03 15.12 1.03
CA PRO E 88 52.88 14.21 0.89
C PRO E 88 52.30 13.88 2.23
N HIS E 89 50.97 13.87 2.29
CA HIS E 89 50.27 13.47 3.50
C HIS E 89 50.46 11.96 3.58
N PRO E 90 50.41 11.41 4.80
CA PRO E 90 50.57 9.96 4.98
C PRO E 90 49.54 9.15 4.19
N SER E 91 48.33 9.69 4.02
CA SER E 91 47.32 9.02 3.21
C SER E 91 47.64 8.93 1.72
N ASN E 92 48.51 9.83 1.24
CA ASN E 92 48.87 9.95 -0.17
C ASN E 92 49.63 8.74 -0.73
N THR E 93 49.05 8.06 -1.71
CA THR E 93 49.67 6.87 -2.31
C THR E 93 50.11 7.18 -3.72
N ARG E 94 49.71 8.34 -4.19
CA ARG E 94 50.14 8.80 -5.49
C ARG E 94 51.64 9.12 -5.51
N ALA E 95 52.14 9.73 -4.44
CA ALA E 95 53.53 10.20 -4.40
C ALA E 95 54.53 9.04 -4.50
N ALA E 96 54.21 7.92 -3.85
CA ALA E 96 55.08 6.73 -3.93
C ALA E 96 55.15 6.19 -5.36
N LEU E 97 53.99 6.14 -6.03
CA LEU E 97 54.00 5.70 -7.41
C LEU E 97 54.78 6.63 -8.32
N ALA E 98 54.67 7.94 -8.05
CA ALA E 98 55.33 8.96 -8.86
C ALA E 98 56.84 8.87 -8.87
N GLU E 99 57.45 8.56 -7.73
CA GLU E 99 58.91 8.38 -7.65
C GLU E 99 59.29 7.15 -8.48
N LEU E 100 58.56 6.06 -8.31
CA LEU E 100 58.81 4.82 -9.03
C LEU E 100 58.50 4.92 -10.52
N SER E 101 57.51 5.74 -10.86
CA SER E 101 57.18 5.92 -12.26
C SER E 101 58.36 6.51 -13.01
N GLU E 102 58.95 7.52 -12.40
CA GLU E 102 60.12 8.19 -12.95
C GLU E 102 61.36 7.32 -12.98
N ARG E 103 61.55 6.52 -11.94
CA ARG E 103 62.72 5.66 -11.81
C ARG E 103 62.79 4.60 -12.91
N PHE E 104 61.64 4.13 -13.38
CA PHE E 104 61.64 3.04 -14.34
C PHE E 104 61.05 3.49 -15.66
N ALA E 105 61.12 4.79 -15.90
CA ALA E 105 60.51 5.37 -17.09
C ALA E 105 61.11 4.80 -18.39
N ALA E 106 62.36 4.36 -18.32
CA ALA E 106 63.05 3.78 -19.48
C ALA E 106 62.38 2.50 -20.01
N GLN E 107 61.82 1.69 -19.10
CA GLN E 107 61.10 0.47 -19.48
C GLN E 107 59.70 0.73 -20.08
N GLU E 108 59.21 1.95 -19.88
CA GLU E 108 57.89 2.36 -20.40
C GLU E 108 56.74 1.43 -19.97
N PRO E 109 56.53 1.32 -18.66
CA PRO E 109 55.44 0.44 -18.22
C PRO E 109 54.08 1.01 -18.64
N VAL E 110 53.18 0.11 -19.03
CA VAL E 110 51.84 0.51 -19.45
C VAL E 110 50.85 -0.42 -18.74
N PHE E 111 49.71 0.12 -18.36
CA PHE E 111 48.72 -0.64 -17.62
C PHE E 111 47.33 -0.57 -18.25
N GLY E 112 46.61 -1.67 -18.12
CA GLY E 112 45.20 -1.71 -18.38
C GLY E 112 44.53 -2.27 -17.15
N ILE E 113 43.45 -1.64 -16.71
CA ILE E 113 42.66 -2.11 -15.58
C ILE E 113 41.21 -2.42 -15.94
N GLU E 114 40.77 -3.64 -15.61
CA GLU E 114 39.38 -4.05 -15.87
C GLU E 114 38.61 -3.91 -14.55
N GLN E 115 37.80 -2.86 -14.45
CA GLN E 115 37.24 -2.51 -13.16
C GLN E 115 35.81 -3.02 -13.03
N GLU E 116 35.60 -3.92 -12.08
CA GLU E 116 34.28 -4.49 -11.88
C GLU E 116 33.59 -3.78 -10.72
N TYR E 117 32.25 -3.83 -10.74
CA TYR E 117 31.45 -3.26 -9.67
C TYR E 117 30.06 -3.90 -9.63
N THR E 118 29.38 -3.77 -8.50
CA THR E 118 28.06 -4.34 -8.37
C THR E 118 27.08 -3.27 -7.92
N PHE E 119 25.93 -3.22 -8.60
CA PHE E 119 24.83 -2.31 -8.21
C PHE E 119 24.02 -2.83 -7.03
N PHE E 120 23.63 -1.90 -6.17
CA PHE E 120 22.81 -2.17 -5.02
C PHE E 120 21.71 -1.14 -4.94
N LYS E 121 20.58 -1.58 -4.42
CA LYS E 121 19.49 -0.70 -4.02
C LYS E 121 19.26 -0.87 -2.52
N GLY E 122 19.78 0.07 -1.75
CA GLY E 122 19.84 -0.12 -0.31
C GLY E 122 20.74 -1.30 0.05
N THR E 123 20.22 -2.17 0.90
CA THR E 123 20.94 -3.37 1.30
C THR E 123 20.75 -4.55 0.33
N ARG E 124 19.85 -4.38 -0.64
CA ARG E 124 19.54 -5.48 -1.57
C ARG E 124 20.37 -5.37 -2.83
N PRO E 125 20.96 -6.48 -3.27
CA PRO E 125 21.59 -6.41 -4.59
C PRO E 125 20.52 -6.10 -5.66
N LEU E 126 20.87 -5.19 -6.57
CA LEU E 126 19.91 -4.72 -7.55
C LEU E 126 19.34 -5.82 -8.44
N GLY E 127 20.10 -6.88 -8.71
CA GLY E 127 19.61 -7.93 -9.57
C GLY E 127 18.91 -9.04 -8.78
N PHE E 128 18.76 -8.81 -7.47
CA PHE E 128 18.18 -9.81 -6.57
C PHE E 128 16.75 -9.38 -6.21
N PRO E 129 15.86 -10.36 -6.03
CA PRO E 129 14.50 -10.08 -5.54
C PRO E 129 14.53 -9.86 -4.01
N GLU E 130 13.55 -9.13 -3.49
CA GLU E 130 13.50 -8.86 -2.05
C GLU E 130 13.29 -10.19 -1.32
N GLY E 131 14.18 -10.45 -0.37
CA GLY E 131 14.06 -11.63 0.47
C GLY E 131 14.52 -12.92 -0.19
N GLY E 132 15.19 -12.82 -1.33
CA GLY E 132 15.50 -14.03 -2.08
C GLY E 132 16.67 -13.97 -3.04
N PHE E 133 16.70 -14.96 -3.93
CA PHE E 133 17.76 -15.12 -4.92
C PHE E 133 17.19 -15.22 -6.33
N PRO E 134 17.95 -14.73 -7.32
CA PRO E 134 17.54 -14.92 -8.71
C PRO E 134 17.99 -16.29 -9.19
N ALA E 135 17.72 -16.61 -10.45
CA ALA E 135 18.15 -17.88 -11.03
C ALA E 135 19.67 -17.91 -11.00
N ALA E 136 20.23 -19.12 -11.06
CA ALA E 136 21.67 -19.27 -10.92
C ALA E 136 22.36 -18.61 -12.13
N GLN E 137 23.65 -18.33 -11.99
CA GLN E 137 24.38 -17.58 -12.98
C GLN E 137 24.48 -18.32 -14.31
N GLY E 138 24.62 -17.57 -15.39
CA GLY E 138 24.73 -18.13 -16.73
C GLY E 138 24.18 -17.22 -17.82
N GLY E 139 23.02 -16.60 -17.57
CA GLY E 139 22.41 -15.72 -18.57
C GLY E 139 22.70 -14.23 -18.33
N TYR E 140 23.33 -13.92 -17.18
CA TYR E 140 23.66 -12.54 -16.86
C TYR E 140 24.84 -11.99 -17.63
N TYR E 141 25.82 -12.82 -17.92
CA TYR E 141 27.09 -12.32 -18.46
C TYR E 141 26.94 -11.86 -19.91
N CYS E 142 27.23 -10.58 -20.17
CA CYS E 142 27.07 -10.04 -21.52
C CYS E 142 25.64 -10.25 -22.02
N GLY E 143 24.69 -10.22 -21.08
CA GLY E 143 23.30 -10.55 -21.35
C GLY E 143 22.48 -9.45 -21.96
N VAL E 144 21.22 -9.77 -22.26
CA VAL E 144 20.22 -8.84 -22.76
C VAL E 144 18.83 -9.24 -22.26
N GLY E 145 17.95 -8.25 -22.06
CA GLY E 145 16.59 -8.50 -21.60
C GLY E 145 16.40 -8.15 -20.13
N SER E 146 15.17 -7.73 -19.78
CA SER E 146 14.89 -7.27 -18.41
C SER E 146 15.06 -8.33 -17.34
N ASP E 147 14.83 -9.59 -17.71
CA ASP E 147 14.98 -10.70 -16.79
C ASP E 147 16.43 -10.88 -16.32
N GLU E 148 17.40 -10.57 -17.17
CA GLU E 148 18.79 -10.84 -16.83
C GLU E 148 19.71 -9.61 -16.72
N ILE E 149 19.19 -8.44 -17.06
CA ILE E 149 20.01 -7.23 -17.08
C ILE E 149 19.48 -6.16 -16.13
N PHE E 150 20.35 -5.71 -15.22
CA PHE E 150 19.94 -4.71 -14.23
C PHE E 150 20.92 -3.55 -14.12
N GLY E 151 20.39 -2.33 -14.28
CA GLY E 151 21.18 -1.12 -14.14
C GLY E 151 21.79 -0.58 -15.41
N ARG E 152 21.35 -1.05 -16.59
CA ARG E 152 21.97 -0.61 -17.85
C ARG E 152 21.87 0.88 -18.12
N ASP E 153 20.77 1.47 -17.69
CA ASP E 153 20.58 2.91 -17.87
C ASP E 153 21.69 3.67 -17.14
N VAL E 154 22.05 3.21 -15.94
CA VAL E 154 23.17 3.80 -15.19
C VAL E 154 24.50 3.59 -15.92
N VAL E 155 24.72 2.36 -16.37
CA VAL E 155 25.96 1.98 -17.03
C VAL E 155 26.17 2.78 -18.32
N GLU E 156 25.10 2.98 -19.10
CA GLU E 156 25.21 3.77 -20.33
C GLU E 156 25.49 5.26 -20.08
N ALA E 157 24.83 5.82 -19.07
CA ALA E 157 25.00 7.20 -18.65
C ALA E 157 26.43 7.38 -18.12
N HIS E 158 26.88 6.39 -17.37
CA HIS E 158 28.23 6.45 -16.82
C HIS E 158 29.31 6.37 -17.92
N LEU E 159 29.11 5.50 -18.91
CA LEU E 159 30.08 5.38 -19.98
C LEU E 159 30.17 6.66 -20.82
N GLU E 160 29.02 7.22 -21.15
CA GLU E 160 28.99 8.46 -21.91
C GLU E 160 29.66 9.60 -21.14
N ASN E 161 29.47 9.63 -19.82
CA ASN E 161 30.10 10.63 -18.97
C ASN E 161 31.64 10.47 -18.94
N CYS E 162 32.12 9.23 -18.87
CA CYS E 162 33.55 9.00 -18.85
C CYS E 162 34.21 9.47 -20.17
N LEU E 163 33.56 9.17 -21.29
CA LEU E 163 34.05 9.55 -22.62
C LEU E 163 34.01 11.06 -22.85
N LYS E 164 32.94 11.69 -22.37
CA LYS E 164 32.82 13.13 -22.47
C LYS E 164 33.93 13.79 -21.65
N ALA E 165 34.29 13.15 -20.54
CA ALA E 165 35.41 13.57 -19.72
C ALA E 165 36.72 13.29 -20.39
N GLY E 166 36.70 12.46 -21.45
CA GLY E 166 37.93 12.17 -22.17
C GLY E 166 38.78 11.03 -21.66
N LEU E 167 38.23 10.21 -20.76
CA LEU E 167 38.96 9.09 -20.15
C LEU E 167 39.15 7.95 -21.13
N GLY E 168 40.24 7.22 -20.98
CA GLY E 168 40.52 6.15 -21.92
C GLY E 168 39.77 4.88 -21.57
N ILE E 169 38.50 4.81 -21.93
CA ILE E 169 37.68 3.64 -21.70
C ILE E 169 37.75 2.87 -23.00
N SER E 170 38.10 1.58 -22.90
CA SER E 170 38.23 0.74 -24.09
C SER E 170 37.00 -0.12 -24.31
N GLY E 171 36.26 -0.39 -23.24
CA GLY E 171 35.05 -1.20 -23.38
C GLY E 171 34.25 -1.32 -22.11
N ILE E 172 33.02 -1.83 -22.23
CA ILE E 172 32.23 -2.20 -21.04
C ILE E 172 31.48 -3.51 -21.30
N ASN E 173 31.19 -4.24 -20.23
CA ASN E 173 30.33 -5.40 -20.38
C ASN E 173 29.57 -5.73 -19.12
N ALA E 174 28.49 -6.48 -19.32
CA ALA E 174 27.71 -6.99 -18.20
C ALA E 174 28.43 -8.22 -17.68
N GLU E 175 28.53 -8.32 -16.35
CA GLU E 175 29.28 -9.41 -15.75
C GLU E 175 28.45 -10.64 -15.36
N VAL E 176 29.13 -11.63 -14.80
CA VAL E 176 28.53 -12.93 -14.51
C VAL E 176 27.41 -12.85 -13.48
N MET E 177 27.62 -12.04 -12.44
CA MET E 177 26.58 -11.80 -11.44
C MET E 177 25.58 -10.73 -11.92
N PRO E 178 24.28 -10.94 -11.62
CA PRO E 178 23.26 -9.93 -11.99
C PRO E 178 23.49 -8.61 -11.31
N GLY E 179 23.43 -7.53 -12.10
CA GLY E 179 23.70 -6.19 -11.62
C GLY E 179 25.17 -5.91 -11.42
N GLN E 180 26.02 -6.83 -11.89
CA GLN E 180 27.49 -6.67 -11.84
C GLN E 180 28.01 -6.31 -13.23
N TRP E 181 28.92 -5.35 -13.26
CA TRP E 181 29.39 -4.78 -14.52
C TRP E 181 30.89 -4.55 -14.52
N GLU E 182 31.44 -4.31 -15.70
CA GLU E 182 32.86 -4.02 -15.86
C GLU E 182 33.05 -2.92 -16.88
N PHE E 183 34.04 -2.06 -16.65
CA PHE E 183 34.50 -1.17 -17.70
C PHE E 183 36.02 -1.24 -17.77
N GLN E 184 36.60 -1.06 -18.97
CA GLN E 184 38.04 -1.24 -19.07
C GLN E 184 38.70 0.10 -19.35
N VAL E 185 39.65 0.47 -18.51
CA VAL E 185 40.39 1.70 -18.71
C VAL E 185 41.85 1.35 -19.09
N GLY E 186 42.35 1.92 -20.17
CA GLY E 186 43.72 1.67 -20.56
C GLY E 186 43.78 1.29 -22.02
N PRO E 187 44.98 0.94 -22.51
CA PRO E 187 46.25 0.93 -21.77
C PRO E 187 46.88 2.34 -21.63
N LEU E 188 47.43 2.63 -20.45
CA LEU E 188 47.96 3.95 -20.10
C LEU E 188 49.17 3.88 -19.15
N ALA E 189 49.88 4.99 -19.03
CA ALA E 189 51.01 5.09 -18.11
C ALA E 189 50.49 5.06 -16.68
N PRO E 190 51.33 4.64 -15.71
CA PRO E 190 50.89 4.33 -14.34
C PRO E 190 50.15 5.48 -13.63
N LEU E 191 50.68 6.71 -13.69
CA LEU E 191 49.99 7.83 -13.08
C LEU E 191 48.71 8.12 -13.88
N GLU E 192 48.73 8.09 -15.22
CA GLU E 192 47.48 8.34 -15.96
C GLU E 192 46.45 7.27 -15.80
N VAL E 193 46.85 6.00 -15.80
CA VAL E 193 45.82 4.98 -15.62
C VAL E 193 45.22 5.12 -14.23
N SER E 194 46.04 5.44 -13.24
CA SER E 194 45.57 5.58 -11.87
C SER E 194 44.70 6.82 -11.65
N ASP E 195 45.12 7.95 -12.23
CA ASP E 195 44.33 9.17 -12.09
C ASP E 195 42.95 9.01 -12.74
N GLN E 196 42.93 8.47 -13.96
CA GLN E 196 41.67 8.33 -14.69
C GLN E 196 40.71 7.33 -14.05
N LEU E 197 41.25 6.24 -13.52
CA LEU E 197 40.42 5.24 -12.87
C LEU E 197 39.70 5.82 -11.65
N TRP E 198 40.40 6.66 -10.88
CA TRP E 198 39.78 7.30 -9.72
C TRP E 198 38.66 8.22 -10.11
N VAL E 199 38.87 8.97 -11.19
CA VAL E 199 37.86 9.88 -11.69
C VAL E 199 36.67 9.10 -12.24
N ALA E 200 36.96 8.00 -12.95
CA ALA E 200 35.94 7.13 -13.49
C ALA E 200 35.10 6.49 -12.36
N ARG E 201 35.76 6.15 -11.26
CA ARG E 201 35.05 5.66 -10.07
C ARG E 201 34.12 6.71 -9.49
N TRP E 202 34.65 7.92 -9.39
CA TRP E 202 33.90 9.01 -8.82
C TRP E 202 32.66 9.26 -9.65
N LEU E 203 32.82 9.15 -10.96
CA LEU E 203 31.73 9.35 -11.91
C LEU E 203 30.66 8.28 -11.77
N LEU E 204 31.09 7.07 -11.42
CA LEU E 204 30.18 5.97 -11.27
C LEU E 204 29.21 6.19 -10.09
N TYR E 205 29.76 6.51 -8.94
CA TYR E 205 28.97 6.76 -7.76
C TYR E 205 28.05 7.94 -7.99
N ARG E 206 28.64 8.98 -8.56
CA ARG E 206 27.94 10.22 -8.79
C ARG E 206 26.82 10.09 -9.82
N THR E 207 27.09 9.39 -10.92
CA THR E 207 26.06 9.13 -11.93
C THR E 207 24.92 8.32 -11.34
N ALA E 208 25.29 7.33 -10.53
CA ALA E 208 24.30 6.44 -9.97
C ALA E 208 23.33 7.09 -8.99
N GLU E 209 23.76 8.20 -8.41
CA GLU E 209 22.91 8.96 -7.49
C GLU E 209 21.61 9.41 -8.12
N ASP E 210 21.67 9.78 -9.38
CA ASP E 210 20.51 10.24 -10.13
C ASP E 210 19.49 9.13 -10.40
N PHE E 211 19.98 7.89 -10.45
CA PHE E 211 19.10 6.76 -10.66
C PHE E 211 18.67 6.13 -9.33
N GLU E 212 19.11 6.74 -8.23
CA GLU E 212 18.79 6.28 -6.88
C GLU E 212 19.26 4.84 -6.60
N VAL E 213 20.42 4.51 -7.14
CA VAL E 213 21.06 3.23 -6.84
C VAL E 213 22.48 3.46 -6.37
N SER E 214 23.09 2.38 -5.90
CA SER E 214 24.44 2.44 -5.38
C SER E 214 25.32 1.48 -6.16
N ALA E 215 26.61 1.79 -6.17
CA ALA E 215 27.61 0.90 -6.73
C ALA E 215 28.60 0.59 -5.61
N THR E 216 29.07 -0.63 -5.59
CA THR E 216 30.06 -1.03 -4.62
C THR E 216 31.22 -1.73 -5.30
N LEU E 217 32.42 -1.51 -4.77
CA LEU E 217 33.61 -2.15 -5.29
C LEU E 217 34.01 -3.29 -4.31
N ASP E 218 33.07 -3.70 -3.47
CA ASP E 218 33.26 -4.84 -2.57
C ASP E 218 33.54 -6.10 -3.36
N PRO E 219 34.59 -6.84 -2.95
CA PRO E 219 35.11 -8.05 -3.63
C PRO E 219 34.16 -9.24 -3.57
N LYS E 220 33.38 -9.36 -2.50
CA LYS E 220 32.41 -10.43 -2.47
C LYS E 220 31.07 -9.92 -1.93
N PRO E 221 30.34 -9.16 -2.76
CA PRO E 221 29.09 -8.50 -2.36
C PRO E 221 28.02 -9.49 -1.88
N VAL E 222 27.98 -10.65 -2.51
CA VAL E 222 27.12 -11.72 -2.01
C VAL E 222 27.91 -12.97 -1.69
N LYS E 223 27.69 -13.53 -0.52
CA LYS E 223 28.42 -14.71 -0.16
C LYS E 223 27.94 -15.94 -0.91
N GLY E 224 28.84 -16.88 -1.12
CA GLY E 224 28.50 -18.09 -1.86
C GLY E 224 29.12 -18.21 -3.24
N ASP E 225 28.38 -18.82 -4.17
CA ASP E 225 28.88 -19.08 -5.50
C ASP E 225 28.67 -17.89 -6.44
N TRP E 226 28.02 -16.87 -5.92
CA TRP E 226 27.86 -15.63 -6.69
C TRP E 226 29.23 -14.99 -6.92
N ASN E 227 29.45 -14.49 -8.12
CA ASN E 227 30.76 -14.01 -8.53
C ASN E 227 31.25 -12.82 -7.76
N GLY E 228 32.54 -12.87 -7.45
CA GLY E 228 33.24 -11.76 -6.84
C GLY E 228 33.58 -10.67 -7.85
N ALA E 229 33.93 -9.50 -7.34
CA ALA E 229 34.35 -8.39 -8.19
C ALA E 229 35.88 -8.16 -8.10
N GLY E 230 36.57 -8.29 -9.23
CA GLY E 230 38.01 -8.06 -9.25
C GLY E 230 38.37 -6.78 -10.01
N ALA E 231 39.68 -6.46 -10.04
CA ALA E 231 40.25 -5.42 -10.91
C ALA E 231 41.53 -5.94 -11.60
N HIS E 232 41.31 -6.79 -12.61
CA HIS E 232 42.36 -7.42 -13.36
C HIS E 232 43.20 -6.34 -13.98
N THR E 233 44.51 -6.50 -13.88
CA THR E 233 45.48 -5.52 -14.34
C THR E 233 46.34 -6.06 -15.47
N ASN E 234 46.35 -5.33 -16.58
CA ASN E 234 47.16 -5.71 -17.75
C ASN E 234 48.45 -4.94 -17.71
N PHE E 235 49.56 -5.63 -17.85
CA PHE E 235 50.83 -4.94 -17.68
C PHE E 235 51.89 -5.39 -18.66
N SER E 236 52.62 -4.40 -19.16
CA SER E 236 53.75 -4.68 -20.04
C SER E 236 54.77 -3.57 -20.01
N THR E 237 55.99 -3.91 -20.42
CA THR E 237 57.06 -2.94 -20.61
C THR E 237 57.46 -3.09 -22.05
N LYS E 238 58.34 -2.21 -22.52
CA LYS E 238 58.78 -2.21 -23.91
C LYS E 238 59.42 -3.56 -24.27
N ALA E 239 60.24 -4.10 -23.37
CA ALA E 239 60.87 -5.39 -23.60
C ALA E 239 59.79 -6.48 -23.74
N MET E 240 58.76 -6.39 -22.90
CA MET E 240 57.62 -7.33 -22.92
C MET E 240 56.80 -7.23 -24.21
N ARG E 241 56.59 -6.02 -24.73
CA ARG E 241 55.93 -5.89 -26.02
C ARG E 241 56.81 -6.41 -27.17
N GLU E 242 58.13 -6.40 -27.00
CA GLU E 242 59.04 -6.96 -28.01
C GLU E 242 59.28 -8.45 -28.01
N GLY E 243 59.39 -9.04 -26.82
CA GLY E 243 59.78 -10.42 -26.73
C GLY E 243 59.28 -11.21 -25.55
N TYR E 244 59.27 -12.53 -25.76
CA TYR E 244 58.73 -13.47 -24.81
C TYR E 244 59.58 -13.70 -23.58
N ASP E 245 60.89 -13.49 -23.65
CA ASP E 245 61.71 -13.76 -22.45
C ASP E 245 61.38 -12.82 -21.31
N ALA E 246 61.13 -11.56 -21.65
CA ALA E 246 60.78 -10.54 -20.68
C ALA E 246 59.44 -10.86 -20.01
N ILE E 247 58.52 -11.45 -20.77
CA ILE E 247 57.22 -11.85 -20.26
C ILE E 247 57.36 -12.89 -19.15
N ILE E 248 58.20 -13.90 -19.38
CA ILE E 248 58.48 -14.96 -18.39
C ILE E 248 59.19 -14.40 -17.16
N THR E 249 60.13 -13.48 -17.38
CA THR E 249 60.86 -12.88 -16.28
C THR E 249 59.89 -12.14 -15.38
N ALA E 250 58.99 -11.40 -16.01
CA ALA E 250 57.97 -10.66 -15.30
C ALA E 250 57.06 -11.58 -14.49
N ALA E 251 56.61 -12.67 -15.12
CA ALA E 251 55.75 -13.63 -14.43
C ALA E 251 56.43 -14.33 -13.27
N GLU E 252 57.69 -14.69 -13.45
CA GLU E 252 58.45 -15.32 -12.38
C GLU E 252 58.80 -14.40 -11.22
N SER E 253 59.07 -13.12 -11.52
CA SER E 253 59.46 -12.17 -10.49
C SER E 253 58.39 -12.05 -9.42
N LEU E 254 57.13 -12.21 -9.82
CA LEU E 254 55.99 -12.11 -8.91
C LEU E 254 55.84 -13.30 -7.95
N GLY E 255 56.46 -14.43 -8.31
CA GLY E 255 56.38 -15.62 -7.49
C GLY E 255 57.56 -15.82 -6.56
N GLU E 256 58.55 -14.93 -6.65
CA GLU E 256 59.78 -15.08 -5.90
C GLU E 256 59.69 -14.49 -4.48
N GLY E 257 60.35 -15.12 -3.51
CA GLY E 257 60.51 -14.55 -2.18
C GLY E 257 59.22 -14.18 -1.48
N SER E 258 59.11 -12.93 -1.02
CA SER E 258 57.90 -12.51 -0.31
C SER E 258 56.94 -11.73 -1.20
N LYS E 259 57.23 -11.67 -2.50
CA LYS E 259 56.41 -10.87 -3.44
C LYS E 259 54.92 -11.26 -3.53
N PRO E 260 54.59 -12.57 -3.46
CA PRO E 260 53.17 -12.92 -3.52
C PRO E 260 52.36 -12.31 -2.37
N MET E 261 52.84 -12.46 -1.13
CA MET E 261 52.19 -11.84 0.03
C MET E 261 52.29 -10.33 0.03
N ASP E 262 53.39 -9.81 -0.47
CA ASP E 262 53.57 -8.36 -0.52
C ASP E 262 52.48 -7.71 -1.37
N HIS E 263 52.21 -8.30 -2.53
CA HIS E 263 51.16 -7.81 -3.41
C HIS E 263 49.77 -8.09 -2.85
N VAL E 264 49.53 -9.34 -2.45
CA VAL E 264 48.19 -9.79 -2.07
C VAL E 264 47.67 -9.00 -0.86
N LYS E 265 48.57 -8.61 0.04
CA LYS E 265 48.14 -7.86 1.22
C LYS E 265 47.90 -6.39 0.91
N ASN E 266 48.18 -5.95 -0.31
CA ASN E 266 47.87 -4.58 -0.68
C ASN E 266 46.89 -4.57 -1.84
N TYR E 267 46.31 -5.73 -2.13
CA TYR E 267 45.49 -5.88 -3.33
C TYR E 267 44.01 -5.72 -3.02
N GLY E 268 43.71 -5.21 -1.83
CA GLY E 268 42.34 -4.89 -1.45
C GLY E 268 41.83 -5.62 -0.22
N ALA E 269 40.91 -4.97 0.49
CA ALA E 269 40.38 -5.53 1.73
C ALA E 269 39.37 -6.64 1.43
N GLY E 270 39.47 -7.74 2.17
CA GLY E 270 38.57 -8.87 2.01
C GLY E 270 38.98 -9.76 0.86
N ILE E 271 40.25 -9.70 0.49
CA ILE E 271 40.75 -10.49 -0.64
C ILE E 271 40.58 -11.99 -0.39
N ASP E 272 40.69 -12.39 0.87
CA ASP E 272 40.47 -13.78 1.25
C ASP E 272 39.03 -14.26 0.98
N ASP E 273 38.04 -13.38 1.08
CA ASP E 273 36.67 -13.74 0.72
C ASP E 273 36.45 -13.98 -0.77
N ARG E 274 37.17 -13.25 -1.62
CA ARG E 274 37.05 -13.42 -3.07
C ARG E 274 38.03 -14.46 -3.66
N LEU E 275 39.29 -14.42 -3.26
CA LEU E 275 40.28 -15.34 -3.83
C LEU E 275 40.31 -16.62 -2.99
N THR E 276 39.45 -17.54 -3.36
CA THR E 276 39.30 -18.79 -2.67
C THR E 276 39.84 -19.83 -3.64
N GLY E 277 40.11 -21.03 -3.15
CA GLY E 277 40.61 -22.08 -4.02
C GLY E 277 39.62 -22.50 -5.10
N LEU E 278 38.37 -22.73 -4.71
CA LEU E 278 37.45 -23.51 -5.56
C LEU E 278 37.17 -22.92 -6.95
N HIS E 279 36.78 -21.65 -6.97
CA HIS E 279 36.55 -20.91 -8.20
C HIS E 279 37.63 -19.86 -8.46
N GLU E 280 37.27 -18.91 -9.30
CA GLU E 280 38.14 -17.79 -9.63
C GLU E 280 38.54 -16.96 -8.40
N THR E 281 39.84 -16.66 -8.30
CA THR E 281 40.83 -17.08 -9.28
C THR E 281 41.70 -18.17 -8.67
N ALA E 282 42.76 -17.76 -7.97
CA ALA E 282 43.66 -18.72 -7.36
C ALA E 282 43.48 -18.45 -5.88
N PRO E 283 43.98 -19.36 -5.03
CA PRO E 283 43.79 -19.01 -3.63
C PRO E 283 44.67 -17.81 -3.36
N TRP E 284 44.25 -16.97 -2.42
CA TRP E 284 44.97 -15.75 -2.09
C TRP E 284 46.36 -16.07 -1.55
N ASN E 285 46.55 -17.29 -1.04
CA ASN E 285 47.81 -17.69 -0.39
C ASN E 285 48.84 -18.47 -1.25
N GLU E 286 48.54 -18.67 -2.53
CA GLU E 286 49.49 -19.31 -3.45
C GLU E 286 49.66 -18.55 -4.74
N TYR E 287 50.89 -18.52 -5.24
CA TYR E 287 51.16 -17.89 -6.51
C TYR E 287 51.37 -18.92 -7.61
N SER E 288 50.68 -18.73 -8.74
CA SER E 288 50.90 -19.54 -9.93
C SER E 288 50.78 -18.64 -11.16
N TYR E 289 51.42 -19.03 -12.26
CA TYR E 289 51.20 -18.37 -13.54
C TYR E 289 51.16 -19.40 -14.66
N GLY E 290 50.40 -19.10 -15.71
CA GLY E 290 50.27 -20.02 -16.81
C GLY E 290 49.66 -19.41 -18.05
N VAL E 291 49.86 -20.08 -19.18
CA VAL E 291 49.32 -19.64 -20.44
C VAL E 291 47.86 -20.07 -20.50
N SER E 292 46.98 -19.09 -20.67
CA SER E 292 45.55 -19.34 -20.81
C SER E 292 44.92 -19.92 -19.55
N ASP E 293 45.59 -19.78 -18.40
CA ASP E 293 45.09 -20.38 -17.17
C ASP E 293 44.30 -19.32 -16.40
N ARG E 294 42.99 -19.44 -16.41
CA ARG E 294 42.16 -18.48 -15.70
C ARG E 294 42.14 -18.75 -14.22
N GLY E 295 42.64 -19.91 -13.81
CA GLY E 295 42.74 -20.27 -12.41
C GLY E 295 44.06 -19.82 -11.80
N ALA E 296 44.99 -19.38 -12.65
CA ALA E 296 46.29 -18.90 -12.17
C ALA E 296 46.18 -17.50 -11.57
N SER E 297 47.16 -17.15 -10.74
CA SER E 297 47.29 -15.80 -10.18
C SER E 297 47.58 -14.84 -11.31
N VAL E 298 48.46 -15.25 -12.22
CA VAL E 298 48.79 -14.44 -13.39
C VAL E 298 48.55 -15.28 -14.65
N ARG E 299 47.87 -14.67 -15.62
CA ARG E 299 47.59 -15.36 -16.86
C ARG E 299 48.40 -14.77 -18.02
N ILE E 300 48.94 -15.65 -18.86
CA ILE E 300 49.53 -15.25 -20.13
C ILE E 300 48.52 -15.59 -21.23
N PRO E 301 47.97 -14.55 -21.89
CA PRO E 301 46.94 -14.72 -22.92
C PRO E 301 47.48 -15.54 -24.10
N TRP E 302 46.58 -16.27 -24.77
CA TRP E 302 46.99 -17.18 -25.84
C TRP E 302 47.64 -16.43 -27.00
N GLN E 303 47.18 -15.20 -27.27
CA GLN E 303 47.75 -14.35 -28.33
C GLN E 303 49.17 -13.99 -27.98
N VAL E 304 49.42 -13.75 -26.69
CA VAL E 304 50.74 -13.37 -26.24
C VAL E 304 51.77 -14.50 -26.46
N GLU E 305 51.37 -15.72 -26.13
CA GLU E 305 52.21 -16.90 -26.33
C GLU E 305 52.39 -17.26 -27.80
N LYS E 306 51.33 -17.07 -28.59
CA LYS E 306 51.41 -17.29 -30.02
C LYS E 306 52.34 -16.27 -30.66
N ASP E 307 52.23 -15.01 -30.24
CA ASP E 307 53.02 -13.96 -30.90
C ASP E 307 54.40 -13.81 -30.28
N GLY E 308 54.64 -14.45 -29.16
CA GLY E 308 55.94 -14.34 -28.52
C GLY E 308 56.22 -12.94 -27.98
N LYS E 309 55.15 -12.17 -27.80
CA LYS E 309 55.26 -10.81 -27.27
C LYS E 309 53.88 -10.34 -26.83
N GLY E 310 53.81 -9.30 -26.01
CA GLY E 310 52.54 -8.90 -25.46
C GLY E 310 52.61 -8.33 -24.04
N TYR E 311 51.71 -8.79 -23.19
CA TYR E 311 51.58 -8.32 -21.81
C TYR E 311 51.23 -9.50 -20.90
N ILE E 312 51.12 -9.23 -19.60
CA ILE E 312 50.60 -10.24 -18.68
C ILE E 312 49.40 -9.67 -17.91
N GLU E 313 48.55 -10.56 -17.40
CA GLU E 313 47.35 -10.15 -16.68
C GLU E 313 47.41 -10.68 -15.23
N ASP E 314 47.40 -9.77 -14.26
CA ASP E 314 47.35 -10.14 -12.85
C ASP E 314 45.87 -10.16 -12.41
N ARG E 315 45.38 -11.36 -12.11
CA ARG E 315 43.97 -11.57 -11.81
C ARG E 315 43.61 -11.46 -10.33
N ARG E 316 44.64 -11.26 -9.52
CA ARG E 316 44.51 -11.15 -8.06
C ARG E 316 43.85 -9.87 -7.51
N PRO E 317 44.05 -8.69 -8.15
CA PRO E 317 43.53 -7.50 -7.46
C PRO E 317 42.00 -7.45 -7.29
N ASN E 318 41.61 -7.01 -6.11
CA ASN E 318 40.20 -6.81 -5.81
C ASN E 318 39.64 -5.61 -6.55
N ALA E 319 38.32 -5.55 -6.67
CA ALA E 319 37.68 -4.39 -7.23
C ALA E 319 37.91 -3.14 -6.35
N ASN E 320 38.19 -3.35 -5.05
CA ASN E 320 38.43 -2.25 -4.12
C ASN E 320 39.92 -1.93 -3.89
N VAL E 321 40.80 -2.42 -4.76
CA VAL E 321 42.24 -2.09 -4.69
C VAL E 321 42.42 -0.61 -5.01
N ASP E 322 43.39 0.03 -4.36
CA ASP E 322 43.84 1.37 -4.74
C ASP E 322 44.72 1.20 -6.00
N PRO E 323 44.33 1.85 -7.12
CA PRO E 323 45.09 1.79 -8.38
C PRO E 323 46.51 2.31 -8.26
N TYR E 324 46.74 3.34 -7.43
CA TYR E 324 48.07 3.91 -7.20
C TYR E 324 49.04 2.89 -6.60
N VAL E 325 48.46 2.07 -5.71
CA VAL E 325 49.16 1.03 -5.01
C VAL E 325 49.50 -0.18 -5.86
N VAL E 326 48.52 -0.72 -6.57
CA VAL E 326 48.77 -1.91 -7.39
C VAL E 326 49.78 -1.68 -8.55
N THR E 327 49.69 -0.52 -9.20
CA THR E 327 50.63 -0.17 -10.28
C THR E 327 52.03 -0.01 -9.72
N ARG E 328 52.14 0.61 -8.55
CA ARG E 328 53.45 0.83 -7.94
C ARG E 328 54.13 -0.50 -7.67
N LEU E 329 53.38 -1.43 -7.09
CA LEU E 329 53.91 -2.74 -6.70
C LEU E 329 54.35 -3.56 -7.90
N LEU E 330 53.52 -3.56 -8.94
CA LEU E 330 53.85 -4.30 -10.14
C LEU E 330 55.08 -3.74 -10.82
N VAL E 331 55.17 -2.41 -10.90
CA VAL E 331 56.33 -1.74 -11.47
C VAL E 331 57.55 -2.03 -10.63
N ASP E 332 57.38 -1.93 -9.30
CA ASP E 332 58.49 -2.14 -8.40
C ASP E 332 59.01 -3.55 -8.56
N THR E 333 58.13 -4.54 -8.47
CA THR E 333 58.56 -5.92 -8.55
C THR E 333 59.08 -6.33 -9.95
N CYS E 334 58.25 -6.14 -10.97
CA CYS E 334 58.59 -6.62 -12.31
C CYS E 334 59.72 -5.84 -12.97
N CYS E 335 59.64 -4.52 -12.96
CA CYS E 335 60.65 -3.69 -13.63
C CYS E 335 62.03 -3.86 -13.00
N THR E 336 62.05 -4.08 -11.69
CA THR E 336 63.31 -4.31 -10.98
C THR E 336 63.97 -5.60 -11.47
N ALA E 337 63.19 -6.67 -11.57
CA ALA E 337 63.69 -7.96 -12.04
C ALA E 337 64.13 -7.86 -13.49
N LEU E 338 63.40 -7.09 -14.29
CA LEU E 338 63.77 -6.93 -15.69
C LEU E 338 65.06 -6.12 -15.90
N GLU E 339 65.29 -5.12 -15.06
CA GLU E 339 66.52 -4.34 -15.09
C GLU E 339 67.71 -5.22 -14.72
N LYS E 340 67.52 -5.99 -13.65
CA LYS E 340 68.51 -6.93 -13.18
C LYS E 340 68.82 -8.00 -14.22
N ALA E 341 67.78 -8.49 -14.90
CA ALA E 341 67.95 -9.52 -15.90
C ALA E 341 68.53 -8.95 -17.19
N GLY E 342 68.59 -7.62 -17.28
CA GLY E 342 69.11 -6.97 -18.45
C GLY E 342 68.09 -6.89 -19.56
N GLN E 343 66.85 -7.25 -19.26
CA GLN E 343 65.83 -7.28 -20.29
C GLN E 343 65.03 -5.96 -20.29
N VAL E 344 65.74 -4.89 -20.59
CA VAL E 344 65.18 -3.55 -20.56
C VAL E 344 65.34 -2.94 -21.93
N HIS F 1 -35.95 -37.19 16.99
CA HIS F 1 -34.73 -37.94 16.62
C HIS F 1 -33.62 -36.93 16.19
N MET F 2 -32.39 -37.37 15.95
CA MET F 2 -31.31 -36.41 15.90
C MET F 2 -30.86 -36.31 14.45
N THR F 3 -30.21 -35.19 14.16
CA THR F 3 -29.74 -34.90 12.82
C THR F 3 -28.24 -34.77 12.77
N PHE F 4 -27.59 -35.36 11.76
CA PHE F 4 -26.14 -35.19 11.68
C PHE F 4 -25.71 -35.00 10.23
N LYS F 5 -24.53 -34.44 10.06
CA LYS F 5 -24.02 -34.16 8.72
C LYS F 5 -23.10 -35.27 8.20
N ALA F 6 -23.33 -35.65 6.94
CA ALA F 6 -22.48 -36.64 6.30
C ALA F 6 -21.87 -36.06 5.01
N GLU F 7 -20.54 -36.05 4.95
CA GLU F 7 -19.87 -35.56 3.75
C GLU F 7 -19.51 -36.70 2.84
N TYR F 8 -20.21 -36.76 1.71
CA TYR F 8 -20.01 -37.83 0.75
C TYR F 8 -18.90 -37.40 -0.18
N ILE F 9 -17.82 -38.18 -0.19
CA ILE F 9 -16.62 -37.84 -0.92
C ILE F 9 -16.33 -38.89 -1.99
N TRP F 10 -15.99 -38.44 -3.19
CA TRP F 10 -15.61 -39.36 -4.26
C TRP F 10 -14.53 -38.80 -5.19
N ILE F 11 -14.06 -39.69 -6.07
CA ILE F 11 -13.05 -39.39 -7.08
C ILE F 11 -13.71 -39.37 -8.47
N ASP F 12 -13.38 -38.34 -9.24
CA ASP F 12 -13.99 -38.15 -10.55
C ASP F 12 -13.32 -38.89 -11.70
N GLY F 13 -13.69 -38.55 -12.93
CA GLY F 13 -13.12 -39.17 -14.10
C GLY F 13 -12.21 -38.22 -14.85
N THR F 14 -11.69 -37.19 -14.18
CA THR F 14 -10.77 -36.22 -14.81
C THR F 14 -9.47 -36.84 -15.27
N GLU F 15 -8.95 -36.33 -16.38
CA GLU F 15 -7.72 -36.80 -17.01
C GLU F 15 -6.74 -35.64 -17.11
N PRO F 16 -5.44 -35.93 -16.96
CA PRO F 16 -4.80 -37.22 -16.71
C PRO F 16 -5.00 -37.68 -15.26
N THR F 17 -5.21 -36.73 -14.37
CA THR F 17 -5.30 -37.03 -12.95
C THR F 17 -6.70 -36.75 -12.40
N ALA F 18 -7.27 -37.77 -11.76
CA ALA F 18 -8.60 -37.64 -11.19
C ALA F 18 -8.61 -36.76 -9.94
N LYS F 19 -9.75 -36.13 -9.66
CA LYS F 19 -9.87 -35.17 -8.55
C LYS F 19 -10.93 -35.54 -7.52
N LEU F 20 -10.73 -35.11 -6.28
CA LEU F 20 -11.75 -35.29 -5.26
C LEU F 20 -12.95 -34.38 -5.43
N ARG F 21 -14.11 -34.97 -5.16
CA ARG F 21 -15.37 -34.25 -5.12
C ARG F 21 -16.08 -34.59 -3.82
N SER F 22 -16.89 -33.65 -3.33
CA SER F 22 -17.64 -33.88 -2.10
C SER F 22 -18.92 -33.07 -2.01
N LYS F 23 -19.95 -33.62 -1.36
CA LYS F 23 -21.10 -32.81 -0.93
C LYS F 23 -21.72 -33.26 0.40
N THR F 24 -22.51 -32.39 0.99
CA THR F 24 -23.05 -32.68 2.32
C THR F 24 -24.50 -33.16 2.29
N LYS F 25 -24.73 -34.24 3.03
CA LYS F 25 -26.06 -34.78 3.17
C LYS F 25 -26.45 -34.63 4.64
N ILE F 26 -27.68 -34.17 4.84
CA ILE F 26 -28.18 -34.06 6.19
C ILE F 26 -29.02 -35.28 6.46
N ILE F 27 -28.61 -36.03 7.46
CA ILE F 27 -29.24 -37.32 7.71
C ILE F 27 -29.94 -37.31 9.05
N THR F 28 -31.18 -37.79 9.02
CA THR F 28 -31.95 -37.87 10.23
C THR F 28 -32.29 -39.33 10.42
N ALA F 29 -31.38 -40.06 11.05
CA ALA F 29 -31.55 -41.49 11.22
C ALA F 29 -30.67 -41.92 12.38
N ALA F 30 -30.79 -43.17 12.78
CA ALA F 30 -29.99 -43.69 13.89
C ALA F 30 -28.65 -44.18 13.39
N PRO F 31 -27.57 -43.68 14.01
CA PRO F 31 -26.22 -43.98 13.51
C PRO F 31 -25.87 -45.48 13.61
N ALA F 32 -25.23 -46.00 12.58
CA ALA F 32 -24.77 -47.38 12.49
C ALA F 32 -23.65 -47.35 11.45
N GLY F 33 -22.78 -48.34 11.47
CA GLY F 33 -21.52 -48.21 10.73
C GLY F 33 -21.60 -48.61 9.27
N LEU F 34 -21.53 -47.59 8.43
CA LEU F 34 -21.32 -47.72 6.98
C LEU F 34 -22.56 -48.33 6.30
N ASP F 35 -23.04 -49.47 6.80
CA ASP F 35 -24.16 -50.25 6.20
C ASP F 35 -25.52 -49.55 6.25
N ALA F 36 -25.73 -48.70 7.25
CA ALA F 36 -26.98 -47.94 7.41
C ALA F 36 -26.94 -46.66 6.56
N LEU F 37 -25.79 -46.38 5.96
CA LEU F 37 -25.67 -45.17 5.16
C LEU F 37 -26.25 -45.37 3.77
N PRO F 38 -27.14 -44.46 3.38
CA PRO F 38 -27.87 -44.50 2.12
C PRO F 38 -26.93 -44.33 0.93
N VAL F 39 -27.24 -45.02 -0.16
CA VAL F 39 -26.58 -44.74 -1.42
C VAL F 39 -27.17 -43.44 -1.96
N TRP F 40 -26.37 -42.76 -2.78
CA TRP F 40 -26.70 -41.45 -3.29
C TRP F 40 -26.33 -41.32 -4.77
N GLY F 41 -26.52 -40.13 -5.33
CA GLY F 41 -26.21 -39.93 -6.72
C GLY F 41 -25.69 -38.52 -6.99
N PHE F 42 -25.21 -38.31 -8.20
CA PHE F 42 -24.78 -36.99 -8.58
C PHE F 42 -24.82 -36.85 -10.10
N ASP F 43 -24.61 -35.62 -10.56
CA ASP F 43 -24.53 -35.33 -11.98
C ASP F 43 -23.13 -35.45 -12.57
N GLY F 44 -22.98 -36.45 -13.44
CA GLY F 44 -21.69 -36.79 -14.01
C GLY F 44 -21.13 -35.73 -14.95
N SER F 45 -22.01 -34.94 -15.59
CA SER F 45 -21.59 -33.98 -16.63
C SER F 45 -20.59 -32.96 -16.09
N SER F 46 -20.81 -32.58 -14.84
CA SER F 46 -20.01 -31.60 -14.11
C SER F 46 -18.65 -32.13 -13.59
N THR F 47 -18.49 -33.45 -13.57
CA THR F 47 -17.30 -34.08 -12.95
C THR F 47 -16.41 -34.90 -13.91
N ASN F 48 -16.62 -34.72 -15.20
CA ASN F 48 -15.85 -35.39 -16.26
C ASN F 48 -16.11 -36.90 -16.28
N GLN F 49 -17.23 -37.30 -15.68
CA GLN F 49 -17.75 -38.67 -15.66
C GLN F 49 -18.98 -38.72 -16.55
N ALA F 50 -19.07 -37.70 -17.38
CA ALA F 50 -19.96 -37.62 -18.53
C ALA F 50 -19.38 -36.58 -19.46
N GLU F 51 -19.53 -35.31 -19.09
CA GLU F 51 -19.34 -34.19 -20.02
C GLU F 51 -20.18 -34.38 -21.30
N GLY F 52 -21.37 -34.92 -21.08
CA GLY F 52 -22.30 -35.36 -22.11
C GLY F 52 -23.70 -35.18 -21.58
N SER F 53 -24.67 -35.82 -22.22
CA SER F 53 -26.07 -35.60 -21.88
C SER F 53 -26.81 -36.82 -21.28
N SER F 54 -26.08 -37.90 -21.01
CA SER F 54 -26.68 -39.13 -20.52
C SER F 54 -26.15 -39.79 -19.22
N SER F 55 -25.16 -39.22 -18.54
CA SER F 55 -24.62 -39.93 -17.36
C SER F 55 -25.05 -39.37 -15.99
N ASP F 56 -25.72 -40.25 -15.25
CA ASP F 56 -26.14 -39.98 -13.89
C ASP F 56 -25.42 -41.05 -13.11
N CYS F 57 -24.88 -40.68 -11.96
CA CYS F 57 -23.97 -41.59 -11.29
C CYS F 57 -24.50 -41.90 -9.89
N VAL F 58 -24.08 -43.02 -9.34
CA VAL F 58 -24.57 -43.44 -8.03
C VAL F 58 -23.38 -43.46 -7.08
N LEU F 59 -23.59 -42.93 -5.88
CA LEU F 59 -22.58 -42.97 -4.85
C LEU F 59 -22.89 -44.08 -3.85
N LYS F 60 -22.00 -45.05 -3.68
CA LYS F 60 -22.20 -46.10 -2.69
C LYS F 60 -21.04 -46.06 -1.70
N PRO F 61 -21.34 -45.79 -0.43
CA PRO F 61 -20.39 -45.70 0.69
C PRO F 61 -19.55 -46.98 0.85
N VAL F 62 -18.24 -46.81 1.03
CA VAL F 62 -17.32 -47.93 1.25
C VAL F 62 -16.54 -47.73 2.55
N PHE F 63 -16.48 -46.47 2.99
CA PHE F 63 -15.72 -46.12 4.19
C PHE F 63 -16.32 -44.90 4.88
N SER F 64 -16.25 -44.87 6.21
CA SER F 64 -16.76 -43.70 6.94
C SER F 64 -15.94 -43.45 8.19
N CYS F 65 -15.88 -42.20 8.62
CA CYS F 65 -15.10 -41.84 9.79
C CYS F 65 -15.68 -40.55 10.35
N PRO F 66 -15.27 -40.15 11.56
CA PRO F 66 -15.72 -38.84 12.05
C PRO F 66 -15.19 -37.67 11.22
N ASP F 67 -15.97 -36.61 11.08
CA ASP F 67 -15.49 -35.37 10.47
C ASP F 67 -14.84 -34.61 11.61
N PRO F 68 -13.50 -34.53 11.62
CA PRO F 68 -12.69 -33.89 12.65
C PRO F 68 -12.86 -32.37 12.59
N ILE F 69 -13.17 -31.85 11.40
CA ILE F 69 -13.40 -30.41 11.20
C ILE F 69 -14.76 -29.94 11.70
N ARG F 70 -15.83 -30.60 11.27
CA ARG F 70 -17.15 -30.26 11.74
C ARG F 70 -17.30 -30.65 13.19
N GLY F 71 -16.68 -31.78 13.55
CA GLY F 71 -16.71 -32.28 14.90
C GLY F 71 -18.04 -32.93 15.22
N GLY F 72 -18.25 -33.26 16.48
CA GLY F 72 -19.50 -33.85 16.95
C GLY F 72 -19.86 -35.20 16.34
N GLU F 73 -21.09 -35.31 15.83
CA GLU F 73 -21.62 -36.57 15.32
C GLU F 73 -21.55 -36.60 13.80
N ASP F 74 -20.95 -35.55 13.25
CA ASP F 74 -20.87 -35.43 11.81
C ASP F 74 -19.79 -36.37 11.27
N ILE F 75 -19.97 -36.86 10.05
CA ILE F 75 -19.07 -37.89 9.55
C ILE F 75 -18.68 -37.66 8.10
N LEU F 76 -17.57 -38.28 7.70
CA LEU F 76 -17.13 -38.29 6.32
C LEU F 76 -17.45 -39.67 5.72
N VAL F 77 -18.00 -39.67 4.52
CA VAL F 77 -18.35 -40.90 3.84
C VAL F 77 -17.64 -41.00 2.49
N LEU F 78 -16.63 -41.85 2.40
CA LEU F 78 -15.95 -42.10 1.13
C LEU F 78 -16.76 -43.12 0.32
N CYS F 79 -16.99 -42.80 -0.96
CA CYS F 79 -17.85 -43.63 -1.81
C CYS F 79 -17.11 -44.10 -3.03
N GLU F 80 -17.63 -45.16 -3.65
CA GLU F 80 -17.17 -45.54 -4.98
C GLU F 80 -18.28 -45.17 -5.95
N VAL F 81 -17.94 -45.06 -7.23
CA VAL F 81 -18.91 -44.58 -8.19
C VAL F 81 -19.45 -45.73 -9.04
N LEU F 82 -20.76 -45.79 -9.16
CA LEU F 82 -21.40 -46.85 -9.93
C LEU F 82 -22.27 -46.25 -11.00
N ASP F 83 -22.49 -47.04 -12.04
CA ASP F 83 -23.48 -46.71 -13.06
C ASP F 83 -24.84 -46.97 -12.44
N THR F 84 -25.90 -46.54 -13.12
CA THR F 84 -27.27 -46.71 -12.63
C THR F 84 -27.68 -48.18 -12.51
N ASP F 85 -26.99 -49.05 -13.23
CA ASP F 85 -27.26 -50.48 -13.13
C ASP F 85 -26.44 -51.12 -12.01
N MET F 86 -25.82 -50.26 -11.20
CA MET F 86 -25.10 -50.64 -9.98
C MET F 86 -23.77 -51.36 -10.29
N THR F 87 -23.37 -51.36 -11.55
CA THR F 87 -22.04 -51.85 -11.92
C THR F 87 -21.03 -50.70 -11.76
N PRO F 88 -19.74 -51.04 -11.65
CA PRO F 88 -18.75 -49.97 -11.45
C PRO F 88 -18.71 -49.01 -12.62
N HIS F 89 -18.61 -47.74 -12.30
CA HIS F 89 -18.47 -46.70 -13.30
C HIS F 89 -17.06 -46.84 -13.87
N PRO F 90 -16.83 -46.41 -15.11
CA PRO F 90 -15.50 -46.49 -15.75
C PRO F 90 -14.40 -45.77 -14.98
N SER F 91 -14.73 -44.68 -14.28
CA SER F 91 -13.75 -43.96 -13.44
C SER F 91 -13.32 -44.80 -12.23
N ASN F 92 -14.16 -45.75 -11.84
CA ASN F 92 -13.91 -46.53 -10.65
C ASN F 92 -12.69 -47.44 -10.77
N THR F 93 -11.69 -47.17 -9.92
CA THR F 93 -10.42 -47.90 -9.91
C THR F 93 -10.31 -48.72 -8.64
N ARG F 94 -11.25 -48.51 -7.72
CA ARG F 94 -11.31 -49.28 -6.50
C ARG F 94 -11.73 -50.71 -6.80
N ALA F 95 -12.66 -50.85 -7.74
CA ALA F 95 -13.26 -52.13 -8.03
C ALA F 95 -12.23 -53.14 -8.55
N ALA F 96 -11.28 -52.69 -9.36
CA ALA F 96 -10.21 -53.59 -9.82
C ALA F 96 -9.37 -54.08 -8.66
N LEU F 97 -9.04 -53.15 -7.76
CA LEU F 97 -8.27 -53.49 -6.57
C LEU F 97 -9.01 -54.45 -5.62
N ALA F 98 -10.34 -54.28 -5.49
CA ALA F 98 -11.13 -55.14 -4.60
C ALA F 98 -11.10 -56.59 -5.05
N GLU F 99 -11.13 -56.82 -6.36
CA GLU F 99 -11.03 -58.16 -6.89
C GLU F 99 -9.69 -58.79 -6.55
N LEU F 100 -8.60 -58.06 -6.77
CA LEU F 100 -7.26 -58.54 -6.49
C LEU F 100 -6.97 -58.69 -5.00
N SER F 101 -7.57 -57.85 -4.16
CA SER F 101 -7.37 -57.94 -2.72
C SER F 101 -7.90 -59.29 -2.27
N GLU F 102 -9.08 -59.67 -2.76
CA GLU F 102 -9.67 -60.95 -2.41
C GLU F 102 -8.91 -62.16 -3.01
N ARG F 103 -8.46 -62.00 -4.25
CA ARG F 103 -7.76 -63.07 -4.95
C ARG F 103 -6.46 -63.48 -4.25
N PHE F 104 -5.81 -62.53 -3.60
CA PHE F 104 -4.51 -62.76 -2.97
C PHE F 104 -4.54 -62.57 -1.45
N ALA F 105 -5.74 -62.72 -0.87
CA ALA F 105 -5.93 -62.46 0.56
C ALA F 105 -5.08 -63.34 1.46
N ALA F 106 -4.74 -64.53 0.97
CA ALA F 106 -3.93 -65.48 1.71
C ALA F 106 -2.50 -64.99 1.99
N GLN F 107 -1.93 -64.21 1.07
CA GLN F 107 -0.58 -63.66 1.25
C GLN F 107 -0.51 -62.49 2.24
N GLU F 108 -1.69 -61.94 2.56
CA GLU F 108 -1.82 -60.85 3.53
C GLU F 108 -0.91 -59.66 3.19
N PRO F 109 -1.12 -59.07 2.01
CA PRO F 109 -0.31 -57.91 1.59
C PRO F 109 -0.57 -56.70 2.47
N VAL F 110 0.48 -55.95 2.75
CA VAL F 110 0.37 -54.77 3.59
C VAL F 110 1.13 -53.60 2.94
N PHE F 111 0.61 -52.40 3.07
CA PHE F 111 1.23 -51.25 2.43
C PHE F 111 1.47 -50.15 3.42
N GLY F 112 2.55 -49.42 3.17
CA GLY F 112 2.77 -48.14 3.80
C GLY F 112 3.01 -47.16 2.66
N ILE F 113 2.36 -46.00 2.70
CA ILE F 113 2.58 -44.97 1.69
C ILE F 113 3.07 -43.66 2.28
N GLU F 114 4.18 -43.19 1.73
CA GLU F 114 4.78 -41.94 2.18
C GLU F 114 4.35 -40.84 1.22
N GLN F 115 3.40 -40.02 1.65
CA GLN F 115 2.72 -39.09 0.77
C GLN F 115 3.31 -37.72 0.93
N GLU F 116 3.96 -37.22 -0.14
CA GLU F 116 4.59 -35.91 -0.10
C GLU F 116 3.68 -34.89 -0.76
N TYR F 117 3.83 -33.63 -0.38
CA TYR F 117 3.03 -32.56 -0.99
C TYR F 117 3.72 -31.22 -0.81
N THR F 118 3.33 -30.24 -1.62
CA THR F 118 3.93 -28.90 -1.53
C THR F 118 2.89 -27.80 -1.35
N PHE F 119 3.13 -26.91 -0.40
CA PHE F 119 2.25 -25.76 -0.21
C PHE F 119 2.46 -24.65 -1.23
N PHE F 120 1.33 -24.06 -1.61
CA PHE F 120 1.34 -22.92 -2.53
C PHE F 120 0.44 -21.84 -2.03
N LYS F 121 0.82 -20.60 -2.30
CA LYS F 121 -0.05 -19.47 -2.13
C LYS F 121 -0.24 -18.82 -3.52
N GLY F 122 -1.38 -19.10 -4.14
CA GLY F 122 -1.58 -18.77 -5.54
C GLY F 122 -0.63 -19.57 -6.40
N THR F 123 0.05 -18.90 -7.32
CA THR F 123 1.04 -19.53 -8.19
C THR F 123 2.42 -19.63 -7.53
N ARG F 124 2.58 -19.01 -6.37
CA ARG F 124 3.89 -18.98 -5.70
C ARG F 124 4.00 -20.11 -4.70
N PRO F 125 5.12 -20.83 -4.73
CA PRO F 125 5.40 -21.81 -3.68
C PRO F 125 5.46 -21.09 -2.33
N LEU F 126 4.85 -21.69 -1.32
CA LEU F 126 4.72 -21.04 -0.02
C LEU F 126 6.07 -20.73 0.58
N GLY F 127 7.09 -21.54 0.27
CA GLY F 127 8.41 -21.30 0.83
C GLY F 127 9.29 -20.42 -0.06
N PHE F 128 8.74 -19.91 -1.14
CA PHE F 128 9.54 -19.13 -2.07
C PHE F 128 9.22 -17.66 -1.90
N PRO F 129 10.23 -16.80 -2.07
CA PRO F 129 9.94 -15.36 -2.06
C PRO F 129 9.31 -14.97 -3.37
N GLU F 130 8.55 -13.88 -3.35
CA GLU F 130 7.89 -13.41 -4.56
C GLU F 130 8.96 -13.01 -5.59
N GLY F 131 8.84 -13.59 -6.78
CA GLY F 131 9.72 -13.24 -7.87
C GLY F 131 11.08 -13.90 -7.78
N GLY F 132 11.25 -14.88 -6.90
CA GLY F 132 12.57 -15.39 -6.66
C GLY F 132 12.73 -16.80 -6.12
N PHE F 133 13.93 -17.06 -5.62
CA PHE F 133 14.30 -18.35 -5.10
C PHE F 133 14.82 -18.18 -3.68
N PRO F 134 14.59 -19.19 -2.83
CA PRO F 134 15.14 -19.20 -1.46
C PRO F 134 16.54 -19.74 -1.50
N ALA F 135 17.16 -19.83 -0.33
CA ALA F 135 18.49 -20.39 -0.21
C ALA F 135 18.42 -21.84 -0.69
N ALA F 136 19.55 -22.39 -1.09
CA ALA F 136 19.54 -23.73 -1.68
C ALA F 136 19.15 -24.76 -0.60
N GLN F 137 18.75 -25.96 -1.05
CA GLN F 137 18.22 -26.97 -0.14
C GLN F 137 19.27 -27.44 0.84
N GLY F 138 18.82 -27.88 2.01
CA GLY F 138 19.72 -28.39 3.03
C GLY F 138 19.23 -28.19 4.45
N GLY F 139 18.70 -27.02 4.75
CA GLY F 139 18.21 -26.74 6.09
C GLY F 139 16.71 -26.90 6.27
N TYR F 140 15.98 -27.13 5.18
CA TYR F 140 14.52 -27.31 5.24
C TYR F 140 14.07 -28.63 5.79
N TYR F 141 14.84 -29.66 5.49
CA TYR F 141 14.44 -31.03 5.73
C TYR F 141 14.46 -31.34 7.22
N CYS F 142 13.29 -31.72 7.75
CA CYS F 142 13.15 -31.99 9.18
C CYS F 142 13.58 -30.76 10.00
N GLY F 143 13.35 -29.58 9.42
CA GLY F 143 13.82 -28.35 10.02
C GLY F 143 12.99 -27.75 11.14
N VAL F 144 13.51 -26.66 11.67
CA VAL F 144 12.81 -25.88 12.67
C VAL F 144 13.17 -24.42 12.45
N GLY F 145 12.24 -23.51 12.74
CA GLY F 145 12.47 -22.08 12.58
C GLY F 145 11.82 -21.41 11.39
N SER F 146 11.47 -20.14 11.57
CA SER F 146 10.73 -19.39 10.55
C SER F 146 11.45 -19.21 9.22
N ASP F 147 12.77 -19.15 9.27
CA ASP F 147 13.57 -19.00 8.05
C ASP F 147 13.42 -20.23 7.15
N GLU F 148 13.25 -21.39 7.76
CA GLU F 148 13.25 -22.63 7.01
C GLU F 148 11.95 -23.45 7.04
N ILE F 149 10.99 -23.03 7.86
CA ILE F 149 9.79 -23.85 7.97
C ILE F 149 8.55 -23.07 7.55
N PHE F 150 7.81 -23.63 6.57
CA PHE F 150 6.64 -22.95 6.04
C PHE F 150 5.43 -23.86 5.99
N GLY F 151 4.36 -23.41 6.62
CA GLY F 151 3.10 -24.12 6.59
C GLY F 151 2.88 -25.07 7.74
N ARG F 152 3.67 -24.95 8.80
CA ARG F 152 3.56 -25.87 9.92
C ARG F 152 2.20 -25.84 10.63
N ASP F 153 1.58 -24.66 10.69
CA ASP F 153 0.26 -24.50 11.31
C ASP F 153 -0.78 -25.36 10.61
N VAL F 154 -0.72 -25.38 9.29
CA VAL F 154 -1.60 -26.24 8.51
C VAL F 154 -1.30 -27.73 8.79
N VAL F 155 -0.02 -28.08 8.81
CA VAL F 155 0.43 -29.46 8.99
C VAL F 155 -0.01 -30.04 10.35
N GLU F 156 0.10 -29.25 11.42
CA GLU F 156 -0.33 -29.73 12.72
C GLU F 156 -1.83 -29.90 12.74
N ALA F 157 -2.52 -28.93 12.13
CA ALA F 157 -3.98 -28.98 12.03
C ALA F 157 -4.45 -30.17 11.20
N HIS F 158 -3.74 -30.46 10.09
CA HIS F 158 -4.11 -31.60 9.26
C HIS F 158 -3.87 -32.92 9.96
N LEU F 159 -2.74 -33.04 10.65
CA LEU F 159 -2.38 -34.26 11.39
C LEU F 159 -3.34 -34.57 12.54
N GLU F 160 -3.67 -33.55 13.33
CA GLU F 160 -4.61 -33.71 14.41
C GLU F 160 -5.98 -34.14 13.84
N ASN F 161 -6.34 -33.58 12.69
CA ASN F 161 -7.58 -33.94 12.02
C ASN F 161 -7.57 -35.40 11.54
N CYS F 162 -6.47 -35.86 10.98
CA CYS F 162 -6.40 -37.25 10.53
C CYS F 162 -6.54 -38.24 11.68
N LEU F 163 -5.88 -37.94 12.80
CA LEU F 163 -5.93 -38.80 13.98
C LEU F 163 -7.33 -38.78 14.61
N LYS F 164 -7.95 -37.60 14.65
CA LYS F 164 -9.32 -37.48 15.14
C LYS F 164 -10.26 -38.26 14.24
N ALA F 165 -9.92 -38.30 12.95
CA ALA F 165 -10.65 -39.12 11.97
C ALA F 165 -10.35 -40.61 12.17
N GLY F 166 -9.32 -40.93 12.92
CA GLY F 166 -9.02 -42.32 13.19
C GLY F 166 -8.16 -42.99 12.14
N LEU F 167 -7.60 -42.19 11.23
CA LEU F 167 -6.77 -42.74 10.15
C LEU F 167 -5.40 -43.18 10.68
N GLY F 168 -4.83 -44.21 10.07
CA GLY F 168 -3.56 -44.77 10.50
C GLY F 168 -2.37 -44.02 9.94
N ILE F 169 -2.03 -42.89 10.57
CA ILE F 169 -0.88 -42.06 10.19
C ILE F 169 0.25 -42.49 11.11
N SER F 170 1.39 -42.79 10.51
CA SER F 170 2.53 -43.27 11.30
C SER F 170 3.55 -42.21 11.62
N GLY F 171 3.60 -41.17 10.79
CA GLY F 171 4.54 -40.08 11.02
C GLY F 171 4.35 -38.94 10.03
N ILE F 172 4.96 -37.80 10.34
CA ILE F 172 5.04 -36.71 9.38
C ILE F 172 6.42 -36.07 9.49
N ASN F 173 6.88 -35.46 8.38
CA ASN F 173 8.10 -34.68 8.44
C ASN F 173 8.12 -33.58 7.39
N ALA F 174 8.96 -32.59 7.66
CA ALA F 174 9.22 -31.52 6.72
C ALA F 174 10.26 -32.05 5.71
N GLU F 175 10.00 -31.77 4.44
CA GLU F 175 10.82 -32.28 3.38
C GLU F 175 11.94 -31.36 2.90
N VAL F 176 12.68 -31.84 1.90
CA VAL F 176 13.88 -31.21 1.40
C VAL F 176 13.64 -29.81 0.79
N MET F 177 12.55 -29.71 0.04
CA MET F 177 12.11 -28.44 -0.54
C MET F 177 11.33 -27.59 0.48
N PRO F 178 11.54 -26.27 0.48
CA PRO F 178 10.78 -25.39 1.38
C PRO F 178 9.27 -25.42 1.09
N GLY F 179 8.46 -25.53 2.15
CA GLY F 179 7.01 -25.64 2.05
C GLY F 179 6.54 -27.02 1.60
N GLN F 180 7.49 -27.96 1.58
CA GLN F 180 7.19 -29.35 1.24
C GLN F 180 7.16 -30.23 2.49
N TRP F 181 6.16 -31.09 2.52
CA TRP F 181 5.90 -31.89 3.69
C TRP F 181 5.55 -33.29 3.28
N GLU F 182 5.60 -34.20 4.24
CA GLU F 182 5.24 -35.58 3.99
C GLU F 182 4.45 -36.12 5.17
N PHE F 183 3.50 -36.99 4.88
CA PHE F 183 2.89 -37.79 5.93
C PHE F 183 2.86 -39.25 5.52
N GLN F 184 2.99 -40.15 6.48
CA GLN F 184 3.09 -41.55 6.14
C GLN F 184 1.82 -42.23 6.62
N VAL F 185 1.16 -42.95 5.71
CA VAL F 185 -0.04 -43.69 6.04
C VAL F 185 0.26 -45.20 5.96
N GLY F 186 -0.12 -45.94 7.00
CA GLY F 186 0.07 -47.38 7.08
C GLY F 186 0.68 -47.77 8.41
N PRO F 187 1.02 -49.06 8.60
CA PRO F 187 0.82 -50.16 7.64
C PRO F 187 -0.62 -50.66 7.59
N LEU F 188 -1.12 -50.91 6.40
CA LEU F 188 -2.53 -51.27 6.22
C LEU F 188 -2.77 -52.24 5.05
N ALA F 189 -3.96 -52.85 5.05
CA ALA F 189 -4.39 -53.72 3.96
C ALA F 189 -4.66 -52.82 2.74
N PRO F 190 -4.58 -53.38 1.51
CA PRO F 190 -4.56 -52.56 0.28
C PRO F 190 -5.75 -51.60 0.10
N LEU F 191 -6.96 -52.09 0.31
CA LEU F 191 -8.11 -51.21 0.21
C LEU F 191 -8.14 -50.17 1.34
N GLU F 192 -7.79 -50.61 2.54
CA GLU F 192 -7.81 -49.72 3.70
C GLU F 192 -6.76 -48.59 3.60
N VAL F 193 -5.55 -48.93 3.14
CA VAL F 193 -4.49 -47.93 2.95
C VAL F 193 -4.90 -46.95 1.87
N SER F 194 -5.57 -47.48 0.84
CA SER F 194 -6.02 -46.69 -0.30
C SER F 194 -7.17 -45.76 0.09
N ASP F 195 -8.12 -46.28 0.87
CA ASP F 195 -9.26 -45.49 1.33
C ASP F 195 -8.85 -44.35 2.28
N GLN F 196 -7.98 -44.67 3.25
CA GLN F 196 -7.56 -43.69 4.23
C GLN F 196 -6.71 -42.59 3.62
N LEU F 197 -5.86 -42.97 2.65
CA LEU F 197 -5.02 -41.99 1.97
C LEU F 197 -5.84 -40.96 1.21
N TRP F 198 -6.91 -41.42 0.54
CA TRP F 198 -7.82 -40.52 -0.18
C TRP F 198 -8.52 -39.57 0.77
N VAL F 199 -8.94 -40.09 1.93
CA VAL F 199 -9.61 -39.28 2.93
C VAL F 199 -8.59 -38.29 3.51
N ALA F 200 -7.37 -38.76 3.73
CA ALA F 200 -6.31 -37.88 4.25
C ALA F 200 -5.95 -36.73 3.27
N ARG F 201 -5.97 -37.03 1.97
CA ARG F 201 -5.77 -36.00 0.95
C ARG F 201 -6.90 -34.96 1.01
N TRP F 202 -8.13 -35.45 1.11
CA TRP F 202 -9.28 -34.58 1.15
C TRP F 202 -9.19 -33.67 2.38
N LEU F 203 -8.72 -34.25 3.47
CA LEU F 203 -8.54 -33.52 4.73
C LEU F 203 -7.45 -32.47 4.60
N LEU F 204 -6.43 -32.78 3.79
CA LEU F 204 -5.34 -31.82 3.58
C LEU F 204 -5.82 -30.59 2.83
N TYR F 205 -6.49 -30.79 1.70
CA TYR F 205 -6.99 -29.67 0.91
C TYR F 205 -7.96 -28.86 1.73
N ARG F 206 -8.87 -29.57 2.40
CA ARG F 206 -9.90 -28.91 3.17
C ARG F 206 -9.37 -28.18 4.39
N THR F 207 -8.44 -28.78 5.11
CA THR F 207 -7.83 -28.09 6.24
C THR F 207 -7.07 -26.83 5.74
N ALA F 208 -6.37 -26.94 4.61
CA ALA F 208 -5.58 -25.83 4.09
C ALA F 208 -6.41 -24.62 3.65
N GLU F 209 -7.67 -24.86 3.30
CA GLU F 209 -8.59 -23.80 2.92
C GLU F 209 -8.74 -22.76 4.05
N ASP F 210 -8.76 -23.24 5.28
CA ASP F 210 -8.93 -22.40 6.46
C ASP F 210 -7.73 -21.49 6.70
N PHE F 211 -6.56 -21.93 6.24
CA PHE F 211 -5.36 -21.13 6.35
C PHE F 211 -5.11 -20.32 5.09
N GLU F 212 -6.05 -20.42 4.15
CA GLU F 212 -5.97 -19.71 2.87
C GLU F 212 -4.73 -20.09 2.07
N VAL F 213 -4.35 -21.35 2.13
CA VAL F 213 -3.26 -21.81 1.31
C VAL F 213 -3.70 -23.03 0.53
N SER F 214 -2.85 -23.45 -0.41
CA SER F 214 -3.16 -24.58 -1.26
C SER F 214 -2.08 -25.62 -1.11
N ALA F 215 -2.49 -26.85 -1.38
CA ALA F 215 -1.58 -27.97 -1.44
C ALA F 215 -1.66 -28.60 -2.81
N THR F 216 -0.50 -29.04 -3.28
CA THR F 216 -0.44 -29.71 -4.54
C THR F 216 0.28 -31.03 -4.47
N LEU F 217 -0.22 -31.99 -5.24
CA LEU F 217 0.39 -33.29 -5.32
C LEU F 217 1.14 -33.39 -6.65
N ASP F 218 1.40 -32.24 -7.28
CA ASP F 218 2.22 -32.21 -8.50
C ASP F 218 3.60 -32.77 -8.19
N PRO F 219 4.07 -33.70 -9.04
CA PRO F 219 5.33 -34.43 -8.85
C PRO F 219 6.56 -33.54 -8.98
N LYS F 220 6.51 -32.50 -9.80
CA LYS F 220 7.63 -31.56 -9.91
C LYS F 220 7.11 -30.11 -9.92
N PRO F 221 6.67 -29.64 -8.75
CA PRO F 221 6.03 -28.34 -8.61
C PRO F 221 6.91 -27.18 -9.06
N VAL F 222 8.22 -27.27 -8.81
CA VAL F 222 9.20 -26.32 -9.35
C VAL F 222 10.29 -27.01 -10.18
N LYS F 223 10.54 -26.51 -11.39
CA LYS F 223 11.61 -27.09 -12.27
C LYS F 223 13.01 -26.80 -11.76
N GLY F 224 13.94 -27.70 -12.07
CA GLY F 224 15.32 -27.55 -11.66
C GLY F 224 15.74 -28.58 -10.62
N ASP F 225 16.63 -28.16 -9.74
CA ASP F 225 17.21 -29.04 -8.74
C ASP F 225 16.34 -29.12 -7.47
N TRP F 226 15.25 -28.37 -7.49
CA TRP F 226 14.28 -28.42 -6.42
C TRP F 226 13.56 -29.78 -6.34
N ASN F 227 13.35 -30.27 -5.12
CA ASN F 227 12.83 -31.62 -4.97
C ASN F 227 11.45 -31.90 -5.51
N GLY F 228 11.31 -33.07 -6.13
CA GLY F 228 10.03 -33.57 -6.57
C GLY F 228 9.21 -34.12 -5.42
N ALA F 229 7.91 -34.28 -5.67
CA ALA F 229 7.02 -34.88 -4.68
C ALA F 229 6.63 -36.31 -5.13
N GLY F 230 6.99 -37.30 -4.31
CA GLY F 230 6.66 -38.68 -4.60
C GLY F 230 5.65 -39.32 -3.67
N ALA F 231 5.31 -40.57 -3.98
CA ALA F 231 4.55 -41.37 -3.03
C ALA F 231 5.18 -42.75 -2.90
N HIS F 232 6.31 -42.79 -2.18
CA HIS F 232 7.04 -44.03 -2.01
C HIS F 232 6.13 -45.05 -1.31
N THR F 233 6.12 -46.26 -1.85
CA THR F 233 5.24 -47.28 -1.35
C THR F 233 5.98 -48.48 -0.78
N ASN F 234 5.70 -48.79 0.48
CA ASN F 234 6.30 -49.93 1.12
C ASN F 234 5.33 -51.10 1.08
N PHE F 235 5.85 -52.24 0.65
CA PHE F 235 4.99 -53.37 0.41
C PHE F 235 5.62 -54.67 0.89
N SER F 236 4.78 -55.50 1.50
CA SER F 236 5.19 -56.82 1.93
C SER F 236 4.02 -57.81 2.02
N THR F 237 4.36 -59.09 2.00
CA THR F 237 3.40 -60.16 2.23
C THR F 237 3.93 -60.95 3.41
N LYS F 238 3.13 -61.91 3.86
CA LYS F 238 3.48 -62.74 5.00
C LYS F 238 4.81 -63.44 4.72
N ALA F 239 4.96 -63.96 3.49
CA ALA F 239 6.20 -64.60 3.08
C ALA F 239 7.37 -63.63 3.11
N MET F 240 7.12 -62.41 2.66
CA MET F 240 8.14 -61.39 2.66
C MET F 240 8.56 -60.97 4.08
N ARG F 241 7.58 -60.88 4.99
CA ARG F 241 7.89 -60.61 6.39
C ARG F 241 8.59 -61.81 7.04
N GLU F 242 8.35 -62.99 6.49
CA GLU F 242 9.04 -64.20 6.98
C GLU F 242 10.44 -64.45 6.44
N GLY F 243 10.66 -64.19 5.17
CA GLY F 243 11.93 -64.54 4.57
C GLY F 243 12.40 -63.70 3.42
N TYR F 244 13.72 -63.75 3.24
CA TYR F 244 14.47 -62.95 2.28
C TYR F 244 14.26 -63.39 0.87
N ASP F 245 13.88 -64.65 0.73
CA ASP F 245 13.70 -65.28 -0.54
C ASP F 245 12.57 -64.65 -1.35
N ALA F 246 11.47 -64.33 -0.66
CA ALA F 246 10.30 -63.66 -1.25
C ALA F 246 10.62 -62.24 -1.73
N ILE F 247 11.48 -61.56 -0.99
CA ILE F 247 11.93 -60.20 -1.31
C ILE F 247 12.65 -60.12 -2.64
N ILE F 248 13.57 -61.03 -2.90
CA ILE F 248 14.25 -61.05 -4.18
C ILE F 248 13.24 -61.36 -5.27
N THR F 249 12.32 -62.27 -4.95
CA THR F 249 11.28 -62.65 -5.89
C THR F 249 10.40 -61.44 -6.20
N ALA F 250 10.05 -60.71 -5.14
CA ALA F 250 9.23 -59.51 -5.28
C ALA F 250 9.93 -58.42 -6.11
N ALA F 251 11.20 -58.19 -5.78
CA ALA F 251 12.02 -57.20 -6.47
C ALA F 251 12.28 -57.53 -7.94
N GLU F 252 12.54 -58.82 -8.25
CA GLU F 252 12.74 -59.26 -9.64
C GLU F 252 11.47 -59.22 -10.49
N SER F 253 10.33 -59.51 -9.86
CA SER F 253 9.04 -59.54 -10.56
C SER F 253 8.73 -58.18 -11.18
N LEU F 254 9.16 -57.12 -10.50
CA LEU F 254 8.94 -55.76 -10.95
C LEU F 254 9.84 -55.41 -12.15
N GLY F 255 10.91 -56.19 -12.32
CA GLY F 255 11.84 -55.96 -13.41
C GLY F 255 11.59 -56.82 -14.63
N GLU F 256 10.65 -57.74 -14.54
CA GLU F 256 10.42 -58.68 -15.62
C GLU F 256 9.47 -58.12 -16.70
N GLY F 257 9.72 -58.49 -17.96
CA GLY F 257 8.81 -58.21 -19.05
C GLY F 257 8.44 -56.76 -19.26
N SER F 258 7.13 -56.48 -19.30
CA SER F 258 6.64 -55.11 -19.50
C SER F 258 6.22 -54.46 -18.18
N LYS F 259 6.50 -55.14 -17.06
CA LYS F 259 6.08 -54.65 -15.75
C LYS F 259 6.64 -53.26 -15.38
N PRO F 260 7.90 -52.93 -15.77
CA PRO F 260 8.37 -51.59 -15.45
C PRO F 260 7.53 -50.49 -16.12
N MET F 261 7.27 -50.62 -17.42
CA MET F 261 6.41 -49.70 -18.15
C MET F 261 4.94 -49.80 -17.77
N ASP F 262 4.48 -51.01 -17.45
CA ASP F 262 3.09 -51.23 -17.06
C ASP F 262 2.77 -50.41 -15.82
N HIS F 263 3.68 -50.44 -14.85
CA HIS F 263 3.56 -49.65 -13.63
C HIS F 263 3.78 -48.15 -13.83
N VAL F 264 4.88 -47.82 -14.49
CA VAL F 264 5.33 -46.44 -14.62
C VAL F 264 4.30 -45.56 -15.36
N LYS F 265 3.58 -46.12 -16.33
CA LYS F 265 2.61 -45.34 -17.07
C LYS F 265 1.34 -45.15 -16.23
N ASN F 266 1.29 -45.80 -15.07
CA ASN F 266 0.17 -45.63 -14.15
C ASN F 266 0.58 -45.04 -12.81
N TYR F 267 1.81 -44.53 -12.74
CA TYR F 267 2.37 -44.10 -11.46
C TYR F 267 2.25 -42.61 -11.25
N GLY F 268 1.45 -41.98 -12.11
CA GLY F 268 1.12 -40.57 -11.98
C GLY F 268 1.53 -39.73 -13.18
N ALA F 269 0.78 -38.67 -13.40
CA ALA F 269 0.98 -37.80 -14.56
C ALA F 269 2.20 -36.92 -14.36
N GLY F 270 3.01 -36.81 -15.42
CA GLY F 270 4.19 -35.98 -15.36
C GLY F 270 5.38 -36.65 -14.71
N ILE F 271 5.36 -37.97 -14.68
CA ILE F 271 6.41 -38.76 -14.05
C ILE F 271 7.79 -38.56 -14.66
N ASP F 272 7.83 -38.26 -15.95
CA ASP F 272 9.09 -37.98 -16.65
C ASP F 272 9.81 -36.76 -16.09
N ASP F 273 9.04 -35.79 -15.60
CA ASP F 273 9.62 -34.63 -14.94
C ASP F 273 10.26 -34.89 -13.57
N ARG F 274 9.74 -35.85 -12.81
CA ARG F 274 10.32 -36.15 -11.50
C ARG F 274 11.42 -37.22 -11.57
N LEU F 275 11.18 -38.28 -12.33
CA LEU F 275 12.13 -39.38 -12.40
C LEU F 275 13.13 -39.14 -13.51
N THR F 276 14.21 -38.45 -13.18
CA THR F 276 15.22 -38.14 -14.17
C THR F 276 16.42 -38.95 -13.71
N GLY F 277 17.41 -39.11 -14.60
CA GLY F 277 18.62 -39.85 -14.27
C GLY F 277 19.46 -39.19 -13.18
N LEU F 278 19.69 -37.89 -13.32
CA LEU F 278 20.75 -37.14 -12.63
C LEU F 278 20.64 -37.18 -11.09
N HIS F 279 19.48 -36.88 -10.52
CA HIS F 279 19.32 -37.02 -9.07
C HIS F 279 18.45 -38.26 -8.85
N GLU F 280 17.86 -38.36 -7.66
CA GLU F 280 16.92 -39.43 -7.35
C GLU F 280 15.70 -39.40 -8.31
N THR F 281 15.33 -40.58 -8.80
CA THR F 281 16.04 -41.78 -8.44
C THR F 281 16.84 -42.28 -9.63
N ALA F 282 16.14 -43.09 -10.41
CA ALA F 282 16.64 -43.71 -11.60
C ALA F 282 15.75 -43.07 -12.64
N PRO F 283 16.10 -43.20 -13.90
CA PRO F 283 15.24 -42.61 -14.91
C PRO F 283 13.93 -43.39 -14.94
N TRP F 284 12.84 -42.72 -15.31
CA TRP F 284 11.53 -43.33 -15.34
C TRP F 284 11.52 -44.51 -16.33
N ASN F 285 12.47 -44.51 -17.26
CA ASN F 285 12.53 -45.51 -18.33
C ASN F 285 13.45 -46.70 -18.08
N GLU F 286 14.05 -46.77 -16.88
CA GLU F 286 14.85 -47.95 -16.56
C GLU F 286 14.51 -48.50 -15.17
N TYR F 287 14.47 -49.83 -15.06
CA TYR F 287 14.22 -50.44 -13.76
C TYR F 287 15.49 -51.03 -13.16
N SER F 288 15.71 -50.68 -11.90
CA SER F 288 16.79 -51.26 -11.11
C SER F 288 16.30 -51.45 -9.69
N TYR F 289 16.90 -52.39 -8.98
CA TYR F 289 16.65 -52.51 -7.55
C TYR F 289 17.95 -52.84 -6.84
N GLY F 290 18.05 -52.42 -5.59
CA GLY F 290 19.26 -52.67 -4.83
C GLY F 290 19.07 -52.45 -3.35
N VAL F 291 19.99 -52.99 -2.55
CA VAL F 291 19.93 -52.81 -1.11
C VAL F 291 20.52 -51.44 -0.77
N SER F 292 19.72 -50.63 -0.09
CA SER F 292 20.13 -49.31 0.39
C SER F 292 20.42 -48.32 -0.73
N ASP F 293 19.90 -48.60 -1.93
CA ASP F 293 20.17 -47.77 -3.09
C ASP F 293 19.01 -46.77 -3.30
N ARG F 294 19.25 -45.50 -2.99
CA ARG F 294 18.23 -44.48 -3.14
C ARG F 294 18.07 -44.08 -4.60
N GLY F 295 19.03 -44.51 -5.42
CA GLY F 295 19.00 -44.26 -6.85
C GLY F 295 18.29 -45.35 -7.62
N ALA F 296 18.00 -46.46 -6.95
CA ALA F 296 17.27 -47.56 -7.58
C ALA F 296 15.73 -47.31 -7.71
N SER F 297 15.09 -48.03 -8.64
CA SER F 297 13.62 -47.98 -8.77
C SER F 297 13.04 -48.59 -7.52
N VAL F 298 13.62 -49.69 -7.07
CA VAL F 298 13.18 -50.31 -5.83
C VAL F 298 14.35 -50.48 -4.86
N ARG F 299 14.15 -50.08 -3.61
CA ARG F 299 15.20 -50.22 -2.62
C ARG F 299 14.87 -51.29 -1.57
N ILE F 300 15.87 -52.08 -1.21
CA ILE F 300 15.76 -52.97 -0.07
C ILE F 300 16.55 -52.33 1.08
N PRO F 301 15.83 -51.92 2.14
CA PRO F 301 16.46 -51.23 3.27
C PRO F 301 17.49 -52.13 3.97
N TRP F 302 18.52 -51.49 4.55
CA TRP F 302 19.62 -52.24 5.15
C TRP F 302 19.12 -53.12 6.30
N GLN F 303 18.10 -52.65 7.03
CA GLN F 303 17.57 -53.45 8.13
C GLN F 303 16.93 -54.72 7.59
N VAL F 304 16.25 -54.61 6.45
CA VAL F 304 15.55 -55.74 5.83
C VAL F 304 16.53 -56.82 5.37
N GLU F 305 17.64 -56.38 4.75
CA GLU F 305 18.69 -57.28 4.28
C GLU F 305 19.44 -57.92 5.44
N LYS F 306 19.62 -57.17 6.52
CA LYS F 306 20.25 -57.70 7.71
C LYS F 306 19.39 -58.78 8.37
N ASP F 307 18.08 -58.55 8.45
CA ASP F 307 17.19 -59.46 9.19
C ASP F 307 16.71 -60.64 8.34
N GLY F 308 16.97 -60.60 7.03
CA GLY F 308 16.54 -61.67 6.15
C GLY F 308 15.04 -61.70 6.01
N LYS F 309 14.38 -60.58 6.36
CA LYS F 309 12.92 -60.43 6.27
C LYS F 309 12.53 -58.95 6.36
N GLY F 310 11.31 -58.64 5.96
CA GLY F 310 10.88 -57.25 5.88
C GLY F 310 9.92 -56.91 4.76
N TYR F 311 10.22 -55.81 4.09
CA TYR F 311 9.41 -55.26 3.02
C TYR F 311 10.28 -54.71 1.92
N ILE F 312 9.65 -54.23 0.86
CA ILE F 312 10.37 -53.50 -0.18
C ILE F 312 9.76 -52.13 -0.41
N GLU F 313 10.57 -51.22 -0.94
CA GLU F 313 10.13 -49.85 -1.18
C GLU F 313 10.15 -49.50 -2.66
N ASP F 314 9.00 -49.18 -3.21
CA ASP F 314 8.95 -48.75 -4.58
C ASP F 314 9.03 -47.21 -4.60
N ARG F 315 10.12 -46.68 -5.12
CA ARG F 315 10.36 -45.24 -5.06
C ARG F 315 9.81 -44.50 -6.27
N ARG F 316 9.26 -45.25 -7.22
CA ARG F 316 8.71 -44.66 -8.44
C ARG F 316 7.38 -43.87 -8.37
N PRO F 317 6.42 -44.25 -7.50
CA PRO F 317 5.15 -43.51 -7.67
C PRO F 317 5.22 -42.02 -7.34
N ASN F 318 4.56 -41.21 -8.18
CA ASN F 318 4.46 -39.76 -7.99
C ASN F 318 3.54 -39.46 -6.81
N ALA F 319 3.63 -38.26 -6.28
CA ALA F 319 2.72 -37.84 -5.24
C ALA F 319 1.27 -37.83 -5.75
N ASN F 320 1.09 -37.74 -7.06
CA ASN F 320 -0.25 -37.71 -7.66
C ASN F 320 -0.71 -39.08 -8.17
N VAL F 321 -0.04 -40.14 -7.72
CA VAL F 321 -0.49 -41.47 -8.11
C VAL F 321 -1.84 -41.74 -7.45
N ASP F 322 -2.71 -42.46 -8.16
CA ASP F 322 -3.92 -42.95 -7.53
C ASP F 322 -3.52 -44.18 -6.68
N PRO F 323 -3.77 -44.12 -5.36
CA PRO F 323 -3.44 -45.24 -4.48
C PRO F 323 -4.16 -46.54 -4.89
N TYR F 324 -5.40 -46.48 -5.39
CA TYR F 324 -6.10 -47.71 -5.82
C TYR F 324 -5.36 -48.44 -6.94
N VAL F 325 -4.77 -47.64 -7.84
CA VAL F 325 -4.04 -48.16 -8.98
C VAL F 325 -2.65 -48.73 -8.60
N VAL F 326 -1.87 -47.96 -7.86
CA VAL F 326 -0.53 -48.40 -7.48
C VAL F 326 -0.55 -49.64 -6.57
N THR F 327 -1.50 -49.69 -5.64
CA THR F 327 -1.63 -50.85 -4.75
C THR F 327 -2.03 -52.11 -5.52
N ARG F 328 -2.95 -51.96 -6.47
CA ARG F 328 -3.45 -53.07 -7.29
C ARG F 328 -2.33 -53.70 -8.09
N LEU F 329 -1.51 -52.85 -8.71
CA LEU F 329 -0.42 -53.27 -9.56
C LEU F 329 0.67 -54.05 -8.82
N LEU F 330 1.05 -53.55 -7.65
CA LEU F 330 2.07 -54.19 -6.83
C LEU F 330 1.59 -55.55 -6.33
N VAL F 331 0.33 -55.60 -5.88
CA VAL F 331 -0.25 -56.85 -5.43
C VAL F 331 -0.34 -57.78 -6.64
N ASP F 332 -0.78 -57.24 -7.77
CA ASP F 332 -0.92 -58.06 -8.97
C ASP F 332 0.43 -58.64 -9.39
N THR F 333 1.43 -57.77 -9.56
CA THR F 333 2.74 -58.21 -10.06
C THR F 333 3.48 -59.09 -9.04
N CYS F 334 3.67 -58.58 -7.83
CA CYS F 334 4.48 -59.28 -6.83
C CYS F 334 3.82 -60.56 -6.30
N CYS F 335 2.55 -60.49 -5.88
CA CYS F 335 1.86 -61.66 -5.31
C CYS F 335 1.69 -62.77 -6.32
N THR F 336 1.51 -62.40 -7.59
CA THR F 336 1.40 -63.41 -8.65
C THR F 336 2.73 -64.17 -8.78
N ALA F 337 3.83 -63.42 -8.81
CA ALA F 337 5.16 -64.01 -8.91
C ALA F 337 5.50 -64.85 -7.67
N LEU F 338 5.05 -64.41 -6.51
CA LEU F 338 5.29 -65.15 -5.26
C LEU F 338 4.54 -66.48 -5.15
N GLU F 339 3.33 -66.49 -5.72
CA GLU F 339 2.49 -67.68 -5.79
C GLU F 339 3.13 -68.74 -6.67
N LYS F 340 3.63 -68.29 -7.82
CA LYS F 340 4.30 -69.16 -8.76
C LYS F 340 5.56 -69.78 -8.15
N ALA F 341 6.30 -68.96 -7.39
CA ALA F 341 7.53 -69.44 -6.76
C ALA F 341 7.22 -70.32 -5.54
N GLY F 342 5.96 -70.36 -5.09
CA GLY F 342 5.55 -71.17 -3.93
C GLY F 342 5.89 -70.45 -2.65
N GLN F 343 6.31 -69.21 -2.84
CA GLN F 343 6.77 -68.38 -1.75
C GLN F 343 5.67 -67.47 -1.16
N VAL F 344 4.63 -68.10 -0.60
CA VAL F 344 3.45 -67.41 -0.07
C VAL F 344 3.22 -67.72 1.41
N HIS G 1 -39.68 -11.01 35.49
CA HIS G 1 -39.93 -11.90 34.36
C HIS G 1 -38.89 -11.63 33.26
N MET G 2 -38.88 -12.43 32.20
CA MET G 2 -37.69 -12.43 31.36
C MET G 2 -38.02 -11.77 30.01
N THR G 3 -36.94 -11.34 29.39
CA THR G 3 -36.90 -10.64 28.13
C THR G 3 -36.17 -11.38 27.01
N PHE G 4 -36.77 -11.37 25.83
CA PHE G 4 -36.10 -11.99 24.70
C PHE G 4 -36.36 -11.15 23.45
N LYS G 5 -35.48 -11.36 22.47
CA LYS G 5 -35.51 -10.62 21.23
C LYS G 5 -36.28 -11.40 20.17
N ALA G 6 -37.13 -10.69 19.45
CA ALA G 6 -37.87 -11.27 18.35
C ALA G 6 -37.59 -10.49 17.08
N GLU G 7 -37.06 -11.18 16.07
CA GLU G 7 -36.80 -10.53 14.81
C GLU G 7 -37.94 -10.78 13.84
N TYR G 8 -38.66 -9.71 13.54
CA TYR G 8 -39.81 -9.75 12.64
C TYR G 8 -39.29 -9.58 11.23
N ILE G 9 -39.54 -10.58 10.39
CA ILE G 9 -39.01 -10.60 9.03
C ILE G 9 -40.21 -10.61 8.05
N TRP G 10 -40.13 -9.78 7.01
CA TRP G 10 -41.17 -9.78 5.99
C TRP G 10 -40.63 -9.49 4.61
N ILE G 11 -41.50 -9.65 3.63
CA ILE G 11 -41.18 -9.38 2.24
C ILE G 11 -41.87 -8.10 1.75
N ASP G 12 -41.11 -7.24 1.08
CA ASP G 12 -41.62 -5.95 0.62
C ASP G 12 -42.35 -5.94 -0.73
N GLY G 13 -42.58 -4.75 -1.28
CA GLY G 13 -43.27 -4.61 -2.55
C GLY G 13 -42.35 -4.16 -3.67
N THR G 14 -41.06 -4.40 -3.49
CA THR G 14 -40.10 -4.02 -4.51
C THR G 14 -40.32 -4.76 -5.83
N GLU G 15 -40.08 -4.02 -6.92
CA GLU G 15 -40.27 -4.55 -8.25
C GLU G 15 -38.95 -4.42 -8.98
N PRO G 16 -38.63 -5.40 -9.84
CA PRO G 16 -39.34 -6.64 -10.20
C PRO G 16 -39.26 -7.74 -9.11
N THR G 17 -38.23 -7.68 -8.29
CA THR G 17 -38.02 -8.72 -7.30
C THR G 17 -38.16 -8.18 -5.88
N ALA G 18 -39.01 -8.81 -5.08
CA ALA G 18 -39.21 -8.35 -3.71
C ALA G 18 -38.04 -8.66 -2.78
N LYS G 19 -37.90 -7.84 -1.74
CA LYS G 19 -36.75 -7.94 -0.84
C LYS G 19 -37.19 -8.19 0.60
N LEU G 20 -36.34 -8.85 1.37
CA LEU G 20 -36.56 -9.07 2.79
C LEU G 20 -36.36 -7.80 3.58
N ARG G 21 -37.22 -7.62 4.57
CA ARG G 21 -37.10 -6.55 5.55
C ARG G 21 -37.22 -7.16 6.94
N SER G 22 -36.56 -6.52 7.90
CA SER G 22 -36.58 -6.98 9.26
C SER G 22 -36.36 -5.87 10.29
N LYS G 23 -36.99 -6.02 11.45
CA LYS G 23 -36.66 -5.22 12.62
C LYS G 23 -36.80 -6.02 13.92
N THR G 24 -36.21 -5.48 14.98
CA THR G 24 -36.16 -6.17 16.25
C THR G 24 -37.20 -5.66 17.24
N LYS G 25 -37.91 -6.60 17.86
CA LYS G 25 -38.88 -6.29 18.89
C LYS G 25 -38.42 -6.89 20.22
N ILE G 26 -38.52 -6.10 21.29
CA ILE G 26 -38.15 -6.60 22.59
C ILE G 26 -39.41 -7.00 23.30
N ILE G 27 -39.49 -8.27 23.69
CA ILE G 27 -40.73 -8.82 24.25
C ILE G 27 -40.54 -9.26 25.71
N THR G 28 -41.50 -8.85 26.54
CA THR G 28 -41.53 -9.18 27.97
C THR G 28 -42.81 -9.95 28.26
N ALA G 29 -42.76 -11.26 28.09
CA ALA G 29 -43.94 -12.09 28.26
C ALA G 29 -43.52 -13.53 28.52
N ALA G 30 -44.51 -14.37 28.78
CA ALA G 30 -44.27 -15.78 29.02
C ALA G 30 -44.24 -16.43 27.64
N PRO G 31 -43.17 -17.18 27.34
CA PRO G 31 -42.97 -17.70 25.98
C PRO G 31 -44.02 -18.71 25.49
N ALA G 32 -44.43 -18.56 24.23
CA ALA G 32 -45.37 -19.45 23.59
C ALA G 32 -45.18 -19.31 22.08
N GLY G 33 -45.60 -20.34 21.34
CA GLY G 33 -45.27 -20.52 19.91
C GLY G 33 -46.27 -19.78 19.05
N LEU G 34 -45.86 -18.69 18.40
CA LEU G 34 -46.71 -18.05 17.34
C LEU G 34 -47.96 -17.34 17.79
N ASP G 35 -48.77 -18.11 18.50
CA ASP G 35 -50.08 -17.71 18.94
C ASP G 35 -50.06 -16.58 19.98
N ALA G 36 -49.02 -16.56 20.80
CA ALA G 36 -48.86 -15.52 21.80
C ALA G 36 -48.13 -14.29 21.25
N LEU G 37 -47.63 -14.36 20.03
CA LEU G 37 -46.88 -13.23 19.47
C LEU G 37 -47.71 -12.09 18.90
N PRO G 38 -47.40 -10.86 19.35
CA PRO G 38 -48.13 -9.65 18.98
C PRO G 38 -48.00 -9.32 17.49
N VAL G 39 -49.07 -8.81 16.90
CA VAL G 39 -48.97 -8.22 15.58
C VAL G 39 -48.30 -6.88 15.69
N TRP G 40 -47.69 -6.45 14.59
CA TRP G 40 -46.91 -5.25 14.62
C TRP G 40 -47.19 -4.48 13.33
N GLY G 41 -46.50 -3.38 13.14
CA GLY G 41 -46.72 -2.58 11.96
C GLY G 41 -45.43 -1.95 11.51
N PHE G 42 -45.47 -1.35 10.32
CA PHE G 42 -44.34 -0.59 9.85
C PHE G 42 -44.83 0.42 8.84
N ASP G 43 -43.94 1.32 8.47
CA ASP G 43 -44.19 2.31 7.44
C ASP G 43 -43.82 1.86 6.01
N GLY G 44 -44.86 1.70 5.19
CA GLY G 44 -44.76 1.16 3.84
C GLY G 44 -44.01 2.04 2.85
N SER G 45 -44.01 3.35 3.09
CA SER G 45 -43.44 4.30 2.14
C SER G 45 -41.98 3.97 1.89
N SER G 46 -41.31 3.52 2.93
CA SER G 46 -39.88 3.19 2.88
C SER G 46 -39.59 1.85 2.17
N THR G 47 -40.63 1.03 1.98
CA THR G 47 -40.47 -0.34 1.46
C THR G 47 -41.15 -0.71 0.12
N ASN G 48 -41.60 0.27 -0.65
CA ASN G 48 -42.25 0.02 -1.95
C ASN G 48 -43.62 -0.69 -1.79
N GLN G 49 -44.17 -0.57 -0.58
CA GLN G 49 -45.49 -1.07 -0.19
C GLN G 49 -46.44 0.09 0.01
N ALA G 50 -46.03 1.21 -0.56
CA ALA G 50 -46.86 2.37 -0.80
C ALA G 50 -46.13 3.11 -1.92
N GLU G 51 -45.02 3.75 -1.56
CA GLU G 51 -44.36 4.77 -2.37
C GLU G 51 -45.43 5.78 -2.75
N GLY G 52 -46.32 5.98 -1.77
CA GLY G 52 -47.53 6.78 -1.91
C GLY G 52 -47.80 7.38 -0.56
N SER G 53 -49.01 7.89 -0.37
CA SER G 53 -49.38 8.62 0.83
C SER G 53 -50.44 7.96 1.73
N SER G 54 -50.82 6.72 1.44
CA SER G 54 -51.88 6.05 2.19
C SER G 54 -51.58 4.68 2.81
N SER G 55 -50.38 4.14 2.67
CA SER G 55 -50.14 2.81 3.20
C SER G 55 -49.32 2.71 4.50
N ASP G 56 -49.99 2.18 5.51
CA ASP G 56 -49.45 1.84 6.80
C ASP G 56 -49.72 0.37 6.79
N CYS G 57 -48.77 -0.41 7.27
CA CYS G 57 -48.91 -1.82 7.05
C CYS G 57 -48.89 -2.56 8.35
N VAL G 58 -49.45 -3.77 8.35
CA VAL G 58 -49.56 -4.58 9.55
C VAL G 58 -48.75 -5.84 9.33
N LEU G 59 -47.98 -6.21 10.34
CA LEU G 59 -47.21 -7.44 10.34
C LEU G 59 -47.95 -8.47 11.17
N LYS G 60 -48.25 -9.58 10.52
CA LYS G 60 -48.91 -10.70 11.17
C LYS G 60 -48.00 -11.93 11.10
N PRO G 61 -47.56 -12.41 12.28
CA PRO G 61 -46.68 -13.56 12.40
C PRO G 61 -47.35 -14.79 11.75
N VAL G 62 -46.60 -15.53 10.94
CA VAL G 62 -47.11 -16.74 10.31
C VAL G 62 -46.22 -17.92 10.63
N PHE G 63 -44.98 -17.61 10.99
CA PHE G 63 -43.97 -18.63 11.27
C PHE G 63 -42.90 -18.12 12.26
N SER G 64 -42.42 -19.02 13.12
CA SER G 64 -41.36 -18.64 14.08
C SER G 64 -40.41 -19.77 14.37
N CYS G 65 -39.18 -19.42 14.71
CA CYS G 65 -38.14 -20.40 15.00
C CYS G 65 -37.10 -19.71 15.85
N PRO G 66 -36.17 -20.49 16.41
CA PRO G 66 -35.05 -19.89 17.15
C PRO G 66 -34.13 -19.04 16.25
N ASP G 67 -33.60 -17.97 16.84
CA ASP G 67 -32.58 -17.16 16.22
C ASP G 67 -31.27 -17.84 16.53
N PRO G 68 -30.66 -18.48 15.52
CA PRO G 68 -29.40 -19.23 15.68
C PRO G 68 -28.20 -18.32 15.93
N ILE G 69 -28.28 -17.09 15.42
CA ILE G 69 -27.24 -16.09 15.60
C ILE G 69 -27.23 -15.46 16.98
N ARG G 70 -28.39 -14.97 17.42
CA ARG G 70 -28.50 -14.40 18.76
C ARG G 70 -28.37 -15.51 19.80
N GLY G 71 -28.92 -16.68 19.47
CA GLY G 71 -28.85 -17.84 20.33
C GLY G 71 -29.84 -17.68 21.47
N GLY G 72 -29.74 -18.59 22.44
CA GLY G 72 -30.59 -18.53 23.62
C GLY G 72 -32.07 -18.63 23.32
N GLU G 73 -32.86 -17.71 23.86
CA GLU G 73 -34.32 -17.75 23.75
C GLU G 73 -34.87 -16.81 22.68
N ASP G 74 -33.98 -16.15 21.96
CA ASP G 74 -34.35 -15.18 20.94
C ASP G 74 -34.86 -15.92 19.70
N ILE G 75 -35.77 -15.29 18.97
CA ILE G 75 -36.44 -15.95 17.87
C ILE G 75 -36.58 -15.08 16.62
N LEU G 76 -36.81 -15.79 15.51
CA LEU G 76 -37.11 -15.18 14.23
C LEU G 76 -38.60 -15.31 14.00
N VAL G 77 -39.23 -14.23 13.56
CA VAL G 77 -40.65 -14.23 13.29
C VAL G 77 -40.90 -13.84 11.84
N LEU G 78 -41.27 -14.81 11.03
CA LEU G 78 -41.62 -14.50 9.66
C LEU G 78 -43.08 -14.00 9.64
N CYS G 79 -43.32 -12.87 8.99
CA CYS G 79 -44.66 -12.29 9.03
C CYS G 79 -45.20 -12.14 7.63
N GLU G 80 -46.51 -12.02 7.53
CA GLU G 80 -47.11 -11.60 6.29
C GLU G 80 -47.60 -10.18 6.47
N VAL G 81 -47.81 -9.49 5.36
CA VAL G 81 -48.14 -8.08 5.42
C VAL G 81 -49.63 -7.87 5.12
N LEU G 82 -50.30 -7.11 6.00
CA LEU G 82 -51.72 -6.84 5.85
C LEU G 82 -51.93 -5.34 5.82
N ASP G 83 -53.05 -4.94 5.22
CA ASP G 83 -53.52 -3.57 5.28
C ASP G 83 -54.10 -3.30 6.68
N THR G 84 -54.38 -2.04 6.99
CA THR G 84 -54.91 -1.68 8.30
C THR G 84 -56.26 -2.32 8.60
N ASP G 85 -56.98 -2.73 7.57
CA ASP G 85 -58.26 -3.40 7.75
C ASP G 85 -58.08 -4.91 7.91
N MET G 86 -56.81 -5.33 8.07
CA MET G 86 -56.46 -6.72 8.35
C MET G 86 -56.67 -7.62 7.12
N THR G 87 -56.94 -7.04 5.95
CA THR G 87 -56.99 -7.84 4.74
C THR G 87 -55.55 -7.96 4.21
N PRO G 88 -55.31 -8.98 3.37
CA PRO G 88 -53.95 -9.09 2.85
C PRO G 88 -53.55 -7.88 2.00
N HIS G 89 -52.31 -7.44 2.20
CA HIS G 89 -51.76 -6.35 1.43
C HIS G 89 -51.53 -6.85 0.00
N PRO G 90 -51.55 -5.93 -1.00
CA PRO G 90 -51.32 -6.32 -2.40
C PRO G 90 -49.98 -7.01 -2.66
N SER G 91 -48.94 -6.64 -1.92
CA SER G 91 -47.64 -7.31 -2.03
C SER G 91 -47.64 -8.77 -1.53
N ASN G 92 -48.63 -9.09 -0.68
CA ASN G 92 -48.73 -10.40 -0.03
C ASN G 92 -49.02 -11.55 -1.01
N THR G 93 -48.08 -12.49 -1.09
CA THR G 93 -48.21 -13.63 -2.02
C THR G 93 -48.43 -14.93 -1.26
N ARG G 94 -48.28 -14.87 0.06
CA ARG G 94 -48.56 -16.01 0.91
C ARG G 94 -50.06 -16.35 0.91
N ALA G 95 -50.91 -15.33 0.91
CA ALA G 95 -52.35 -15.53 1.07
C ALA G 95 -52.97 -16.35 -0.07
N ALA G 96 -52.46 -16.10 -1.28
CA ALA G 96 -52.89 -16.84 -2.46
C ALA G 96 -52.52 -18.32 -2.37
N LEU G 97 -51.30 -18.58 -1.90
CA LEU G 97 -50.84 -19.95 -1.73
C LEU G 97 -51.64 -20.73 -0.69
N ALA G 98 -52.03 -20.03 0.38
CA ALA G 98 -52.80 -20.62 1.49
C ALA G 98 -54.18 -21.10 0.98
N GLU G 99 -54.76 -20.34 0.06
CA GLU G 99 -56.02 -20.72 -0.54
C GLU G 99 -55.96 -22.02 -1.35
N LEU G 100 -54.95 -22.13 -2.22
CA LEU G 100 -54.77 -23.33 -3.04
C LEU G 100 -54.35 -24.53 -2.22
N SER G 101 -53.61 -24.28 -1.15
CA SER G 101 -53.16 -25.37 -0.28
C SER G 101 -54.38 -26.01 0.32
N GLU G 102 -55.32 -25.18 0.82
CA GLU G 102 -56.55 -25.69 1.40
C GLU G 102 -57.44 -26.30 0.33
N ARG G 103 -57.50 -25.65 -0.84
CA ARG G 103 -58.35 -26.14 -1.92
C ARG G 103 -57.89 -27.53 -2.37
N PHE G 104 -56.58 -27.77 -2.29
CA PHE G 104 -56.03 -29.02 -2.79
C PHE G 104 -55.39 -29.86 -1.68
N ALA G 105 -55.82 -29.64 -0.45
CA ALA G 105 -55.19 -30.30 0.70
C ALA G 105 -55.32 -31.81 0.62
N ALA G 106 -56.38 -32.29 -0.06
CA ALA G 106 -56.65 -33.72 -0.23
C ALA G 106 -55.56 -34.45 -1.03
N GLN G 107 -54.94 -33.77 -2.00
CA GLN G 107 -53.84 -34.34 -2.80
C GLN G 107 -52.47 -34.42 -2.09
N GLU G 108 -52.33 -33.73 -0.97
CA GLU G 108 -51.10 -33.74 -0.18
C GLU G 108 -49.86 -33.36 -1.02
N PRO G 109 -49.88 -32.14 -1.59
CA PRO G 109 -48.74 -31.69 -2.41
C PRO G 109 -47.52 -31.50 -1.52
N VAL G 110 -46.33 -31.87 -2.04
CA VAL G 110 -45.09 -31.73 -1.30
C VAL G 110 -43.98 -31.11 -2.20
N PHE G 111 -43.11 -30.27 -1.64
CA PHE G 111 -42.10 -29.60 -2.44
C PHE G 111 -40.70 -29.75 -1.87
N GLY G 112 -39.72 -29.81 -2.77
CA GLY G 112 -38.34 -29.66 -2.40
C GLY G 112 -37.77 -28.57 -3.30
N ILE G 113 -37.04 -27.63 -2.71
CA ILE G 113 -36.38 -26.59 -3.50
C ILE G 113 -34.87 -26.56 -3.35
N GLU G 114 -34.21 -26.60 -4.51
CA GLU G 114 -32.76 -26.54 -4.54
C GLU G 114 -32.37 -25.12 -4.87
N GLN G 115 -31.92 -24.40 -3.86
CA GLN G 115 -31.70 -22.96 -3.95
C GLN G 115 -30.25 -22.66 -4.20
N GLU G 116 -29.97 -22.07 -5.36
CA GLU G 116 -28.58 -21.74 -5.73
C GLU G 116 -28.35 -20.28 -5.42
N TYR G 117 -27.09 -19.90 -5.20
CA TYR G 117 -26.70 -18.49 -4.96
C TYR G 117 -25.22 -18.26 -5.26
N THR G 118 -24.83 -16.99 -5.46
CA THR G 118 -23.44 -16.63 -5.76
C THR G 118 -22.87 -15.59 -4.80
N PHE G 119 -21.66 -15.85 -4.28
CA PHE G 119 -20.97 -14.90 -3.41
C PHE G 119 -20.32 -13.75 -4.15
N PHE G 120 -20.40 -12.58 -3.54
CA PHE G 120 -19.76 -11.41 -4.09
C PHE G 120 -19.00 -10.66 -3.03
N LYS G 121 -17.90 -10.06 -3.46
CA LYS G 121 -17.22 -9.09 -2.63
C LYS G 121 -17.31 -7.78 -3.45
N GLY G 122 -18.24 -6.93 -3.04
CA GLY G 122 -18.59 -5.78 -3.85
C GLY G 122 -19.21 -6.16 -5.18
N THR G 123 -18.70 -5.54 -6.24
CA THR G 123 -19.13 -5.82 -7.61
C THR G 123 -18.43 -7.02 -8.22
N ARG G 124 -17.42 -7.52 -7.50
CA ARG G 124 -16.59 -8.62 -8.00
C ARG G 124 -17.13 -9.94 -7.50
N PRO G 125 -17.26 -10.92 -8.41
CA PRO G 125 -17.57 -12.28 -7.95
C PRO G 125 -16.46 -12.78 -7.03
N LEU G 126 -16.83 -13.42 -5.93
CA LEU G 126 -15.88 -13.83 -4.91
C LEU G 126 -14.83 -14.78 -5.47
N GLY G 127 -15.19 -15.58 -6.48
CA GLY G 127 -14.27 -16.54 -7.07
C GLY G 127 -13.48 -15.98 -8.24
N PHE G 128 -13.64 -14.69 -8.50
CA PHE G 128 -12.97 -14.11 -9.64
C PHE G 128 -11.80 -13.30 -9.17
N PRO G 129 -10.73 -13.27 -9.98
CA PRO G 129 -9.63 -12.38 -9.63
C PRO G 129 -10.02 -10.97 -9.99
N GLU G 130 -9.43 -9.99 -9.32
CA GLU G 130 -9.74 -8.61 -9.63
C GLU G 130 -9.28 -8.31 -11.06
N GLY G 131 -10.20 -7.81 -11.87
CA GLY G 131 -9.88 -7.39 -13.23
C GLY G 131 -9.76 -8.46 -14.28
N GLY G 132 -10.16 -9.68 -13.94
CA GLY G 132 -9.94 -10.80 -14.83
C GLY G 132 -10.91 -11.93 -14.59
N PHE G 133 -10.56 -13.10 -15.12
CA PHE G 133 -11.37 -14.30 -15.04
C PHE G 133 -10.52 -15.42 -14.46
N PRO G 134 -11.15 -16.35 -13.71
CA PRO G 134 -10.45 -17.53 -13.20
C PRO G 134 -10.43 -18.58 -14.29
N ALA G 135 -9.85 -19.74 -13.99
CA ALA G 135 -9.82 -20.81 -14.97
C ALA G 135 -11.25 -21.21 -15.29
N ALA G 136 -11.43 -21.81 -16.48
CA ALA G 136 -12.77 -22.15 -16.96
C ALA G 136 -13.33 -23.24 -16.02
N GLN G 137 -14.65 -23.41 -16.09
CA GLN G 137 -15.40 -24.28 -15.19
C GLN G 137 -15.05 -25.77 -15.35
N GLY G 138 -15.22 -26.52 -14.25
CA GLY G 138 -14.96 -27.96 -14.25
C GLY G 138 -14.51 -28.45 -12.87
N GLY G 139 -13.64 -27.69 -12.19
CA GLY G 139 -13.13 -28.07 -10.89
C GLY G 139 -13.79 -27.44 -9.66
N TYR G 140 -14.69 -26.48 -9.88
CA TYR G 140 -15.42 -25.82 -8.79
C TYR G 140 -16.52 -26.63 -8.12
N TYR G 141 -17.20 -27.43 -8.95
CA TYR G 141 -18.41 -28.12 -8.56
C TYR G 141 -18.12 -29.26 -7.63
N CYS G 142 -18.69 -29.19 -6.43
CA CYS G 142 -18.46 -30.19 -5.38
C CYS G 142 -16.93 -30.27 -5.10
N GLY G 143 -16.27 -29.13 -5.27
CA GLY G 143 -14.82 -29.07 -5.17
C GLY G 143 -14.18 -29.01 -3.79
N VAL G 144 -12.84 -29.03 -3.78
CA VAL G 144 -12.10 -28.86 -2.54
C VAL G 144 -10.79 -28.13 -2.86
N GLY G 145 -10.31 -27.34 -1.89
CA GLY G 145 -9.07 -26.60 -2.07
C GLY G 145 -9.25 -25.11 -2.34
N SER G 146 -8.28 -24.31 -1.91
CA SER G 146 -8.34 -22.86 -2.01
C SER G 146 -8.40 -22.35 -3.45
N ASP G 147 -7.80 -23.09 -4.37
CA ASP G 147 -7.82 -22.71 -5.78
C ASP G 147 -9.23 -22.72 -6.39
N GLU G 148 -10.05 -23.65 -5.92
CA GLU G 148 -11.37 -23.84 -6.52
C GLU G 148 -12.56 -23.59 -5.58
N ILE G 149 -12.31 -23.35 -4.30
CA ILE G 149 -13.43 -23.20 -3.36
C ILE G 149 -13.42 -21.84 -2.68
N PHE G 150 -14.55 -21.12 -2.81
CA PHE G 150 -14.67 -19.77 -2.24
C PHE G 150 -15.93 -19.55 -1.41
N GLY G 151 -15.73 -19.13 -0.16
CA GLY G 151 -16.83 -18.81 0.71
C GLY G 151 -17.30 -19.97 1.58
N ARG G 152 -16.51 -21.04 1.70
CA ARG G 152 -16.98 -22.20 2.48
C ARG G 152 -17.26 -21.89 3.95
N ASP G 153 -16.48 -20.99 4.54
CA ASP G 153 -16.69 -20.60 5.93
C ASP G 153 -18.09 -19.97 6.10
N VAL G 154 -18.53 -19.15 5.14
CA VAL G 154 -19.87 -18.57 5.15
C VAL G 154 -20.92 -19.65 5.02
N VAL G 155 -20.70 -20.57 4.09
CA VAL G 155 -21.66 -21.62 3.81
C VAL G 155 -21.90 -22.50 5.05
N GLU G 156 -20.81 -22.82 5.74
CA GLU G 156 -20.85 -23.63 6.96
C GLU G 156 -21.56 -22.99 8.16
N ALA G 157 -21.31 -21.69 8.35
CA ALA G 157 -21.95 -20.94 9.42
C ALA G 157 -23.47 -20.89 9.14
N HIS G 158 -23.78 -20.70 7.86
CA HIS G 158 -25.15 -20.66 7.38
C HIS G 158 -25.89 -21.99 7.52
N LEU G 159 -25.21 -23.08 7.17
CA LEU G 159 -25.84 -24.39 7.29
C LEU G 159 -26.14 -24.70 8.73
N GLU G 160 -25.15 -24.46 9.58
CA GLU G 160 -25.29 -24.68 11.00
C GLU G 160 -26.39 -23.76 11.57
N ASN G 161 -26.49 -22.54 11.06
CA ASN G 161 -27.54 -21.63 11.48
C ASN G 161 -28.95 -22.11 11.10
N CYS G 162 -29.09 -22.63 9.87
CA CYS G 162 -30.37 -23.15 9.41
C CYS G 162 -30.84 -24.35 10.22
N LEU G 163 -29.90 -25.24 10.54
CA LEU G 163 -30.23 -26.44 11.33
C LEU G 163 -30.62 -26.10 12.76
N LYS G 164 -29.92 -25.13 13.33
CA LYS G 164 -30.23 -24.61 14.66
C LYS G 164 -31.63 -23.97 14.67
N ALA G 165 -32.00 -23.37 13.56
CA ALA G 165 -33.35 -22.81 13.36
C ALA G 165 -34.42 -23.90 13.19
N GLY G 166 -34.00 -25.13 12.95
CA GLY G 166 -34.94 -26.22 12.77
C GLY G 166 -35.43 -26.36 11.34
N LEU G 167 -34.79 -25.67 10.41
CA LEU G 167 -35.20 -25.70 9.00
C LEU G 167 -34.87 -27.02 8.32
N GLY G 168 -35.68 -27.42 7.35
CA GLY G 168 -35.46 -28.72 6.70
C GLY G 168 -34.43 -28.67 5.58
N ILE G 169 -33.15 -28.70 5.94
CA ILE G 169 -32.09 -28.69 4.96
C ILE G 169 -31.71 -30.14 4.73
N SER G 170 -31.69 -30.57 3.46
CA SER G 170 -31.37 -31.97 3.15
C SER G 170 -29.92 -32.12 2.72
N GLY G 171 -29.35 -31.05 2.20
CA GLY G 171 -27.98 -31.07 1.76
C GLY G 171 -27.51 -29.71 1.30
N ILE G 172 -26.19 -29.58 1.14
CA ILE G 172 -25.56 -28.43 0.51
C ILE G 172 -24.45 -28.97 -0.38
N ASN G 173 -24.13 -28.21 -1.43
CA ASN G 173 -22.99 -28.50 -2.28
C ASN G 173 -22.45 -27.26 -2.98
N ALA G 174 -21.19 -27.31 -3.40
CA ALA G 174 -20.58 -26.25 -4.21
C ALA G 174 -20.98 -26.40 -5.68
N GLU G 175 -21.33 -25.29 -6.32
CA GLU G 175 -21.83 -25.35 -7.71
C GLU G 175 -20.78 -25.16 -8.79
N VAL G 176 -21.23 -25.19 -10.05
CA VAL G 176 -20.34 -25.18 -11.20
C VAL G 176 -19.51 -23.90 -11.30
N MET G 177 -20.14 -22.76 -11.03
CA MET G 177 -19.42 -21.49 -11.01
C MET G 177 -18.66 -21.26 -9.70
N PRO G 178 -17.45 -20.68 -9.79
CA PRO G 178 -16.71 -20.39 -8.57
C PRO G 178 -17.45 -19.38 -7.69
N GLY G 179 -17.55 -19.67 -6.40
CA GLY G 179 -18.30 -18.85 -5.46
C GLY G 179 -19.80 -19.04 -5.58
N GLN G 180 -20.21 -20.06 -6.34
CA GLN G 180 -21.61 -20.42 -6.47
C GLN G 180 -21.90 -21.67 -5.62
N TRP G 181 -23.03 -21.65 -4.90
CA TRP G 181 -23.41 -22.69 -3.92
C TRP G 181 -24.90 -23.04 -3.96
N GLU G 182 -25.24 -24.17 -3.34
CA GLU G 182 -26.62 -24.59 -3.27
C GLU G 182 -27.01 -25.19 -1.93
N PHE G 183 -28.24 -24.94 -1.53
CA PHE G 183 -28.82 -25.72 -0.44
C PHE G 183 -30.23 -26.20 -0.82
N GLN G 184 -30.60 -27.37 -0.32
CA GLN G 184 -31.85 -28.01 -0.69
C GLN G 184 -32.78 -27.99 0.53
N VAL G 185 -33.97 -27.45 0.34
CA VAL G 185 -34.99 -27.39 1.39
C VAL G 185 -36.11 -28.34 1.04
N GLY G 186 -36.51 -29.21 1.96
CA GLY G 186 -37.61 -30.11 1.70
C GLY G 186 -37.28 -31.55 2.04
N PRO G 187 -38.21 -32.48 1.74
CA PRO G 187 -39.53 -32.24 1.15
C PRO G 187 -40.53 -31.75 2.20
N LEU G 188 -41.35 -30.76 1.84
CA LEU G 188 -42.28 -30.09 2.78
C LEU G 188 -43.55 -29.63 2.08
N ALA G 189 -44.57 -29.29 2.89
CA ALA G 189 -45.81 -28.73 2.41
C ALA G 189 -45.55 -27.31 1.89
N PRO G 190 -46.39 -26.83 0.97
CA PRO G 190 -46.13 -25.58 0.21
C PRO G 190 -45.92 -24.36 1.09
N LEU G 191 -46.76 -24.12 2.09
CA LEU G 191 -46.52 -22.97 2.97
C LEU G 191 -45.26 -23.12 3.81
N GLU G 192 -45.05 -24.32 4.34
CA GLU G 192 -43.90 -24.59 5.17
C GLU G 192 -42.59 -24.51 4.40
N VAL G 193 -42.54 -25.06 3.18
CA VAL G 193 -41.30 -24.97 2.38
C VAL G 193 -40.98 -23.54 1.99
N SER G 194 -42.04 -22.79 1.69
CA SER G 194 -41.90 -21.40 1.25
C SER G 194 -41.46 -20.51 2.43
N ASP G 195 -42.06 -20.74 3.60
CA ASP G 195 -41.71 -19.98 4.79
C ASP G 195 -40.26 -20.26 5.20
N GLN G 196 -39.88 -21.53 5.17
CA GLN G 196 -38.53 -21.92 5.61
C GLN G 196 -37.45 -21.40 4.65
N LEU G 197 -37.75 -21.44 3.37
CA LEU G 197 -36.81 -20.96 2.35
C LEU G 197 -36.58 -19.46 2.52
N TRP G 198 -37.63 -18.69 2.83
CA TRP G 198 -37.47 -17.22 3.06
C TRP G 198 -36.61 -16.93 4.28
N VAL G 199 -36.82 -17.73 5.31
CA VAL G 199 -36.04 -17.60 6.53
C VAL G 199 -34.59 -18.04 6.24
N ALA G 200 -34.44 -19.10 5.47
CA ALA G 200 -33.11 -19.57 5.10
C ALA G 200 -32.37 -18.54 4.24
N ARG G 201 -33.11 -17.85 3.36
CA ARG G 201 -32.53 -16.76 2.59
C ARG G 201 -32.08 -15.63 3.47
N TRP G 202 -32.95 -15.28 4.41
CA TRP G 202 -32.68 -14.18 5.31
C TRP G 202 -31.43 -14.48 6.14
N LEU G 203 -31.30 -15.74 6.54
CA LEU G 203 -30.16 -16.18 7.33
C LEU G 203 -28.83 -16.13 6.56
N LEU G 204 -28.88 -16.38 5.25
CA LEU G 204 -27.72 -16.37 4.36
C LEU G 204 -27.14 -14.96 4.24
N TYR G 205 -28.00 -13.99 3.94
CA TYR G 205 -27.56 -12.61 3.80
C TYR G 205 -26.99 -12.16 5.12
N ARG G 206 -27.72 -12.48 6.18
CA ARG G 206 -27.35 -12.06 7.52
C ARG G 206 -26.06 -12.71 8.03
N THR G 207 -25.91 -14.02 7.80
CA THR G 207 -24.68 -14.73 8.17
C THR G 207 -23.53 -14.16 7.39
N ALA G 208 -23.75 -13.89 6.11
CA ALA G 208 -22.68 -13.41 5.22
C ALA G 208 -22.20 -12.01 5.60
N GLU G 209 -23.05 -11.23 6.28
CA GLU G 209 -22.64 -9.90 6.72
C GLU G 209 -21.39 -9.97 7.64
N ASP G 210 -21.33 -10.99 8.48
CA ASP G 210 -20.21 -11.16 9.43
C ASP G 210 -18.89 -11.46 8.76
N PHE G 211 -18.97 -12.07 7.59
CA PHE G 211 -17.79 -12.39 6.81
C PHE G 211 -17.49 -11.28 5.82
N GLU G 212 -18.29 -10.21 5.86
CA GLU G 212 -18.09 -9.08 4.96
C GLU G 212 -18.19 -9.45 3.48
N VAL G 213 -19.08 -10.36 3.15
CA VAL G 213 -19.32 -10.68 1.75
C VAL G 213 -20.80 -10.56 1.46
N SER G 214 -21.16 -10.69 0.19
CA SER G 214 -22.55 -10.54 -0.20
C SER G 214 -22.99 -11.84 -0.88
N ALA G 215 -24.29 -12.13 -0.83
CA ALA G 215 -24.83 -13.23 -1.57
C ALA G 215 -25.90 -12.66 -2.49
N THR G 216 -26.00 -13.20 -3.70
CA THR G 216 -27.00 -12.78 -4.65
C THR G 216 -27.76 -13.96 -5.25
N LEU G 217 -29.05 -13.75 -5.48
CA LEU G 217 -29.91 -14.75 -6.10
C LEU G 217 -30.20 -14.41 -7.54
N ASP G 218 -29.37 -13.53 -8.11
CA ASP G 218 -29.43 -13.17 -9.53
C ASP G 218 -29.23 -14.40 -10.39
N PRO G 219 -30.08 -14.61 -11.39
CA PRO G 219 -30.07 -15.80 -12.25
C PRO G 219 -28.85 -15.92 -13.17
N LYS G 220 -28.31 -14.79 -13.60
CA LYS G 220 -27.11 -14.82 -14.42
C LYS G 220 -26.12 -13.76 -13.97
N PRO G 221 -25.45 -13.98 -12.83
CA PRO G 221 -24.54 -13.01 -12.20
C PRO G 221 -23.33 -12.60 -13.08
N VAL G 222 -22.74 -13.50 -13.87
CA VAL G 222 -21.72 -13.10 -14.87
C VAL G 222 -22.23 -13.54 -16.26
N LYS G 223 -22.19 -12.63 -17.24
CA LYS G 223 -22.68 -12.96 -18.60
C LYS G 223 -21.71 -13.92 -19.29
N GLY G 224 -22.23 -14.74 -20.21
CA GLY G 224 -21.38 -15.69 -20.92
C GLY G 224 -21.59 -17.16 -20.61
N ASP G 225 -20.50 -17.92 -20.64
CA ASP G 225 -20.60 -19.37 -20.47
C ASP G 225 -20.56 -19.75 -18.98
N TRP G 226 -20.39 -18.77 -18.11
CA TRP G 226 -20.46 -18.97 -16.66
C TRP G 226 -21.86 -19.35 -16.21
N ASN G 227 -21.95 -20.32 -15.30
CA ASN G 227 -23.24 -20.87 -14.91
C ASN G 227 -24.22 -19.93 -14.20
N GLY G 228 -25.48 -20.06 -14.57
CA GLY G 228 -26.58 -19.36 -13.90
C GLY G 228 -26.99 -19.96 -12.57
N ALA G 229 -27.75 -19.19 -11.78
CA ALA G 229 -28.29 -19.67 -10.51
C ALA G 229 -29.77 -19.96 -10.66
N GLY G 230 -30.17 -21.22 -10.45
CA GLY G 230 -31.58 -21.56 -10.55
C GLY G 230 -32.18 -21.89 -9.20
N ALA G 231 -33.49 -22.18 -9.17
CA ALA G 231 -34.14 -22.74 -7.97
C ALA G 231 -34.99 -23.94 -8.40
N HIS G 232 -34.34 -25.05 -8.70
CA HIS G 232 -35.05 -26.24 -9.19
C HIS G 232 -36.06 -26.72 -8.15
N THR G 233 -37.27 -27.03 -8.63
CA THR G 233 -38.35 -27.42 -7.73
C THR G 233 -38.83 -28.84 -7.97
N ASN G 234 -38.79 -29.63 -6.89
CA ASN G 234 -39.24 -31.02 -6.91
C ASN G 234 -40.64 -31.06 -6.36
N PHE G 235 -41.53 -31.71 -7.10
CA PHE G 235 -42.94 -31.67 -6.75
C PHE G 235 -43.64 -33.02 -6.91
N SER G 236 -44.51 -33.33 -5.94
CA SER G 236 -45.31 -34.54 -6.02
C SER G 236 -46.62 -34.45 -5.24
N THR G 237 -47.57 -35.32 -5.60
CA THR G 237 -48.81 -35.45 -4.84
C THR G 237 -48.83 -36.89 -4.42
N LYS G 238 -49.82 -37.22 -3.59
CA LYS G 238 -49.96 -38.55 -3.06
C LYS G 238 -50.10 -39.54 -4.21
N ALA G 239 -50.90 -39.17 -5.21
CA ALA G 239 -51.09 -39.99 -6.39
C ALA G 239 -49.76 -40.16 -7.17
N MET G 240 -48.97 -39.08 -7.28
CA MET G 240 -47.67 -39.12 -7.97
C MET G 240 -46.69 -40.00 -7.23
N ARG G 241 -46.72 -39.94 -5.90
CA ARG G 241 -45.89 -40.84 -5.10
C ARG G 241 -46.39 -42.29 -5.24
N GLU G 242 -47.68 -42.48 -5.54
CA GLU G 242 -48.21 -43.83 -5.76
C GLU G 242 -47.98 -44.44 -7.16
N GLY G 243 -48.12 -43.63 -8.21
CA GLY G 243 -48.07 -44.15 -9.57
C GLY G 243 -47.58 -43.25 -10.68
N TYR G 244 -47.13 -43.89 -11.76
CA TYR G 244 -46.50 -43.19 -12.88
C TYR G 244 -47.47 -42.42 -13.78
N ASP G 245 -48.72 -42.86 -13.80
CA ASP G 245 -49.72 -42.26 -14.66
C ASP G 245 -49.95 -40.82 -14.20
N ALA G 246 -49.96 -40.65 -12.88
CA ALA G 246 -50.11 -39.32 -12.27
C ALA G 246 -48.91 -38.44 -12.61
N ILE G 247 -47.74 -39.06 -12.68
CA ILE G 247 -46.51 -38.37 -13.01
C ILE G 247 -46.59 -37.75 -14.42
N ILE G 248 -47.08 -38.53 -15.39
CA ILE G 248 -47.26 -38.06 -16.76
C ILE G 248 -48.31 -36.95 -16.88
N THR G 249 -49.41 -37.06 -16.14
CA THR G 249 -50.43 -36.02 -16.21
C THR G 249 -49.83 -34.70 -15.71
N ALA G 250 -49.07 -34.75 -14.61
CA ALA G 250 -48.45 -33.56 -14.05
C ALA G 250 -47.47 -32.91 -15.04
N ALA G 251 -46.61 -33.71 -15.68
CA ALA G 251 -45.67 -33.17 -16.65
C ALA G 251 -46.39 -32.56 -17.87
N GLU G 252 -47.45 -33.19 -18.35
CA GLU G 252 -48.22 -32.63 -19.47
C GLU G 252 -49.01 -31.36 -19.17
N SER G 253 -49.56 -31.26 -17.95
CA SER G 253 -50.37 -30.11 -17.57
C SER G 253 -49.59 -28.83 -17.71
N LEU G 254 -48.28 -28.93 -17.45
CA LEU G 254 -47.37 -27.79 -17.52
C LEU G 254 -47.10 -27.32 -18.96
N GLY G 255 -47.35 -28.20 -19.93
CA GLY G 255 -47.12 -27.85 -21.32
C GLY G 255 -48.38 -27.36 -22.03
N GLU G 256 -49.50 -27.41 -21.32
CA GLU G 256 -50.80 -27.09 -21.91
C GLU G 256 -51.15 -25.61 -21.92
N GLY G 257 -51.83 -25.17 -22.97
CA GLY G 257 -52.41 -23.83 -22.99
C GLY G 257 -51.41 -22.71 -22.74
N SER G 258 -51.75 -21.88 -21.76
CA SER G 258 -50.92 -20.73 -21.43
C SER G 258 -50.05 -21.01 -20.23
N LYS G 259 -50.09 -22.26 -19.76
CA LYS G 259 -49.36 -22.65 -18.56
C LYS G 259 -47.83 -22.44 -18.67
N PRO G 260 -47.24 -22.71 -19.84
CA PRO G 260 -45.79 -22.47 -19.93
C PRO G 260 -45.41 -21.00 -19.72
N MET G 261 -46.09 -20.09 -20.41
CA MET G 261 -45.87 -18.66 -20.22
C MET G 261 -46.33 -18.11 -18.87
N ASP G 262 -47.42 -18.65 -18.34
CA ASP G 262 -47.95 -18.23 -17.04
C ASP G 262 -46.95 -18.42 -15.92
N HIS G 263 -46.30 -19.58 -15.92
CA HIS G 263 -45.24 -19.90 -14.95
C HIS G 263 -43.94 -19.11 -15.20
N VAL G 264 -43.49 -19.15 -16.45
CA VAL G 264 -42.19 -18.61 -16.81
C VAL G 264 -42.15 -17.10 -16.52
N LYS G 265 -43.27 -16.43 -16.71
CA LYS G 265 -43.29 -15.00 -16.46
C LYS G 265 -43.39 -14.73 -14.97
N ASN G 266 -43.55 -15.78 -14.18
CA ASN G 266 -43.56 -15.62 -12.74
C ASN G 266 -42.41 -16.38 -12.05
N TYR G 267 -41.46 -16.85 -12.83
CA TYR G 267 -40.43 -17.72 -12.30
C TYR G 267 -39.17 -16.95 -11.98
N GLY G 268 -39.27 -15.62 -11.96
CA GLY G 268 -38.17 -14.77 -11.55
C GLY G 268 -37.71 -13.78 -12.61
N ALA G 269 -37.16 -12.66 -12.17
CA ALA G 269 -36.74 -11.60 -13.08
C ALA G 269 -35.44 -11.99 -13.77
N GLY G 270 -35.37 -11.74 -15.07
CA GLY G 270 -34.17 -12.05 -15.82
C GLY G 270 -34.08 -13.50 -16.24
N ILE G 271 -35.23 -14.17 -16.31
CA ILE G 271 -35.24 -15.59 -16.69
C ILE G 271 -34.68 -15.84 -18.10
N ASP G 272 -34.88 -14.88 -19.01
CA ASP G 272 -34.34 -14.97 -20.37
C ASP G 272 -32.82 -14.98 -20.48
N ASP G 273 -32.17 -14.29 -19.54
CA ASP G 273 -30.70 -14.27 -19.44
C ASP G 273 -30.12 -15.61 -18.97
N ARG G 274 -30.86 -16.33 -18.12
CA ARG G 274 -30.40 -17.64 -17.66
C ARG G 274 -30.90 -18.77 -18.57
N LEU G 275 -32.17 -18.74 -18.96
CA LEU G 275 -32.74 -19.82 -19.76
C LEU G 275 -32.57 -19.56 -21.25
N THR G 276 -31.44 -20.01 -21.77
CA THR G 276 -31.13 -19.81 -23.15
C THR G 276 -31.20 -21.18 -23.75
N GLY G 277 -31.26 -21.21 -25.08
CA GLY G 277 -31.30 -22.44 -25.81
C GLY G 277 -30.02 -23.25 -25.56
N LEU G 278 -28.83 -22.62 -25.64
CA LEU G 278 -27.59 -23.33 -25.87
C LEU G 278 -27.26 -24.35 -24.83
N HIS G 279 -27.29 -23.83 -23.60
CA HIS G 279 -27.06 -24.61 -22.43
C HIS G 279 -28.37 -24.82 -21.65
N GLU G 280 -28.20 -25.19 -20.38
CA GLU G 280 -29.29 -25.37 -19.44
C GLU G 280 -30.11 -24.08 -19.27
N THR G 281 -31.42 -24.25 -19.30
CA THR G 281 -31.99 -25.59 -19.47
C THR G 281 -32.55 -25.66 -20.87
N ALA G 282 -33.80 -25.24 -20.99
CA ALA G 282 -34.48 -25.25 -22.26
C ALA G 282 -34.65 -23.75 -22.43
N PRO G 283 -35.01 -23.30 -23.64
CA PRO G 283 -35.20 -21.85 -23.75
C PRO G 283 -36.44 -21.47 -22.94
N TRP G 284 -36.46 -20.25 -22.42
CA TRP G 284 -37.56 -19.81 -21.58
C TRP G 284 -38.88 -19.81 -22.37
N ASN G 285 -38.81 -19.77 -23.71
CA ASN G 285 -40.02 -19.67 -24.56
C ASN G 285 -40.51 -21.02 -25.12
N GLU G 286 -39.89 -22.12 -24.71
CA GLU G 286 -40.39 -23.44 -25.12
C GLU G 286 -40.51 -24.43 -23.95
N TYR G 287 -41.59 -25.21 -23.96
CA TYR G 287 -41.75 -26.24 -22.92
C TYR G 287 -41.45 -27.66 -23.41
N SER G 288 -40.62 -28.38 -22.65
CA SER G 288 -40.37 -29.79 -22.92
C SER G 288 -40.25 -30.52 -21.61
N TYR G 289 -40.51 -31.81 -21.63
CA TYR G 289 -40.23 -32.65 -20.46
C TYR G 289 -39.66 -33.97 -20.92
N GLY G 290 -38.84 -34.58 -20.10
CA GLY G 290 -38.26 -35.85 -20.48
C GLY G 290 -37.59 -36.59 -19.33
N VAL G 291 -37.39 -37.89 -19.52
CA VAL G 291 -36.74 -38.68 -18.50
C VAL G 291 -35.22 -38.50 -18.60
N SER G 292 -34.59 -38.05 -17.49
CA SER G 292 -33.13 -37.89 -17.37
C SER G 292 -32.61 -36.82 -18.32
N ASP G 293 -33.52 -35.96 -18.77
CA ASP G 293 -33.21 -34.93 -19.74
C ASP G 293 -32.90 -33.66 -18.99
N ARG G 294 -31.62 -33.31 -18.95
CA ARG G 294 -31.18 -32.12 -18.26
C ARG G 294 -31.48 -30.87 -19.07
N GLY G 295 -31.82 -31.08 -20.35
CA GLY G 295 -32.20 -30.00 -21.24
C GLY G 295 -33.68 -29.70 -21.29
N ALA G 296 -34.51 -30.57 -20.69
CA ALA G 296 -35.96 -30.35 -20.66
C ALA G 296 -36.34 -29.28 -19.65
N SER G 297 -37.53 -28.71 -19.84
CA SER G 297 -38.07 -27.74 -18.88
C SER G 297 -38.32 -28.44 -17.55
N VAL G 298 -38.87 -29.63 -17.66
CA VAL G 298 -39.16 -30.47 -16.52
C VAL G 298 -38.48 -31.81 -16.75
N ARG G 299 -37.80 -32.30 -15.72
CA ARG G 299 -37.13 -33.58 -15.80
C ARG G 299 -37.85 -34.63 -14.97
N ILE G 300 -37.99 -35.83 -15.51
CA ILE G 300 -38.43 -36.97 -14.71
C ILE G 300 -37.19 -37.80 -14.40
N PRO G 301 -36.81 -37.84 -13.13
CA PRO G 301 -35.60 -38.56 -12.73
C PRO G 301 -35.71 -40.05 -13.07
N TRP G 302 -34.59 -40.68 -13.36
CA TRP G 302 -34.54 -42.08 -13.80
C TRP G 302 -35.08 -43.08 -12.78
N GLN G 303 -34.88 -42.78 -11.49
CA GLN G 303 -35.36 -43.63 -10.40
C GLN G 303 -36.87 -43.65 -10.43
N VAL G 304 -37.44 -42.50 -10.75
CA VAL G 304 -38.89 -42.36 -10.78
C VAL G 304 -39.46 -43.24 -11.90
N GLU G 305 -38.79 -43.23 -13.05
CA GLU G 305 -39.20 -44.06 -14.17
C GLU G 305 -38.96 -45.55 -13.93
N LYS G 306 -37.87 -45.88 -13.25
CA LYS G 306 -37.61 -47.28 -12.90
C LYS G 306 -38.65 -47.79 -11.92
N ASP G 307 -38.96 -46.96 -10.92
CA ASP G 307 -39.84 -47.38 -9.83
C ASP G 307 -41.31 -47.16 -10.19
N GLY G 308 -41.58 -46.46 -11.29
CA GLY G 308 -42.95 -46.20 -11.70
C GLY G 308 -43.72 -45.29 -10.76
N LYS G 309 -42.99 -44.53 -9.95
CA LYS G 309 -43.61 -43.59 -9.01
C LYS G 309 -42.56 -42.61 -8.48
N GLY G 310 -42.98 -41.49 -7.89
CA GLY G 310 -42.01 -40.47 -7.49
C GLY G 310 -42.46 -39.01 -7.56
N TYR G 311 -41.61 -38.17 -8.12
CA TYR G 311 -41.89 -36.74 -8.22
C TYR G 311 -41.42 -36.22 -9.55
N ILE G 312 -41.64 -34.94 -9.78
CA ILE G 312 -41.07 -34.29 -10.95
C ILE G 312 -40.25 -33.05 -10.56
N GLU G 313 -39.34 -32.68 -11.44
CA GLU G 313 -38.45 -31.56 -11.21
C GLU G 313 -38.64 -30.48 -12.26
N ASP G 314 -39.05 -29.31 -11.82
CA ASP G 314 -39.16 -28.17 -12.70
C ASP G 314 -37.83 -27.38 -12.62
N ARG G 315 -37.10 -27.39 -13.74
CA ARG G 315 -35.76 -26.82 -13.79
C ARG G 315 -35.76 -25.34 -14.22
N ARG G 316 -36.96 -24.87 -14.53
CA ARG G 316 -37.16 -23.49 -14.97
C ARG G 316 -36.99 -22.37 -13.96
N PRO G 317 -37.42 -22.58 -12.70
CA PRO G 317 -37.39 -21.38 -11.84
C PRO G 317 -36.01 -20.81 -11.55
N ASN G 318 -35.93 -19.49 -11.57
CA ASN G 318 -34.69 -18.79 -11.25
C ASN G 318 -34.39 -18.87 -9.77
N ALA G 319 -33.13 -18.63 -9.41
CA ALA G 319 -32.76 -18.56 -8.01
C ALA G 319 -33.48 -17.39 -7.31
N ASN G 320 -33.92 -16.39 -8.07
CA ASN G 320 -34.63 -15.25 -7.47
C ASN G 320 -36.17 -15.35 -7.49
N VAL G 321 -36.69 -16.56 -7.74
CA VAL G 321 -38.13 -16.77 -7.69
C VAL G 321 -38.67 -16.65 -6.25
N ASP G 322 -39.89 -16.12 -6.14
CA ASP G 322 -40.65 -16.16 -4.89
C ASP G 322 -41.19 -17.56 -4.74
N PRO G 323 -40.81 -18.20 -3.63
CA PRO G 323 -41.29 -19.56 -3.37
C PRO G 323 -42.83 -19.63 -3.28
N TYR G 324 -43.45 -18.59 -2.71
CA TYR G 324 -44.90 -18.52 -2.60
C TYR G 324 -45.51 -18.58 -3.99
N VAL G 325 -44.86 -17.92 -4.93
CA VAL G 325 -45.38 -17.90 -6.30
C VAL G 325 -45.20 -19.22 -7.06
N VAL G 326 -43.97 -19.76 -7.06
CA VAL G 326 -43.71 -20.99 -7.78
C VAL G 326 -44.51 -22.17 -7.21
N THR G 327 -44.62 -22.24 -5.90
CA THR G 327 -45.40 -23.33 -5.30
C THR G 327 -46.89 -23.18 -5.67
N ARG G 328 -47.43 -21.96 -5.63
CA ARG G 328 -48.83 -21.77 -5.95
C ARG G 328 -49.14 -22.19 -7.38
N LEU G 329 -48.28 -21.77 -8.31
CA LEU G 329 -48.46 -22.00 -9.74
C LEU G 329 -48.40 -23.49 -10.04
N LEU G 330 -47.44 -24.15 -9.42
CA LEU G 330 -47.28 -25.59 -9.59
C LEU G 330 -48.47 -26.37 -9.02
N VAL G 331 -48.95 -25.97 -7.84
CA VAL G 331 -50.11 -26.63 -7.25
C VAL G 331 -51.34 -26.39 -8.10
N ASP G 332 -51.53 -25.16 -8.54
CA ASP G 332 -52.72 -24.81 -9.32
C ASP G 332 -52.73 -25.63 -10.62
N THR G 333 -51.64 -25.58 -11.37
CA THR G 333 -51.64 -26.25 -12.66
C THR G 333 -51.71 -27.76 -12.55
N CYS G 334 -50.80 -28.37 -11.81
CA CYS G 334 -50.75 -29.82 -11.77
C CYS G 334 -51.92 -30.46 -11.05
N CYS G 335 -52.21 -29.98 -9.85
CA CYS G 335 -53.28 -30.57 -9.04
C CYS G 335 -54.66 -30.43 -9.66
N THR G 336 -54.88 -29.33 -10.38
CA THR G 336 -56.16 -29.10 -11.08
C THR G 336 -56.37 -30.14 -12.17
N ALA G 337 -55.32 -30.38 -12.95
CA ALA G 337 -55.30 -31.34 -14.03
C ALA G 337 -55.47 -32.76 -13.48
N LEU G 338 -54.89 -33.01 -12.31
CA LEU G 338 -55.00 -34.32 -11.68
C LEU G 338 -56.42 -34.63 -11.17
N GLU G 339 -57.13 -33.60 -10.70
CA GLU G 339 -58.52 -33.74 -10.27
C GLU G 339 -59.41 -34.10 -11.46
N LYS G 340 -59.23 -33.40 -12.58
CA LYS G 340 -59.99 -33.68 -13.79
C LYS G 340 -59.70 -35.08 -14.28
N ALA G 341 -58.44 -35.46 -14.17
CA ALA G 341 -58.00 -36.78 -14.64
C ALA G 341 -58.43 -37.91 -13.71
N GLY G 342 -58.91 -37.56 -12.53
CA GLY G 342 -59.34 -38.55 -11.55
C GLY G 342 -58.19 -39.15 -10.76
N GLN G 343 -56.99 -38.59 -10.94
CA GLN G 343 -55.77 -39.09 -10.31
C GLN G 343 -55.44 -38.35 -9.01
N VAL G 344 -56.32 -38.46 -8.03
CA VAL G 344 -56.19 -37.74 -6.76
C VAL G 344 -56.18 -38.71 -5.58
N HIS H 1 -14.64 -7.33 52.49
CA HIS H 1 -15.66 -6.53 51.79
C HIS H 1 -15.20 -6.21 50.35
N MET H 2 -16.08 -5.63 49.54
CA MET H 2 -15.80 -5.67 48.11
C MET H 2 -15.44 -4.32 47.54
N THR H 3 -14.74 -4.36 46.40
CA THR H 3 -14.32 -3.16 45.72
C THR H 3 -14.98 -3.18 44.36
N PHE H 4 -15.55 -2.06 43.95
CA PHE H 4 -16.15 -2.01 42.62
C PHE H 4 -15.96 -0.66 41.95
N LYS H 5 -16.12 -0.66 40.63
CA LYS H 5 -15.93 0.54 39.82
C LYS H 5 -17.26 1.27 39.60
N ALA H 6 -17.24 2.58 39.77
CA ALA H 6 -18.42 3.38 39.48
C ALA H 6 -18.05 4.45 38.45
N GLU H 7 -18.76 4.43 37.32
CA GLU H 7 -18.57 5.40 36.27
C GLU H 7 -19.59 6.49 36.42
N TYR H 8 -19.11 7.67 36.80
CA TYR H 8 -19.98 8.81 37.01
C TYR H 8 -20.15 9.54 35.69
N ILE H 9 -21.39 9.63 35.21
CA ILE H 9 -21.63 10.20 33.90
C ILE H 9 -22.48 11.46 34.06
N TRP H 10 -22.10 12.51 33.35
CA TRP H 10 -22.90 13.73 33.38
C TRP H 10 -22.92 14.47 32.06
N ILE H 11 -23.77 15.48 32.01
CA ILE H 11 -23.90 16.32 30.83
C ILE H 11 -23.32 17.70 31.09
N ASP H 12 -22.52 18.19 30.15
CA ASP H 12 -21.85 19.48 30.31
C ASP H 12 -22.66 20.71 29.91
N GLY H 13 -21.99 21.86 29.82
CA GLY H 13 -22.65 23.10 29.44
C GLY H 13 -22.27 23.60 28.06
N THR H 14 -21.78 22.71 27.19
CA THR H 14 -21.39 23.08 25.83
C THR H 14 -22.56 23.59 25.00
N GLU H 15 -22.29 24.57 24.14
CA GLU H 15 -23.33 25.15 23.29
C GLU H 15 -22.89 25.03 21.85
N PRO H 16 -23.85 24.79 20.92
CA PRO H 16 -25.30 24.63 21.11
C PRO H 16 -25.75 23.29 21.72
N THR H 17 -24.95 22.24 21.57
CA THR H 17 -25.39 20.93 22.06
C THR H 17 -24.46 20.46 23.18
N ALA H 18 -25.05 20.14 24.32
CA ALA H 18 -24.27 19.68 25.45
C ALA H 18 -23.75 18.27 25.22
N LYS H 19 -22.63 17.94 25.86
CA LYS H 19 -21.99 16.64 25.62
C LYS H 19 -21.87 15.82 26.90
N LEU H 20 -21.86 14.50 26.74
CA LEU H 20 -21.63 13.61 27.87
C LEU H 20 -20.19 13.61 28.34
N ARG H 21 -20.03 13.55 29.66
CA ARG H 21 -18.71 13.39 30.26
C ARG H 21 -18.78 12.25 31.27
N SER H 22 -17.65 11.60 31.48
CA SER H 22 -17.61 10.51 32.43
C SER H 22 -16.23 10.29 33.05
N LYS H 23 -16.21 9.87 34.31
CA LYS H 23 -15.00 9.33 34.91
C LYS H 23 -15.28 8.20 35.89
N THR H 24 -14.23 7.45 36.21
CA THR H 24 -14.36 6.28 37.05
C THR H 24 -13.95 6.50 38.50
N LYS H 25 -14.80 6.01 39.39
CA LYS H 25 -14.51 6.05 40.81
C LYS H 25 -14.37 4.60 41.28
N ILE H 26 -13.34 4.34 42.07
CA ILE H 26 -13.17 3.00 42.61
C ILE H 26 -13.72 3.03 44.01
N ILE H 27 -14.71 2.18 44.26
CA ILE H 27 -15.42 2.21 45.54
C ILE H 27 -15.23 0.94 46.33
N THR H 28 -14.90 1.10 47.60
CA THR H 28 -14.72 -0.03 48.50
C THR H 28 -15.71 0.09 49.64
N ALA H 29 -16.92 -0.42 49.41
CA ALA H 29 -17.99 -0.31 50.37
C ALA H 29 -19.01 -1.39 50.06
N ALA H 30 -20.01 -1.49 50.92
CA ALA H 30 -21.09 -2.45 50.77
C ALA H 30 -22.18 -1.84 49.87
N PRO H 31 -22.58 -2.55 48.80
CA PRO H 31 -23.50 -1.95 47.81
C PRO H 31 -24.89 -1.63 48.37
N ALA H 32 -25.39 -0.47 47.95
CA ALA H 32 -26.71 0.04 48.31
C ALA H 32 -27.10 1.04 47.22
N GLY H 33 -28.39 1.29 47.07
CA GLY H 33 -28.88 2.00 45.89
C GLY H 33 -28.88 3.52 45.95
N LEU H 34 -27.96 4.12 45.20
CA LEU H 34 -27.96 5.56 44.88
C LEU H 34 -27.66 6.52 46.04
N ASP H 35 -28.46 6.39 47.09
CA ASP H 35 -28.42 7.26 48.25
C ASP H 35 -27.13 7.08 49.06
N ALA H 36 -26.59 5.86 49.03
CA ALA H 36 -25.35 5.52 49.72
C ALA H 36 -24.18 5.86 48.76
N LEU H 37 -24.50 6.23 47.51
CA LEU H 37 -23.44 6.55 46.56
C LEU H 37 -22.99 7.99 46.83
N PRO H 38 -21.68 8.16 46.96
CA PRO H 38 -21.07 9.44 47.30
C PRO H 38 -21.28 10.48 46.22
N VAL H 39 -21.45 11.72 46.64
CA VAL H 39 -21.39 12.84 45.70
C VAL H 39 -19.93 13.04 45.35
N TRP H 40 -19.70 13.61 44.19
CA TRP H 40 -18.34 13.75 43.68
C TRP H 40 -18.26 15.12 43.04
N GLY H 41 -17.11 15.43 42.45
CA GLY H 41 -16.91 16.73 41.84
C GLY H 41 -16.04 16.65 40.61
N PHE H 42 -15.97 17.77 39.91
CA PHE H 42 -15.07 17.84 38.77
C PHE H 42 -14.69 19.28 38.51
N ASP H 43 -13.73 19.45 37.61
CA ASP H 43 -13.30 20.77 37.18
C ASP H 43 -14.08 21.31 35.99
N GLY H 44 -14.86 22.36 36.25
CA GLY H 44 -15.75 22.94 35.27
C GLY H 44 -15.12 23.64 34.08
N SER H 45 -13.91 24.19 34.26
CA SER H 45 -13.25 25.01 33.24
C SER H 45 -13.07 24.21 31.96
N SER H 46 -12.80 22.93 32.12
CA SER H 46 -12.56 22.04 31.00
C SER H 46 -13.85 21.64 30.24
N THR H 47 -15.03 21.87 30.84
CA THR H 47 -16.31 21.39 30.28
C THR H 47 -17.35 22.47 29.90
N ASN H 48 -16.91 23.73 29.83
CA ASN H 48 -17.75 24.87 29.47
C ASN H 48 -18.82 25.11 30.55
N GLN H 49 -18.56 24.57 31.74
CA GLN H 49 -19.37 24.74 32.94
C GLN H 49 -18.65 25.59 33.94
N ALA H 50 -17.66 26.30 33.42
CA ALA H 50 -17.03 27.40 34.09
C ALA H 50 -16.40 28.21 32.98
N GLU H 51 -15.28 27.69 32.47
CA GLU H 51 -14.36 28.49 31.66
C GLU H 51 -14.03 29.76 32.45
N GLY H 52 -13.94 29.60 33.77
CA GLY H 52 -13.81 30.72 34.68
C GLY H 52 -13.04 30.42 35.95
N SER H 53 -13.19 31.29 36.94
CA SER H 53 -12.39 31.18 38.15
C SER H 53 -13.23 30.84 39.38
N SER H 54 -14.53 30.59 39.20
CA SER H 54 -15.38 30.31 40.36
C SER H 54 -16.18 29.03 40.30
N SER H 55 -16.09 28.28 39.22
CA SER H 55 -16.92 27.10 39.18
C SER H 55 -16.22 25.74 39.39
N ASP H 56 -16.64 25.12 40.49
CA ASP H 56 -16.27 23.78 40.89
C ASP H 56 -17.66 23.21 40.92
N CYS H 57 -17.80 22.00 40.46
CA CYS H 57 -19.13 21.49 40.25
C CYS H 57 -19.23 20.25 41.06
N VAL H 58 -20.46 19.91 41.37
CA VAL H 58 -20.75 18.76 42.22
C VAL H 58 -21.51 17.76 41.38
N LEU H 59 -21.13 16.50 41.51
CA LEU H 59 -21.82 15.43 40.84
C LEU H 59 -22.76 14.77 41.86
N LYS H 60 -24.05 14.76 41.55
CA LYS H 60 -25.03 14.13 42.41
C LYS H 60 -25.73 13.02 41.67
N PRO H 61 -25.53 11.79 42.16
CA PRO H 61 -26.15 10.62 41.54
C PRO H 61 -27.66 10.73 41.52
N VAL H 62 -28.29 10.45 40.38
CA VAL H 62 -29.75 10.47 40.30
C VAL H 62 -30.24 9.14 39.77
N PHE H 63 -29.35 8.42 39.09
CA PHE H 63 -29.69 7.15 38.51
C PHE H 63 -28.47 6.23 38.41
N SER H 64 -28.69 4.94 38.59
CA SER H 64 -27.60 3.97 38.49
C SER H 64 -28.07 2.63 37.93
N CYS H 65 -27.15 1.93 37.29
CA CYS H 65 -27.46 0.65 36.67
C CYS H 65 -26.15 -0.12 36.57
N PRO H 66 -26.21 -1.42 36.23
CA PRO H 66 -24.98 -2.18 35.98
C PRO H 66 -24.18 -1.68 34.76
N ASP H 67 -22.86 -1.77 34.84
CA ASP H 67 -21.99 -1.51 33.72
C ASP H 67 -21.90 -2.81 32.94
N PRO H 68 -22.54 -2.85 31.77
CA PRO H 68 -22.62 -4.05 30.90
C PRO H 68 -21.28 -4.38 30.23
N ILE H 69 -20.46 -3.37 30.01
CA ILE H 69 -19.14 -3.56 29.42
C ILE H 69 -18.11 -4.12 30.38
N ARG H 70 -17.98 -3.48 31.53
CA ARG H 70 -17.07 -3.93 32.59
C ARG H 70 -17.56 -5.24 33.22
N GLY H 71 -18.87 -5.36 33.37
CA GLY H 71 -19.47 -6.55 33.95
C GLY H 71 -19.32 -6.62 35.46
N GLY H 72 -19.68 -7.76 36.03
CA GLY H 72 -19.58 -8.02 37.46
C GLY H 72 -20.41 -7.06 38.29
N GLU H 73 -19.79 -6.46 39.32
CA GLU H 73 -20.51 -5.62 40.29
C GLU H 73 -20.34 -4.15 39.98
N ASP H 74 -19.70 -3.89 38.85
CA ASP H 74 -19.41 -2.51 38.44
C ASP H 74 -20.70 -1.85 37.92
N ILE H 75 -20.78 -0.53 38.09
CA ILE H 75 -22.01 0.19 37.80
C ILE H 75 -21.79 1.53 37.06
N LEU H 76 -22.86 1.99 36.43
CA LEU H 76 -22.90 3.31 35.81
C LEU H 76 -23.74 4.21 36.72
N VAL H 77 -23.23 5.41 36.96
CA VAL H 77 -23.91 6.37 37.80
C VAL H 77 -24.17 7.66 37.03
N LEU H 78 -25.43 7.87 36.66
CA LEU H 78 -25.80 9.12 36.02
C LEU H 78 -26.03 10.17 37.10
N CYS H 79 -25.42 11.34 36.90
CA CYS H 79 -25.48 12.39 37.91
C CYS H 79 -26.05 13.64 37.30
N GLU H 80 -26.54 14.51 38.18
CA GLU H 80 -26.87 15.85 37.78
C GLU H 80 -25.82 16.78 38.38
N VAL H 81 -25.72 17.97 37.81
CA VAL H 81 -24.65 18.88 38.20
C VAL H 81 -25.23 20.00 39.08
N LEU H 82 -24.54 20.24 40.20
CA LEU H 82 -24.93 21.23 41.18
C LEU H 82 -23.80 22.23 41.40
N ASP H 83 -24.15 23.42 41.86
CA ASP H 83 -23.17 24.39 42.33
C ASP H 83 -22.68 23.90 43.69
N THR H 84 -21.62 24.54 44.21
CA THR H 84 -21.08 24.14 45.50
C THR H 84 -22.05 24.31 46.65
N ASP H 85 -23.08 25.16 46.46
CA ASP H 85 -24.13 25.38 47.47
C ASP H 85 -25.27 24.36 47.34
N MET H 86 -25.02 23.34 46.52
CA MET H 86 -25.92 22.19 46.33
C MET H 86 -27.18 22.55 45.55
N THR H 87 -27.19 23.75 44.98
CA THR H 87 -28.26 24.15 44.06
C THR H 87 -27.90 23.66 42.66
N PRO H 88 -28.91 23.53 41.78
CA PRO H 88 -28.63 23.07 40.42
C PRO H 88 -27.74 24.05 39.68
N HIS H 89 -26.79 23.50 38.94
CA HIS H 89 -25.91 24.29 38.11
C HIS H 89 -26.71 24.79 36.92
N PRO H 90 -26.29 25.91 36.31
CA PRO H 90 -27.02 26.45 35.16
C PRO H 90 -27.13 25.45 33.99
N SER H 91 -26.13 24.60 33.85
CA SER H 91 -26.19 23.56 32.81
C SER H 91 -27.26 22.50 33.11
N ASN H 92 -27.63 22.36 34.38
CA ASN H 92 -28.57 21.33 34.79
C ASN H 92 -29.97 21.58 34.21
N THR H 93 -30.42 20.63 33.38
CA THR H 93 -31.71 20.75 32.71
C THR H 93 -32.69 19.71 33.29
N ARG H 94 -32.17 18.81 34.11
CA ARG H 94 -32.98 17.82 34.82
C ARG H 94 -33.90 18.42 35.89
N ALA H 95 -33.39 19.42 36.62
CA ALA H 95 -34.12 19.98 37.76
C ALA H 95 -35.45 20.64 37.39
N ALA H 96 -35.48 21.33 36.25
CA ALA H 96 -36.70 21.93 35.76
C ALA H 96 -37.71 20.85 35.45
N LEU H 97 -37.24 19.78 34.82
CA LEU H 97 -38.15 18.69 34.54
C LEU H 97 -38.67 18.05 35.83
N ALA H 98 -37.83 17.92 36.86
CA ALA H 98 -38.29 17.29 38.11
C ALA H 98 -39.43 18.07 38.81
N GLU H 99 -39.35 19.40 38.78
CA GLU H 99 -40.39 20.24 39.35
C GLU H 99 -41.67 20.05 38.60
N LEU H 100 -41.56 20.09 37.28
CA LEU H 100 -42.72 19.91 36.45
C LEU H 100 -43.32 18.51 36.49
N SER H 101 -42.48 17.48 36.70
CA SER H 101 -42.94 16.09 36.80
C SER H 101 -43.85 15.90 38.02
N GLU H 102 -43.39 16.46 39.13
CA GLU H 102 -44.13 16.40 40.38
C GLU H 102 -45.42 17.21 40.29
N ARG H 103 -45.32 18.35 39.63
CA ARG H 103 -46.41 19.27 39.45
C ARG H 103 -47.57 18.64 38.69
N PHE H 104 -47.26 17.75 37.75
CA PHE H 104 -48.30 17.16 36.92
C PHE H 104 -48.41 15.64 37.08
N ALA H 105 -47.95 15.13 38.22
CA ALA H 105 -47.89 13.69 38.46
C ALA H 105 -49.27 13.01 38.40
N ALA H 106 -50.32 13.76 38.70
CA ALA H 106 -51.67 13.22 38.68
C ALA H 106 -52.11 12.75 37.27
N GLN H 107 -51.63 13.44 36.23
CA GLN H 107 -51.96 13.05 34.85
C GLN H 107 -51.20 11.82 34.35
N GLU H 108 -50.16 11.45 35.08
CA GLU H 108 -49.36 10.27 34.73
C GLU H 108 -48.79 10.33 33.32
N PRO H 109 -48.00 11.36 33.01
CA PRO H 109 -47.43 11.45 31.66
C PRO H 109 -46.42 10.33 31.40
N VAL H 110 -46.43 9.82 30.17
CA VAL H 110 -45.51 8.75 29.79
C VAL H 110 -44.90 9.11 28.43
N PHE H 111 -43.62 8.76 28.24
CA PHE H 111 -42.93 9.09 27.01
C PHE H 111 -42.28 7.87 26.42
N GLY H 112 -42.27 7.83 25.08
CA GLY H 112 -41.45 6.91 24.33
C GLY H 112 -40.60 7.72 23.35
N ILE H 113 -39.33 7.39 23.27
CA ILE H 113 -38.48 8.08 22.32
C ILE H 113 -37.83 7.15 21.31
N GLU H 114 -37.99 7.46 20.03
CA GLU H 114 -37.40 6.68 18.97
C GLU H 114 -36.15 7.44 18.58
N GLN H 115 -34.98 6.94 19.00
CA GLN H 115 -33.74 7.71 18.90
C GLN H 115 -32.93 7.27 17.71
N GLU H 116 -32.74 8.19 16.77
CA GLU H 116 -31.99 7.86 15.56
C GLU H 116 -30.56 8.33 15.66
N TYR H 117 -29.69 7.67 14.90
CA TYR H 117 -28.29 8.05 14.85
C TYR H 117 -27.65 7.54 13.59
N THR H 118 -26.50 8.11 13.24
CA THR H 118 -25.77 7.71 12.05
C THR H 118 -24.31 7.34 12.37
N PHE H 119 -23.86 6.20 11.85
CA PHE H 119 -22.46 5.81 11.99
C PHE H 119 -21.55 6.55 11.04
N PHE H 120 -20.38 6.88 11.58
CA PHE H 120 -19.32 7.53 10.84
C PHE H 120 -17.97 6.86 11.12
N LYS H 121 -17.12 6.86 10.10
CA LYS H 121 -15.72 6.48 10.24
C LYS H 121 -14.91 7.70 9.86
N GLY H 122 -14.41 8.44 10.84
CA GLY H 122 -13.83 9.73 10.59
C GLY H 122 -14.88 10.68 10.06
N THR H 123 -14.53 11.39 8.99
CA THR H 123 -15.43 12.33 8.32
C THR H 123 -16.36 11.61 7.33
N ARG H 124 -16.08 10.34 7.11
CA ARG H 124 -16.85 9.57 6.13
C ARG H 124 -17.99 8.85 6.82
N PRO H 125 -19.19 8.94 6.24
CA PRO H 125 -20.29 8.11 6.71
C PRO H 125 -19.95 6.63 6.52
N LEU H 126 -20.22 5.80 7.52
CA LEU H 126 -19.82 4.41 7.46
C LEU H 126 -20.46 3.68 6.26
N GLY H 127 -21.66 4.11 5.84
CA GLY H 127 -22.34 3.44 4.74
C GLY H 127 -22.01 4.05 3.39
N PHE H 128 -21.08 4.99 3.39
CA PHE H 128 -20.70 5.68 2.16
C PHE H 128 -19.34 5.18 1.67
N PRO H 129 -19.17 5.15 0.33
CA PRO H 129 -17.85 4.82 -0.23
C PRO H 129 -16.95 6.05 -0.12
N GLU H 130 -15.64 5.82 -0.09
CA GLU H 130 -14.70 6.93 0.02
C GLU H 130 -14.79 7.83 -1.19
N GLY H 131 -15.01 9.12 -0.96
CA GLY H 131 -15.01 10.05 -2.08
C GLY H 131 -16.27 10.07 -2.91
N GLY H 132 -17.32 9.41 -2.44
CA GLY H 132 -18.49 9.23 -3.26
C GLY H 132 -19.80 9.02 -2.54
N PHE H 133 -20.77 8.50 -3.31
CA PHE H 133 -22.10 8.28 -2.79
C PHE H 133 -22.49 6.82 -3.03
N PRO H 134 -23.29 6.26 -2.12
CA PRO H 134 -23.81 4.89 -2.33
C PRO H 134 -25.06 4.99 -3.20
N ALA H 135 -25.69 3.87 -3.48
CA ALA H 135 -26.93 3.90 -4.26
C ALA H 135 -27.99 4.70 -3.49
N ALA H 136 -29.01 5.22 -4.18
CA ALA H 136 -30.01 6.07 -3.54
C ALA H 136 -30.84 5.28 -2.53
N GLN H 137 -31.52 5.98 -1.63
CA GLN H 137 -32.23 5.32 -0.52
C GLN H 137 -33.40 4.46 -1.00
N GLY H 138 -33.71 3.43 -0.23
CA GLY H 138 -34.79 2.51 -0.54
C GLY H 138 -34.57 1.10 -0.03
N GLY H 139 -33.34 0.57 -0.20
CA GLY H 139 -33.01 -0.77 0.23
C GLY H 139 -32.33 -0.82 1.58
N TYR H 140 -31.99 0.35 2.13
CA TYR H 140 -31.35 0.40 3.45
C TYR H 140 -32.25 0.16 4.65
N TYR H 141 -33.49 0.62 4.54
CA TYR H 141 -34.40 0.67 5.69
C TYR H 141 -34.85 -0.73 6.04
N CYS H 142 -34.54 -1.17 7.27
CA CYS H 142 -34.87 -2.53 7.70
C CYS H 142 -34.25 -3.55 6.78
N GLY H 143 -33.07 -3.24 6.23
CA GLY H 143 -32.44 -4.09 5.23
C GLY H 143 -31.66 -5.27 5.76
N VAL H 144 -31.12 -6.07 4.84
CA VAL H 144 -30.25 -7.18 5.22
C VAL H 144 -29.21 -7.35 4.13
N GLY H 145 -28.01 -7.79 4.50
CA GLY H 145 -26.97 -7.98 3.51
C GLY H 145 -25.90 -6.90 3.53
N SER H 146 -24.67 -7.30 3.15
CA SER H 146 -23.51 -6.42 3.21
C SER H 146 -23.58 -5.14 2.31
N ASP H 147 -24.30 -5.25 1.19
CA ASP H 147 -24.49 -4.13 0.25
C ASP H 147 -25.29 -2.97 0.87
N GLU H 148 -26.22 -3.30 1.76
CA GLU H 148 -27.12 -2.30 2.33
C GLU H 148 -27.04 -2.11 3.87
N ILE H 149 -26.28 -2.94 4.57
CA ILE H 149 -26.23 -2.85 6.03
C ILE H 149 -24.82 -2.58 6.57
N PHE H 150 -24.72 -1.51 7.36
CA PHE H 150 -23.44 -1.10 7.94
C PHE H 150 -23.52 -0.83 9.43
N GLY H 151 -22.67 -1.52 10.20
CA GLY H 151 -22.57 -1.29 11.62
C GLY H 151 -23.41 -2.17 12.52
N ARG H 152 -23.96 -3.26 11.98
CA ARG H 152 -24.83 -4.10 12.78
C ARG H 152 -24.16 -4.70 13.99
N ASP H 153 -22.87 -5.00 13.85
CA ASP H 153 -22.08 -5.58 14.96
C ASP H 153 -22.07 -4.62 16.13
N VAL H 154 -21.92 -3.33 15.86
CA VAL H 154 -21.97 -2.31 16.92
C VAL H 154 -23.37 -2.25 17.54
N VAL H 155 -24.35 -2.27 16.66
CA VAL H 155 -25.76 -2.16 17.00
C VAL H 155 -26.23 -3.31 17.92
N GLU H 156 -25.82 -4.54 17.61
CA GLU H 156 -26.19 -5.67 18.45
C GLU H 156 -25.55 -5.62 19.83
N ALA H 157 -24.27 -5.23 19.85
CA ALA H 157 -23.49 -5.10 21.08
C ALA H 157 -24.09 -4.00 21.96
N HIS H 158 -24.51 -2.90 21.31
CA HIS H 158 -25.12 -1.79 22.03
C HIS H 158 -26.48 -2.21 22.65
N LEU H 159 -27.27 -2.96 21.88
CA LEU H 159 -28.57 -3.45 22.37
C LEU H 159 -28.41 -4.43 23.53
N GLU H 160 -27.48 -5.36 23.38
CA GLU H 160 -27.23 -6.33 24.44
C GLU H 160 -26.76 -5.62 25.71
N ASN H 161 -25.95 -4.58 25.54
CA ASN H 161 -25.47 -3.77 26.65
C ASN H 161 -26.61 -2.99 27.34
N CYS H 162 -27.51 -2.42 26.56
CA CYS H 162 -28.64 -1.67 27.11
C CYS H 162 -29.55 -2.58 27.90
N LEU H 163 -29.80 -3.78 27.37
CA LEU H 163 -30.68 -4.72 28.07
C LEU H 163 -30.01 -5.19 29.35
N LYS H 164 -28.70 -5.44 29.29
CA LYS H 164 -27.95 -5.80 30.48
C LYS H 164 -27.95 -4.65 31.50
N ALA H 165 -27.96 -3.42 31.01
CA ALA H 165 -28.09 -2.27 31.88
C ALA H 165 -29.50 -2.14 32.47
N GLY H 166 -30.47 -2.87 31.91
CA GLY H 166 -31.83 -2.83 32.42
C GLY H 166 -32.68 -1.72 31.81
N LEU H 167 -32.18 -1.13 30.75
CA LEU H 167 -32.89 -0.04 30.12
C LEU H 167 -34.13 -0.52 29.38
N GLY H 168 -35.14 0.33 29.34
CA GLY H 168 -36.39 -0.05 28.72
C GLY H 168 -36.35 0.15 27.22
N ILE H 169 -35.73 -0.80 26.51
CA ILE H 169 -35.66 -0.76 25.06
C ILE H 169 -36.77 -1.62 24.49
N SER H 170 -37.57 -1.08 23.57
CA SER H 170 -38.69 -1.85 22.98
C SER H 170 -38.31 -2.41 21.61
N GLY H 171 -37.38 -1.76 20.92
CA GLY H 171 -36.98 -2.24 19.61
C GLY H 171 -35.82 -1.48 18.99
N ILE H 172 -35.25 -2.04 17.93
CA ILE H 172 -34.27 -1.36 17.09
C ILE H 172 -34.57 -1.70 15.65
N ASN H 173 -34.17 -0.80 14.76
CA ASN H 173 -34.23 -1.08 13.33
C ASN H 173 -33.19 -0.28 12.58
N ALA H 174 -32.88 -0.74 11.37
CA ALA H 174 -32.00 -0.01 10.48
C ALA H 174 -32.84 1.07 9.78
N GLU H 175 -32.31 2.27 9.68
CA GLU H 175 -33.07 3.40 9.11
C GLU H 175 -32.83 3.62 7.62
N VAL H 176 -33.50 4.65 7.09
CA VAL H 176 -33.57 4.93 5.65
C VAL H 176 -32.21 5.24 5.02
N MET H 177 -31.38 6.01 5.73
CA MET H 177 -30.02 6.28 5.28
C MET H 177 -29.06 5.13 5.63
N PRO H 178 -28.16 4.80 4.69
CA PRO H 178 -27.18 3.73 4.98
C PRO H 178 -26.29 4.09 6.15
N GLY H 179 -26.12 3.14 7.08
CA GLY H 179 -25.36 3.33 8.30
C GLY H 179 -26.10 4.13 9.35
N GLN H 180 -27.39 4.37 9.09
CA GLN H 180 -28.30 5.05 10.01
C GLN H 180 -29.19 4.02 10.68
N TRP H 181 -29.38 4.19 11.99
CA TRP H 181 -30.08 3.24 12.84
C TRP H 181 -31.01 3.90 13.82
N GLU H 182 -31.90 3.13 14.43
CA GLU H 182 -32.80 3.68 15.44
C GLU H 182 -32.98 2.70 16.60
N PHE H 183 -33.10 3.22 17.82
CA PHE H 183 -33.59 2.41 18.93
C PHE H 183 -34.69 3.11 19.76
N GLN H 184 -35.61 2.34 20.30
CA GLN H 184 -36.76 2.93 20.99
C GLN H 184 -36.69 2.68 22.49
N VAL H 185 -36.79 3.77 23.24
CA VAL H 185 -36.79 3.71 24.69
C VAL H 185 -38.16 4.06 25.22
N GLY H 186 -38.69 3.22 26.08
CA GLY H 186 -39.98 3.55 26.63
C GLY H 186 -40.91 2.36 26.53
N PRO H 187 -42.18 2.55 26.91
CA PRO H 187 -42.74 3.80 27.44
C PRO H 187 -42.40 4.02 28.92
N LEU H 188 -42.06 5.25 29.30
CA LEU H 188 -41.60 5.55 30.66
C LEU H 188 -41.99 6.92 31.16
N ALA H 189 -41.87 7.11 32.47
CA ALA H 189 -42.10 8.41 33.08
C ALA H 189 -40.96 9.36 32.66
N PRO H 190 -41.24 10.68 32.66
CA PRO H 190 -40.38 11.73 32.06
C PRO H 190 -38.95 11.76 32.61
N LEU H 191 -38.75 11.67 33.92
CA LEU H 191 -37.39 11.64 34.43
C LEU H 191 -36.66 10.35 34.04
N GLU H 192 -37.36 9.23 34.12
CA GLU H 192 -36.75 7.95 33.81
C GLU H 192 -36.36 7.76 32.35
N VAL H 193 -37.24 8.18 31.43
CA VAL H 193 -36.96 8.07 30.00
C VAL H 193 -35.79 8.94 29.61
N SER H 194 -35.71 10.11 30.23
CA SER H 194 -34.64 11.02 29.91
C SER H 194 -33.34 10.49 30.44
N ASP H 195 -33.39 9.97 31.67
CA ASP H 195 -32.20 9.39 32.29
C ASP H 195 -31.70 8.16 31.53
N GLN H 196 -32.62 7.28 31.17
CA GLN H 196 -32.22 6.04 30.50
C GLN H 196 -31.66 6.28 29.09
N LEU H 197 -32.26 7.24 28.39
CA LEU H 197 -31.83 7.61 27.06
C LEU H 197 -30.40 8.16 27.07
N TRP H 198 -30.11 8.98 28.08
CA TRP H 198 -28.76 9.54 28.24
C TRP H 198 -27.75 8.46 28.47
N VAL H 199 -28.13 7.46 29.26
CA VAL H 199 -27.26 6.33 29.53
C VAL H 199 -27.12 5.49 28.24
N ALA H 200 -28.23 5.30 27.52
CA ALA H 200 -28.21 4.57 26.26
C ALA H 200 -27.36 5.27 25.20
N ARG H 201 -27.39 6.61 25.19
CA ARG H 201 -26.52 7.38 24.30
C ARG H 201 -25.05 7.14 24.64
N TRP H 202 -24.76 7.23 25.93
CA TRP H 202 -23.42 7.06 26.42
C TRP H 202 -22.91 5.68 26.06
N LEU H 203 -23.79 4.70 26.17
CA LEU H 203 -23.44 3.32 25.86
C LEU H 203 -23.16 3.15 24.36
N LEU H 204 -23.89 3.91 23.56
CA LEU H 204 -23.72 3.84 22.13
C LEU H 204 -22.32 4.34 21.74
N TYR H 205 -21.92 5.52 22.22
CA TYR H 205 -20.60 6.06 21.90
C TYR H 205 -19.52 5.13 22.38
N ARG H 206 -19.71 4.68 23.60
CA ARG H 206 -18.74 3.84 24.27
C ARG H 206 -18.62 2.45 23.64
N THR H 207 -19.73 1.84 23.26
CA THR H 207 -19.68 0.55 22.57
C THR H 207 -18.97 0.70 21.24
N ALA H 208 -19.25 1.80 20.54
CA ALA H 208 -18.70 2.05 19.21
C ALA H 208 -17.17 2.27 19.23
N GLU H 209 -16.63 2.71 20.38
CA GLU H 209 -15.18 2.88 20.52
C GLU H 209 -14.44 1.59 20.24
N ASP H 210 -15.00 0.48 20.70
CA ASP H 210 -14.38 -0.82 20.53
C ASP H 210 -14.38 -1.29 19.08
N PHE H 211 -15.33 -0.82 18.29
CA PHE H 211 -15.40 -1.16 16.87
C PHE H 211 -14.69 -0.09 16.03
N GLU H 212 -14.11 0.89 16.71
CA GLU H 212 -13.38 1.96 16.02
C GLU H 212 -14.21 2.80 15.04
N VAL H 213 -15.48 3.02 15.38
CA VAL H 213 -16.37 3.87 14.62
C VAL H 213 -16.98 4.91 15.53
N SER H 214 -17.69 5.84 14.90
CA SER H 214 -18.33 6.93 15.64
C SER H 214 -19.82 6.90 15.35
N ALA H 215 -20.59 7.41 16.28
CA ALA H 215 -22.03 7.59 16.08
C ALA H 215 -22.27 9.07 16.27
N THR H 216 -23.18 9.62 15.49
CA THR H 216 -23.53 11.03 15.60
C THR H 216 -25.03 11.22 15.70
N LEU H 217 -25.43 12.22 16.47
CA LEU H 217 -26.83 12.52 16.58
C LEU H 217 -27.13 13.78 15.78
N ASP H 218 -26.23 14.13 14.86
CA ASP H 218 -26.46 15.25 13.95
C ASP H 218 -27.73 15.01 13.14
N PRO H 219 -28.60 16.03 13.10
CA PRO H 219 -29.91 15.97 12.45
C PRO H 219 -29.80 15.84 10.94
N LYS H 220 -28.78 16.41 10.34
CA LYS H 220 -28.59 16.24 8.91
C LYS H 220 -27.12 15.97 8.56
N PRO H 221 -26.64 14.75 8.85
CA PRO H 221 -25.24 14.37 8.69
C PRO H 221 -24.77 14.47 7.24
N VAL H 222 -25.64 14.14 6.30
CA VAL H 222 -25.35 14.39 4.89
C VAL H 222 -26.42 15.28 4.26
N LYS H 223 -25.96 16.32 3.58
CA LYS H 223 -26.85 17.27 2.92
C LYS H 223 -27.50 16.68 1.67
N GLY H 224 -28.70 17.16 1.35
CA GLY H 224 -29.40 16.64 0.18
C GLY H 224 -30.61 15.80 0.54
N ASP H 225 -30.87 14.78 -0.28
CA ASP H 225 -32.03 13.95 -0.12
C ASP H 225 -31.78 12.79 0.85
N TRP H 226 -30.55 12.68 1.35
CA TRP H 226 -30.27 11.68 2.38
C TRP H 226 -31.01 12.02 3.68
N ASN H 227 -31.56 10.99 4.31
CA ASN H 227 -32.45 11.18 5.46
C ASN H 227 -31.81 11.79 6.68
N GLY H 228 -32.59 12.67 7.30
CA GLY H 228 -32.21 13.26 8.58
C GLY H 228 -32.41 12.33 9.76
N ALA H 229 -31.78 12.67 10.89
CA ALA H 229 -31.94 11.89 12.09
C ALA H 229 -32.83 12.64 13.08
N GLY H 230 -33.96 12.03 13.43
CA GLY H 230 -34.88 12.64 14.38
C GLY H 230 -34.93 11.92 15.71
N ALA H 231 -35.71 12.47 16.63
CA ALA H 231 -36.04 11.79 17.86
C ALA H 231 -37.55 11.90 18.11
N HIS H 232 -38.33 11.13 17.37
CA HIS H 232 -39.79 11.20 17.48
C HIS H 232 -40.21 10.87 18.92
N THR H 233 -41.11 11.67 19.48
CA THR H 233 -41.52 11.48 20.87
C THR H 233 -42.98 11.13 21.01
N ASN H 234 -43.23 10.01 21.67
CA ASN H 234 -44.57 9.52 21.92
C ASN H 234 -44.97 9.93 23.31
N PHE H 235 -46.16 10.52 23.44
CA PHE H 235 -46.60 11.09 24.70
C PHE H 235 -48.08 10.84 25.00
N SER H 236 -48.37 10.51 26.25
CA SER H 236 -49.75 10.35 26.69
C SER H 236 -49.92 10.57 28.20
N THR H 237 -51.17 10.85 28.60
CA THR H 237 -51.54 10.92 30.01
C THR H 237 -52.67 9.91 30.23
N LYS H 238 -53.08 9.73 31.47
CA LYS H 238 -54.14 8.76 31.77
C LYS H 238 -55.40 9.12 30.98
N ALA H 239 -55.73 10.41 30.93
CA ALA H 239 -56.89 10.87 30.16
C ALA H 239 -56.72 10.58 28.67
N MET H 240 -55.52 10.78 28.14
CA MET H 240 -55.24 10.47 26.74
C MET H 240 -55.32 8.97 26.45
N ARG H 241 -54.83 8.15 27.36
CA ARG H 241 -54.97 6.70 27.23
C ARG H 241 -56.44 6.28 27.37
N GLU H 242 -57.22 7.09 28.09
CA GLU H 242 -58.67 6.86 28.23
C GLU H 242 -59.59 7.35 27.10
N GLY H 243 -59.31 8.54 26.55
CA GLY H 243 -60.23 9.12 25.60
C GLY H 243 -59.67 10.04 24.52
N TYR H 244 -60.45 10.15 23.44
CA TYR H 244 -60.04 10.90 22.26
C TYR H 244 -60.08 12.42 22.42
N ASP H 245 -60.92 12.89 23.31
CA ASP H 245 -61.06 14.33 23.48
C ASP H 245 -59.77 14.95 24.02
N ALA H 246 -59.13 14.24 24.94
CA ALA H 246 -57.86 14.68 25.51
C ALA H 246 -56.76 14.71 24.44
N ILE H 247 -56.82 13.76 23.52
CA ILE H 247 -55.87 13.67 22.42
C ILE H 247 -55.93 14.93 21.55
N ILE H 248 -57.16 15.36 21.23
CA ILE H 248 -57.34 16.58 20.45
C ILE H 248 -56.85 17.78 21.25
N THR H 249 -57.12 17.80 22.55
CA THR H 249 -56.67 18.90 23.38
C THR H 249 -55.15 18.98 23.39
N ALA H 250 -54.53 17.82 23.55
CA ALA H 250 -53.07 17.72 23.54
C ALA H 250 -52.50 18.17 22.21
N ALA H 251 -53.11 17.71 21.11
CA ALA H 251 -52.66 18.08 19.77
C ALA H 251 -52.83 19.58 19.46
N GLU H 252 -53.95 20.15 19.90
CA GLU H 252 -54.20 21.58 19.73
C GLU H 252 -53.33 22.53 20.57
N SER H 253 -53.00 22.10 21.79
CA SER H 253 -52.21 22.92 22.69
C SER H 253 -50.86 23.31 22.09
N LEU H 254 -50.31 22.43 21.26
CA LEU H 254 -49.02 22.69 20.63
C LEU H 254 -49.05 23.75 19.54
N GLY H 255 -50.25 24.03 19.00
CA GLY H 255 -50.38 25.01 17.95
C GLY H 255 -50.75 26.40 18.45
N GLU H 256 -50.99 26.52 19.75
CA GLU H 256 -51.46 27.79 20.30
C GLU H 256 -50.30 28.72 20.62
N GLY H 257 -50.56 30.01 20.43
CA GLY H 257 -49.66 31.07 20.85
C GLY H 257 -48.26 30.95 20.28
N SER H 258 -47.27 30.97 21.17
CA SER H 258 -45.87 30.90 20.78
C SER H 258 -45.30 29.50 20.97
N LYS H 259 -46.16 28.56 21.31
CA LYS H 259 -45.76 27.19 21.61
C LYS H 259 -45.02 26.48 20.44
N PRO H 260 -45.43 26.74 19.17
CA PRO H 260 -44.66 26.06 18.12
C PRO H 260 -43.17 26.44 18.07
N MET H 261 -42.85 27.74 18.08
CA MET H 261 -41.45 28.21 18.12
C MET H 261 -40.78 27.91 19.45
N ASP H 262 -41.56 27.98 20.53
CA ASP H 262 -41.04 27.70 21.86
C ASP H 262 -40.48 26.28 21.94
N HIS H 263 -41.22 25.31 21.41
CA HIS H 263 -40.74 23.93 21.36
C HIS H 263 -39.60 23.79 20.35
N VAL H 264 -39.83 24.29 19.13
CA VAL H 264 -38.93 24.08 18.00
C VAL H 264 -37.53 24.66 18.27
N LYS H 265 -37.48 25.76 19.01
CA LYS H 265 -36.21 26.42 19.31
C LYS H 265 -35.45 25.67 20.41
N ASN H 266 -36.12 24.66 20.96
CA ASN H 266 -35.50 23.79 21.94
C ASN H 266 -35.44 22.33 21.51
N TYR H 267 -35.72 22.07 20.23
CA TYR H 267 -35.85 20.69 19.78
C TYR H 267 -34.56 20.20 19.14
N GLY H 268 -33.50 20.96 19.33
CA GLY H 268 -32.19 20.55 18.89
C GLY H 268 -31.55 21.51 17.89
N ALA H 269 -30.21 21.54 17.90
CA ALA H 269 -29.44 22.44 17.04
C ALA H 269 -29.43 21.95 15.58
N GLY H 270 -29.62 22.89 14.66
CA GLY H 270 -29.62 22.59 13.24
C GLY H 270 -30.95 22.05 12.77
N ILE H 271 -32.01 22.33 13.52
CA ILE H 271 -33.34 21.83 13.18
C ILE H 271 -33.85 22.35 11.82
N ASP H 272 -33.44 23.56 11.45
CA ASP H 272 -33.81 24.14 10.14
C ASP H 272 -33.24 23.32 8.98
N ASP H 273 -32.08 22.70 9.20
CA ASP H 273 -31.47 21.80 8.20
C ASP H 273 -32.20 20.47 7.99
N ARG H 274 -32.83 19.96 9.05
CA ARG H 274 -33.57 18.71 8.95
C ARG H 274 -35.04 18.89 8.59
N LEU H 275 -35.71 19.87 9.21
CA LEU H 275 -37.13 20.06 8.99
C LEU H 275 -37.40 21.04 7.85
N THR H 276 -37.50 20.47 6.65
CA THR H 276 -37.73 21.25 5.46
C THR H 276 -39.15 20.84 5.05
N GLY H 277 -39.76 21.62 4.17
CA GLY H 277 -41.11 21.32 3.70
C GLY H 277 -41.11 20.01 2.95
N LEU H 278 -40.14 19.84 2.05
CA LEU H 278 -40.20 18.84 1.00
C LEU H 278 -40.32 17.39 1.53
N HIS H 279 -39.44 17.01 2.47
CA HIS H 279 -39.56 15.68 3.08
C HIS H 279 -40.05 15.79 4.53
N GLU H 280 -39.82 14.74 5.32
CA GLU H 280 -40.18 14.74 6.75
C GLU H 280 -39.46 15.83 7.53
N THR H 281 -40.24 16.47 8.36
CA THR H 281 -41.66 16.13 8.49
C THR H 281 -42.38 17.34 7.82
N ALA H 282 -42.63 18.39 8.59
CA ALA H 282 -43.30 19.58 8.15
C ALA H 282 -42.20 20.62 8.28
N PRO H 283 -42.39 21.81 7.71
CA PRO H 283 -41.32 22.79 7.87
C PRO H 283 -41.21 23.17 9.34
N TRP H 284 -40.01 23.52 9.77
CA TRP H 284 -39.76 23.86 11.17
C TRP H 284 -40.55 25.06 11.62
N ASN H 285 -41.01 25.87 10.67
CA ASN H 285 -41.71 27.13 10.95
C ASN H 285 -43.25 27.12 10.93
N GLU H 286 -43.85 25.95 10.73
CA GLU H 286 -45.31 25.82 10.80
C GLU H 286 -45.76 24.65 11.66
N TYR H 287 -46.84 24.84 12.40
CA TYR H 287 -47.36 23.72 13.17
C TYR H 287 -48.60 23.16 12.52
N SER H 288 -48.60 21.83 12.36
CA SER H 288 -49.75 21.09 11.89
C SER H 288 -49.84 19.77 12.65
N TYR H 289 -51.04 19.23 12.72
CA TYR H 289 -51.25 17.89 13.24
C TYR H 289 -52.31 17.18 12.41
N GLY H 290 -52.22 15.87 12.35
CA GLY H 290 -53.18 15.11 11.58
C GLY H 290 -53.12 13.63 11.91
N VAL H 291 -54.18 12.90 11.56
CA VAL H 291 -54.20 11.48 11.83
C VAL H 291 -53.42 10.76 10.74
N SER H 292 -52.40 10.01 11.16
CA SER H 292 -51.60 9.19 10.27
C SER H 292 -50.81 10.03 9.25
N ASP H 293 -50.63 11.32 9.54
CA ASP H 293 -49.95 12.20 8.59
C ASP H 293 -48.47 12.29 8.98
N ARG H 294 -47.60 11.63 8.22
CA ARG H 294 -46.17 11.64 8.52
C ARG H 294 -45.52 12.94 8.08
N GLY H 295 -46.24 13.75 7.31
CA GLY H 295 -45.76 15.04 6.88
C GLY H 295 -46.14 16.12 7.89
N ALA H 296 -47.03 15.76 8.84
CA ALA H 296 -47.45 16.68 9.91
C ALA H 296 -46.40 16.85 11.00
N SER H 297 -46.49 17.95 11.77
CA SER H 297 -45.61 18.16 12.93
C SER H 297 -45.85 17.13 14.03
N VAL H 298 -47.13 16.87 14.30
CA VAL H 298 -47.56 15.87 15.28
C VAL H 298 -48.52 14.91 14.58
N ARG H 299 -48.31 13.62 14.78
CA ARG H 299 -49.17 12.62 14.17
C ARG H 299 -50.05 11.91 15.19
N ILE H 300 -51.32 11.70 14.84
CA ILE H 300 -52.18 10.81 15.62
C ILE H 300 -52.24 9.48 14.86
N PRO H 301 -51.65 8.41 15.42
CA PRO H 301 -51.59 7.11 14.76
C PRO H 301 -52.98 6.56 14.49
N TRP H 302 -53.12 5.77 13.42
CA TRP H 302 -54.43 5.27 12.99
C TRP H 302 -55.12 4.38 14.06
N GLN H 303 -54.33 3.63 14.82
CA GLN H 303 -54.88 2.80 15.87
C GLN H 303 -55.50 3.68 16.97
N VAL H 304 -54.87 4.81 17.27
CA VAL H 304 -55.36 5.71 18.31
C VAL H 304 -56.72 6.29 17.92
N GLU H 305 -56.85 6.71 16.66
CA GLU H 305 -58.12 7.26 16.17
C GLU H 305 -59.19 6.19 16.08
N LYS H 306 -58.78 4.97 15.72
CA LYS H 306 -59.70 3.82 15.67
C LYS H 306 -60.20 3.46 17.06
N ASP H 307 -59.31 3.46 18.04
CA ASP H 307 -59.67 3.00 19.37
C ASP H 307 -60.28 4.12 20.21
N GLY H 308 -60.20 5.35 19.71
CA GLY H 308 -60.71 6.50 20.42
C GLY H 308 -59.90 6.80 21.66
N LYS H 309 -58.68 6.28 21.73
CA LYS H 309 -57.75 6.49 22.87
C LYS H 309 -56.33 6.08 22.44
N GLY H 310 -55.34 6.50 23.22
CA GLY H 310 -53.96 6.28 22.84
C GLY H 310 -52.95 7.32 23.25
N TYR H 311 -52.08 7.68 22.29
CA TYR H 311 -51.01 8.63 22.52
C TYR H 311 -50.87 9.50 21.27
N ILE H 312 -49.97 10.47 21.33
CA ILE H 312 -49.61 11.24 20.14
C ILE H 312 -48.09 11.17 19.91
N GLU H 313 -47.69 11.43 18.66
CA GLU H 313 -46.29 11.37 18.29
C GLU H 313 -45.79 12.75 17.79
N ASP H 314 -44.80 13.34 18.45
CA ASP H 314 -44.21 14.59 17.98
C ASP H 314 -43.01 14.27 17.11
N ARG H 315 -43.13 14.59 15.82
CA ARG H 315 -42.12 14.21 14.84
C ARG H 315 -41.04 15.28 14.63
N ARG H 316 -41.21 16.42 15.30
CA ARG H 316 -40.30 17.56 15.21
C ARG H 316 -38.91 17.45 15.87
N PRO H 317 -38.78 16.77 17.03
CA PRO H 317 -37.46 16.84 17.68
C PRO H 317 -36.32 16.18 16.89
N ASN H 318 -35.19 16.86 16.87
CA ASN H 318 -33.98 16.35 16.23
C ASN H 318 -33.38 15.20 17.04
N ALA H 319 -32.53 14.41 16.40
CA ALA H 319 -31.82 13.36 17.12
C ALA H 319 -30.90 13.95 18.20
N ASN H 320 -30.52 15.23 18.05
CA ASN H 320 -29.64 15.86 19.04
C ASN H 320 -30.34 16.70 20.11
N VAL H 321 -31.65 16.51 20.26
CA VAL H 321 -32.42 17.17 21.32
C VAL H 321 -31.99 16.66 22.71
N ASP H 322 -32.01 17.54 23.73
CA ASP H 322 -31.86 17.10 25.12
C ASP H 322 -33.19 16.47 25.56
N PRO H 323 -33.17 15.19 25.95
CA PRO H 323 -34.42 14.54 26.41
C PRO H 323 -35.01 15.28 27.62
N TYR H 324 -34.18 15.84 28.51
CA TYR H 324 -34.71 16.59 29.66
C TYR H 324 -35.55 17.78 29.19
N VAL H 325 -35.12 18.41 28.10
CA VAL H 325 -35.83 19.57 27.55
C VAL H 325 -37.13 19.24 26.81
N VAL H 326 -37.09 18.29 25.89
CA VAL H 326 -38.29 17.97 25.14
C VAL H 326 -39.42 17.43 26.02
N THR H 327 -39.05 16.61 27.00
CA THR H 327 -40.03 16.07 27.94
C THR H 327 -40.63 17.19 28.80
N ARG H 328 -39.79 18.11 29.26
CA ARG H 328 -40.27 19.20 30.10
C ARG H 328 -41.29 20.04 29.33
N LEU H 329 -40.95 20.39 28.10
CA LEU H 329 -41.80 21.23 27.28
C LEU H 329 -43.13 20.59 26.94
N LEU H 330 -43.10 19.31 26.56
CA LEU H 330 -44.33 18.60 26.22
C LEU H 330 -45.26 18.45 27.42
N VAL H 331 -44.68 18.11 28.57
CA VAL H 331 -45.45 17.99 29.79
C VAL H 331 -46.00 19.36 30.20
N ASP H 332 -45.15 20.37 30.12
CA ASP H 332 -45.53 21.72 30.52
C ASP H 332 -46.71 22.19 29.66
N THR H 333 -46.56 22.11 28.34
CA THR H 333 -47.57 22.60 27.41
C THR H 333 -48.89 21.81 27.44
N CYS H 334 -48.80 20.49 27.23
CA CYS H 334 -49.98 19.63 27.12
C CYS H 334 -50.73 19.47 28.46
N CYS H 335 -49.99 19.16 29.53
CA CYS H 335 -50.61 18.92 30.82
C CYS H 335 -51.26 20.18 31.36
N THR H 336 -50.67 21.32 31.06
CA THR H 336 -51.24 22.59 31.48
C THR H 336 -52.57 22.82 30.77
N ALA H 337 -52.57 22.59 29.46
CA ALA H 337 -53.76 22.73 28.62
C ALA H 337 -54.87 21.75 28.99
N LEU H 338 -54.47 20.53 29.35
CA LEU H 338 -55.42 19.51 29.78
C LEU H 338 -56.04 19.87 31.11
N GLU H 339 -55.25 20.51 31.97
CA GLU H 339 -55.76 20.99 33.24
C GLU H 339 -56.80 22.09 33.04
N LYS H 340 -56.49 23.05 32.18
CA LYS H 340 -57.40 24.16 31.87
C LYS H 340 -58.67 23.62 31.26
N ALA H 341 -58.55 22.62 30.39
CA ALA H 341 -59.70 22.02 29.71
C ALA H 341 -60.51 21.10 30.62
N GLY H 342 -59.94 20.77 31.77
CA GLY H 342 -60.59 19.87 32.70
C GLY H 342 -60.48 18.37 32.41
N GLN H 343 -59.68 17.96 31.43
CA GLN H 343 -59.53 16.54 31.06
C GLN H 343 -58.31 15.90 31.72
N VAL H 344 -58.32 15.79 33.04
CA VAL H 344 -57.17 15.26 33.79
C VAL H 344 -57.64 14.06 34.60
N HIS I 1 4.93 -30.01 45.00
CA HIS I 1 5.06 -28.63 45.48
C HIS I 1 5.24 -27.69 44.27
N MET I 2 5.21 -26.38 44.49
CA MET I 2 5.02 -25.51 43.35
C MET I 2 6.19 -24.66 42.92
N THR I 3 6.09 -24.27 41.66
CA THR I 3 7.04 -23.43 41.00
C THR I 3 6.22 -22.20 40.62
N PHE I 4 6.74 -21.01 40.87
CA PHE I 4 6.03 -19.81 40.48
C PHE I 4 7.01 -18.75 39.99
N LYS I 5 6.49 -17.80 39.24
CA LYS I 5 7.32 -16.76 38.69
C LYS I 5 7.34 -15.51 39.56
N ALA I 6 8.54 -14.97 39.74
CA ALA I 6 8.69 -13.72 40.47
C ALA I 6 9.39 -12.71 39.57
N GLU I 7 8.71 -11.60 39.33
CA GLU I 7 9.26 -10.51 38.54
C GLU I 7 9.85 -9.48 39.48
N TYR I 8 11.18 -9.38 39.47
CA TYR I 8 11.87 -8.47 40.36
C TYR I 8 11.97 -7.12 39.66
N ILE I 9 11.40 -6.11 40.31
CA ILE I 9 11.30 -4.80 39.71
C ILE I 9 12.09 -3.82 40.55
N TRP I 10 12.88 -2.98 39.88
CA TRP I 10 13.62 -1.94 40.55
C TRP I 10 13.77 -0.65 39.75
N ILE I 11 14.30 0.37 40.41
CA ILE I 11 14.55 1.65 39.77
C ILE I 11 16.05 1.86 39.60
N ASP I 12 16.46 2.28 38.40
CA ASP I 12 17.89 2.47 38.13
C ASP I 12 18.45 3.85 38.55
N GLY I 13 19.68 4.14 38.11
CA GLY I 13 20.34 5.39 38.42
C GLY I 13 20.47 6.35 37.24
N THR I 14 19.59 6.19 36.26
CA THR I 14 19.58 7.05 35.07
C THR I 14 19.29 8.51 35.38
N GLU I 15 19.94 9.40 34.62
CA GLU I 15 19.78 10.84 34.78
C GLU I 15 19.33 11.44 33.45
N PRO I 16 18.49 12.48 33.50
CA PRO I 16 17.92 13.14 34.70
C PRO I 16 16.83 12.32 35.39
N THR I 17 16.17 11.45 34.64
CA THR I 17 15.05 10.71 35.19
C THR I 17 15.42 9.23 35.22
N ALA I 18 15.29 8.62 36.40
CA ALA I 18 15.60 7.21 36.59
C ALA I 18 14.51 6.31 35.96
N LYS I 19 14.89 5.08 35.60
CA LYS I 19 13.99 4.18 34.87
C LYS I 19 13.74 2.87 35.62
N LEU I 20 12.58 2.27 35.36
CA LEU I 20 12.21 0.94 35.90
C LEU I 20 12.96 -0.19 35.22
N ARG I 21 13.37 -1.17 36.00
CA ARG I 21 13.96 -2.38 35.48
C ARG I 21 13.30 -3.60 36.06
N SER I 22 13.31 -4.70 35.30
CA SER I 22 12.72 -5.94 35.78
C SER I 22 13.37 -7.18 35.12
N LYS I 23 13.43 -8.27 35.90
CA LYS I 23 13.71 -9.61 35.36
C LYS I 23 12.95 -10.71 36.11
N THR I 24 12.87 -11.89 35.48
CA THR I 24 12.09 -12.97 36.02
C THR I 24 12.94 -14.00 36.72
N LYS I 25 12.51 -14.37 37.92
CA LYS I 25 13.17 -15.40 38.69
C LYS I 25 12.20 -16.58 38.86
N ILE I 26 12.70 -17.78 38.67
CA ILE I 26 11.81 -18.91 38.90
C ILE I 26 12.08 -19.47 40.29
N ILE I 27 11.04 -19.47 41.10
CA ILE I 27 11.19 -19.83 42.51
C ILE I 27 10.42 -21.12 42.81
N THR I 28 11.09 -22.04 43.50
CA THR I 28 10.51 -23.32 43.90
C THR I 28 10.52 -23.44 45.43
N ALA I 29 9.47 -22.92 46.06
CA ALA I 29 9.42 -22.88 47.51
C ALA I 29 7.99 -22.74 48.01
N ALA I 30 7.83 -22.79 49.34
CA ALA I 30 6.54 -22.64 50.00
C ALA I 30 6.29 -21.15 50.21
N PRO I 31 5.13 -20.65 49.74
CA PRO I 31 4.90 -19.20 49.76
C PRO I 31 4.85 -18.58 51.15
N ALA I 32 5.46 -17.41 51.28
CA ALA I 32 5.47 -16.65 52.53
C ALA I 32 5.76 -15.20 52.12
N GLY I 33 5.38 -14.26 52.97
CA GLY I 33 5.35 -12.89 52.51
C GLY I 33 6.63 -12.09 52.60
N LEU I 34 7.22 -11.86 51.44
CA LEU I 34 8.28 -10.87 51.31
C LEU I 34 9.59 -11.28 52.03
N ASP I 35 9.51 -11.61 53.33
CA ASP I 35 10.68 -11.92 54.16
C ASP I 35 11.29 -13.25 53.67
N ALA I 36 10.43 -14.12 53.13
CA ALA I 36 10.87 -15.40 52.60
C ALA I 36 11.36 -15.27 51.16
N LEU I 37 11.18 -14.08 50.57
CA LEU I 37 11.61 -13.87 49.19
C LEU I 37 13.09 -13.58 49.20
N PRO I 38 13.85 -14.30 48.36
CA PRO I 38 15.32 -14.20 48.32
C PRO I 38 15.80 -12.83 47.85
N VAL I 39 16.91 -12.37 48.41
CA VAL I 39 17.58 -11.21 47.85
C VAL I 39 18.28 -11.62 46.56
N TRP I 40 18.49 -10.67 45.67
CA TRP I 40 19.03 -10.99 44.36
C TRP I 40 20.04 -9.94 43.95
N GLY I 41 20.58 -10.07 42.75
CA GLY I 41 21.58 -9.13 42.30
C GLY I 41 21.51 -8.87 40.81
N PHE I 42 22.25 -7.87 40.36
CA PHE I 42 22.36 -7.62 38.95
C PHE I 42 23.64 -6.86 38.66
N ASP I 43 23.96 -6.76 37.37
CA ASP I 43 25.11 -5.97 36.92
C ASP I 43 24.71 -4.52 36.61
N GLY I 44 25.24 -3.61 37.42
CA GLY I 44 24.89 -2.19 37.38
C GLY I 44 25.27 -1.41 36.14
N SER I 45 26.32 -1.84 35.43
CA SER I 45 26.87 -1.10 34.29
C SER I 45 25.81 -0.84 33.24
N SER I 46 24.93 -1.83 33.10
CA SER I 46 23.86 -1.79 32.11
C SER I 46 22.72 -0.84 32.56
N THR I 47 22.71 -0.48 33.83
CA THR I 47 21.60 0.30 34.41
C THR I 47 21.99 1.68 34.96
N ASN I 48 23.18 2.17 34.61
CA ASN I 48 23.66 3.49 35.05
C ASN I 48 23.91 3.52 36.55
N GLN I 49 24.08 2.33 37.12
CA GLN I 49 24.41 2.19 38.51
C GLN I 49 25.86 1.72 38.53
N ALA I 50 26.45 1.92 37.36
CA ALA I 50 27.88 1.89 37.10
C ALA I 50 28.11 2.65 35.77
N GLU I 51 27.78 1.99 34.65
CA GLU I 51 28.23 2.37 33.30
C GLU I 51 29.76 2.53 33.33
N GLY I 52 30.35 1.64 34.11
CA GLY I 52 31.75 1.61 34.49
C GLY I 52 32.18 0.17 34.68
N SER I 53 33.31 -0.02 35.35
CA SER I 53 33.92 -1.35 35.49
C SER I 53 33.92 -1.94 36.91
N SER I 54 33.24 -1.29 37.86
CA SER I 54 33.24 -1.74 39.27
C SER I 54 31.93 -2.01 40.08
N SER I 55 30.75 -1.86 39.47
CA SER I 55 29.50 -2.01 40.26
C SER I 55 28.61 -3.28 40.14
N ASP I 56 28.47 -3.94 41.30
CA ASP I 56 27.59 -5.08 41.41
C ASP I 56 26.57 -4.70 42.45
N CYS I 57 25.31 -5.04 42.20
CA CYS I 57 24.21 -4.53 43.00
C CYS I 57 23.37 -5.64 43.61
N VAL I 58 22.67 -5.30 44.69
CA VAL I 58 21.85 -6.24 45.42
C VAL I 58 20.39 -5.82 45.33
N LEU I 59 19.50 -6.76 45.09
CA LEU I 59 18.06 -6.47 45.08
C LEU I 59 17.41 -6.89 46.38
N LYS I 60 16.80 -5.95 47.09
CA LYS I 60 16.12 -6.33 48.31
C LYS I 60 14.63 -6.02 48.23
N PRO I 61 13.81 -7.08 48.29
CA PRO I 61 12.35 -6.98 48.19
C PRO I 61 11.85 -6.06 49.29
N VAL I 62 10.95 -5.14 48.93
CA VAL I 62 10.33 -4.24 49.90
C VAL I 62 8.80 -4.31 49.82
N PHE I 63 8.30 -4.78 48.67
CA PHE I 63 6.86 -4.88 48.41
C PHE I 63 6.57 -6.00 47.42
N SER I 64 5.45 -6.69 47.59
CA SER I 64 5.10 -7.74 46.65
C SER I 64 3.59 -7.83 46.48
N CYS I 65 3.18 -8.29 45.30
CA CYS I 65 1.76 -8.39 44.99
C CYS I 65 1.58 -9.42 43.91
N PRO I 66 0.33 -9.82 43.65
CA PRO I 66 0.12 -10.75 42.52
C PRO I 66 0.44 -10.14 41.15
N ASP I 67 0.95 -10.97 40.24
CA ASP I 67 1.13 -10.58 38.85
C ASP I 67 -0.20 -10.81 38.13
N PRO I 68 -0.90 -9.71 37.81
CA PRO I 68 -2.22 -9.73 37.17
C PRO I 68 -2.11 -10.21 35.73
N ILE I 69 -0.96 -9.98 35.12
CA ILE I 69 -0.73 -10.44 33.77
C ILE I 69 -0.42 -11.94 33.65
N ARG I 70 0.55 -12.42 34.41
CA ARG I 70 0.85 -13.83 34.39
C ARG I 70 -0.27 -14.63 35.02
N GLY I 71 -0.86 -14.06 36.07
CA GLY I 71 -1.96 -14.70 36.75
C GLY I 71 -1.50 -15.83 37.63
N GLY I 72 -2.45 -16.59 38.15
CA GLY I 72 -2.15 -17.74 38.99
C GLY I 72 -1.39 -17.33 40.23
N GLU I 73 -0.27 -18.02 40.49
CA GLU I 73 0.50 -17.84 41.71
C GLU I 73 1.71 -16.95 41.47
N ASP I 74 1.78 -16.38 40.27
CA ASP I 74 2.91 -15.53 39.91
C ASP I 74 2.77 -14.16 40.58
N ILE I 75 3.91 -13.53 40.90
CA ILE I 75 3.91 -12.30 41.69
C ILE I 75 4.88 -11.23 41.15
N LEU I 76 4.65 -9.98 41.54
CA LEU I 76 5.57 -8.89 41.23
C LEU I 76 6.33 -8.55 42.49
N VAL I 77 7.63 -8.37 42.37
CA VAL I 77 8.44 -8.03 43.54
C VAL I 77 9.20 -6.72 43.35
N LEU I 78 8.73 -5.68 44.03
CA LEU I 78 9.43 -4.41 44.03
C LEU I 78 10.59 -4.45 45.02
N CYS I 79 11.77 -4.02 44.57
CA CYS I 79 12.98 -4.12 45.37
C CYS I 79 13.63 -2.75 45.58
N GLU I 80 14.47 -2.64 46.59
CA GLU I 80 15.32 -1.47 46.66
C GLU I 80 16.72 -1.93 46.32
N VAL I 81 17.56 -0.98 45.95
CA VAL I 81 18.88 -1.36 45.49
C VAL I 81 19.91 -1.06 46.55
N LEU I 82 20.74 -2.07 46.83
CA LEU I 82 21.79 -1.98 47.82
C LEU I 82 23.15 -2.29 47.23
N ASP I 83 24.18 -1.76 47.88
CA ASP I 83 25.56 -2.14 47.60
C ASP I 83 25.72 -3.52 48.23
N THR I 84 26.85 -4.18 47.92
CA THR I 84 27.14 -5.52 48.41
C THR I 84 27.26 -5.56 49.93
N ASP I 85 27.52 -4.40 50.55
CA ASP I 85 27.59 -4.33 52.01
C ASP I 85 26.22 -4.08 52.62
N MET I 86 25.17 -4.18 51.81
CA MET I 86 23.78 -4.10 52.28
C MET I 86 23.38 -2.68 52.70
N THR I 87 24.24 -1.72 52.40
CA THR I 87 23.89 -0.33 52.62
C THR I 87 23.13 0.17 51.38
N PRO I 88 22.36 1.25 51.54
CA PRO I 88 21.61 1.73 50.35
C PRO I 88 22.55 2.19 49.24
N HIS I 89 22.19 1.83 48.02
CA HIS I 89 22.93 2.25 46.84
C HIS I 89 22.63 3.74 46.66
N PRO I 90 23.55 4.48 46.02
CA PRO I 90 23.29 5.90 45.82
C PRO I 90 21.98 6.23 45.06
N SER I 91 21.58 5.36 44.12
CA SER I 91 20.31 5.51 43.38
C SER I 91 19.08 5.34 44.25
N ASN I 92 19.24 4.64 45.37
CA ASN I 92 18.12 4.32 46.26
C ASN I 92 17.55 5.59 46.92
N THR I 93 16.28 5.88 46.61
CA THR I 93 15.61 7.08 47.13
C THR I 93 14.51 6.70 48.12
N ARG I 94 14.24 5.41 48.20
CA ARG I 94 13.30 4.87 49.17
C ARG I 94 13.83 4.99 50.61
N ALA I 95 15.12 4.76 50.79
CA ALA I 95 15.67 4.68 52.14
C ALA I 95 15.56 6.00 52.90
N ALA I 96 15.77 7.12 52.19
CA ALA I 96 15.61 8.44 52.80
C ALA I 96 14.16 8.68 53.22
N LEU I 97 13.19 8.28 52.37
CA LEU I 97 11.78 8.40 52.73
C LEU I 97 11.40 7.52 53.93
N ALA I 98 11.98 6.31 53.95
CA ALA I 98 11.70 5.36 55.01
C ALA I 98 12.14 5.95 56.35
N GLU I 99 13.28 6.63 56.32
CA GLU I 99 13.81 7.29 57.50
C GLU I 99 12.87 8.42 57.97
N LEU I 100 12.45 9.25 57.02
CA LEU I 100 11.55 10.37 57.29
C LEU I 100 10.16 9.86 57.65
N SER I 101 9.77 8.72 57.09
CA SER I 101 8.47 8.11 57.39
C SER I 101 8.45 7.78 58.88
N GLU I 102 9.54 7.19 59.35
CA GLU I 102 9.65 6.86 60.75
C GLU I 102 9.72 8.05 61.67
N ARG I 103 10.46 9.08 61.23
CA ARG I 103 10.66 10.26 62.04
C ARG I 103 9.35 10.98 62.35
N PHE I 104 8.40 10.93 61.41
CA PHE I 104 7.18 11.69 61.59
C PHE I 104 5.92 10.81 61.69
N ALA I 105 6.09 9.56 62.11
CA ALA I 105 4.97 8.62 62.12
C ALA I 105 3.79 9.06 63.04
N ALA I 106 4.07 9.83 64.08
CA ALA I 106 3.04 10.32 65.02
C ALA I 106 2.03 11.25 64.35
N GLN I 107 2.48 12.02 63.36
CA GLN I 107 1.61 12.93 62.59
C GLN I 107 0.74 12.20 61.57
N GLU I 108 1.10 10.94 61.29
CA GLU I 108 0.34 10.10 60.38
C GLU I 108 0.10 10.72 59.01
N PRO I 109 1.18 11.01 58.27
CA PRO I 109 1.02 11.62 56.95
C PRO I 109 0.35 10.65 55.98
N VAL I 110 -0.51 11.17 55.13
CA VAL I 110 -1.22 10.37 54.14
C VAL I 110 -1.15 11.09 52.78
N PHE I 111 -1.05 10.32 51.70
CA PHE I 111 -0.90 10.90 50.36
C PHE I 111 -1.92 10.33 49.37
N GLY I 112 -2.33 11.20 48.45
CA GLY I 112 -3.02 10.76 47.25
C GLY I 112 -2.22 11.36 46.10
N ILE I 113 -1.94 10.55 45.09
CA ILE I 113 -1.23 11.07 43.93
C ILE I 113 -2.03 10.90 42.65
N GLU I 114 -2.20 12.01 41.94
CA GLU I 114 -2.92 11.99 40.69
C GLU I 114 -1.91 11.96 39.55
N GLN I 115 -1.76 10.78 38.97
CA GLN I 115 -0.67 10.50 38.05
C GLN I 115 -1.15 10.59 36.60
N GLU I 116 -0.59 11.56 35.87
CA GLU I 116 -0.97 11.80 34.48
C GLU I 116 0.03 11.14 33.55
N TYR I 117 -0.40 10.81 32.35
CA TYR I 117 0.50 10.24 31.35
C TYR I 117 -0.09 10.44 29.96
N THR I 118 0.75 10.33 28.95
CA THR I 118 0.31 10.50 27.56
C THR I 118 0.67 9.30 26.68
N PHE I 119 -0.31 8.83 25.90
CA PHE I 119 -0.03 7.77 24.94
C PHE I 119 0.67 8.25 23.67
N PHE I 120 1.60 7.42 23.20
CA PHE I 120 2.32 7.68 21.96
C PHE I 120 2.34 6.41 21.14
N LYS I 121 2.32 6.60 19.83
CA LYS I 121 2.59 5.53 18.90
C LYS I 121 3.86 5.92 18.11
N GLY I 122 4.99 5.32 18.50
CA GLY I 122 6.27 5.80 18.01
C GLY I 122 6.52 7.21 18.52
N THR I 123 6.90 8.09 17.60
CA THR I 123 7.12 9.51 17.89
C THR I 123 5.79 10.31 17.84
N ARG I 124 4.72 9.65 17.40
CA ARG I 124 3.44 10.32 17.23
C ARG I 124 2.59 10.16 18.48
N PRO I 125 1.98 11.26 18.97
CA PRO I 125 0.99 11.16 20.04
C PRO I 125 -0.20 10.32 19.55
N LEU I 126 -0.70 9.41 20.39
CA LEU I 126 -1.74 8.48 19.96
C LEU I 126 -2.99 9.18 19.47
N GLY I 127 -3.26 10.35 20.04
CA GLY I 127 -4.45 11.10 19.66
C GLY I 127 -4.21 12.08 18.53
N PHE I 128 -3.01 12.06 17.96
CA PHE I 128 -2.71 13.02 16.90
C PHE I 128 -2.75 12.27 15.59
N PRO I 129 -3.20 12.94 14.51
CA PRO I 129 -3.15 12.33 13.18
C PRO I 129 -1.72 12.43 12.67
N GLU I 130 -1.35 11.54 11.76
CA GLU I 130 0.01 11.58 11.27
C GLU I 130 0.26 12.89 10.52
N GLY I 131 1.31 13.58 10.93
CA GLY I 131 1.72 14.80 10.28
C GLY I 131 0.91 16.02 10.65
N GLY I 132 0.07 15.93 11.68
CA GLY I 132 -0.84 17.02 11.95
C GLY I 132 -1.33 17.17 13.38
N PHE I 133 -2.40 17.93 13.53
CA PHE I 133 -2.98 18.23 14.82
C PHE I 133 -4.46 17.89 14.83
N PRO I 134 -4.99 17.46 15.99
CA PRO I 134 -6.44 17.23 16.10
C PRO I 134 -7.10 18.56 16.42
N ALA I 135 -8.42 18.56 16.60
CA ALA I 135 -9.13 19.79 16.97
C ALA I 135 -8.60 20.25 18.32
N ALA I 136 -8.77 21.53 18.62
CA ALA I 136 -8.21 22.12 19.84
C ALA I 136 -8.90 21.51 21.06
N GLN I 137 -8.26 21.68 22.22
CA GLN I 137 -8.73 21.02 23.42
C GLN I 137 -10.13 21.51 23.87
N GLY I 138 -10.85 20.62 24.56
CA GLY I 138 -12.17 20.92 25.07
C GLY I 138 -13.07 19.70 25.16
N GLY I 139 -13.08 18.85 24.15
CA GLY I 139 -13.94 17.68 24.20
C GLY I 139 -13.30 16.37 24.66
N TYR I 140 -11.98 16.35 24.84
CA TYR I 140 -11.19 15.17 25.29
C TYR I 140 -11.31 14.80 26.77
N TYR I 141 -11.43 15.83 27.60
CA TYR I 141 -11.34 15.67 29.03
C TYR I 141 -12.61 14.99 29.52
N CYS I 142 -12.47 13.82 30.14
CA CYS I 142 -13.62 13.02 30.61
C CYS I 142 -14.56 12.71 29.45
N GLY I 143 -13.99 12.56 28.25
CA GLY I 143 -14.76 12.39 27.03
C GLY I 143 -15.29 10.99 26.74
N VAL I 144 -16.04 10.88 25.65
CA VAL I 144 -16.51 9.57 25.17
C VAL I 144 -16.58 9.60 23.63
N GLY I 145 -16.35 8.46 23.00
CA GLY I 145 -16.40 8.38 21.55
C GLY I 145 -15.05 8.32 20.84
N SER I 146 -15.04 7.65 19.69
CA SER I 146 -13.81 7.41 18.93
C SER I 146 -13.13 8.69 18.44
N ASP I 147 -13.93 9.73 18.18
CA ASP I 147 -13.39 11.01 17.74
C ASP I 147 -12.52 11.72 18.78
N GLU I 148 -12.85 11.53 20.07
CA GLU I 148 -12.19 12.24 21.17
C GLU I 148 -11.43 11.35 22.21
N ILE I 149 -11.55 10.02 22.09
CA ILE I 149 -10.96 9.12 23.07
C ILE I 149 -9.93 8.16 22.47
N PHE I 150 -8.71 8.16 23.02
CA PHE I 150 -7.69 7.28 22.45
C PHE I 150 -6.95 6.45 23.51
N GLY I 151 -6.96 5.15 23.31
CA GLY I 151 -6.24 4.26 24.21
C GLY I 151 -7.08 3.71 25.34
N ARG I 152 -8.41 3.80 25.28
CA ARG I 152 -9.25 3.32 26.39
C ARG I 152 -9.08 1.83 26.66
N ASP I 153 -8.85 1.07 25.61
CA ASP I 153 -8.64 -0.36 25.76
C ASP I 153 -7.43 -0.64 26.67
N VAL I 154 -6.37 0.14 26.45
CA VAL I 154 -5.17 0.04 27.27
C VAL I 154 -5.45 0.47 28.70
N VAL I 155 -6.17 1.60 28.86
CA VAL I 155 -6.45 2.16 30.19
C VAL I 155 -7.28 1.20 31.05
N GLU I 156 -8.28 0.59 30.44
CA GLU I 156 -9.12 -0.36 31.14
C GLU I 156 -8.37 -1.61 31.54
N ALA I 157 -7.52 -2.08 30.64
CA ALA I 157 -6.68 -3.26 30.89
C ALA I 157 -5.73 -2.96 32.02
N HIS I 158 -5.20 -1.74 32.02
CA HIS I 158 -4.28 -1.33 33.06
C HIS I 158 -4.96 -1.23 34.43
N LEU I 159 -6.16 -0.66 34.46
CA LEU I 159 -6.87 -0.52 35.73
C LEU I 159 -7.22 -1.86 36.35
N GLU I 160 -7.73 -2.77 35.52
CA GLU I 160 -8.06 -4.10 36.01
C GLU I 160 -6.82 -4.80 36.54
N ASN I 161 -5.70 -4.58 35.88
CA ASN I 161 -4.42 -5.15 36.31
C ASN I 161 -4.00 -4.57 37.66
N CYS I 162 -4.20 -3.27 37.86
CA CYS I 162 -3.83 -2.67 39.13
C CYS I 162 -4.62 -3.20 40.31
N LEU I 163 -5.93 -3.36 40.08
CA LEU I 163 -6.85 -3.84 41.09
C LEU I 163 -6.61 -5.29 41.46
N LYS I 164 -6.30 -6.12 40.46
CA LYS I 164 -5.96 -7.50 40.66
C LYS I 164 -4.66 -7.61 41.48
N ALA I 165 -3.78 -6.64 41.27
CA ALA I 165 -2.54 -6.53 42.06
C ALA I 165 -2.81 -6.05 43.48
N GLY I 166 -4.01 -5.54 43.74
CA GLY I 166 -4.37 -5.08 45.07
C GLY I 166 -3.98 -3.64 45.34
N LEU I 167 -3.61 -2.90 44.29
CA LEU I 167 -3.18 -1.51 44.46
C LEU I 167 -4.31 -0.56 44.79
N GLY I 168 -4.01 0.49 45.57
CA GLY I 168 -5.00 1.44 46.01
C GLY I 168 -5.28 2.51 44.95
N ILE I 169 -6.09 2.15 43.96
CA ILE I 169 -6.48 3.08 42.92
C ILE I 169 -7.82 3.64 43.34
N SER I 170 -7.95 4.97 43.33
CA SER I 170 -9.19 5.59 43.75
C SER I 170 -10.07 5.98 42.58
N GLY I 171 -9.46 6.22 41.43
CA GLY I 171 -10.18 6.60 40.23
C GLY I 171 -9.32 6.71 38.99
N ILE I 172 -9.96 6.80 37.83
CA ILE I 172 -9.26 7.12 36.61
C ILE I 172 -10.11 8.09 35.80
N ASN I 173 -9.45 8.90 34.96
CA ASN I 173 -10.18 9.76 34.02
C ASN I 173 -9.39 10.10 32.75
N ALA I 174 -10.12 10.48 31.71
CA ALA I 174 -9.52 10.95 30.49
C ALA I 174 -9.12 12.41 30.72
N GLU I 175 -7.92 12.81 30.29
CA GLU I 175 -7.42 14.18 30.57
C GLU I 175 -7.64 15.21 29.45
N VAL I 176 -7.17 16.43 29.68
CA VAL I 176 -7.46 17.53 28.77
C VAL I 176 -6.90 17.34 27.35
N MET I 177 -5.68 16.84 27.26
CA MET I 177 -5.09 16.49 25.97
C MET I 177 -5.55 15.14 25.44
N PRO I 178 -5.79 15.02 24.13
CA PRO I 178 -6.18 13.74 23.55
C PRO I 178 -5.12 12.66 23.74
N GLY I 179 -5.55 11.46 24.18
CA GLY I 179 -4.63 10.36 24.46
C GLY I 179 -3.86 10.50 25.76
N GLN I 180 -4.27 11.49 26.56
CA GLN I 180 -3.71 11.76 27.88
C GLN I 180 -4.68 11.27 28.93
N TRP I 181 -4.15 10.61 29.95
CA TRP I 181 -4.99 9.95 30.94
C TRP I 181 -4.46 10.14 32.38
N GLU I 182 -5.31 9.83 33.35
CA GLU I 182 -4.90 9.93 34.74
C GLU I 182 -5.44 8.76 35.58
N PHE I 183 -4.63 8.29 36.53
CA PHE I 183 -5.10 7.40 37.59
C PHE I 183 -4.60 7.91 38.94
N GLN I 184 -5.41 7.69 39.97
CA GLN I 184 -5.15 8.21 41.29
C GLN I 184 -4.82 7.09 42.27
N VAL I 185 -3.69 7.24 42.94
CA VAL I 185 -3.23 6.30 43.95
C VAL I 185 -3.34 6.95 45.31
N GLY I 186 -3.98 6.24 46.25
CA GLY I 186 -4.15 6.68 47.61
C GLY I 186 -5.61 6.49 48.01
N PRO I 187 -5.98 6.93 49.25
CA PRO I 187 -5.04 7.54 50.18
C PRO I 187 -4.15 6.53 50.92
N LEU I 188 -2.87 6.87 51.05
CA LEU I 188 -1.94 5.92 51.62
C LEU I 188 -0.79 6.57 52.41
N ALA I 189 -0.14 5.74 53.21
CA ALA I 189 1.05 6.15 53.94
C ALA I 189 2.19 6.31 52.91
N PRO I 190 3.21 7.13 53.20
CA PRO I 190 4.23 7.58 52.23
C PRO I 190 4.99 6.45 51.49
N LEU I 191 5.44 5.43 52.20
CA LEU I 191 6.12 4.32 51.54
C LEU I 191 5.20 3.50 50.66
N GLU I 192 4.00 3.25 51.16
CA GLU I 192 3.03 2.47 50.42
C GLU I 192 2.53 3.16 49.16
N VAL I 193 2.27 4.46 49.25
CA VAL I 193 1.82 5.22 48.10
C VAL I 193 2.91 5.27 47.04
N SER I 194 4.16 5.40 47.48
CA SER I 194 5.27 5.48 46.56
C SER I 194 5.56 4.13 45.90
N ASP I 195 5.52 3.05 46.68
CA ASP I 195 5.77 1.71 46.15
C ASP I 195 4.70 1.27 45.14
N GLN I 196 3.44 1.53 45.49
CA GLN I 196 2.31 1.14 44.67
C GLN I 196 2.28 1.95 43.37
N LEU I 197 2.63 3.23 43.45
CA LEU I 197 2.67 4.06 42.27
C LEU I 197 3.75 3.54 41.30
N TRP I 198 4.90 3.13 41.84
CA TRP I 198 5.96 2.57 41.00
C TRP I 198 5.53 1.30 40.31
N VAL I 199 4.81 0.44 41.05
CA VAL I 199 4.32 -0.82 40.51
C VAL I 199 3.26 -0.50 39.46
N ALA I 200 2.40 0.46 39.76
CA ALA I 200 1.38 0.85 38.80
C ALA I 200 1.99 1.43 37.50
N ARG I 201 3.09 2.18 37.63
CA ARG I 201 3.80 2.66 36.45
C ARG I 201 4.33 1.52 35.63
N TRP I 202 4.94 0.56 36.31
CA TRP I 202 5.52 -0.58 35.63
C TRP I 202 4.41 -1.35 34.89
N LEU I 203 3.26 -1.45 35.53
CA LEU I 203 2.11 -2.13 34.93
C LEU I 203 1.58 -1.43 33.71
N LEU I 204 1.70 -0.10 33.70
CA LEU I 204 1.26 0.71 32.59
C LEU I 204 2.09 0.48 31.34
N TYR I 205 3.42 0.55 31.47
CA TYR I 205 4.32 0.32 30.34
C TYR I 205 4.13 -1.07 29.80
N ARG I 206 4.09 -2.02 30.74
CA ARG I 206 3.99 -3.42 30.43
C ARG I 206 2.65 -3.79 29.81
N THR I 207 1.56 -3.24 30.34
CA THR I 207 0.24 -3.47 29.77
C THR I 207 0.21 -2.90 28.34
N ALA I 208 0.80 -1.73 28.13
CA ALA I 208 0.77 -1.07 26.82
C ALA I 208 1.57 -1.79 25.71
N GLU I 209 2.55 -2.61 26.11
CA GLU I 209 3.32 -3.40 25.15
C GLU I 209 2.47 -4.34 24.31
N ASP I 210 1.45 -4.92 24.94
CA ASP I 210 0.55 -5.86 24.28
C ASP I 210 -0.32 -5.16 23.24
N PHE I 211 -0.55 -3.87 23.44
CA PHE I 211 -1.33 -3.04 22.52
C PHE I 211 -0.45 -2.30 21.52
N GLU I 212 0.85 -2.55 21.59
CA GLU I 212 1.78 -1.91 20.68
C GLU I 212 1.74 -0.39 20.79
N VAL I 213 1.55 0.14 22.00
CA VAL I 213 1.63 1.59 22.17
C VAL I 213 2.61 1.93 23.29
N SER I 214 2.89 3.22 23.45
CA SER I 214 3.84 3.63 24.47
C SER I 214 3.16 4.59 25.41
N ALA I 215 3.63 4.65 26.64
CA ALA I 215 3.16 5.66 27.56
C ALA I 215 4.36 6.46 27.98
N THR I 216 4.14 7.75 28.15
CA THR I 216 5.21 8.59 28.59
C THR I 216 4.77 9.47 29.75
N LEU I 217 5.70 9.69 30.66
CA LEU I 217 5.44 10.57 31.79
C LEU I 217 6.13 11.91 31.56
N ASP I 218 6.51 12.18 30.31
CA ASP I 218 7.08 13.48 29.97
C ASP I 218 6.10 14.59 30.31
N PRO I 219 6.58 15.64 30.99
CA PRO I 219 5.76 16.75 31.50
C PRO I 219 5.16 17.60 30.39
N LYS I 220 5.87 17.73 29.28
CA LYS I 220 5.30 18.47 28.17
C LYS I 220 5.52 17.76 26.84
N PRO I 221 4.76 16.69 26.62
CA PRO I 221 4.95 15.85 25.43
C PRO I 221 4.75 16.60 24.11
N VAL I 222 3.81 17.52 24.08
CA VAL I 222 3.66 18.39 22.92
C VAL I 222 3.80 19.87 23.27
N LYS I 223 4.62 20.57 22.50
CA LYS I 223 4.83 21.99 22.74
C LYS I 223 3.64 22.85 22.37
N GLY I 224 3.50 23.97 23.08
CA GLY I 224 2.38 24.82 22.78
C GLY I 224 1.33 24.84 23.86
N ASP I 225 0.09 24.99 23.41
CA ASP I 225 -1.05 25.13 24.29
C ASP I 225 -1.60 23.77 24.71
N TRP I 226 -1.02 22.69 24.16
CA TRP I 226 -1.39 21.34 24.59
C TRP I 226 -0.98 21.08 26.02
N ASN I 227 -1.88 20.45 26.75
CA ASN I 227 -1.71 20.27 28.18
C ASN I 227 -0.52 19.43 28.58
N GLY I 228 0.14 19.90 29.65
CA GLY I 228 1.21 19.17 30.30
C GLY I 228 0.69 18.04 31.19
N ALA I 229 1.60 17.15 31.54
CA ALA I 229 1.30 16.05 32.45
C ALA I 229 1.92 16.28 33.84
N GLY I 230 1.06 16.35 34.85
CA GLY I 230 1.55 16.54 36.19
C GLY I 230 1.33 15.29 37.03
N ALA I 231 1.80 15.37 38.27
CA ALA I 231 1.48 14.39 39.29
C ALA I 231 1.09 15.18 40.55
N HIS I 232 -0.11 15.74 40.53
CA HIS I 232 -0.60 16.57 41.63
C HIS I 232 -0.64 15.72 42.90
N THR I 233 -0.14 16.28 43.99
CA THR I 233 -0.05 15.54 45.23
C THR I 233 -0.89 16.11 46.37
N ASN I 234 -1.76 15.26 46.90
CA ASN I 234 -2.63 15.59 48.01
C ASN I 234 -2.02 15.07 49.31
N PHE I 235 -1.95 15.94 50.31
CA PHE I 235 -1.24 15.60 51.53
C PHE I 235 -1.92 16.06 52.81
N SER I 236 -1.89 15.20 53.84
CA SER I 236 -2.42 15.57 55.14
C SER I 236 -1.82 14.83 56.33
N THR I 237 -1.98 15.41 57.51
CA THR I 237 -1.61 14.75 58.77
C THR I 237 -2.88 14.71 59.60
N LYS I 238 -2.82 14.03 60.74
CA LYS I 238 -4.02 13.90 61.58
C LYS I 238 -4.52 15.29 61.98
N ALA I 239 -3.58 16.17 62.33
CA ALA I 239 -3.91 17.54 62.68
C ALA I 239 -4.57 18.29 61.52
N MET I 240 -4.09 18.09 60.30
CA MET I 240 -4.70 18.75 59.15
C MET I 240 -6.12 18.25 58.88
N ARG I 241 -6.34 16.95 59.05
CA ARG I 241 -7.68 16.40 58.93
C ARG I 241 -8.62 16.83 60.08
N GLU I 242 -8.06 17.17 61.23
CA GLU I 242 -8.85 17.68 62.35
C GLU I 242 -9.16 19.19 62.31
N GLY I 243 -8.21 20.02 61.88
CA GLY I 243 -8.40 21.46 61.95
C GLY I 243 -7.68 22.28 60.90
N TYR I 244 -8.21 23.48 60.67
CA TYR I 244 -7.76 24.39 59.62
C TYR I 244 -6.44 25.14 59.81
N ASP I 245 -6.05 25.31 61.07
CA ASP I 245 -4.85 26.07 61.41
C ASP I 245 -3.58 25.36 60.91
N ALA I 246 -3.59 24.04 61.04
CA ALA I 246 -2.49 23.21 60.57
C ALA I 246 -2.39 23.30 59.04
N ILE I 247 -3.53 23.40 58.37
CA ILE I 247 -3.56 23.54 56.91
C ILE I 247 -2.84 24.80 56.46
N ILE I 248 -3.10 25.93 57.13
CA ILE I 248 -2.41 27.17 56.79
C ILE I 248 -0.90 27.05 57.09
N THR I 249 -0.55 26.41 58.20
CA THR I 249 0.86 26.23 58.54
C THR I 249 1.56 25.40 57.47
N ALA I 250 0.88 24.34 57.04
CA ALA I 250 1.42 23.46 56.01
C ALA I 250 1.65 24.23 54.72
N ALA I 251 0.66 25.02 54.33
CA ALA I 251 0.72 25.84 53.12
C ALA I 251 1.80 26.90 53.20
N GLU I 252 1.96 27.52 54.37
CA GLU I 252 3.01 28.52 54.58
C GLU I 252 4.44 27.97 54.63
N SER I 253 4.59 26.78 55.19
CA SER I 253 5.90 26.17 55.31
C SER I 253 6.57 25.98 53.94
N LEU I 254 5.77 25.73 52.92
CA LEU I 254 6.27 25.51 51.57
C LEU I 254 6.80 26.78 50.88
N GLY I 255 6.40 27.95 51.38
CA GLY I 255 6.84 29.22 50.82
C GLY I 255 8.04 29.83 51.52
N GLU I 256 8.49 29.21 52.61
CA GLU I 256 9.57 29.79 53.42
C GLU I 256 10.98 29.45 52.90
N GLY I 257 11.91 30.40 53.04
CA GLY I 257 13.31 30.14 52.77
C GLY I 257 13.62 29.62 51.37
N SER I 258 14.30 28.48 51.29
CA SER I 258 14.69 27.89 50.01
C SER I 258 13.72 26.76 49.62
N LYS I 259 12.64 26.61 50.39
CA LYS I 259 11.71 25.52 50.16
C LYS I 259 11.06 25.55 48.77
N PRO I 260 10.77 26.75 48.23
CA PRO I 260 10.19 26.69 46.87
C PRO I 260 11.15 26.07 45.83
N MET I 261 12.40 26.52 45.79
CA MET I 261 13.40 25.93 44.89
C MET I 261 13.79 24.52 45.28
N ASP I 262 13.84 24.26 46.58
CA ASP I 262 14.21 22.93 47.04
C ASP I 262 13.25 21.84 46.50
N HIS I 263 11.95 22.12 46.58
CA HIS I 263 10.94 21.22 46.03
C HIS I 263 10.95 21.20 44.50
N VAL I 264 10.91 22.38 43.88
CA VAL I 264 10.76 22.48 42.44
C VAL I 264 11.93 21.80 41.67
N LYS I 265 13.13 21.85 42.24
CA LYS I 265 14.27 21.24 41.56
C LYS I 265 14.30 19.70 41.72
N ASN I 266 13.39 19.15 42.52
CA ASN I 266 13.28 17.69 42.65
C ASN I 266 11.94 17.22 42.17
N TYR I 267 11.22 18.10 41.49
CA TYR I 267 9.83 17.76 41.17
C TYR I 267 9.72 17.23 39.76
N GLY I 268 10.87 16.89 39.19
CA GLY I 268 10.88 16.24 37.89
C GLY I 268 11.62 17.01 36.82
N ALA I 269 12.19 16.28 35.86
CA ALA I 269 12.98 16.89 34.81
C ALA I 269 12.06 17.58 33.82
N GLY I 270 12.43 18.79 33.39
CA GLY I 270 11.66 19.56 32.43
C GLY I 270 10.50 20.33 33.01
N ILE I 271 10.57 20.59 34.32
CA ILE I 271 9.51 21.29 35.02
C ILE I 271 9.27 22.72 34.50
N ASP I 272 10.34 23.37 34.00
CA ASP I 272 10.25 24.71 33.39
C ASP I 272 9.38 24.70 32.11
N ASP I 273 9.41 23.58 31.40
CA ASP I 273 8.54 23.40 30.22
C ASP I 273 7.05 23.25 30.53
N ARG I 274 6.73 22.66 31.68
CA ARG I 274 5.35 22.48 32.10
C ARG I 274 4.83 23.65 32.93
N LEU I 275 5.65 24.10 33.87
CA LEU I 275 5.20 25.17 34.77
C LEU I 275 5.51 26.53 34.21
N THR I 276 4.56 27.03 33.43
CA THR I 276 4.67 28.33 32.80
C THR I 276 3.59 29.12 33.51
N GLY I 277 3.64 30.45 33.39
CA GLY I 277 2.61 31.25 34.02
C GLY I 277 1.24 31.00 33.40
N LEU I 278 1.20 31.02 32.07
CA LEU I 278 -0.04 31.20 31.32
C LEU I 278 -1.12 30.14 31.55
N HIS I 279 -0.76 28.86 31.43
CA HIS I 279 -1.74 27.82 31.73
C HIS I 279 -1.36 27.18 33.05
N GLU I 280 -1.88 25.98 33.29
CA GLU I 280 -1.53 25.25 34.48
C GLU I 280 -0.04 24.89 34.59
N THR I 281 0.53 25.14 35.77
CA THR I 281 -0.22 25.72 36.88
C THR I 281 0.21 27.16 37.14
N ALA I 282 1.24 27.29 37.97
CA ALA I 282 1.79 28.58 38.33
C ALA I 282 3.19 28.52 37.77
N PRO I 283 3.88 29.68 37.71
CA PRO I 283 5.23 29.56 37.17
C PRO I 283 6.09 28.79 38.15
N TRP I 284 7.08 28.05 37.63
CA TRP I 284 7.94 27.23 38.45
C TRP I 284 8.77 28.06 39.45
N ASN I 285 8.97 29.35 39.15
CA ASN I 285 9.84 30.20 39.98
C ASN I 285 9.13 31.07 41.03
N GLU I 286 7.81 30.94 41.14
CA GLU I 286 7.09 31.65 42.19
C GLU I 286 6.16 30.72 42.93
N TYR I 287 6.09 30.92 44.24
CA TYR I 287 5.20 30.15 45.09
C TYR I 287 3.99 30.93 45.52
N SER I 288 2.85 30.31 45.35
CA SER I 288 1.59 30.85 45.82
C SER I 288 0.74 29.71 46.34
N TYR I 289 -0.16 30.04 47.26
CA TYR I 289 -1.17 29.10 47.69
C TYR I 289 -2.46 29.86 47.83
N GLY I 290 -3.58 29.18 47.62
CA GLY I 290 -4.86 29.84 47.72
C GLY I 290 -6.01 28.86 47.78
N VAL I 291 -7.17 29.35 48.24
CA VAL I 291 -8.34 28.52 48.34
C VAL I 291 -8.99 28.46 46.96
N SER I 292 -9.12 27.22 46.47
CA SER I 292 -9.79 26.93 45.20
C SER I 292 -9.06 27.51 44.00
N ASP I 293 -7.77 27.83 44.17
CA ASP I 293 -7.03 28.46 43.08
C ASP I 293 -6.23 27.43 42.29
N ARG I 294 -6.71 27.11 41.09
CA ARG I 294 -6.02 26.15 40.25
C ARG I 294 -4.81 26.76 39.57
N GLY I 295 -4.68 28.09 39.63
CA GLY I 295 -3.50 28.73 39.05
C GLY I 295 -2.38 28.83 40.06
N ALA I 296 -2.70 28.53 41.32
CA ALA I 296 -1.71 28.54 42.41
C ALA I 296 -0.78 27.29 42.44
N SER I 297 0.37 27.43 43.10
CA SER I 297 1.29 26.31 43.33
C SER I 297 0.64 25.27 44.24
N VAL I 298 -0.04 25.75 45.27
CA VAL I 298 -0.73 24.85 46.15
C VAL I 298 -2.17 25.29 46.24
N ARG I 299 -3.10 24.34 46.11
CA ARG I 299 -4.52 24.67 46.21
C ARG I 299 -5.14 24.12 47.51
N ILE I 300 -5.97 24.95 48.14
CA ILE I 300 -6.81 24.49 49.24
C ILE I 300 -8.19 24.32 48.65
N PRO I 301 -8.67 23.07 48.59
CA PRO I 301 -9.96 22.77 47.96
C PRO I 301 -11.10 23.49 48.71
N TRP I 302 -12.16 23.83 48.00
CA TRP I 302 -13.24 24.60 48.60
C TRP I 302 -13.88 23.84 49.76
N GLN I 303 -13.94 22.51 49.66
CA GLN I 303 -14.51 21.67 50.72
C GLN I 303 -13.68 21.74 52.00
N VAL I 304 -12.37 21.79 51.83
CA VAL I 304 -11.46 21.83 52.96
C VAL I 304 -11.66 23.11 53.75
N GLU I 305 -11.81 24.21 53.01
CA GLU I 305 -12.04 25.51 53.62
C GLU I 305 -13.41 25.62 54.26
N LYS I 306 -14.43 25.00 53.67
CA LYS I 306 -15.75 24.99 54.30
C LYS I 306 -15.76 24.23 55.60
N ASP I 307 -15.11 23.07 55.61
CA ASP I 307 -15.17 22.16 56.75
C ASP I 307 -14.14 22.47 57.84
N GLY I 308 -13.22 23.38 57.54
CA GLY I 308 -12.18 23.78 58.47
C GLY I 308 -11.18 22.67 58.73
N LYS I 309 -11.15 21.68 57.85
CA LYS I 309 -10.24 20.55 57.94
C LYS I 309 -10.19 19.80 56.60
N GLY I 310 -9.17 18.96 56.42
CA GLY I 310 -8.96 18.31 55.13
C GLY I 310 -7.49 18.11 54.80
N TYR I 311 -7.14 18.44 53.55
CA TYR I 311 -5.79 18.27 53.03
C TYR I 311 -5.45 19.47 52.14
N ILE I 312 -4.23 19.47 51.62
CA ILE I 312 -3.80 20.43 50.63
C ILE I 312 -3.32 19.70 49.38
N GLU I 313 -3.35 20.40 48.25
CA GLU I 313 -2.96 19.84 46.96
C GLU I 313 -1.74 20.59 46.40
N ASP I 314 -0.64 19.86 46.22
CA ASP I 314 0.55 20.44 45.60
C ASP I 314 0.49 20.15 44.11
N ARG I 315 0.32 21.21 43.33
CA ARG I 315 0.12 21.11 41.87
C ARG I 315 1.41 21.21 41.10
N ARG I 316 2.50 21.44 41.82
CA ARG I 316 3.79 21.57 41.17
C ARG I 316 4.44 20.31 40.58
N PRO I 317 4.29 19.13 41.22
CA PRO I 317 5.09 18.01 40.69
C PRO I 317 4.76 17.54 39.26
N ASN I 318 5.82 17.27 38.49
CA ASN I 318 5.66 16.74 37.14
C ASN I 318 5.18 15.29 37.17
N ALA I 319 4.64 14.81 36.05
CA ALA I 319 4.25 13.41 35.92
C ALA I 319 5.48 12.49 36.02
N ASN I 320 6.67 13.05 35.75
CA ASN I 320 7.93 12.27 35.81
C ASN I 320 8.68 12.41 37.14
N VAL I 321 7.99 12.90 38.16
CA VAL I 321 8.59 13.00 39.49
C VAL I 321 8.83 11.61 40.08
N ASP I 322 9.90 11.46 40.86
CA ASP I 322 10.07 10.25 41.68
C ASP I 322 9.14 10.36 42.91
N PRO I 323 8.20 9.40 43.05
CA PRO I 323 7.27 9.36 44.20
C PRO I 323 8.00 9.26 45.54
N TYR I 324 9.11 8.55 45.59
CA TYR I 324 9.88 8.46 46.83
C TYR I 324 10.37 9.83 47.27
N VAL I 325 10.77 10.62 46.28
CA VAL I 325 11.27 11.97 46.52
C VAL I 325 10.23 13.02 46.89
N VAL I 326 9.16 13.10 46.09
CA VAL I 326 8.12 14.10 46.35
C VAL I 326 7.45 13.89 47.72
N THR I 327 7.21 12.63 48.09
CA THR I 327 6.64 12.33 49.39
C THR I 327 7.61 12.72 50.50
N ARG I 328 8.90 12.42 50.30
CA ARG I 328 9.91 12.71 51.31
C ARG I 328 9.98 14.22 51.61
N LEU I 329 9.99 15.06 50.57
CA LEU I 329 10.14 16.50 50.72
C LEU I 329 8.94 17.14 51.45
N LEU I 330 7.74 16.71 51.07
CA LEU I 330 6.50 17.20 51.68
C LEU I 330 6.41 16.79 53.15
N VAL I 331 6.78 15.56 53.45
CA VAL I 331 6.79 15.13 54.84
C VAL I 331 7.84 15.94 55.58
N ASP I 332 9.02 16.11 54.98
CA ASP I 332 10.08 16.85 55.68
C ASP I 332 9.69 18.30 55.98
N THR I 333 9.28 19.02 54.94
CA THR I 333 8.99 20.44 55.08
C THR I 333 7.74 20.71 55.95
N CYS I 334 6.61 20.10 55.59
CA CYS I 334 5.34 20.37 56.27
C CYS I 334 5.31 19.85 57.72
N CYS I 335 5.68 18.59 57.90
CA CYS I 335 5.63 17.97 59.23
C CYS I 335 6.60 18.62 60.22
N THR I 336 7.75 19.10 59.72
CA THR I 336 8.73 19.79 60.55
C THR I 336 8.13 21.11 61.10
N ALA I 337 7.48 21.88 60.22
CA ALA I 337 6.87 23.14 60.63
C ALA I 337 5.74 22.93 61.62
N LEU I 338 4.97 21.86 61.43
CA LEU I 338 3.88 21.52 62.34
C LEU I 338 4.35 21.07 63.73
N GLU I 339 5.50 20.39 63.78
CA GLU I 339 6.07 19.98 65.05
C GLU I 339 6.47 21.20 65.87
N LYS I 340 7.14 22.15 65.22
CA LYS I 340 7.54 23.40 65.85
C LYS I 340 6.33 24.22 66.32
N ALA I 341 5.30 24.21 65.49
CA ALA I 341 4.08 24.96 65.75
C ALA I 341 3.22 24.30 66.82
N GLY I 342 3.57 23.06 67.18
CA GLY I 342 2.81 22.35 68.20
C GLY I 342 1.54 21.73 67.66
N GLN I 343 1.38 21.77 66.34
CA GLN I 343 0.17 21.28 65.69
C GLN I 343 0.31 19.84 65.20
N VAL I 344 0.50 18.90 66.13
CA VAL I 344 0.74 17.49 65.79
C VAL I 344 -0.30 16.56 66.43
N HIS J 1 -4.98 -49.19 25.56
CA HIS J 1 -3.87 -48.24 25.52
C HIS J 1 -4.01 -47.21 24.38
N MET J 2 -3.10 -46.24 24.41
CA MET J 2 -3.23 -44.97 23.69
C MET J 2 -2.29 -44.70 22.52
N THR J 3 -2.69 -43.71 21.70
CA THR J 3 -1.91 -43.31 20.55
C THR J 3 -1.49 -41.89 20.90
N PHE J 4 -0.22 -41.61 20.70
CA PHE J 4 0.37 -40.30 20.96
C PHE J 4 1.45 -39.93 19.96
N LYS J 5 1.74 -38.63 19.92
CA LYS J 5 2.71 -38.07 19.01
C LYS J 5 4.04 -37.99 19.75
N ALA J 6 5.11 -38.40 19.08
CA ALA J 6 6.45 -38.30 19.67
C ALA J 6 7.31 -37.48 18.73
N GLU J 7 7.85 -36.38 19.24
CA GLU J 7 8.72 -35.55 18.42
C GLU J 7 10.20 -35.91 18.68
N TYR J 8 10.80 -36.51 17.65
CA TYR J 8 12.19 -36.95 17.73
C TYR J 8 13.08 -35.80 17.30
N ILE J 9 13.96 -35.35 18.21
CA ILE J 9 14.77 -34.19 17.93
C ILE J 9 16.24 -34.61 17.94
N TRP J 10 17.00 -34.14 16.95
CA TRP J 10 18.42 -34.44 16.93
C TRP J 10 19.27 -33.31 16.38
N ILE J 11 20.58 -33.46 16.51
CA ILE J 11 21.54 -32.49 16.01
C ILE J 11 22.28 -33.05 14.80
N ASP J 12 22.39 -32.23 13.74
CA ASP J 12 23.01 -32.66 12.47
C ASP J 12 24.53 -32.49 12.45
N GLY J 13 25.14 -32.61 11.26
CA GLY J 13 26.57 -32.48 11.09
C GLY J 13 26.98 -31.21 10.35
N THR J 14 26.11 -30.20 10.36
CA THR J 14 26.41 -28.94 9.69
C THR J 14 27.61 -28.23 10.33
N GLU J 15 28.39 -27.58 9.47
CA GLU J 15 29.59 -26.85 9.84
C GLU J 15 29.47 -25.40 9.37
N PRO J 16 30.02 -24.47 10.15
CA PRO J 16 30.74 -24.68 11.43
C PRO J 16 29.84 -25.02 12.63
N THR J 17 28.58 -24.62 12.59
CA THR J 17 27.66 -24.81 13.73
C THR J 17 26.55 -25.76 13.32
N ALA J 18 26.39 -26.82 14.12
CA ALA J 18 25.36 -27.82 13.85
C ALA J 18 23.94 -27.32 14.17
N LYS J 19 22.96 -27.92 13.50
CA LYS J 19 21.58 -27.49 13.59
C LYS J 19 20.65 -28.60 14.08
N LEU J 20 19.58 -28.17 14.75
CA LEU J 20 18.53 -29.08 15.19
C LEU J 20 17.65 -29.58 14.04
N ARG J 21 17.29 -30.85 14.12
CA ARG J 21 16.33 -31.48 13.23
C ARG J 21 15.29 -32.21 14.06
N SER J 22 14.10 -32.33 13.51
CA SER J 22 13.07 -33.03 14.23
C SER J 22 12.04 -33.62 13.27
N LYS J 23 11.46 -34.76 13.65
CA LYS J 23 10.26 -35.24 12.97
C LYS J 23 9.31 -35.94 13.95
N THR J 24 8.07 -36.12 13.51
CA THR J 24 7.03 -36.68 14.37
C THR J 24 6.78 -38.16 14.11
N LYS J 25 6.73 -38.92 15.20
CA LYS J 25 6.41 -40.32 15.12
C LYS J 25 5.11 -40.51 15.84
N ILE J 26 4.21 -41.28 15.24
CA ILE J 26 2.95 -41.55 15.92
C ILE J 26 3.10 -42.92 16.55
N ILE J 27 2.98 -42.96 17.87
CA ILE J 27 3.24 -44.18 18.63
C ILE J 27 1.95 -44.65 19.26
N THR J 28 1.70 -45.95 19.11
CA THR J 28 0.52 -46.59 19.67
C THR J 28 0.97 -47.68 20.65
N ALA J 29 1.19 -47.27 21.90
CA ALA J 29 1.72 -48.19 22.91
C ALA J 29 1.39 -47.67 24.31
N ALA J 30 1.75 -48.48 25.30
CA ALA J 30 1.54 -48.18 26.70
C ALA J 30 2.72 -47.34 27.18
N PRO J 31 2.42 -46.17 27.78
CA PRO J 31 3.48 -45.20 28.11
C PRO J 31 4.50 -45.71 29.15
N ALA J 32 5.76 -45.40 28.87
CA ALA J 32 6.88 -45.73 29.74
C ALA J 32 8.03 -44.78 29.40
N GLY J 33 8.94 -44.60 30.34
CA GLY J 33 9.92 -43.53 30.24
C GLY J 33 11.14 -43.92 29.45
N LEU J 34 11.28 -43.39 28.23
CA LEU J 34 12.55 -43.47 27.52
C LEU J 34 12.93 -44.86 27.03
N ASP J 35 12.93 -45.82 27.94
CA ASP J 35 13.38 -47.17 27.63
C ASP J 35 12.44 -47.90 26.65
N ALA J 36 11.17 -47.56 26.68
CA ALA J 36 10.20 -48.16 25.78
C ALA J 36 10.14 -47.45 24.43
N LEU J 37 10.83 -46.33 24.27
CA LEU J 37 10.77 -45.60 23.00
C LEU J 37 11.72 -46.21 21.97
N PRO J 38 11.19 -46.47 20.77
CA PRO J 38 11.86 -47.12 19.65
C PRO J 38 13.03 -46.30 19.12
N VAL J 39 14.09 -46.97 18.70
CA VAL J 39 15.12 -46.30 17.94
C VAL J 39 14.52 -46.10 16.56
N TRP J 40 15.01 -45.10 15.86
CA TRP J 40 14.45 -44.71 14.59
C TRP J 40 15.59 -44.37 13.68
N GLY J 41 15.27 -43.92 12.48
CA GLY J 41 16.29 -43.58 11.51
C GLY J 41 15.89 -42.42 10.66
N PHE J 42 16.85 -41.92 9.87
CA PHE J 42 16.59 -40.88 8.90
C PHE J 42 17.66 -40.95 7.80
N ASP J 43 17.47 -40.17 6.74
CA ASP J 43 18.43 -40.06 5.67
C ASP J 43 19.48 -38.96 5.90
N GLY J 44 20.72 -39.40 6.07
CA GLY J 44 21.83 -38.52 6.40
C GLY J 44 22.21 -37.54 5.31
N SER J 45 21.96 -37.90 4.05
CA SER J 45 22.40 -37.08 2.91
C SER J 45 21.82 -35.68 3.01
N SER J 46 20.60 -35.61 3.53
CA SER J 46 19.85 -34.35 3.67
C SER J 46 20.32 -33.45 4.84
N THR J 47 21.09 -34.01 5.78
CA THR J 47 21.49 -33.29 7.00
C THR J 47 23.01 -33.09 7.20
N ASN J 48 23.84 -33.32 6.17
CA ASN J 48 25.32 -33.18 6.26
C ASN J 48 25.91 -34.22 7.20
N GLN J 49 25.14 -35.28 7.43
CA GLN J 49 25.60 -36.41 8.22
C GLN J 49 25.81 -37.55 7.24
N ALA J 50 25.89 -37.14 5.98
CA ALA J 50 26.39 -37.90 4.87
C ALA J 50 26.73 -36.86 3.83
N GLU J 51 25.66 -36.35 3.21
CA GLU J 51 25.69 -35.59 1.94
C GLU J 51 26.50 -36.40 0.92
N GLY J 52 26.31 -37.72 1.05
CA GLY J 52 27.05 -38.73 0.34
C GLY J 52 26.17 -39.94 0.10
N SER J 53 26.81 -41.06 -0.22
CA SER J 53 26.04 -42.23 -0.60
C SER J 53 26.11 -43.41 0.37
N SER J 54 26.73 -43.22 1.54
CA SER J 54 26.83 -44.36 2.45
C SER J 54 26.31 -44.14 3.88
N SER J 55 25.84 -42.93 4.20
CA SER J 55 25.39 -42.71 5.57
C SER J 55 23.84 -42.63 5.74
N ASP J 56 23.33 -43.59 6.49
CA ASP J 56 21.95 -43.68 6.90
C ASP J 56 22.13 -43.68 8.39
N CYS J 57 21.26 -42.98 9.10
CA CYS J 57 21.57 -42.76 10.50
C CYS J 57 20.48 -43.31 11.39
N VAL J 58 20.86 -43.54 12.63
CA VAL J 58 19.96 -44.12 13.59
C VAL J 58 19.75 -43.09 14.68
N LEU J 59 18.50 -42.93 15.08
CA LEU J 59 18.08 -42.05 16.17
C LEU J 59 17.85 -42.89 17.44
N LYS J 60 18.60 -42.56 18.47
CA LYS J 60 18.47 -43.23 19.77
C LYS J 60 18.05 -42.26 20.85
N PRO J 61 16.84 -42.47 21.42
CA PRO J 61 16.32 -41.61 22.49
C PRO J 61 17.27 -41.55 23.67
N VAL J 62 17.56 -40.34 24.16
CA VAL J 62 18.42 -40.18 25.35
C VAL J 62 17.73 -39.37 26.44
N PHE J 63 16.72 -38.61 26.02
CA PHE J 63 15.97 -37.73 26.89
C PHE J 63 14.55 -37.53 26.38
N SER J 64 13.60 -37.39 27.29
CA SER J 64 12.22 -37.16 26.88
C SER J 64 11.47 -36.28 27.87
N CYS J 65 10.47 -35.56 27.37
CA CYS J 65 9.68 -34.67 28.20
C CYS J 65 8.33 -34.47 27.53
N PRO J 66 7.36 -33.87 28.24
CA PRO J 66 6.08 -33.55 27.60
C PRO J 66 6.22 -32.49 26.49
N ASP J 67 5.42 -32.61 25.44
CA ASP J 67 5.33 -31.58 24.42
C ASP J 67 4.30 -30.56 24.89
N PRO J 68 4.77 -29.39 25.32
CA PRO J 68 3.92 -28.33 25.87
C PRO J 68 3.05 -27.66 24.82
N ILE J 69 3.52 -27.66 23.58
CA ILE J 69 2.77 -27.08 22.49
C ILE J 69 1.64 -27.98 22.04
N ARG J 70 1.96 -29.23 21.75
CA ARG J 70 0.93 -30.19 21.34
C ARG J 70 0.02 -30.51 22.51
N GLY J 71 0.59 -30.58 23.71
CA GLY J 71 -0.20 -30.86 24.91
C GLY J 71 -0.58 -32.31 25.05
N GLY J 72 -1.45 -32.59 26.03
CA GLY J 72 -1.96 -33.94 26.25
C GLY J 72 -0.87 -34.93 26.60
N GLU J 73 -0.87 -36.04 25.87
CA GLU J 73 0.03 -37.16 26.15
C GLU J 73 1.24 -37.14 25.21
N ASP J 74 1.33 -36.08 24.40
CA ASP J 74 2.39 -35.94 23.41
C ASP J 74 3.70 -35.56 24.09
N ILE J 75 4.81 -35.98 23.49
CA ILE J 75 6.11 -35.83 24.12
C ILE J 75 7.19 -35.39 23.15
N LEU J 76 8.26 -34.84 23.72
CA LEU J 76 9.46 -34.52 22.95
C LEU J 76 10.52 -35.58 23.27
N VAL J 77 11.18 -36.07 22.23
CA VAL J 77 12.23 -37.07 22.40
C VAL J 77 13.57 -36.61 21.82
N LEU J 78 14.50 -36.26 22.71
CA LEU J 78 15.84 -35.91 22.27
C LEU J 78 16.67 -37.17 22.03
N CYS J 79 17.32 -37.20 20.88
CA CYS J 79 18.03 -38.39 20.49
C CYS J 79 19.51 -38.12 20.26
N GLU J 80 20.30 -39.18 20.30
CA GLU J 80 21.67 -39.06 19.83
C GLU J 80 21.71 -39.79 18.50
N VAL J 81 22.72 -39.48 17.70
CA VAL J 81 22.78 -40.00 16.36
C VAL J 81 23.82 -41.11 16.32
N LEU J 82 23.44 -42.25 15.74
CA LEU J 82 24.35 -43.37 15.66
C LEU J 82 24.49 -43.78 14.21
N ASP J 83 25.61 -44.43 13.90
CA ASP J 83 25.79 -45.07 12.61
C ASP J 83 24.93 -46.33 12.60
N THR J 84 24.78 -46.97 11.44
CA THR J 84 23.97 -48.17 11.34
C THR J 84 24.50 -49.34 12.19
N ASP J 85 25.80 -49.27 12.53
CA ASP J 85 26.44 -50.28 13.38
C ASP J 85 26.31 -49.95 14.86
N MET J 86 25.48 -48.95 15.18
CA MET J 86 25.14 -48.58 16.56
C MET J 86 26.27 -47.90 17.33
N THR J 87 27.35 -47.57 16.62
CA THR J 87 28.40 -46.76 17.24
C THR J 87 28.00 -45.30 17.07
N PRO J 88 28.57 -44.42 17.89
CA PRO J 88 28.21 -43.01 17.76
C PRO J 88 28.63 -42.48 16.39
N HIS J 89 27.78 -41.68 15.80
CA HIS J 89 28.09 -41.05 14.53
C HIS J 89 29.14 -40.00 14.83
N PRO J 90 29.98 -39.65 13.84
CA PRO J 90 31.03 -38.64 14.05
C PRO J 90 30.50 -37.27 14.51
N SER J 91 29.30 -36.88 14.09
CA SER J 91 28.66 -35.61 14.53
C SER J 91 28.27 -35.62 16.02
N ASN J 92 28.10 -36.83 16.58
CA ASN J 92 27.66 -37.05 17.96
C ASN J 92 28.69 -36.55 18.96
N THR J 93 28.28 -35.56 19.75
CA THR J 93 29.15 -34.94 20.74
C THR J 93 28.70 -35.28 22.16
N ARG J 94 27.53 -35.89 22.28
CA ARG J 94 27.02 -36.36 23.58
C ARG J 94 27.80 -37.54 24.17
N ALA J 95 28.20 -38.47 23.31
CA ALA J 95 28.80 -39.71 23.78
C ALA J 95 30.11 -39.45 24.51
N ALA J 96 30.89 -38.48 24.04
CA ALA J 96 32.14 -38.10 24.71
C ALA J 96 31.90 -37.52 26.11
N LEU J 97 30.87 -36.68 26.24
CA LEU J 97 30.49 -36.10 27.53
C LEU J 97 30.00 -37.17 28.51
N ALA J 98 29.28 -38.15 28.00
CA ALA J 98 28.75 -39.20 28.88
C ALA J 98 29.88 -39.97 29.54
N GLU J 99 30.95 -40.20 28.76
CA GLU J 99 32.14 -40.88 29.25
C GLU J 99 32.83 -40.09 30.33
N LEU J 100 33.03 -38.79 30.07
CA LEU J 100 33.67 -37.91 31.02
C LEU J 100 32.80 -37.64 32.23
N SER J 101 31.50 -37.62 32.02
CA SER J 101 30.54 -37.41 33.10
C SER J 101 30.66 -38.57 34.12
N GLU J 102 30.71 -39.78 33.59
CA GLU J 102 30.85 -40.97 34.41
C GLU J 102 32.21 -41.04 35.12
N ARG J 103 33.26 -40.64 34.41
CA ARG J 103 34.62 -40.69 34.92
C ARG J 103 34.81 -39.81 36.14
N PHE J 104 34.07 -38.70 36.19
CA PHE J 104 34.23 -37.70 37.25
C PHE J 104 33.01 -37.51 38.15
N ALA J 105 32.17 -38.53 38.20
CA ALA J 105 30.91 -38.47 38.94
C ALA J 105 31.13 -38.23 40.43
N ALA J 106 32.29 -38.67 40.95
CA ALA J 106 32.61 -38.52 42.37
C ALA J 106 32.70 -37.06 42.82
N GLN J 107 33.16 -36.20 41.91
CA GLN J 107 33.26 -34.76 42.17
C GLN J 107 31.91 -34.03 42.08
N GLU J 108 30.91 -34.68 41.49
CA GLU J 108 29.53 -34.10 41.37
C GLU J 108 29.49 -32.72 40.70
N PRO J 109 29.95 -32.62 39.44
CA PRO J 109 29.95 -31.33 38.72
C PRO J 109 28.53 -30.84 38.48
N VAL J 110 28.32 -29.53 38.60
CA VAL J 110 27.02 -28.96 38.41
C VAL J 110 27.20 -27.76 37.51
N PHE J 111 26.21 -27.53 36.63
CA PHE J 111 26.30 -26.44 35.68
C PHE J 111 25.08 -25.56 35.68
N GLY J 112 25.31 -24.27 35.42
CA GLY J 112 24.26 -23.36 35.06
C GLY J 112 24.69 -22.70 33.76
N ILE J 113 23.79 -22.63 32.78
CA ILE J 113 24.12 -21.96 31.54
C ILE J 113 23.15 -20.80 31.26
N GLU J 114 23.73 -19.63 31.02
CA GLU J 114 22.93 -18.46 30.73
C GLU J 114 22.94 -18.26 29.23
N GLN J 115 21.83 -18.61 28.59
CA GLN J 115 21.79 -18.70 27.14
C GLN J 115 21.17 -17.45 26.52
N GLU J 116 21.97 -16.72 25.75
CA GLU J 116 21.46 -15.50 25.13
C GLU J 116 21.08 -15.74 23.68
N TYR J 117 20.17 -14.91 23.17
CA TYR J 117 19.75 -15.01 21.78
C TYR J 117 19.15 -13.69 21.29
N THR J 118 19.10 -13.52 19.98
CA THR J 118 18.55 -12.31 19.39
C THR J 118 17.45 -12.60 18.38
N PHE J 119 16.34 -11.87 18.51
CA PHE J 119 15.23 -11.96 17.57
C PHE J 119 15.46 -11.23 16.25
N PHE J 120 14.97 -11.84 15.19
CA PHE J 120 15.05 -11.24 13.88
C PHE J 120 13.72 -11.34 13.18
N LYS J 121 13.43 -10.35 12.37
CA LYS J 121 12.33 -10.49 11.45
C LYS J 121 12.94 -10.40 10.04
N GLY J 122 13.09 -11.55 9.41
CA GLY J 122 13.88 -11.65 8.20
C GLY J 122 15.35 -11.35 8.45
N THR J 123 15.92 -10.48 7.62
CA THR J 123 17.30 -10.06 7.78
C THR J 123 17.45 -8.95 8.78
N ARG J 124 16.33 -8.42 9.24
CA ARG J 124 16.32 -7.28 10.15
C ARG J 124 16.24 -7.72 11.61
N PRO J 125 17.09 -7.13 12.46
CA PRO J 125 16.93 -7.35 13.90
C PRO J 125 15.55 -6.84 14.31
N LEU J 126 14.87 -7.63 15.14
CA LEU J 126 13.50 -7.34 15.52
C LEU J 126 13.37 -5.99 16.22
N GLY J 127 14.45 -5.60 16.93
CA GLY J 127 14.45 -4.34 17.67
C GLY J 127 14.98 -3.15 16.89
N PHE J 128 15.25 -3.39 15.61
CA PHE J 128 15.83 -2.37 14.73
C PHE J 128 14.75 -1.81 13.80
N PRO J 129 14.85 -0.52 13.47
CA PRO J 129 13.93 0.04 12.48
C PRO J 129 14.40 -0.39 11.09
N GLU J 130 13.48 -0.44 10.11
CA GLU J 130 13.86 -0.84 8.75
C GLU J 130 14.83 0.15 8.15
N GLY J 131 15.96 -0.36 7.69
CA GLY J 131 16.91 0.50 7.01
C GLY J 131 17.76 1.35 7.95
N GLY J 132 17.70 1.08 9.25
CA GLY J 132 18.34 1.96 10.20
C GLY J 132 18.74 1.34 11.53
N PHE J 133 19.00 2.21 12.49
CA PHE J 133 19.44 1.83 13.81
C PHE J 133 18.49 2.44 14.83
N PRO J 134 18.30 1.75 15.97
CA PRO J 134 17.52 2.32 17.07
C PRO J 134 18.45 3.19 17.90
N ALA J 135 17.93 3.77 18.97
CA ALA J 135 18.73 4.58 19.89
C ALA J 135 19.81 3.68 20.49
N ALA J 136 20.90 4.27 20.97
CA ALA J 136 22.04 3.51 21.49
C ALA J 136 21.63 2.75 22.76
N GLN J 137 22.43 1.75 23.11
CA GLN J 137 22.10 0.85 24.20
C GLN J 137 22.07 1.55 25.55
N GLY J 138 21.27 1.02 26.47
CA GLY J 138 21.13 1.56 27.82
C GLY J 138 19.76 1.33 28.41
N GLY J 139 18.72 1.53 27.62
CA GLY J 139 17.38 1.33 28.12
C GLY J 139 16.78 -0.02 27.77
N TYR J 140 17.44 -0.81 26.92
CA TYR J 140 16.89 -2.14 26.57
C TYR J 140 17.02 -3.22 27.64
N TYR J 141 18.10 -3.16 28.38
CA TYR J 141 18.48 -4.22 29.29
C TYR J 141 17.57 -4.22 30.50
N CYS J 142 16.87 -5.33 30.72
CA CYS J 142 15.92 -5.45 31.83
C CYS J 142 14.86 -4.35 31.74
N GLY J 143 14.54 -3.96 30.50
CA GLY J 143 13.65 -2.85 30.20
C GLY J 143 12.16 -3.11 30.25
N VAL J 144 11.37 -2.07 30.03
CA VAL J 144 9.93 -2.21 29.94
C VAL J 144 9.41 -1.16 28.96
N GLY J 145 8.32 -1.45 28.26
CA GLY J 145 7.75 -0.51 27.31
C GLY J 145 8.00 -0.79 25.84
N SER J 146 7.06 -0.40 24.98
CA SER J 146 7.13 -0.71 23.54
C SER J 146 8.35 -0.12 22.83
N ASP J 147 8.81 1.04 23.32
CA ASP J 147 9.99 1.69 22.75
C ASP J 147 11.26 0.84 22.93
N GLU J 148 11.32 0.11 24.04
CA GLU J 148 12.55 -0.62 24.34
C GLU J 148 12.49 -2.17 24.42
N ILE J 149 11.29 -2.74 24.33
CA ILE J 149 11.11 -4.19 24.46
C ILE J 149 10.49 -4.79 23.22
N PHE J 150 11.15 -5.80 22.66
CA PHE J 150 10.71 -6.48 21.43
C PHE J 150 10.71 -7.99 21.61
N GLY J 151 9.57 -8.62 21.37
CA GLY J 151 9.50 -10.07 21.44
C GLY J 151 9.09 -10.64 22.79
N ARG J 152 8.55 -9.80 23.67
CA ARG J 152 8.20 -10.33 24.97
C ARG J 152 7.16 -11.42 24.94
N ASP J 153 6.23 -11.31 23.99
CA ASP J 153 5.18 -12.32 23.85
C ASP J 153 5.78 -13.68 23.53
N VAL J 154 6.78 -13.68 22.67
CA VAL J 154 7.51 -14.90 22.33
C VAL J 154 8.26 -15.44 23.53
N VAL J 155 8.96 -14.54 24.23
CA VAL J 155 9.78 -14.93 25.37
C VAL J 155 8.89 -15.56 26.44
N GLU J 156 7.72 -14.96 26.69
CA GLU J 156 6.78 -15.49 27.70
C GLU J 156 6.19 -16.82 27.31
N ALA J 157 5.85 -16.96 26.03
CA ALA J 157 5.32 -18.23 25.53
C ALA J 157 6.37 -19.32 25.65
N HIS J 158 7.63 -18.99 25.32
CA HIS J 158 8.77 -19.93 25.39
C HIS J 158 9.05 -20.34 26.82
N LEU J 159 9.00 -19.37 27.72
CA LEU J 159 9.25 -19.68 29.12
C LEU J 159 8.17 -20.64 29.65
N GLU J 160 6.91 -20.36 29.34
CA GLU J 160 5.83 -21.23 29.77
C GLU J 160 5.97 -22.63 29.18
N ASN J 161 6.41 -22.72 27.92
CA ASN J 161 6.63 -24.02 27.28
C ASN J 161 7.76 -24.81 27.95
N CYS J 162 8.84 -24.14 28.30
CA CYS J 162 9.97 -24.81 28.95
C CYS J 162 9.59 -25.39 30.34
N LEU J 163 8.83 -24.62 31.12
CA LEU J 163 8.40 -25.06 32.44
C LEU J 163 7.42 -26.22 32.38
N LYS J 164 6.51 -26.15 31.42
CA LYS J 164 5.57 -27.22 31.17
C LYS J 164 6.29 -28.50 30.73
N ALA J 165 7.40 -28.33 30.01
CA ALA J 165 8.25 -29.46 29.65
C ALA J 165 9.01 -30.03 30.86
N GLY J 166 9.05 -29.28 31.96
CA GLY J 166 9.73 -29.69 33.17
C GLY J 166 11.21 -29.28 33.19
N LEU J 167 11.64 -28.42 32.26
CA LEU J 167 13.04 -28.01 32.19
C LEU J 167 13.39 -27.06 33.34
N GLY J 168 14.65 -27.14 33.78
CA GLY J 168 15.08 -26.34 34.92
C GLY J 168 15.48 -24.94 34.55
N ILE J 169 14.47 -24.10 34.40
CA ILE J 169 14.72 -22.72 34.06
C ILE J 169 14.69 -21.95 35.37
N SER J 170 15.74 -21.17 35.63
CA SER J 170 15.82 -20.41 36.88
C SER J 170 15.40 -18.96 36.70
N GLY J 171 15.53 -18.47 35.46
CA GLY J 171 15.18 -17.10 35.17
C GLY J 171 15.26 -16.77 33.69
N ILE J 172 14.70 -15.63 33.35
CA ILE J 172 14.86 -15.05 32.03
C ILE J 172 15.06 -13.55 32.19
N ASN J 173 15.75 -12.93 31.24
CA ASN J 173 15.82 -11.47 31.23
C ASN J 173 16.05 -10.89 29.84
N ALA J 174 15.70 -9.61 29.68
CA ALA J 174 15.99 -8.86 28.45
C ALA J 174 17.42 -8.37 28.48
N GLU J 175 18.14 -8.52 27.37
CA GLU J 175 19.55 -8.16 27.34
C GLU J 175 19.82 -6.74 26.84
N VAL J 176 21.12 -6.42 26.77
CA VAL J 176 21.61 -5.08 26.50
C VAL J 176 21.21 -4.54 25.12
N MET J 177 21.29 -5.41 24.12
CA MET J 177 20.85 -5.12 22.75
C MET J 177 19.34 -5.24 22.57
N PRO J 178 18.72 -4.34 21.78
CA PRO J 178 17.27 -4.45 21.53
C PRO J 178 16.89 -5.74 20.81
N GLY J 179 15.86 -6.39 21.33
CA GLY J 179 15.44 -7.68 20.81
C GLY J 179 16.33 -8.83 21.24
N GLN J 180 17.25 -8.55 22.17
CA GLN J 180 18.11 -9.59 22.71
C GLN J 180 17.66 -10.00 24.11
N TRP J 181 17.67 -11.31 24.34
CA TRP J 181 17.12 -11.91 25.56
C TRP J 181 17.98 -13.02 26.11
N GLU J 182 17.72 -13.41 27.36
CA GLU J 182 18.45 -14.50 27.99
C GLU J 182 17.55 -15.40 28.84
N PHE J 183 17.83 -16.70 28.85
CA PHE J 183 17.24 -17.59 29.85
C PHE J 183 18.33 -18.48 30.47
N GLN J 184 18.16 -18.84 31.74
CA GLN J 184 19.18 -19.58 32.49
C GLN J 184 18.70 -21.01 32.75
N VAL J 185 19.53 -21.97 32.36
CA VAL J 185 19.23 -23.37 32.59
C VAL J 185 20.17 -23.90 33.64
N GLY J 186 19.60 -24.55 34.64
CA GLY J 186 20.39 -25.15 35.71
C GLY J 186 19.80 -24.75 37.05
N PRO J 187 20.45 -25.15 38.15
CA PRO J 187 21.67 -25.96 38.13
C PRO J 187 21.41 -27.44 37.86
N LEU J 188 22.25 -28.06 37.03
CA LEU J 188 22.02 -29.45 36.60
C LEU J 188 23.32 -30.21 36.35
N ALA J 189 23.19 -31.53 36.28
CA ALA J 189 24.30 -32.44 35.95
C ALA J 189 24.67 -32.27 34.47
N PRO J 190 25.94 -32.61 34.09
CA PRO J 190 26.51 -32.27 32.77
C PRO J 190 25.68 -32.81 31.59
N LEU J 191 25.28 -34.08 31.61
CA LEU J 191 24.43 -34.55 30.51
C LEU J 191 23.05 -33.90 30.55
N GLU J 192 22.49 -33.78 31.74
CA GLU J 192 21.15 -33.20 31.89
C GLU J 192 21.05 -31.71 31.51
N VAL J 193 22.03 -30.88 31.88
CA VAL J 193 21.99 -29.45 31.51
C VAL J 193 22.10 -29.29 30.02
N SER J 194 22.91 -30.14 29.41
CA SER J 194 23.16 -30.11 27.97
C SER J 194 21.95 -30.58 27.17
N ASP J 195 21.30 -31.65 27.65
CA ASP J 195 20.12 -32.17 26.99
C ASP J 195 18.97 -31.15 27.06
N GLN J 196 18.78 -30.56 28.25
CA GLN J 196 17.69 -29.62 28.43
C GLN J 196 17.88 -28.32 27.62
N LEU J 197 19.12 -27.85 27.53
CA LEU J 197 19.43 -26.65 26.78
C LEU J 197 19.12 -26.84 25.28
N TRP J 198 19.45 -28.02 24.75
CA TRP J 198 19.14 -28.32 23.35
C TRP J 198 17.63 -28.36 23.10
N VAL J 199 16.92 -28.97 24.05
CA VAL J 199 15.48 -29.07 23.94
C VAL J 199 14.87 -27.65 24.07
N ALA J 200 15.42 -26.88 25.01
CA ALA J 200 14.98 -25.49 25.24
C ALA J 200 15.24 -24.61 24.03
N ARG J 201 16.36 -24.84 23.33
CA ARG J 201 16.68 -24.15 22.08
C ARG J 201 15.64 -24.49 21.05
N TRP J 202 15.31 -25.78 20.97
CA TRP J 202 14.35 -26.27 20.02
C TRP J 202 12.99 -25.62 20.25
N LEU J 203 12.64 -25.46 21.52
CA LEU J 203 11.38 -24.83 21.91
C LEU J 203 11.37 -23.34 21.51
N LEU J 204 12.53 -22.68 21.58
CA LEU J 204 12.62 -21.26 21.21
C LEU J 204 12.36 -21.02 19.71
N TYR J 205 13.06 -21.76 18.84
CA TYR J 205 12.88 -21.63 17.39
C TYR J 205 11.46 -21.95 17.04
N ARG J 206 10.99 -23.07 17.63
CA ARG J 206 9.66 -23.61 17.37
C ARG J 206 8.52 -22.74 17.85
N THR J 207 8.64 -22.18 19.06
CA THR J 207 7.64 -21.25 19.62
C THR J 207 7.55 -20.00 18.76
N ALA J 208 8.71 -19.52 18.32
CA ALA J 208 8.80 -18.29 17.55
C ALA J 208 8.18 -18.41 16.14
N GLU J 209 8.09 -19.63 15.61
CA GLU J 209 7.44 -19.84 14.30
C GLU J 209 5.98 -19.32 14.31
N ASP J 210 5.29 -19.51 15.43
CA ASP J 210 3.91 -19.08 15.59
C ASP J 210 3.79 -17.56 15.64
N PHE J 211 4.85 -16.89 16.09
CA PHE J 211 4.86 -15.42 16.13
C PHE J 211 5.48 -14.86 14.86
N GLU J 212 5.84 -15.75 13.94
CA GLU J 212 6.44 -15.37 12.66
C GLU J 212 7.75 -14.60 12.82
N VAL J 213 8.53 -14.96 13.82
CA VAL J 213 9.85 -14.38 13.99
C VAL J 213 10.87 -15.50 14.09
N SER J 214 12.14 -15.08 14.09
CA SER J 214 13.28 -15.98 14.14
C SER J 214 14.11 -15.60 15.36
N ALA J 215 14.84 -16.59 15.86
CA ALA J 215 15.82 -16.36 16.90
C ALA J 215 17.16 -16.85 16.37
N THR J 216 18.22 -16.14 16.73
CA THR J 216 19.53 -16.57 16.31
C THR J 216 20.49 -16.63 17.50
N LEU J 217 21.39 -17.61 17.45
CA LEU J 217 22.41 -17.76 18.48
C LEU J 217 23.75 -17.23 17.94
N ASP J 218 23.70 -16.43 16.88
CA ASP J 218 24.91 -15.80 16.38
C ASP J 218 25.52 -14.91 17.46
N PRO J 219 26.84 -15.05 17.68
CA PRO J 219 27.59 -14.34 18.74
C PRO J 219 27.68 -12.81 18.53
N LYS J 220 27.73 -12.35 17.28
CA LYS J 220 27.74 -10.91 16.98
C LYS J 220 26.81 -10.59 15.80
N PRO J 221 25.49 -10.62 16.05
CA PRO J 221 24.45 -10.45 15.03
C PRO J 221 24.49 -9.12 14.29
N VAL J 222 24.85 -8.06 14.98
CA VAL J 222 25.07 -6.75 14.36
C VAL J 222 26.49 -6.25 14.63
N LYS J 223 27.18 -5.79 13.60
CA LYS J 223 28.55 -5.31 13.79
C LYS J 223 28.64 -3.99 14.53
N GLY J 224 29.73 -3.81 15.24
CA GLY J 224 29.90 -2.58 15.99
C GLY J 224 29.81 -2.77 17.48
N ASP J 225 29.26 -1.72 18.12
CA ASP J 225 29.17 -1.64 19.56
C ASP J 225 27.91 -2.31 20.10
N TRP J 226 27.08 -2.82 19.18
CA TRP J 226 25.90 -3.59 19.58
C TRP J 226 26.32 -4.87 20.26
N ASN J 227 25.60 -5.22 21.32
CA ASN J 227 26.01 -6.32 22.16
C ASN J 227 26.01 -7.73 21.51
N GLY J 228 27.04 -8.49 21.84
CA GLY J 228 27.13 -9.87 21.45
C GLY J 228 26.25 -10.80 22.29
N ALA J 229 26.05 -11.99 21.76
CA ALA J 229 25.30 -13.02 22.48
C ALA J 229 26.25 -14.09 23.00
N GLY J 230 26.28 -14.26 24.31
CA GLY J 230 27.12 -15.28 24.90
C GLY J 230 26.30 -16.41 25.48
N ALA J 231 26.99 -17.42 26.00
CA ALA J 231 26.35 -18.46 26.80
C ALA J 231 27.20 -18.68 28.04
N HIS J 232 27.15 -17.76 29.00
CA HIS J 232 27.98 -17.87 30.20
C HIS J 232 27.66 -19.14 30.96
N THR J 233 28.73 -19.83 31.38
CA THR J 233 28.58 -21.10 32.05
C THR J 233 29.11 -21.10 33.48
N ASN J 234 28.23 -21.46 34.40
CA ASN J 234 28.55 -21.56 35.81
C ASN J 234 28.84 -23.00 36.14
N PHE J 235 29.96 -23.22 36.81
CA PHE J 235 30.44 -24.56 37.06
C PHE J 235 31.00 -24.72 38.48
N SER J 236 30.70 -25.84 39.10
CA SER J 236 31.26 -26.16 40.41
C SER J 236 31.31 -27.66 40.67
N THR J 237 32.15 -28.06 41.62
CA THR J 237 32.14 -29.44 42.05
C THR J 237 31.83 -29.37 43.53
N LYS J 238 31.62 -30.53 44.15
CA LYS J 238 31.26 -30.57 45.56
C LYS J 238 32.35 -29.89 46.38
N ALA J 239 33.61 -30.14 46.02
CA ALA J 239 34.73 -29.49 46.69
C ALA J 239 34.70 -27.97 46.54
N MET J 240 34.35 -27.51 45.35
CA MET J 240 34.24 -26.08 45.09
C MET J 240 33.11 -25.46 45.92
N ARG J 241 32.01 -26.19 46.03
CA ARG J 241 30.91 -25.74 46.90
C ARG J 241 31.29 -25.78 48.38
N GLU J 242 32.23 -26.64 48.72
CA GLU J 242 32.75 -26.75 50.08
C GLU J 242 33.86 -25.76 50.50
N GLY J 243 34.79 -25.47 49.60
CA GLY J 243 35.92 -24.65 49.98
C GLY J 243 36.52 -23.83 48.86
N TYR J 244 37.21 -22.76 49.26
CA TYR J 244 37.77 -21.78 48.32
C TYR J 244 39.00 -22.22 47.54
N ASP J 245 39.76 -23.17 48.08
CA ASP J 245 40.99 -23.60 47.43
C ASP J 245 40.71 -24.28 46.10
N ALA J 246 39.64 -25.07 46.06
CA ALA J 246 39.20 -25.77 44.84
C ALA J 246 38.78 -24.75 43.78
N ILE J 247 38.19 -23.65 44.24
CA ILE J 247 37.76 -22.59 43.35
C ILE J 247 38.95 -21.99 42.61
N ILE J 248 40.03 -21.72 43.34
CA ILE J 248 41.25 -21.21 42.75
C ILE J 248 41.93 -22.17 41.79
N THR J 249 41.96 -23.46 42.15
CA THR J 249 42.58 -24.47 41.30
C THR J 249 41.87 -24.59 39.94
N ALA J 250 40.53 -24.59 39.98
CA ALA J 250 39.71 -24.67 38.76
C ALA J 250 39.99 -23.45 37.87
N ALA J 251 40.03 -22.26 38.46
CA ALA J 251 40.30 -21.03 37.72
C ALA J 251 41.73 -21.04 37.16
N GLU J 252 42.66 -21.53 37.97
CA GLU J 252 44.03 -21.65 37.50
C GLU J 252 44.20 -22.70 36.41
N SER J 253 43.43 -23.79 36.54
CA SER J 253 43.54 -24.89 35.58
C SER J 253 43.25 -24.45 34.15
N LEU J 254 42.32 -23.51 34.02
CA LEU J 254 41.89 -23.00 32.73
C LEU J 254 42.94 -22.13 32.06
N GLY J 255 43.89 -21.64 32.86
CA GLY J 255 44.96 -20.80 32.36
C GLY J 255 46.23 -21.57 32.06
N GLU J 256 46.22 -22.86 32.39
CA GLU J 256 47.42 -23.68 32.26
C GLU J 256 47.58 -24.21 30.84
N GLY J 257 48.82 -24.30 30.38
CA GLY J 257 49.15 -24.98 29.14
C GLY J 257 48.43 -24.48 27.89
N SER J 258 47.80 -25.41 27.16
CA SER J 258 47.09 -25.06 25.93
C SER J 258 45.59 -24.93 26.14
N LYS J 259 45.19 -25.03 27.40
CA LYS J 259 43.78 -25.02 27.77
C LYS J 259 43.01 -23.78 27.34
N PRO J 260 43.65 -22.58 27.39
CA PRO J 260 42.93 -21.37 26.95
C PRO J 260 42.56 -21.46 25.48
N MET J 261 43.51 -21.82 24.63
CA MET J 261 43.23 -22.02 23.20
C MET J 261 42.33 -23.25 22.96
N ASP J 262 42.52 -24.28 23.77
CA ASP J 262 41.75 -25.50 23.67
C ASP J 262 40.26 -25.29 23.84
N HIS J 263 39.89 -24.49 24.84
CA HIS J 263 38.48 -24.14 25.04
C HIS J 263 37.98 -23.20 23.97
N VAL J 264 38.72 -22.10 23.75
CA VAL J 264 38.25 -21.03 22.88
C VAL J 264 37.99 -21.48 21.44
N LYS J 265 38.79 -22.41 20.93
CA LYS J 265 38.60 -22.84 19.56
C LYS J 265 37.43 -23.82 19.47
N ASN J 266 36.86 -24.17 20.63
CA ASN J 266 35.66 -25.01 20.69
C ASN J 266 34.46 -24.30 21.34
N TYR J 267 34.56 -22.99 21.51
CA TYR J 267 33.53 -22.28 22.28
C TYR J 267 32.51 -21.62 21.37
N GLY J 268 32.54 -22.00 20.10
CA GLY J 268 31.55 -21.53 19.14
C GLY J 268 32.17 -20.77 17.98
N ALA J 269 31.51 -20.82 16.83
CA ALA J 269 31.98 -20.20 15.58
C ALA J 269 31.79 -18.68 15.59
N GLY J 270 32.80 -17.95 15.12
CA GLY J 270 32.75 -16.49 15.05
C GLY J 270 33.08 -15.82 16.37
N ILE J 271 33.79 -16.56 17.23
CA ILE J 271 34.17 -16.09 18.56
C ILE J 271 35.09 -14.86 18.55
N ASP J 272 35.92 -14.74 17.52
CA ASP J 272 36.80 -13.58 17.36
C ASP J 272 36.02 -12.27 17.18
N ASP J 273 34.84 -12.38 16.57
CA ASP J 273 33.93 -11.25 16.41
C ASP J 273 33.26 -10.78 17.71
N ARG J 274 33.02 -11.72 18.63
CA ARG J 274 32.40 -11.36 19.90
C ARG J 274 33.40 -11.01 21.00
N LEU J 275 34.46 -11.81 21.15
CA LEU J 275 35.40 -11.56 22.23
C LEU J 275 36.52 -10.62 21.85
N THR J 276 36.26 -9.34 22.05
CA THR J 276 37.19 -8.28 21.74
C THR J 276 37.59 -7.72 23.12
N GLY J 277 38.68 -6.95 23.18
CA GLY J 277 39.07 -6.37 24.46
C GLY J 277 38.04 -5.37 24.96
N LEU J 278 37.60 -4.49 24.06
CA LEU J 278 36.91 -3.24 24.41
C LEU J 278 35.62 -3.45 25.19
N HIS J 279 34.74 -4.33 24.71
CA HIS J 279 33.54 -4.60 25.49
C HIS J 279 33.70 -5.99 26.09
N GLU J 280 32.60 -6.58 26.53
CA GLU J 280 32.62 -7.95 27.04
C GLU J 280 33.10 -8.96 25.99
N THR J 281 33.98 -9.87 26.40
CA THR J 281 34.50 -9.89 27.77
C THR J 281 35.95 -9.46 27.73
N ALA J 282 36.80 -10.47 27.53
CA ALA J 282 38.25 -10.30 27.46
C ALA J 282 38.53 -10.74 26.05
N PRO J 283 39.73 -10.46 25.54
CA PRO J 283 39.98 -10.92 24.17
C PRO J 283 40.06 -12.44 24.14
N TRP J 284 39.68 -13.03 23.02
CA TRP J 284 39.65 -14.47 22.86
C TRP J 284 41.06 -15.08 22.98
N ASN J 285 42.08 -14.26 22.76
CA ASN J 285 43.43 -14.77 22.74
C ASN J 285 44.25 -14.63 24.04
N GLU J 286 43.65 -14.10 25.09
CA GLU J 286 44.35 -14.05 26.35
C GLU J 286 43.45 -14.55 27.47
N TYR J 287 44.02 -15.29 28.41
CA TYR J 287 43.23 -15.77 29.56
C TYR J 287 43.47 -15.00 30.84
N SER J 288 42.38 -14.61 31.48
CA SER J 288 42.44 -13.99 32.80
C SER J 288 41.32 -14.43 33.69
N TYR J 289 41.53 -14.37 35.00
CA TYR J 289 40.42 -14.57 35.91
C TYR J 289 40.50 -13.61 37.09
N GLY J 290 39.34 -13.26 37.63
CA GLY J 290 39.32 -12.33 38.73
C GLY J 290 38.00 -12.29 39.47
N VAL J 291 38.06 -11.75 40.67
CA VAL J 291 36.90 -11.60 41.53
C VAL J 291 36.14 -10.35 41.11
N SER J 292 34.87 -10.55 40.75
CA SER J 292 33.98 -9.46 40.40
C SER J 292 34.46 -8.77 39.12
N ASP J 293 35.28 -9.46 38.33
CA ASP J 293 35.85 -8.86 37.13
C ASP J 293 35.04 -9.25 35.91
N ARG J 294 34.24 -8.32 35.39
CA ARG J 294 33.45 -8.65 34.21
C ARG J 294 34.31 -8.61 32.95
N GLY J 295 35.54 -8.08 33.06
CA GLY J 295 36.48 -8.05 31.95
C GLY J 295 37.38 -9.27 31.85
N ALA J 296 37.37 -10.10 32.88
CA ALA J 296 38.15 -11.34 32.92
C ALA J 296 37.51 -12.44 32.05
N SER J 297 38.30 -13.43 31.66
CA SER J 297 37.82 -14.61 30.93
C SER J 297 36.88 -15.43 31.82
N VAL J 298 37.28 -15.59 33.08
CA VAL J 298 36.47 -16.29 34.07
C VAL J 298 36.28 -15.38 35.28
N ARG J 299 35.04 -15.28 35.78
CA ARG J 299 34.76 -14.45 36.94
C ARG J 299 34.43 -15.25 38.19
N ILE J 300 34.98 -14.81 39.31
CA ILE J 300 34.56 -15.32 40.60
C ILE J 300 33.65 -14.31 41.26
N PRO J 301 32.37 -14.66 41.41
CA PRO J 301 31.40 -13.71 41.98
C PRO J 301 31.79 -13.30 43.40
N TRP J 302 31.41 -12.08 43.76
CA TRP J 302 31.80 -11.51 45.02
C TRP J 302 31.25 -12.33 46.20
N GLN J 303 30.07 -12.92 46.03
CA GLN J 303 29.48 -13.74 47.07
C GLN J 303 30.31 -15.01 47.32
N VAL J 304 30.84 -15.58 46.24
CA VAL J 304 31.63 -16.80 46.32
C VAL J 304 32.92 -16.60 47.08
N GLU J 305 33.58 -15.48 46.81
CA GLU J 305 34.82 -15.15 47.50
C GLU J 305 34.56 -14.80 48.96
N LYS J 306 33.43 -14.16 49.24
CA LYS J 306 33.02 -13.85 50.63
C LYS J 306 32.71 -15.15 51.41
N ASP J 307 32.05 -16.09 50.77
CA ASP J 307 31.58 -17.29 51.45
C ASP J 307 32.69 -18.35 51.50
N GLY J 308 33.76 -18.12 50.75
CA GLY J 308 34.89 -19.03 50.67
C GLY J 308 34.51 -20.34 49.99
N LYS J 309 33.39 -20.30 49.27
CA LYS J 309 32.86 -21.45 48.55
C LYS J 309 31.78 -21.05 47.54
N GLY J 310 31.47 -21.91 46.59
CA GLY J 310 30.56 -21.50 45.54
C GLY J 310 30.86 -22.11 44.19
N TYR J 311 30.85 -21.28 43.15
CA TYR J 311 31.05 -21.72 41.78
C TYR J 311 31.91 -20.70 41.03
N ILE J 312 32.23 -21.00 39.78
CA ILE J 312 32.88 -20.04 38.91
C ILE J 312 32.07 -19.83 37.62
N GLU J 313 32.30 -18.67 36.99
CA GLU J 313 31.59 -18.30 35.78
C GLU J 313 32.56 -18.16 34.63
N ASP J 314 32.36 -18.98 33.60
CA ASP J 314 33.14 -18.86 32.38
C ASP J 314 32.37 -18.00 31.42
N ARG J 315 32.92 -16.81 31.13
CA ARG J 315 32.24 -15.81 30.31
C ARG J 315 32.60 -15.93 28.82
N ARG J 316 33.52 -16.84 28.50
CA ARG J 316 33.96 -17.03 27.12
C ARG J 316 32.99 -17.67 26.12
N PRO J 317 32.16 -18.64 26.53
CA PRO J 317 31.41 -19.31 25.46
C PRO J 317 30.38 -18.46 24.67
N ASN J 318 30.34 -18.67 23.37
CA ASN J 318 29.38 -18.00 22.51
C ASN J 318 27.98 -18.55 22.74
N ALA J 319 26.98 -17.78 22.32
CA ALA J 319 25.59 -18.24 22.38
C ALA J 319 25.39 -19.45 21.48
N ASN J 320 26.26 -19.64 20.47
CA ASN J 320 26.15 -20.78 19.55
C ASN J 320 27.03 -21.97 19.91
N VAL J 321 27.56 -22.00 21.13
CA VAL J 321 28.35 -23.14 21.59
C VAL J 321 27.48 -24.38 21.73
N ASP J 322 28.06 -25.55 21.44
CA ASP J 322 27.43 -26.82 21.76
C ASP J 322 27.61 -27.10 23.27
N PRO J 323 26.50 -27.26 24.00
CA PRO J 323 26.56 -27.55 25.44
C PRO J 323 27.30 -28.87 25.75
N TYR J 324 27.16 -29.86 24.88
CA TYR J 324 27.86 -31.12 25.08
C TYR J 324 29.37 -30.89 25.10
N VAL J 325 29.81 -29.97 24.25
CA VAL J 325 31.22 -29.60 24.11
C VAL J 325 31.79 -28.77 25.27
N VAL J 326 31.09 -27.68 25.61
CA VAL J 326 31.56 -26.82 26.69
C VAL J 326 31.58 -27.51 28.06
N THR J 327 30.56 -28.33 28.33
CA THR J 327 30.48 -29.07 29.60
C THR J 327 31.61 -30.10 29.69
N ARG J 328 31.86 -30.79 28.59
CA ARG J 328 32.89 -31.82 28.55
C ARG J 328 34.23 -31.22 28.86
N LEU J 329 34.53 -30.09 28.23
CA LEU J 329 35.83 -29.43 28.36
C LEU J 329 36.13 -28.93 29.76
N LEU J 330 35.13 -28.29 30.37
CA LEU J 330 35.24 -27.74 31.71
C LEU J 330 35.40 -28.88 32.73
N VAL J 331 34.60 -29.93 32.56
CA VAL J 331 34.68 -31.10 33.42
C VAL J 331 36.05 -31.78 33.23
N ASP J 332 36.47 -31.94 31.98
CA ASP J 332 37.73 -32.62 31.69
C ASP J 332 38.85 -31.80 32.36
N THR J 333 38.90 -30.50 32.06
CA THR J 333 39.99 -29.63 32.56
C THR J 333 39.98 -29.40 34.05
N CYS J 334 38.87 -28.91 34.58
CA CYS J 334 38.83 -28.54 35.97
C CYS J 334 38.91 -29.74 36.91
N CYS J 335 38.09 -30.74 36.62
CA CYS J 335 37.99 -31.93 37.47
C CYS J 335 39.29 -32.72 37.49
N THR J 336 40.01 -32.71 36.37
CA THR J 336 41.30 -33.38 36.29
C THR J 336 42.31 -32.73 37.21
N ALA J 337 42.35 -31.40 37.17
CA ALA J 337 43.26 -30.64 38.02
C ALA J 337 42.90 -30.79 39.50
N LEU J 338 41.61 -30.88 39.80
CA LEU J 338 41.16 -31.04 41.17
C LEU J 338 41.53 -32.40 41.75
N GLU J 339 41.51 -33.43 40.89
CA GLU J 339 41.93 -34.77 41.30
C GLU J 339 43.43 -34.76 41.64
N LYS J 340 44.21 -34.15 40.77
CA LYS J 340 45.65 -34.01 40.94
C LYS J 340 45.98 -33.20 42.18
N ALA J 341 45.20 -32.15 42.42
CA ALA J 341 45.45 -31.29 43.57
C ALA J 341 44.99 -31.94 44.86
N GLY J 342 44.25 -33.05 44.74
CA GLY J 342 43.77 -33.74 45.91
C GLY J 342 42.53 -33.03 46.43
N GLN J 343 42.02 -32.05 45.67
CA GLN J 343 40.89 -31.26 46.14
C GLN J 343 39.60 -31.84 45.58
N VAL J 344 39.33 -33.07 46.00
CA VAL J 344 38.20 -33.84 45.51
C VAL J 344 37.31 -34.24 46.69
#